data_6K3K
#
_entry.id   6K3K
#
loop_
_entity.id
_entity.type
_entity.pdbx_description
1 polymer 'DNA dC->dU-editing enzyme APOBEC-3G'
2 polymer "DNA/RNA (5'-D(*AP*TP*TP*CP*UP*(ICY)P*AP*AP*TP*T)-3')"
3 non-polymer 'ZINC ION'
#
loop_
_entity_poly.entity_id
_entity_poly.type
_entity_poly.pdbx_seq_one_letter_code
_entity_poly.pdbx_strand_id
1 'polypeptide(L)'
;MDPPTFTFNFNNEPWVRGRHETYLCYEVERMHNDTWVLLNQRRGFLCNQAPHKHGFLEGRHAELCFLDVIPFWKLDLDQD
YRVTCFTSWSPCFSCAQEMAKFISKNKHVSLCIFTARIYDDQGRCQEGLRTLAEAGAKISIMTYSEFKHCWDTFVDHQGC
PFQPWDGLDEHSQDLSGRLRAILQNQEN
;
A
2 'polydeoxyribonucleotide/polyribonucleotide hybrid' (DA)(DT)(DT)(DC)(DU)(C38)(DA)(DA)(DT)(DT) B
#
loop_
_chem_comp.id
_chem_comp.type
_chem_comp.name
_chem_comp.formula
C38 DNA linking 5-IODO-2'-DEOXY-CYTIDINE-5'-MONOPHOSPHATE 'C9 H13 I N3 O7 P'
DA DNA linking 2'-DEOXYADENOSINE-5'-MONOPHOSPHATE 'C10 H14 N5 O6 P'
DC DNA linking 2'-DEOXYCYTIDINE-5'-MONOPHOSPHATE 'C9 H14 N3 O7 P'
DT DNA linking THYMIDINE-5'-MONOPHOSPHATE 'C10 H15 N2 O8 P'
DU DNA linking 2'-DEOXYURIDINE-5'-MONOPHOSPHATE 'C9 H13 N2 O8 P'
ZN non-polymer 'ZINC ION' 'Zn 2'
#
# COMPACT_ATOMS: atom_id res chain seq x y z
N MET A 1 5.74 15.66 9.88
CA MET A 1 4.53 15.41 9.05
C MET A 1 3.74 16.71 8.88
N ASP A 2 3.32 17.03 7.68
CA ASP A 2 2.55 18.28 7.47
C ASP A 2 1.06 17.92 7.38
N PRO A 3 0.18 18.80 7.79
CA PRO A 3 -1.28 18.51 7.76
C PRO A 3 -1.73 17.98 6.39
N PRO A 4 -1.29 18.59 5.31
CA PRO A 4 -1.66 18.16 3.95
C PRO A 4 -0.64 17.18 3.35
N THR A 5 0.24 16.65 4.15
CA THR A 5 1.26 15.71 3.62
C THR A 5 0.57 14.52 2.94
N PHE A 6 -0.44 13.99 3.55
CA PHE A 6 -1.16 12.83 2.95
C PHE A 6 -1.97 13.32 1.74
N THR A 7 -2.61 14.44 1.88
CA THR A 7 -3.43 14.98 0.77
C THR A 7 -2.53 15.33 -0.42
N PHE A 8 -1.37 15.85 -0.17
CA PHE A 8 -0.47 16.21 -1.28
C PHE A 8 -0.20 14.99 -2.15
N ASN A 9 0.22 13.91 -1.55
CA ASN A 9 0.50 12.68 -2.34
C ASN A 9 -0.79 12.21 -3.04
N PHE A 10 -1.88 12.20 -2.34
CA PHE A 10 -3.15 11.76 -2.97
C PHE A 10 -3.64 12.83 -3.97
N ASN A 11 -3.28 14.06 -3.75
CA ASN A 11 -3.72 15.14 -4.69
C ASN A 11 -2.82 15.11 -5.93
N ASN A 12 -2.19 14.00 -6.19
CA ASN A 12 -1.30 13.89 -7.37
C ASN A 12 -2.13 13.66 -8.63
N GLU A 13 -3.43 13.85 -8.54
CA GLU A 13 -4.30 13.65 -9.74
C GLU A 13 -3.74 14.43 -10.94
N PRO A 14 -3.31 15.64 -10.73
CA PRO A 14 -2.76 16.51 -11.81
C PRO A 14 -1.33 16.12 -12.21
N TRP A 15 -0.69 15.27 -11.45
CA TRP A 15 0.72 14.87 -11.78
C TRP A 15 0.79 14.32 -13.21
N VAL A 16 -0.33 14.09 -13.85
CA VAL A 16 -0.31 13.57 -15.23
C VAL A 16 0.28 14.63 -16.16
N ARG A 17 1.52 14.99 -15.95
CA ARG A 17 2.17 16.01 -16.82
C ARG A 17 3.30 15.36 -17.63
N GLY A 18 3.37 14.06 -17.60
CA GLY A 18 4.46 13.36 -18.35
C GLY A 18 5.58 12.98 -17.39
N ARG A 19 5.34 13.10 -16.11
CA ARG A 19 6.39 12.74 -15.11
C ARG A 19 5.86 11.58 -14.25
N HIS A 20 6.73 10.75 -13.76
CA HIS A 20 6.27 9.61 -12.92
C HIS A 20 6.62 9.86 -11.45
N GLU A 21 5.61 9.98 -10.63
CA GLU A 21 5.84 10.23 -9.17
C GLU A 21 5.19 9.11 -8.37
N THR A 22 5.86 8.62 -7.35
CA THR A 22 5.26 7.53 -6.53
C THR A 22 5.28 7.91 -5.05
N TYR A 23 4.18 7.75 -4.37
CA TYR A 23 4.12 8.08 -2.91
C TYR A 23 3.62 6.86 -2.15
N LEU A 24 4.38 6.38 -1.20
CA LEU A 24 3.94 5.20 -0.42
C LEU A 24 4.03 5.50 1.08
N CYS A 25 2.97 5.24 1.80
CA CYS A 25 2.97 5.50 3.27
C CYS A 25 2.65 4.18 4.00
N TYR A 26 3.41 3.84 5.00
CA TYR A 26 3.15 2.55 5.71
C TYR A 26 3.28 2.72 7.22
N GLU A 27 2.71 1.80 7.97
CA GLU A 27 2.80 1.84 9.44
C GLU A 27 3.17 0.46 9.96
N VAL A 28 3.69 0.37 11.15
CA VAL A 28 4.08 -0.96 11.71
C VAL A 28 3.45 -1.13 13.09
N GLU A 29 2.97 -2.30 13.41
CA GLU A 29 2.35 -2.52 14.74
C GLU A 29 2.89 -3.81 15.38
N ARG A 30 3.02 -3.82 16.68
CA ARG A 30 3.50 -5.06 17.37
C ARG A 30 2.31 -5.64 18.12
N MET A 31 2.00 -6.88 17.91
CA MET A 31 0.83 -7.49 18.60
C MET A 31 1.28 -8.71 19.41
N HIS A 32 0.91 -8.77 20.65
CA HIS A 32 1.27 -9.94 21.51
C HIS A 32 -0.02 -10.67 21.86
N ASN A 33 0.01 -11.98 21.92
CA ASN A 33 -1.24 -12.73 22.24
C ASN A 33 -1.84 -12.24 23.56
N ASP A 34 -1.01 -11.93 24.51
CA ASP A 34 -1.57 -11.45 25.81
C ASP A 34 -2.12 -10.03 25.64
N THR A 35 -1.40 -9.19 24.94
CA THR A 35 -1.88 -7.80 24.73
C THR A 35 -1.48 -7.32 23.34
N TRP A 36 -2.09 -6.26 22.86
CA TRP A 36 -1.73 -5.73 21.52
C TRP A 36 -1.05 -4.38 21.70
N VAL A 37 0.06 -4.18 21.06
CA VAL A 37 0.77 -2.87 21.19
C VAL A 37 0.68 -2.12 19.86
N LEU A 38 0.21 -0.91 19.88
CA LEU A 38 0.08 -0.14 18.62
C LEU A 38 1.23 0.86 18.47
N LEU A 39 2.12 0.62 17.55
CA LEU A 39 3.24 1.59 17.34
C LEU A 39 2.81 2.63 16.33
N ASN A 40 1.53 2.86 16.21
CA ASN A 40 1.02 3.86 15.23
C ASN A 40 1.63 5.24 15.54
N GLN A 41 2.07 5.45 16.75
CA GLN A 41 2.66 6.76 17.10
C GLN A 41 3.80 7.08 16.12
N ARG A 42 4.44 6.07 15.60
CA ARG A 42 5.56 6.31 14.63
C ARG A 42 5.13 5.86 13.24
N ARG A 43 5.68 6.48 12.22
CA ARG A 43 5.29 6.10 10.83
C ARG A 43 6.48 6.36 9.90
N GLY A 44 6.38 5.93 8.67
CA GLY A 44 7.52 6.16 7.71
C GLY A 44 6.98 6.26 6.29
N PHE A 45 7.83 6.57 5.34
CA PHE A 45 7.37 6.67 3.93
C PHE A 45 8.40 6.01 3.01
N LEU A 46 7.95 5.50 1.89
CA LEU A 46 8.90 4.85 0.93
C LEU A 46 8.67 5.43 -0.45
N CYS A 47 9.71 5.58 -1.24
CA CYS A 47 9.54 6.15 -2.61
C CYS A 47 10.06 5.16 -3.65
N ASN A 48 9.52 5.21 -4.84
CA ASN A 48 9.97 4.27 -5.90
C ASN A 48 11.11 4.92 -6.69
N GLN A 49 11.65 5.99 -6.19
CA GLN A 49 12.77 6.67 -6.92
C GLN A 49 14.09 6.28 -6.27
N ALA A 50 15.11 6.03 -7.05
CA ALA A 50 16.43 5.64 -6.48
C ALA A 50 17.06 6.85 -5.77
N PRO A 51 17.98 6.59 -4.88
CA PRO A 51 18.67 7.66 -4.11
C PRO A 51 19.36 8.70 -5.00
N HIS A 52 19.08 9.95 -4.77
CA HIS A 52 19.69 11.05 -5.58
C HIS A 52 21.18 11.19 -5.27
N LYS A 53 21.57 10.91 -4.06
CA LYS A 53 23.01 11.09 -3.66
C LYS A 53 23.96 10.32 -4.58
N HIS A 54 23.60 9.15 -5.04
CA HIS A 54 24.53 8.40 -5.92
C HIS A 54 24.55 8.99 -7.33
N GLY A 55 23.68 9.92 -7.61
CA GLY A 55 23.66 10.52 -8.98
C GLY A 55 22.27 10.32 -9.59
N PHE A 56 22.22 9.86 -10.82
CA PHE A 56 20.90 9.65 -11.47
C PHE A 56 20.22 8.43 -10.86
N LEU A 57 18.93 8.35 -10.95
CA LEU A 57 18.21 7.20 -10.35
C LEU A 57 18.81 5.90 -10.90
N GLU A 58 18.94 4.91 -10.06
CA GLU A 58 19.51 3.61 -10.54
C GLU A 58 18.38 2.60 -10.67
N GLY A 59 17.30 2.83 -9.96
CA GLY A 59 16.13 1.91 -10.06
C GLY A 59 15.74 1.37 -8.68
N ARG A 60 14.61 1.80 -8.18
CA ARG A 60 14.14 1.32 -6.85
C ARG A 60 12.59 1.34 -6.85
N HIS A 61 11.94 0.27 -6.44
CA HIS A 61 10.44 0.31 -6.45
C HIS A 61 9.94 0.65 -5.05
N ALA A 62 8.96 1.50 -4.97
CA ALA A 62 8.41 1.87 -3.63
C ALA A 62 7.79 0.63 -2.98
N GLU A 63 7.02 -0.10 -3.72
CA GLU A 63 6.38 -1.33 -3.15
C GLU A 63 7.45 -2.37 -2.79
N LEU A 64 8.45 -2.50 -3.62
CA LEU A 64 9.53 -3.50 -3.34
C LEU A 64 10.28 -3.12 -2.07
N CYS A 65 10.50 -1.86 -1.85
CA CYS A 65 11.24 -1.42 -0.63
C CYS A 65 10.49 -1.85 0.63
N PHE A 66 9.20 -1.72 0.62
CA PHE A 66 8.43 -2.12 1.83
C PHE A 66 8.63 -3.61 2.12
N LEU A 67 8.60 -4.43 1.12
CA LEU A 67 8.78 -5.88 1.34
C LEU A 67 10.14 -6.14 1.98
N ASP A 68 11.14 -5.42 1.56
CA ASP A 68 12.51 -5.61 2.13
C ASP A 68 12.59 -4.99 3.53
N VAL A 69 11.71 -4.06 3.82
CA VAL A 69 11.74 -3.40 5.15
C VAL A 69 11.35 -4.40 6.25
N ILE A 70 10.40 -5.26 5.99
CA ILE A 70 9.98 -6.23 7.03
C ILE A 70 11.17 -7.07 7.52
N PRO A 71 11.87 -7.76 6.65
CA PRO A 71 13.05 -8.59 7.06
C PRO A 71 14.14 -7.74 7.73
N PHE A 72 14.17 -6.47 7.43
CA PHE A 72 15.22 -5.60 8.05
C PHE A 72 14.87 -5.33 9.51
N TRP A 73 13.61 -5.41 9.86
CA TRP A 73 13.22 -5.14 11.28
C TRP A 73 13.40 -6.41 12.11
N LYS A 74 13.93 -7.46 11.53
CA LYS A 74 14.13 -8.71 12.29
C LYS A 74 12.91 -8.98 13.18
N LEU A 75 11.76 -9.11 12.59
CA LEU A 75 10.53 -9.35 13.41
C LEU A 75 10.58 -10.75 14.03
N ASP A 76 10.06 -10.89 15.23
CA ASP A 76 10.09 -12.22 15.89
C ASP A 76 9.01 -13.13 15.31
N LEU A 77 9.38 -14.33 14.95
CA LEU A 77 8.40 -15.28 14.37
C LEU A 77 7.38 -15.71 15.45
N ASP A 78 7.79 -15.70 16.69
CA ASP A 78 6.87 -16.13 17.78
C ASP A 78 5.93 -15.00 18.17
N GLN A 79 6.21 -13.80 17.74
CA GLN A 79 5.32 -12.65 18.09
C GLN A 79 4.46 -12.29 16.87
N ASP A 80 3.24 -11.88 17.09
CA ASP A 80 2.37 -11.51 15.94
C ASP A 80 2.73 -10.11 15.45
N TYR A 81 2.70 -9.90 14.15
CA TYR A 81 3.03 -8.56 13.61
C TYR A 81 1.94 -8.11 12.64
N ARG A 82 1.49 -6.88 12.77
CA ARG A 82 0.45 -6.37 11.85
C ARG A 82 1.02 -5.16 11.10
N VAL A 83 1.22 -5.27 9.81
CA VAL A 83 1.79 -4.15 9.04
C VAL A 83 0.84 -3.77 7.90
N THR A 84 0.63 -2.50 7.70
CA THR A 84 -0.29 -2.05 6.62
C THR A 84 0.45 -1.06 5.72
N CYS A 85 0.22 -1.12 4.44
CA CYS A 85 0.91 -0.19 3.50
C CYS A 85 -0.13 0.56 2.67
N PHE A 86 -0.03 1.87 2.62
CA PHE A 86 -1.01 2.66 1.82
C PHE A 86 -0.34 3.13 0.52
N THR A 87 -0.79 2.60 -0.58
CA THR A 87 -0.21 3.00 -1.89
C THR A 87 -1.34 3.13 -2.91
N SER A 88 -1.16 3.93 -3.93
CA SER A 88 -2.25 4.09 -4.94
C SER A 88 -1.72 3.84 -6.35
N TRP A 89 -1.36 2.61 -6.66
CA TRP A 89 -0.87 2.28 -8.03
C TRP A 89 -0.66 0.78 -8.15
N SER A 90 -0.49 0.30 -9.35
CA SER A 90 -0.28 -1.17 -9.54
C SER A 90 1.21 -1.51 -9.30
N PRO A 91 1.49 -2.65 -8.70
CA PRO A 91 2.88 -3.09 -8.42
C PRO A 91 3.60 -3.58 -9.68
N CYS A 92 4.91 -3.54 -9.69
CA CYS A 92 5.65 -4.01 -10.90
C CYS A 92 5.64 -5.55 -10.93
N PHE A 93 5.82 -6.12 -12.08
CA PHE A 93 5.81 -7.61 -12.18
C PHE A 93 6.80 -8.22 -11.19
N SER A 94 7.98 -7.66 -11.09
CA SER A 94 8.98 -8.23 -10.14
C SER A 94 8.42 -8.20 -8.72
N CYS A 95 7.67 -7.18 -8.38
CA CYS A 95 7.09 -7.10 -7.02
C CYS A 95 6.03 -8.19 -6.83
N ALA A 96 5.26 -8.46 -7.84
CA ALA A 96 4.19 -9.51 -7.72
C ALA A 96 4.81 -10.84 -7.30
N GLN A 97 5.88 -11.24 -7.91
CA GLN A 97 6.51 -12.54 -7.54
C GLN A 97 7.04 -12.48 -6.11
N GLU A 98 7.66 -11.40 -5.74
CA GLU A 98 8.21 -11.28 -4.35
C GLU A 98 7.08 -11.20 -3.32
N MET A 99 6.02 -10.50 -3.63
CA MET A 99 4.90 -10.37 -2.65
C MET A 99 4.31 -11.74 -2.33
N ALA A 100 4.13 -12.58 -3.31
CA ALA A 100 3.55 -13.92 -3.04
C ALA A 100 4.54 -14.78 -2.26
N LYS A 101 5.75 -14.88 -2.73
CA LYS A 101 6.77 -15.71 -2.00
C LYS A 101 7.07 -15.11 -0.63
N PHE A 102 7.05 -13.82 -0.50
CA PHE A 102 7.36 -13.18 0.81
C PHE A 102 6.42 -13.72 1.90
N ILE A 103 5.15 -13.66 1.68
CA ILE A 103 4.19 -14.15 2.72
C ILE A 103 4.45 -15.62 2.97
N SER A 104 4.76 -16.37 1.96
CA SER A 104 5.02 -17.82 2.15
C SER A 104 6.13 -17.99 3.19
N LYS A 105 7.08 -17.09 3.20
CA LYS A 105 8.18 -17.20 4.20
C LYS A 105 7.74 -16.56 5.52
N ASN A 106 6.68 -15.80 5.52
CA ASN A 106 6.22 -15.16 6.79
C ASN A 106 4.69 -15.07 6.79
N LYS A 107 4.03 -16.15 7.11
CA LYS A 107 2.54 -16.10 7.14
C LYS A 107 2.06 -15.64 8.52
N HIS A 108 2.97 -15.42 9.43
CA HIS A 108 2.56 -14.96 10.79
C HIS A 108 2.34 -13.45 10.80
N VAL A 109 2.68 -12.78 9.74
CA VAL A 109 2.49 -11.30 9.71
C VAL A 109 1.23 -10.95 8.94
N SER A 110 0.43 -10.05 9.43
CA SER A 110 -0.79 -9.65 8.70
C SER A 110 -0.44 -8.47 7.78
N LEU A 111 -0.38 -8.72 6.50
CA LEU A 111 -0.02 -7.61 5.55
C LEU A 111 -1.23 -7.24 4.70
N CYS A 112 -1.59 -5.98 4.69
CA CYS A 112 -2.76 -5.55 3.86
C CYS A 112 -2.35 -4.34 3.02
N ILE A 113 -2.58 -4.38 1.74
CA ILE A 113 -2.20 -3.23 0.87
C ILE A 113 -3.45 -2.63 0.23
N PHE A 114 -3.65 -1.34 0.34
CA PHE A 114 -4.85 -0.72 -0.27
C PHE A 114 -4.45 0.07 -1.52
N THR A 115 -5.05 -0.23 -2.63
CA THR A 115 -4.71 0.52 -3.88
C THR A 115 -5.89 1.40 -4.28
N ALA A 116 -5.69 2.68 -4.35
CA ALA A 116 -6.81 3.59 -4.74
C ALA A 116 -7.21 3.25 -6.18
N ARG A 117 -6.24 3.01 -7.02
CA ARG A 117 -6.56 2.66 -8.43
C ARG A 117 -5.64 1.53 -8.88
N ILE A 118 -6.14 0.60 -9.65
CA ILE A 118 -5.30 -0.54 -10.10
C ILE A 118 -5.22 -0.55 -11.63
N TYR A 119 -4.04 -0.47 -12.18
CA TYR A 119 -3.89 -0.49 -13.66
C TYR A 119 -3.06 -1.73 -14.05
N ASP A 120 -3.51 -2.49 -15.01
CA ASP A 120 -2.75 -3.70 -15.40
C ASP A 120 -1.49 -3.27 -16.17
N ASP A 121 -0.34 -3.61 -15.66
CA ASP A 121 0.92 -3.22 -16.33
C ASP A 121 0.95 -3.81 -17.75
N GLN A 122 0.55 -5.03 -17.90
CA GLN A 122 0.54 -5.67 -19.25
C GLN A 122 -0.67 -6.58 -19.38
N GLY A 123 -1.01 -6.97 -20.59
CA GLY A 123 -2.19 -7.86 -20.77
C GLY A 123 -1.77 -9.31 -20.47
N ARG A 124 -2.71 -10.22 -20.53
CA ARG A 124 -2.36 -11.65 -20.24
C ARG A 124 -1.78 -11.77 -18.82
N CYS A 125 -1.59 -10.66 -18.15
CA CYS A 125 -1.04 -10.71 -16.77
C CYS A 125 -2.18 -10.84 -15.76
N GLN A 126 -3.38 -11.08 -16.24
CA GLN A 126 -4.53 -11.22 -15.31
C GLN A 126 -4.24 -12.33 -14.30
N GLU A 127 -3.54 -13.35 -14.71
CA GLU A 127 -3.22 -14.46 -13.77
C GLU A 127 -2.39 -13.92 -12.60
N GLY A 128 -1.49 -13.03 -12.87
CA GLY A 128 -0.64 -12.47 -11.78
C GLY A 128 -1.55 -11.78 -10.75
N LEU A 129 -2.54 -11.06 -11.20
CA LEU A 129 -3.45 -10.38 -10.24
C LEU A 129 -4.20 -11.43 -9.41
N ARG A 130 -4.64 -12.49 -10.03
CA ARG A 130 -5.36 -13.54 -9.27
C ARG A 130 -4.43 -14.14 -8.22
N THR A 131 -3.23 -14.46 -8.62
CA THR A 131 -2.25 -15.03 -7.66
C THR A 131 -1.92 -13.97 -6.62
N LEU A 132 -1.78 -12.75 -7.05
CA LEU A 132 -1.46 -11.64 -6.12
C LEU A 132 -2.55 -11.54 -5.06
N ALA A 133 -3.78 -11.68 -5.43
CA ALA A 133 -4.86 -11.60 -4.42
C ALA A 133 -4.73 -12.76 -3.44
N GLU A 134 -4.37 -13.91 -3.92
CA GLU A 134 -4.23 -15.09 -3.04
C GLU A 134 -2.94 -15.00 -2.21
N ALA A 135 -1.82 -14.82 -2.85
CA ALA A 135 -0.53 -14.74 -2.10
C ALA A 135 0.01 -13.32 -2.05
N GLY A 136 -0.46 -12.45 -2.90
CA GLY A 136 0.05 -11.05 -2.88
C GLY A 136 -0.61 -10.30 -1.73
N ALA A 137 -0.73 -10.93 -0.60
CA ALA A 137 -1.36 -10.27 0.57
C ALA A 137 -2.79 -9.84 0.24
N LYS A 138 -3.48 -9.31 1.21
CA LYS A 138 -4.88 -8.86 0.99
C LYS A 138 -4.88 -7.49 0.31
N ILE A 139 -5.57 -7.35 -0.80
CA ILE A 139 -5.61 -6.04 -1.49
C ILE A 139 -7.05 -5.59 -1.69
N SER A 140 -7.34 -4.36 -1.37
CA SER A 140 -8.73 -3.84 -1.54
C SER A 140 -8.65 -2.39 -2.03
N ILE A 141 -9.72 -1.87 -2.57
CA ILE A 141 -9.68 -0.47 -3.06
C ILE A 141 -9.84 0.46 -1.85
N MET A 142 -9.06 1.51 -1.79
CA MET A 142 -9.15 2.43 -0.62
C MET A 142 -10.46 3.22 -0.69
N THR A 143 -11.23 3.18 0.36
CA THR A 143 -12.52 3.93 0.38
C THR A 143 -12.29 5.24 1.13
N TYR A 144 -13.13 6.22 0.91
CA TYR A 144 -12.94 7.51 1.61
C TYR A 144 -12.88 7.27 3.12
N SER A 145 -13.67 6.37 3.62
CA SER A 145 -13.65 6.10 5.09
C SER A 145 -12.24 5.64 5.49
N GLU A 146 -11.66 4.76 4.72
CA GLU A 146 -10.28 4.28 5.06
C GLU A 146 -9.32 5.47 4.95
N PHE A 147 -9.54 6.32 3.98
CA PHE A 147 -8.66 7.51 3.82
C PHE A 147 -8.72 8.37 5.09
N LYS A 148 -9.88 8.51 5.66
CA LYS A 148 -10.01 9.35 6.88
C LYS A 148 -9.07 8.82 7.98
N HIS A 149 -8.99 7.52 8.14
CA HIS A 149 -8.10 6.97 9.19
C HIS A 149 -6.65 7.37 8.90
N CYS A 150 -6.22 7.21 7.68
CA CYS A 150 -4.82 7.60 7.34
C CYS A 150 -4.64 9.10 7.55
N TRP A 151 -5.67 9.86 7.28
CA TRP A 151 -5.58 11.34 7.46
C TRP A 151 -5.22 11.68 8.90
N ASP A 152 -5.88 11.08 9.86
CA ASP A 152 -5.58 11.40 11.28
C ASP A 152 -4.20 10.87 11.71
N THR A 153 -3.84 9.69 11.30
CA THR A 153 -2.54 9.11 11.73
C THR A 153 -1.35 9.72 10.97
N PHE A 154 -1.41 9.80 9.68
CA PHE A 154 -0.24 10.34 8.91
C PHE A 154 -0.09 11.86 9.11
N VAL A 155 -1.16 12.57 9.34
CA VAL A 155 -1.03 14.05 9.52
C VAL A 155 -1.71 14.48 10.82
N ASP A 156 -1.12 15.42 11.51
CA ASP A 156 -1.73 15.91 12.77
C ASP A 156 -2.88 16.85 12.42
N HIS A 157 -4.08 16.33 12.36
CA HIS A 157 -5.24 17.18 12.00
C HIS A 157 -5.46 18.25 13.07
N GLN A 158 -4.78 18.17 14.17
CA GLN A 158 -4.98 19.19 15.24
C GLN A 158 -4.92 20.57 14.61
N GLY A 159 -6.03 21.26 14.56
CA GLY A 159 -6.04 22.62 13.96
C GLY A 159 -6.28 22.52 12.45
N CYS A 160 -6.03 21.36 11.89
CA CYS A 160 -6.24 21.18 10.42
C CYS A 160 -7.16 19.99 10.17
N PRO A 161 -8.46 20.20 10.14
CA PRO A 161 -9.44 19.10 9.91
C PRO A 161 -9.56 18.73 8.43
N PHE A 162 -9.78 17.47 8.14
CA PHE A 162 -9.90 17.05 6.72
C PHE A 162 -11.39 16.86 6.37
N GLN A 163 -11.80 17.36 5.23
CA GLN A 163 -13.22 17.23 4.82
C GLN A 163 -13.32 16.21 3.68
N PRO A 164 -13.71 14.98 3.98
CA PRO A 164 -13.82 13.91 2.95
C PRO A 164 -15.13 14.00 2.14
N TRP A 165 -15.10 13.54 0.93
CA TRP A 165 -16.32 13.56 0.08
C TRP A 165 -16.54 12.17 -0.53
N ASP A 166 -17.73 11.86 -0.96
CA ASP A 166 -17.98 10.52 -1.55
C ASP A 166 -17.78 10.57 -3.07
N GLY A 167 -16.90 11.42 -3.52
CA GLY A 167 -16.63 11.51 -4.98
C GLY A 167 -15.64 10.42 -5.37
N LEU A 168 -14.51 10.38 -4.71
CA LEU A 168 -13.50 9.34 -5.03
C LEU A 168 -14.12 7.96 -4.77
N ASP A 169 -14.92 7.85 -3.75
CA ASP A 169 -15.56 6.54 -3.44
C ASP A 169 -16.43 6.11 -4.63
N GLU A 170 -17.08 7.03 -5.27
CA GLU A 170 -17.94 6.65 -6.43
C GLU A 170 -17.08 5.99 -7.51
N HIS A 171 -15.92 6.53 -7.77
CA HIS A 171 -15.04 5.91 -8.80
C HIS A 171 -14.59 4.54 -8.30
N SER A 172 -14.34 4.41 -7.03
CA SER A 172 -13.91 3.10 -6.48
C SER A 172 -14.98 2.05 -6.74
N GLN A 173 -16.23 2.43 -6.69
CA GLN A 173 -17.32 1.46 -6.94
C GLN A 173 -17.16 0.89 -8.35
N ASP A 174 -16.90 1.74 -9.31
CA ASP A 174 -16.73 1.25 -10.70
C ASP A 174 -15.47 0.39 -10.78
N LEU A 175 -14.42 0.84 -10.14
CA LEU A 175 -13.15 0.05 -10.15
C LEU A 175 -13.40 -1.29 -9.48
N SER A 176 -14.17 -1.31 -8.42
CA SER A 176 -14.46 -2.59 -7.73
C SER A 176 -15.10 -3.55 -8.72
N GLY A 177 -15.86 -3.03 -9.65
CA GLY A 177 -16.51 -3.92 -10.66
C GLY A 177 -15.44 -4.69 -11.43
N ARG A 178 -14.47 -3.99 -11.98
CA ARG A 178 -13.41 -4.72 -12.75
C ARG A 178 -12.64 -5.63 -11.80
N LEU A 179 -12.27 -5.15 -10.65
CA LEU A 179 -11.52 -5.99 -9.68
C LEU A 179 -12.41 -7.16 -9.25
N ARG A 180 -13.69 -6.93 -9.13
CA ARG A 180 -14.59 -8.03 -8.73
C ARG A 180 -14.46 -9.17 -9.74
N ALA A 181 -14.30 -8.84 -10.99
CA ALA A 181 -14.16 -9.90 -12.02
C ALA A 181 -12.97 -10.78 -11.69
N ILE A 182 -11.88 -10.20 -11.30
CA ILE A 182 -10.70 -11.02 -10.94
C ILE A 182 -11.06 -11.94 -9.78
N LEU A 183 -11.62 -11.38 -8.75
CA LEU A 183 -12.01 -12.20 -7.58
C LEU A 183 -13.19 -13.12 -7.97
N GLN A 184 -14.02 -12.67 -8.86
CA GLN A 184 -15.18 -13.51 -9.29
C GLN A 184 -14.66 -14.79 -9.95
N ASN A 185 -13.54 -14.71 -10.62
CA ASN A 185 -13.00 -15.92 -11.29
C ASN A 185 -12.30 -16.79 -10.25
N GLN A 186 -12.43 -16.44 -9.00
CA GLN A 186 -11.77 -17.26 -7.94
C GLN A 186 -12.28 -18.70 -8.07
N GLU A 187 -11.53 -19.54 -8.72
CA GLU A 187 -11.98 -20.94 -8.91
C GLU A 187 -11.95 -21.67 -7.56
N ASN A 188 -12.99 -22.38 -7.24
CA ASN A 188 -13.04 -23.11 -5.95
C ASN A 188 -12.06 -24.30 -6.00
P C38 B 6 9.38 2.39 -10.54
O1P C38 B 6 10.12 2.61 -9.29
O2P C38 B 6 9.33 3.45 -11.56
O5' C38 B 6 9.94 1.05 -11.23
C5' C38 B 6 9.96 -0.20 -10.52
C4' C38 B 6 10.55 -1.32 -11.37
O4' C38 B 6 9.85 -1.44 -12.60
C3' C38 B 6 12.01 -1.10 -11.73
O3' C38 B 6 12.78 -1.61 -10.66
C2' C38 B 6 12.18 -1.91 -13.00
C1' C38 B 6 10.76 -1.98 -13.58
N1 C38 B 6 10.58 -1.21 -14.82
C2 C38 B 6 11.44 -1.47 -15.87
O2 C38 B 6 12.31 -2.33 -15.75
N3 C38 B 6 11.30 -0.76 -17.02
C4 C38 B 6 10.35 0.18 -17.15
N4 C38 B 6 10.24 0.85 -18.29
C5 C38 B 6 9.46 0.46 -16.06
C6 C38 B 6 9.60 -0.25 -14.93
I C38 B 6 7.97 1.92 -16.24
H5'1 C38 B 6 8.95 -0.46 -10.23
H5'2 C38 B 6 10.57 -0.08 -9.63
H4' C38 B 6 10.47 -2.25 -10.83
H3' C38 B 6 12.20 -0.03 -11.90
H2'1 C38 B 6 12.86 -1.41 -13.70
H2'2 C38 B 6 12.54 -2.91 -12.77
H1' C38 B 6 10.50 -3.02 -13.78
H4N1 C38 B 6 10.87 0.67 -19.05
H4N2 C38 B 6 9.52 1.57 -18.39
H6 C38 B 6 8.94 -0.07 -14.09
ZN ZN C . 8.68 -3.50 -7.91
N MET A 1 5.00 15.58 9.98
CA MET A 1 4.40 15.70 8.62
C MET A 1 3.54 16.95 8.55
N ASP A 2 3.32 17.47 7.37
CA ASP A 2 2.48 18.68 7.24
C ASP A 2 1.01 18.25 7.21
N PRO A 3 0.12 19.06 7.73
CA PRO A 3 -1.32 18.71 7.77
C PRO A 3 -1.82 18.17 6.43
N PRO A 4 -1.49 18.81 5.34
CA PRO A 4 -1.91 18.38 3.99
C PRO A 4 -0.87 17.50 3.29
N THR A 5 0.08 16.97 4.03
CA THR A 5 1.12 16.12 3.40
C THR A 5 0.47 14.93 2.69
N PHE A 6 -0.48 14.30 3.31
CA PHE A 6 -1.14 13.13 2.68
C PHE A 6 -2.00 13.58 1.49
N THR A 7 -2.87 14.53 1.70
CA THR A 7 -3.74 15.00 0.59
C THR A 7 -2.88 15.49 -0.57
N PHE A 8 -1.79 16.15 -0.29
CA PHE A 8 -0.92 16.65 -1.38
C PHE A 8 -0.47 15.49 -2.26
N ASN A 9 0.04 14.45 -1.66
CA ASN A 9 0.50 13.28 -2.46
C ASN A 9 -0.68 12.71 -3.26
N PHE A 10 -1.82 12.57 -2.64
CA PHE A 10 -2.99 12.02 -3.37
C PHE A 10 -3.52 13.06 -4.37
N ASN A 11 -3.24 14.31 -4.13
CA ASN A 11 -3.72 15.37 -5.06
C ASN A 11 -2.83 15.39 -6.31
N ASN A 12 -2.15 14.30 -6.55
CA ASN A 12 -1.26 14.22 -7.75
C ASN A 12 -2.09 13.95 -8.99
N GLU A 13 -3.39 14.10 -8.90
CA GLU A 13 -4.26 13.85 -10.09
C GLU A 13 -3.73 14.61 -11.31
N PRO A 14 -3.32 15.84 -11.14
CA PRO A 14 -2.78 16.68 -12.26
C PRO A 14 -1.35 16.29 -12.66
N TRP A 15 -0.70 15.45 -11.90
CA TRP A 15 0.70 15.05 -12.23
C TRP A 15 0.77 14.42 -13.63
N VAL A 16 -0.37 14.15 -14.24
CA VAL A 16 -0.35 13.54 -15.60
C VAL A 16 0.31 14.51 -16.58
N ARG A 17 1.58 14.76 -16.42
CA ARG A 17 2.29 15.69 -17.35
C ARG A 17 3.32 14.91 -18.17
N GLY A 18 3.29 13.62 -18.09
CA GLY A 18 4.28 12.81 -18.87
C GLY A 18 5.46 12.43 -17.96
N ARG A 19 5.32 12.63 -16.68
CA ARG A 19 6.42 12.29 -15.74
C ARG A 19 5.95 11.15 -14.83
N HIS A 20 6.87 10.35 -14.35
CA HIS A 20 6.46 9.22 -13.45
C HIS A 20 6.85 9.54 -12.00
N GLU A 21 5.86 9.75 -11.16
CA GLU A 21 6.14 10.06 -9.73
C GLU A 21 5.46 9.01 -8.86
N THR A 22 6.15 8.49 -7.87
CA THR A 22 5.52 7.46 -6.98
C THR A 22 5.66 7.86 -5.52
N TYR A 23 4.61 7.75 -4.76
CA TYR A 23 4.69 8.10 -3.30
C TYR A 23 4.08 6.95 -2.49
N LEU A 24 4.85 6.35 -1.63
CA LEU A 24 4.31 5.22 -0.82
C LEU A 24 4.36 5.56 0.67
N CYS A 25 3.27 5.34 1.36
CA CYS A 25 3.24 5.63 2.84
C CYS A 25 2.87 4.35 3.57
N TYR A 26 3.59 3.99 4.60
CA TYR A 26 3.26 2.73 5.33
C TYR A 26 3.40 2.93 6.84
N GLU A 27 2.79 2.05 7.59
CA GLU A 27 2.86 2.13 9.08
C GLU A 27 3.16 0.73 9.63
N VAL A 28 3.68 0.65 10.82
CA VAL A 28 4.00 -0.69 11.40
C VAL A 28 3.33 -0.83 12.77
N GLU A 29 2.78 -1.98 13.07
CA GLU A 29 2.10 -2.17 14.37
C GLU A 29 2.66 -3.43 15.05
N ARG A 30 2.71 -3.44 16.37
CA ARG A 30 3.24 -4.63 17.08
C ARG A 30 2.11 -5.27 17.89
N MET A 31 1.85 -6.53 17.68
CA MET A 31 0.75 -7.21 18.44
C MET A 31 1.31 -8.41 19.20
N HIS A 32 1.01 -8.50 20.47
CA HIS A 32 1.49 -9.66 21.27
C HIS A 32 0.27 -10.40 21.82
N ASN A 33 0.28 -11.70 21.84
CA ASN A 33 -0.90 -12.45 22.34
C ASN A 33 -1.22 -12.02 23.77
N ASP A 34 -0.22 -11.78 24.57
CA ASP A 34 -0.48 -11.38 25.98
C ASP A 34 -1.01 -9.93 26.01
N THR A 35 -0.46 -9.07 25.19
CA THR A 35 -0.92 -7.66 25.20
C THR A 35 -0.90 -7.10 23.77
N TRP A 36 -1.60 -6.03 23.54
CA TRP A 36 -1.62 -5.42 22.17
C TRP A 36 -0.83 -4.11 22.22
N VAL A 37 0.07 -3.91 21.29
CA VAL A 37 0.88 -2.66 21.30
C VAL A 37 0.66 -1.89 19.99
N LEU A 38 0.38 -0.62 20.09
CA LEU A 38 0.16 0.18 18.85
C LEU A 38 1.41 0.99 18.53
N LEU A 39 2.17 0.56 17.57
CA LEU A 39 3.41 1.30 17.19
C LEU A 39 3.05 2.34 16.13
N ASN A 40 1.81 2.71 16.06
CA ASN A 40 1.38 3.71 15.04
C ASN A 40 2.14 5.02 15.26
N GLN A 41 2.61 5.26 16.46
CA GLN A 41 3.36 6.51 16.72
C GLN A 41 4.52 6.64 15.73
N ARG A 42 5.06 5.53 15.31
CA ARG A 42 6.19 5.58 14.32
C ARG A 42 5.65 5.40 12.91
N ARG A 43 6.22 6.07 11.95
CA ARG A 43 5.74 5.93 10.55
C ARG A 43 6.89 6.22 9.58
N GLY A 44 6.73 5.91 8.33
CA GLY A 44 7.82 6.18 7.35
C GLY A 44 7.25 6.21 5.93
N PHE A 45 8.07 6.52 4.96
CA PHE A 45 7.57 6.57 3.56
C PHE A 45 8.62 5.96 2.62
N LEU A 46 8.18 5.37 1.55
CA LEU A 46 9.15 4.76 0.58
C LEU A 46 8.89 5.35 -0.81
N CYS A 47 9.92 5.50 -1.61
CA CYS A 47 9.72 6.06 -2.97
C CYS A 47 10.28 5.09 -4.01
N ASN A 48 9.74 5.10 -5.19
CA ASN A 48 10.22 4.17 -6.25
C ASN A 48 11.35 4.85 -7.03
N GLN A 49 11.84 5.95 -6.54
CA GLN A 49 12.94 6.66 -7.25
C GLN A 49 14.27 6.41 -6.53
N ALA A 50 15.30 6.05 -7.25
CA ALA A 50 16.61 5.78 -6.61
C ALA A 50 17.15 7.08 -5.97
N PRO A 51 18.04 6.95 -5.03
CA PRO A 51 18.63 8.11 -4.30
C PRO A 51 19.38 9.08 -5.24
N HIS A 52 19.09 10.34 -5.13
CA HIS A 52 19.76 11.37 -5.98
C HIS A 52 21.22 11.54 -5.57
N LYS A 53 21.51 11.35 -4.32
CA LYS A 53 22.91 11.55 -3.81
C LYS A 53 23.92 10.71 -4.59
N HIS A 54 23.58 9.52 -4.97
CA HIS A 54 24.59 8.70 -5.71
C HIS A 54 24.72 9.17 -7.16
N GLY A 55 23.88 10.06 -7.59
CA GLY A 55 23.97 10.53 -9.01
C GLY A 55 22.66 10.24 -9.73
N PHE A 56 22.73 9.69 -10.91
CA PHE A 56 21.48 9.39 -11.66
C PHE A 56 20.76 8.22 -11.01
N LEU A 57 19.48 8.11 -11.22
CA LEU A 57 18.72 7.00 -10.59
C LEU A 57 19.39 5.68 -10.94
N GLU A 58 19.46 4.76 -10.00
CA GLU A 58 20.10 3.45 -10.29
C GLU A 58 19.00 2.41 -10.44
N GLY A 59 17.86 2.68 -9.86
CA GLY A 59 16.71 1.74 -9.97
C GLY A 59 16.24 1.31 -8.58
N ARG A 60 15.08 1.76 -8.18
CA ARG A 60 14.51 1.37 -6.87
C ARG A 60 12.99 1.33 -6.99
N HIS A 61 12.35 0.27 -6.58
CA HIS A 61 10.86 0.24 -6.69
C HIS A 61 10.24 0.52 -5.33
N ALA A 62 9.23 1.34 -5.28
CA ALA A 62 8.58 1.69 -3.99
C ALA A 62 7.97 0.44 -3.36
N GLU A 63 7.27 -0.35 -4.12
CA GLU A 63 6.64 -1.58 -3.54
C GLU A 63 7.71 -2.58 -3.08
N LEU A 64 8.77 -2.72 -3.83
CA LEU A 64 9.85 -3.68 -3.44
C LEU A 64 10.53 -3.21 -2.16
N CYS A 65 10.71 -1.93 -2.00
CA CYS A 65 11.38 -1.41 -0.77
C CYS A 65 10.58 -1.79 0.48
N PHE A 66 9.28 -1.71 0.40
CA PHE A 66 8.46 -2.06 1.59
C PHE A 66 8.67 -3.53 1.96
N LEU A 67 8.70 -4.39 0.97
CA LEU A 67 8.90 -5.84 1.27
C LEU A 67 10.21 -6.03 2.05
N ASP A 68 11.22 -5.27 1.71
CA ASP A 68 12.53 -5.40 2.42
C ASP A 68 12.43 -4.77 3.81
N VAL A 69 11.50 -3.87 4.01
CA VAL A 69 11.38 -3.21 5.33
C VAL A 69 10.91 -4.21 6.39
N ILE A 70 10.00 -5.08 6.07
CA ILE A 70 9.51 -6.06 7.07
C ILE A 70 10.69 -6.83 7.69
N PRO A 71 11.50 -7.50 6.91
CA PRO A 71 12.66 -8.27 7.45
C PRO A 71 13.66 -7.36 8.16
N PHE A 72 13.65 -6.09 7.86
CA PHE A 72 14.61 -5.16 8.51
C PHE A 72 14.17 -4.89 9.95
N TRP A 73 12.90 -5.03 10.25
CA TRP A 73 12.43 -4.78 11.63
C TRP A 73 12.65 -6.03 12.48
N LYS A 74 13.17 -7.07 11.89
CA LYS A 74 13.41 -8.33 12.66
C LYS A 74 12.26 -8.59 13.62
N LEU A 75 11.06 -8.65 13.11
CA LEU A 75 9.89 -8.90 14.01
C LEU A 75 9.91 -10.37 14.47
N ASP A 76 9.50 -10.61 15.68
CA ASP A 76 9.52 -12.00 16.21
C ASP A 76 8.49 -12.86 15.47
N LEU A 77 8.89 -14.00 15.00
CA LEU A 77 7.95 -14.89 14.26
C LEU A 77 6.89 -15.45 15.23
N ASP A 78 7.21 -15.56 16.48
CA ASP A 78 6.23 -16.11 17.46
C ASP A 78 5.24 -15.01 17.88
N GLN A 79 5.54 -13.78 17.55
CA GLN A 79 4.61 -12.68 17.93
C GLN A 79 3.84 -12.23 16.70
N ASP A 80 2.65 -11.73 16.87
CA ASP A 80 1.83 -11.30 15.69
C ASP A 80 2.22 -9.87 15.29
N TYR A 81 2.29 -9.61 14.01
CA TYR A 81 2.65 -8.25 13.54
C TYR A 81 1.66 -7.81 12.45
N ARG A 82 1.20 -6.58 12.51
CA ARG A 82 0.26 -6.10 11.47
C ARG A 82 0.89 -4.90 10.75
N VAL A 83 1.11 -5.03 9.47
CA VAL A 83 1.73 -3.91 8.70
C VAL A 83 0.81 -3.52 7.54
N THR A 84 0.64 -2.25 7.32
CA THR A 84 -0.25 -1.80 6.22
C THR A 84 0.51 -0.84 5.31
N CYS A 85 0.24 -0.89 4.02
CA CYS A 85 0.94 0.03 3.08
C CYS A 85 -0.09 0.80 2.25
N PHE A 86 0.02 2.09 2.20
CA PHE A 86 -0.96 2.89 1.41
C PHE A 86 -0.30 3.34 0.10
N THR A 87 -0.72 2.80 -1.01
CA THR A 87 -0.13 3.19 -2.31
C THR A 87 -1.25 3.30 -3.34
N SER A 88 -1.06 4.08 -4.37
CA SER A 88 -2.14 4.21 -5.40
C SER A 88 -1.59 3.88 -6.79
N TRP A 89 -1.26 2.63 -7.03
CA TRP A 89 -0.75 2.22 -8.38
C TRP A 89 -0.58 0.71 -8.43
N SER A 90 -0.44 0.17 -9.61
CA SER A 90 -0.27 -1.31 -9.74
C SER A 90 1.17 -1.71 -9.36
N PRO A 91 1.35 -2.86 -8.76
CA PRO A 91 2.70 -3.36 -8.37
C PRO A 91 3.50 -3.85 -9.57
N CYS A 92 4.80 -3.82 -9.48
CA CYS A 92 5.64 -4.29 -10.63
C CYS A 92 5.64 -5.82 -10.66
N PHE A 93 5.80 -6.40 -11.81
CA PHE A 93 5.79 -7.89 -11.91
C PHE A 93 6.84 -8.50 -10.98
N SER A 94 7.99 -7.89 -10.88
CA SER A 94 9.05 -8.45 -9.99
C SER A 94 8.52 -8.54 -8.55
N CYS A 95 7.76 -7.56 -8.12
CA CYS A 95 7.22 -7.59 -6.74
C CYS A 95 6.14 -8.66 -6.62
N ALA A 96 5.38 -8.89 -7.65
CA ALA A 96 4.30 -9.90 -7.58
C ALA A 96 4.88 -11.27 -7.18
N GLN A 97 5.93 -11.69 -7.81
CA GLN A 97 6.52 -13.01 -7.46
C GLN A 97 7.14 -12.98 -6.05
N GLU A 98 7.86 -11.94 -5.73
CA GLU A 98 8.49 -11.86 -4.38
C GLU A 98 7.43 -11.61 -3.32
N MET A 99 6.45 -10.80 -3.63
CA MET A 99 5.39 -10.49 -2.65
C MET A 99 4.67 -11.78 -2.23
N ALA A 100 4.35 -12.62 -3.17
CA ALA A 100 3.64 -13.89 -2.82
C ALA A 100 4.57 -14.78 -1.99
N LYS A 101 5.81 -14.92 -2.42
CA LYS A 101 6.76 -15.78 -1.65
C LYS A 101 7.01 -15.18 -0.26
N PHE A 102 6.99 -13.88 -0.15
CA PHE A 102 7.25 -13.24 1.17
C PHE A 102 6.26 -13.75 2.23
N ILE A 103 4.99 -13.69 1.95
CA ILE A 103 4.00 -14.17 2.94
C ILE A 103 4.26 -15.63 3.26
N SER A 104 4.61 -16.42 2.28
CA SER A 104 4.88 -17.85 2.55
C SER A 104 5.96 -17.95 3.62
N LYS A 105 6.91 -17.05 3.59
CA LYS A 105 8.00 -17.06 4.60
C LYS A 105 7.49 -16.49 5.92
N ASN A 106 6.49 -15.66 5.88
CA ASN A 106 5.96 -15.05 7.13
C ASN A 106 4.43 -14.96 7.06
N LYS A 107 3.75 -16.01 7.39
CA LYS A 107 2.26 -16.00 7.33
C LYS A 107 1.71 -15.44 8.64
N HIS A 108 2.56 -15.15 9.58
CA HIS A 108 2.07 -14.62 10.89
C HIS A 108 1.92 -13.10 10.82
N VAL A 109 2.31 -12.49 9.73
CA VAL A 109 2.18 -11.01 9.62
C VAL A 109 0.95 -10.65 8.79
N SER A 110 0.16 -9.72 9.26
CA SER A 110 -1.04 -9.32 8.47
C SER A 110 -0.64 -8.19 7.53
N LEU A 111 -0.54 -8.48 6.25
CA LEU A 111 -0.13 -7.43 5.27
C LEU A 111 -1.34 -7.00 4.43
N CYS A 112 -1.61 -5.73 4.37
CA CYS A 112 -2.77 -5.24 3.56
C CYS A 112 -2.31 -4.09 2.68
N ILE A 113 -2.52 -4.17 1.39
CA ILE A 113 -2.11 -3.06 0.48
C ILE A 113 -3.34 -2.47 -0.19
N PHE A 114 -3.54 -1.19 -0.08
CA PHE A 114 -4.74 -0.57 -0.71
C PHE A 114 -4.32 0.19 -1.96
N THR A 115 -5.00 -0.03 -3.06
CA THR A 115 -4.65 0.68 -4.32
C THR A 115 -5.80 1.60 -4.70
N ALA A 116 -5.53 2.86 -4.90
CA ALA A 116 -6.62 3.81 -5.28
C ALA A 116 -7.18 3.42 -6.65
N ARG A 117 -6.36 2.96 -7.54
CA ARG A 117 -6.85 2.58 -8.89
C ARG A 117 -6.22 1.26 -9.35
N ILE A 118 -6.76 0.65 -10.37
CA ILE A 118 -6.21 -0.65 -10.85
C ILE A 118 -5.62 -0.47 -12.26
N TYR A 119 -4.36 -0.77 -12.43
CA TYR A 119 -3.73 -0.64 -13.79
C TYR A 119 -3.32 -2.03 -14.30
N ASP A 120 -3.67 -2.36 -15.52
CA ASP A 120 -3.28 -3.69 -16.08
C ASP A 120 -2.51 -3.47 -17.39
N ASP A 121 -1.27 -3.90 -17.44
CA ASP A 121 -0.47 -3.71 -18.68
C ASP A 121 -1.09 -4.50 -19.84
N GLN A 122 -1.47 -5.72 -19.61
CA GLN A 122 -2.07 -6.54 -20.70
C GLN A 122 -3.17 -7.44 -20.14
N GLY A 123 -3.99 -7.98 -20.99
CA GLY A 123 -5.08 -8.88 -20.51
C GLY A 123 -4.51 -10.28 -20.27
N ARG A 124 -5.35 -11.23 -19.95
CA ARG A 124 -4.85 -12.62 -19.70
C ARG A 124 -3.88 -12.63 -18.53
N CYS A 125 -3.44 -11.48 -18.09
CA CYS A 125 -2.49 -11.42 -16.94
C CYS A 125 -3.28 -11.62 -15.64
N GLN A 126 -4.49 -12.07 -15.76
CA GLN A 126 -5.33 -12.29 -14.55
C GLN A 126 -4.61 -13.23 -13.57
N GLU A 127 -3.86 -14.17 -14.08
CA GLU A 127 -3.15 -15.11 -13.17
C GLU A 127 -2.25 -14.32 -12.21
N GLY A 128 -1.62 -13.28 -12.69
CA GLY A 128 -0.75 -12.48 -11.80
C GLY A 128 -1.63 -11.78 -10.75
N LEU A 129 -2.70 -11.18 -11.17
CA LEU A 129 -3.60 -10.49 -10.20
C LEU A 129 -4.24 -11.52 -9.27
N ARG A 130 -4.68 -12.62 -9.80
CA ARG A 130 -5.31 -13.66 -8.94
C ARG A 130 -4.26 -14.22 -7.98
N THR A 131 -3.09 -14.50 -8.47
CA THR A 131 -2.03 -15.02 -7.57
C THR A 131 -1.70 -13.96 -6.52
N LEU A 132 -1.61 -12.73 -6.95
CA LEU A 132 -1.30 -11.63 -6.00
C LEU A 132 -2.41 -11.54 -4.95
N ALA A 133 -3.63 -11.69 -5.34
CA ALA A 133 -4.74 -11.60 -4.35
C ALA A 133 -4.63 -12.77 -3.37
N GLU A 134 -4.26 -13.93 -3.86
CA GLU A 134 -4.15 -15.11 -2.97
C GLU A 134 -2.87 -15.03 -2.12
N ALA A 135 -1.73 -14.84 -2.73
CA ALA A 135 -0.46 -14.77 -1.95
C ALA A 135 0.07 -13.34 -1.88
N GLY A 136 -0.38 -12.47 -2.74
CA GLY A 136 0.13 -11.08 -2.71
C GLY A 136 -0.61 -10.30 -1.62
N ALA A 137 -0.81 -10.91 -0.49
CA ALA A 137 -1.52 -10.22 0.61
C ALA A 137 -2.92 -9.81 0.16
N LYS A 138 -3.71 -9.25 1.04
CA LYS A 138 -5.09 -8.84 0.65
C LYS A 138 -5.06 -7.41 0.12
N ILE A 139 -5.69 -7.17 -1.01
CA ILE A 139 -5.69 -5.79 -1.58
C ILE A 139 -7.13 -5.28 -1.74
N SER A 140 -7.34 -4.04 -1.43
CA SER A 140 -8.71 -3.44 -1.56
C SER A 140 -8.57 -2.01 -2.05
N ILE A 141 -9.64 -1.43 -2.56
CA ILE A 141 -9.55 -0.02 -3.05
C ILE A 141 -9.60 0.92 -1.84
N MET A 142 -8.94 2.03 -1.92
CA MET A 142 -8.95 2.98 -0.77
C MET A 142 -10.36 3.46 -0.48
N THR A 143 -10.72 3.56 0.77
CA THR A 143 -12.10 4.01 1.14
C THR A 143 -11.99 5.27 1.98
N TYR A 144 -13.02 6.06 2.01
CA TYR A 144 -12.98 7.31 2.82
C TYR A 144 -12.65 6.99 4.28
N SER A 145 -13.17 5.90 4.78
CA SER A 145 -12.89 5.53 6.20
C SER A 145 -11.38 5.32 6.37
N GLU A 146 -10.75 4.65 5.45
CA GLU A 146 -9.29 4.40 5.56
C GLU A 146 -8.54 5.73 5.45
N PHE A 147 -9.05 6.64 4.66
CA PHE A 147 -8.37 7.95 4.49
C PHE A 147 -8.26 8.66 5.84
N LYS A 148 -9.33 8.67 6.61
CA LYS A 148 -9.28 9.36 7.93
C LYS A 148 -8.19 8.73 8.81
N HIS A 149 -8.09 7.43 8.79
CA HIS A 149 -7.05 6.77 9.63
C HIS A 149 -5.67 7.22 9.17
N CYS A 150 -5.40 7.16 7.90
CA CYS A 150 -4.08 7.59 7.39
C CYS A 150 -3.93 9.09 7.65
N TRP A 151 -5.00 9.82 7.53
CA TRP A 151 -4.94 11.28 7.76
C TRP A 151 -4.47 11.57 9.19
N ASP A 152 -5.05 10.93 10.17
CA ASP A 152 -4.65 11.18 11.58
C ASP A 152 -3.22 10.70 11.84
N THR A 153 -2.86 9.57 11.34
CA THR A 153 -1.48 9.03 11.60
C THR A 153 -0.41 9.77 10.78
N PHE A 154 -0.59 9.87 9.49
CA PHE A 154 0.44 10.54 8.65
C PHE A 154 0.45 12.05 8.88
N VAL A 155 -0.67 12.65 9.13
CA VAL A 155 -0.70 14.13 9.35
C VAL A 155 -1.33 14.44 10.70
N ASP A 156 -0.79 15.40 11.40
CA ASP A 156 -1.35 15.76 12.73
C ASP A 156 -2.67 16.51 12.52
N HIS A 157 -3.76 15.79 12.45
CA HIS A 157 -5.07 16.45 12.24
C HIS A 157 -5.40 17.34 13.44
N GLN A 158 -4.66 17.22 14.51
CA GLN A 158 -4.95 18.07 15.71
C GLN A 158 -5.02 19.54 15.27
N GLY A 159 -6.19 20.12 15.33
CA GLY A 159 -6.33 21.54 14.92
C GLY A 159 -6.71 21.60 13.45
N CYS A 160 -6.48 20.54 12.72
CA CYS A 160 -6.81 20.52 11.28
C CYS A 160 -7.71 19.31 10.98
N PRO A 161 -9.00 19.45 11.09
CA PRO A 161 -9.96 18.34 10.84
C PRO A 161 -10.17 18.09 9.34
N PHE A 162 -10.35 16.87 8.96
CA PHE A 162 -10.57 16.55 7.52
C PHE A 162 -12.06 16.28 7.27
N GLN A 163 -12.62 16.88 6.27
CA GLN A 163 -14.07 16.65 5.98
C GLN A 163 -14.21 15.48 4.99
N PRO A 164 -14.76 14.36 5.40
CA PRO A 164 -14.93 13.18 4.51
C PRO A 164 -16.09 13.35 3.53
N TRP A 165 -15.94 12.87 2.33
CA TRP A 165 -17.03 12.97 1.31
C TRP A 165 -17.25 11.61 0.67
N ASP A 166 -18.39 11.40 0.05
CA ASP A 166 -18.65 10.08 -0.58
C ASP A 166 -18.25 10.12 -2.06
N GLY A 167 -17.27 10.92 -2.39
CA GLY A 167 -16.83 11.00 -3.80
C GLY A 167 -15.92 9.80 -4.10
N LEU A 168 -14.99 9.54 -3.22
CA LEU A 168 -14.07 8.38 -3.43
C LEU A 168 -14.89 7.09 -3.45
N ASP A 169 -15.90 7.02 -2.63
CA ASP A 169 -16.73 5.77 -2.59
C ASP A 169 -17.37 5.54 -3.96
N GLU A 170 -17.86 6.57 -4.59
CA GLU A 170 -18.46 6.39 -5.93
C GLU A 170 -17.38 5.95 -6.91
N HIS A 171 -16.24 6.58 -6.86
CA HIS A 171 -15.13 6.20 -7.76
C HIS A 171 -14.69 4.77 -7.45
N SER A 172 -14.62 4.43 -6.19
CA SER A 172 -14.20 3.06 -5.80
C SER A 172 -15.20 2.05 -6.35
N GLN A 173 -16.46 2.40 -6.40
CA GLN A 173 -17.47 1.45 -6.93
C GLN A 173 -17.09 1.06 -8.36
N ASP A 174 -16.69 2.02 -9.16
CA ASP A 174 -16.29 1.71 -10.56
C ASP A 174 -15.06 0.80 -10.54
N LEU A 175 -14.13 1.08 -9.67
CA LEU A 175 -12.91 0.22 -9.60
C LEU A 175 -13.30 -1.18 -9.16
N SER A 176 -14.24 -1.29 -8.27
CA SER A 176 -14.67 -2.64 -7.81
C SER A 176 -15.22 -3.43 -8.99
N GLY A 177 -15.83 -2.76 -9.92
CA GLY A 177 -16.39 -3.48 -11.10
C GLY A 177 -15.25 -4.17 -11.85
N ARG A 178 -14.21 -3.45 -12.19
CA ARG A 178 -13.08 -4.09 -12.92
C ARG A 178 -12.40 -5.13 -12.02
N LEU A 179 -12.11 -4.77 -10.79
CA LEU A 179 -11.44 -5.74 -9.88
C LEU A 179 -12.37 -6.93 -9.64
N ARG A 180 -13.65 -6.69 -9.55
CA ARG A 180 -14.61 -7.81 -9.33
C ARG A 180 -14.46 -8.83 -10.46
N ALA A 181 -14.24 -8.37 -11.66
CA ALA A 181 -14.10 -9.33 -12.79
C ALA A 181 -12.91 -10.25 -12.53
N ILE A 182 -11.84 -9.71 -12.02
CA ILE A 182 -10.65 -10.56 -11.75
C ILE A 182 -11.00 -11.59 -10.68
N LEU A 183 -11.54 -11.16 -9.58
CA LEU A 183 -11.91 -12.11 -8.49
C LEU A 183 -13.10 -12.97 -8.94
N GLN A 184 -13.98 -12.42 -9.72
CA GLN A 184 -15.16 -13.21 -10.19
C GLN A 184 -14.66 -14.39 -11.03
N ASN A 185 -13.59 -14.20 -11.75
CA ASN A 185 -13.05 -15.30 -12.57
C ASN A 185 -12.17 -16.19 -11.70
N GLN A 186 -12.12 -15.91 -10.42
CA GLN A 186 -11.28 -16.75 -9.53
C GLN A 186 -11.80 -18.18 -9.60
N GLU A 187 -11.17 -19.00 -10.39
CA GLU A 187 -11.64 -20.41 -10.52
C GLU A 187 -11.40 -21.15 -9.21
N ASN A 188 -12.37 -21.88 -8.75
CA ASN A 188 -12.21 -22.64 -7.49
C ASN A 188 -11.26 -23.81 -7.70
P C38 B 6 9.58 2.31 -10.95
O1P C38 B 6 10.28 2.69 -9.71
O2P C38 B 6 9.55 3.24 -12.09
O5' C38 B 6 10.21 0.92 -11.46
C5' C38 B 6 10.21 -0.24 -10.62
C4' C38 B 6 10.93 -1.43 -11.24
O4' C38 B 6 10.41 -1.72 -12.53
C3' C38 B 6 12.40 -1.19 -11.44
O3' C38 B 6 13.04 -1.54 -10.21
C2' C38 B 6 12.77 -2.14 -12.57
C1' C38 B 6 11.44 -2.32 -13.32
N1 C38 B 6 11.41 -1.70 -14.64
C2 C38 B 6 12.40 -2.03 -15.55
O2 C38 B 6 13.28 -2.83 -15.22
N3 C38 B 6 12.38 -1.46 -16.78
C4 C38 B 6 11.43 -0.59 -17.12
N4 C38 B 6 11.44 -0.04 -18.33
C5 C38 B 6 10.39 -0.24 -16.19
C6 C38 B 6 10.42 -0.82 -14.97
I C38 B 6 8.89 1.12 -16.72
H5'1 C38 B 6 9.20 -0.53 -10.41
H5'2 C38 B 6 10.70 0.03 -9.69
H4' C38 B 6 10.79 -2.29 -10.60
H3' C38 B 6 12.61 -0.15 -11.70
H2'1 C38 B 6 13.51 -1.67 -13.21
H2'2 C38 B 6 13.13 -3.09 -12.18
H1' C38 B 6 11.25 -3.39 -13.42
H4N1 C38 B 6 12.17 -0.29 -18.99
H4N2 C38 B 6 10.72 0.61 -18.60
H6 C38 B 6 9.65 -0.56 -14.25
ZN ZN C . 8.71 -3.89 -7.51
N MET A 1 5.55 16.75 8.77
CA MET A 1 4.30 16.33 8.06
C MET A 1 3.36 17.53 7.93
N ASP A 2 2.82 17.75 6.76
CA ASP A 2 1.89 18.89 6.58
C ASP A 2 0.45 18.37 6.63
N PRO A 3 -0.48 19.16 7.09
CA PRO A 3 -1.90 18.73 7.19
C PRO A 3 -2.41 18.08 5.89
N PRO A 4 -2.13 18.67 4.76
CA PRO A 4 -2.56 18.13 3.45
C PRO A 4 -1.48 17.24 2.80
N THR A 5 -0.50 16.83 3.55
CA THR A 5 0.58 15.98 2.99
C THR A 5 -0.01 14.70 2.42
N PHE A 6 -0.92 14.09 3.12
CA PHE A 6 -1.54 12.83 2.61
C PHE A 6 -2.42 13.14 1.40
N THR A 7 -3.29 14.11 1.52
CA THR A 7 -4.18 14.46 0.40
C THR A 7 -3.33 14.88 -0.81
N PHE A 8 -2.25 15.57 -0.58
CA PHE A 8 -1.39 16.01 -1.71
C PHE A 8 -0.94 14.80 -2.52
N ASN A 9 -0.44 13.79 -1.86
CA ASN A 9 0.02 12.58 -2.60
C ASN A 9 -1.16 11.98 -3.37
N PHE A 10 -2.29 11.84 -2.75
CA PHE A 10 -3.48 11.28 -3.46
C PHE A 10 -4.01 12.31 -4.46
N ASN A 11 -3.78 13.57 -4.22
CA ASN A 11 -4.26 14.62 -5.16
C ASN A 11 -3.30 14.72 -6.34
N ASN A 12 -2.57 13.67 -6.61
CA ASN A 12 -1.60 13.69 -7.74
C ASN A 12 -2.35 13.50 -9.06
N GLU A 13 -3.64 13.63 -9.05
CA GLU A 13 -4.43 13.46 -10.31
C GLU A 13 -3.83 14.32 -11.43
N PRO A 14 -3.47 15.54 -11.13
CA PRO A 14 -2.88 16.48 -12.13
C PRO A 14 -1.41 16.17 -12.46
N TRP A 15 -0.79 15.30 -11.70
CA TRP A 15 0.64 14.96 -11.95
C TRP A 15 0.82 14.39 -13.36
N VAL A 16 -0.25 14.12 -14.06
CA VAL A 16 -0.11 13.57 -15.43
C VAL A 16 0.59 14.60 -16.31
N ARG A 17 1.86 14.84 -16.07
CA ARG A 17 2.61 15.84 -16.89
C ARG A 17 3.69 15.12 -17.70
N GLY A 18 3.67 13.82 -17.71
CA GLY A 18 4.71 13.07 -18.47
C GLY A 18 5.87 12.69 -17.55
N ARG A 19 5.67 12.84 -16.27
CA ARG A 19 6.76 12.50 -15.30
C ARG A 19 6.28 11.34 -14.41
N HIS A 20 7.20 10.55 -13.91
CA HIS A 20 6.80 9.40 -13.05
C HIS A 20 7.10 9.72 -11.58
N GLU A 21 6.08 9.92 -10.78
CA GLU A 21 6.27 10.24 -9.34
C GLU A 21 5.56 9.18 -8.49
N THR A 22 6.21 8.67 -7.48
CA THR A 22 5.56 7.63 -6.62
C THR A 22 5.63 8.04 -5.16
N TYR A 23 4.55 7.89 -4.43
CA TYR A 23 4.55 8.23 -2.98
C TYR A 23 3.95 7.07 -2.20
N LEU A 24 4.69 6.49 -1.30
CA LEU A 24 4.17 5.34 -0.51
C LEU A 24 4.22 5.65 0.99
N CYS A 25 3.16 5.38 1.69
CA CYS A 25 3.13 5.62 3.17
C CYS A 25 2.71 4.33 3.87
N TYR A 26 3.43 3.90 4.86
CA TYR A 26 3.06 2.64 5.55
C TYR A 26 3.23 2.76 7.06
N GLU A 27 2.61 1.89 7.80
CA GLU A 27 2.73 1.91 9.27
C GLU A 27 3.06 0.49 9.76
N VAL A 28 3.63 0.36 10.92
CA VAL A 28 3.97 -1.00 11.45
C VAL A 28 3.44 -1.16 12.86
N GLU A 29 2.91 -2.31 13.19
CA GLU A 29 2.37 -2.53 14.56
C GLU A 29 3.00 -3.79 15.15
N ARG A 30 3.20 -3.83 16.45
CA ARG A 30 3.81 -5.04 17.06
C ARG A 30 2.78 -5.69 17.99
N MET A 31 2.49 -6.95 17.78
CA MET A 31 1.49 -7.65 18.64
C MET A 31 2.13 -8.87 19.29
N HIS A 32 1.99 -9.00 20.58
CA HIS A 32 2.56 -10.19 21.28
C HIS A 32 1.42 -10.91 21.99
N ASN A 33 1.42 -12.21 21.97
CA ASN A 33 0.31 -12.97 22.62
C ASN A 33 0.21 -12.57 24.10
N ASP A 34 1.32 -12.36 24.74
CA ASP A 34 1.28 -11.96 26.18
C ASP A 34 0.76 -10.53 26.32
N THR A 35 1.20 -9.66 25.45
CA THR A 35 0.74 -8.25 25.55
C THR A 35 0.56 -7.66 24.14
N TRP A 36 -0.18 -6.59 24.03
CA TRP A 36 -0.37 -5.96 22.69
C TRP A 36 0.38 -4.63 22.66
N VAL A 37 1.14 -4.39 21.62
CA VAL A 37 1.91 -3.11 21.55
C VAL A 37 1.50 -2.33 20.29
N LEU A 38 1.16 -1.08 20.46
CA LEU A 38 0.74 -0.26 19.28
C LEU A 38 1.90 0.62 18.82
N LEU A 39 2.61 0.20 17.82
CA LEU A 39 3.75 1.01 17.31
C LEU A 39 3.22 1.97 16.24
N ASN A 40 1.92 2.15 16.19
CA ASN A 40 1.32 3.06 15.18
C ASN A 40 1.87 4.48 15.37
N GLN A 41 2.27 4.82 16.56
CA GLN A 41 2.80 6.19 16.81
C GLN A 41 3.94 6.47 15.83
N ARG A 42 4.69 5.47 15.47
CA ARG A 42 5.82 5.68 14.51
C ARG A 42 5.33 5.39 13.09
N ARG A 43 5.85 6.10 12.11
CA ARG A 43 5.42 5.86 10.70
C ARG A 43 6.56 6.23 9.75
N GLY A 44 6.44 5.89 8.50
CA GLY A 44 7.53 6.23 7.54
C GLY A 44 6.97 6.19 6.11
N PHE A 45 7.79 6.52 5.13
CA PHE A 45 7.29 6.50 3.73
C PHE A 45 8.37 5.92 2.81
N LEU A 46 7.98 5.31 1.73
CA LEU A 46 8.98 4.74 0.78
C LEU A 46 8.76 5.36 -0.61
N CYS A 47 9.81 5.59 -1.35
CA CYS A 47 9.64 6.19 -2.70
C CYS A 47 10.19 5.23 -3.75
N ASN A 48 9.67 5.28 -4.95
CA ASN A 48 10.16 4.37 -6.01
C ASN A 48 11.30 5.04 -6.77
N GLN A 49 11.81 6.13 -6.26
CA GLN A 49 12.93 6.82 -6.95
C GLN A 49 14.23 6.50 -6.23
N ALA A 50 15.28 6.26 -6.96
CA ALA A 50 16.59 5.93 -6.30
C ALA A 50 17.11 7.17 -5.56
N PRO A 51 17.97 6.96 -4.60
CA PRO A 51 18.57 8.07 -3.79
C PRO A 51 19.39 9.04 -4.65
N HIS A 52 19.14 10.30 -4.51
CA HIS A 52 19.88 11.32 -5.31
C HIS A 52 21.33 11.43 -4.83
N LYS A 53 21.55 11.22 -3.56
CA LYS A 53 22.93 11.34 -3.00
C LYS A 53 23.92 10.43 -3.72
N HIS A 54 23.50 9.28 -4.17
CA HIS A 54 24.46 8.36 -4.84
C HIS A 54 24.77 8.85 -6.27
N GLY A 55 24.04 9.82 -6.76
CA GLY A 55 24.32 10.31 -8.14
C GLY A 55 23.07 10.11 -8.99
N PHE A 56 23.23 9.58 -10.18
CA PHE A 56 22.05 9.36 -11.07
C PHE A 56 21.24 8.18 -10.53
N LEU A 57 19.95 8.22 -10.67
CA LEU A 57 19.10 7.11 -10.14
C LEU A 57 19.60 5.78 -10.70
N GLU A 58 19.65 4.77 -9.87
CA GLU A 58 20.12 3.44 -10.35
C GLU A 58 18.92 2.49 -10.48
N GLY A 59 17.86 2.74 -9.75
CA GLY A 59 16.66 1.87 -9.86
C GLY A 59 16.19 1.42 -8.47
N ARG A 60 15.05 1.90 -8.07
CA ARG A 60 14.48 1.50 -6.75
C ARG A 60 12.95 1.51 -6.85
N HIS A 61 12.28 0.45 -6.47
CA HIS A 61 10.79 0.45 -6.56
C HIS A 61 10.20 0.72 -5.17
N ALA A 62 9.20 1.56 -5.10
CA ALA A 62 8.59 1.88 -3.79
C ALA A 62 7.95 0.62 -3.18
N GLU A 63 7.24 -0.14 -3.98
CA GLU A 63 6.58 -1.36 -3.45
C GLU A 63 7.64 -2.39 -3.01
N LEU A 64 8.69 -2.53 -3.78
CA LEU A 64 9.76 -3.50 -3.41
C LEU A 64 10.44 -3.08 -2.12
N CYS A 65 10.64 -1.80 -1.94
CA CYS A 65 11.31 -1.31 -0.69
C CYS A 65 10.52 -1.75 0.53
N PHE A 66 9.22 -1.68 0.46
CA PHE A 66 8.40 -2.09 1.64
C PHE A 66 8.65 -3.56 1.94
N LEU A 67 8.70 -4.38 0.93
CA LEU A 67 8.93 -5.84 1.15
C LEU A 67 10.28 -6.02 1.87
N ASP A 68 11.26 -5.25 1.51
CA ASP A 68 12.60 -5.36 2.16
C ASP A 68 12.54 -4.82 3.59
N VAL A 69 11.61 -3.93 3.86
CA VAL A 69 11.51 -3.35 5.22
C VAL A 69 11.07 -4.41 6.24
N ILE A 70 10.19 -5.30 5.87
CA ILE A 70 9.73 -6.33 6.84
C ILE A 70 10.94 -7.09 7.42
N PRO A 71 11.78 -7.71 6.61
CA PRO A 71 12.96 -8.47 7.12
C PRO A 71 13.95 -7.55 7.86
N PHE A 72 13.90 -6.27 7.58
CA PHE A 72 14.84 -5.34 8.26
C PHE A 72 14.40 -5.10 9.70
N TRP A 73 13.14 -5.27 10.00
CA TRP A 73 12.66 -5.06 11.39
C TRP A 73 12.91 -6.32 12.20
N LYS A 74 13.43 -7.35 11.59
CA LYS A 74 13.70 -8.62 12.33
C LYS A 74 12.54 -8.90 13.29
N LEU A 75 11.33 -8.91 12.81
CA LEU A 75 10.17 -9.19 13.69
C LEU A 75 10.21 -10.65 14.14
N ASP A 76 9.85 -10.91 15.37
CA ASP A 76 9.88 -12.32 15.87
C ASP A 76 8.79 -13.14 15.17
N LEU A 77 9.16 -14.28 14.66
CA LEU A 77 8.16 -15.15 13.95
C LEU A 77 7.15 -15.70 14.95
N ASP A 78 7.53 -15.84 16.20
CA ASP A 78 6.59 -16.38 17.21
C ASP A 78 5.65 -15.28 17.70
N GLN A 79 5.94 -14.06 17.38
CA GLN A 79 5.06 -12.94 17.82
C GLN A 79 4.21 -12.48 16.64
N ASP A 80 2.98 -12.09 16.90
CA ASP A 80 2.10 -11.64 15.79
C ASP A 80 2.48 -10.23 15.34
N TYR A 81 2.44 -9.96 14.07
CA TYR A 81 2.80 -8.60 13.57
C TYR A 81 1.74 -8.12 12.58
N ARG A 82 1.30 -6.90 12.70
CA ARG A 82 0.29 -6.37 11.75
C ARG A 82 0.88 -5.16 11.04
N VAL A 83 1.11 -5.28 9.76
CA VAL A 83 1.71 -4.15 8.99
C VAL A 83 0.79 -3.77 7.84
N THR A 84 0.59 -2.49 7.63
CA THR A 84 -0.28 -2.04 6.52
C THR A 84 0.48 -1.05 5.63
N CYS A 85 0.25 -1.07 4.34
CA CYS A 85 0.96 -0.14 3.43
C CYS A 85 -0.06 0.69 2.65
N PHE A 86 0.11 1.99 2.63
CA PHE A 86 -0.84 2.85 1.88
C PHE A 86 -0.19 3.30 0.58
N THR A 87 -0.66 2.83 -0.53
CA THR A 87 -0.08 3.23 -1.83
C THR A 87 -1.20 3.44 -2.84
N SER A 88 -1.00 4.26 -3.84
CA SER A 88 -2.08 4.49 -4.83
C SER A 88 -1.57 4.16 -6.24
N TRP A 89 -1.31 2.90 -6.49
CA TRP A 89 -0.84 2.49 -7.86
C TRP A 89 -0.74 0.97 -7.93
N SER A 90 -0.56 0.43 -9.11
CA SER A 90 -0.45 -1.05 -9.25
C SER A 90 0.99 -1.49 -8.93
N PRO A 91 1.15 -2.68 -8.39
CA PRO A 91 2.50 -3.22 -8.05
C PRO A 91 3.27 -3.65 -9.30
N CYS A 92 4.58 -3.62 -9.26
CA CYS A 92 5.38 -4.05 -10.45
C CYS A 92 5.42 -5.57 -10.51
N PHE A 93 5.63 -6.13 -11.68
CA PHE A 93 5.66 -7.61 -11.80
C PHE A 93 6.71 -8.20 -10.86
N SER A 94 7.85 -7.57 -10.74
CA SER A 94 8.91 -8.12 -9.84
C SER A 94 8.39 -8.21 -8.42
N CYS A 95 7.61 -7.26 -8.00
CA CYS A 95 7.07 -7.29 -6.61
C CYS A 95 5.99 -8.36 -6.49
N ALA A 96 5.23 -8.56 -7.54
CA ALA A 96 4.13 -9.59 -7.48
C ALA A 96 4.70 -10.95 -7.10
N GLN A 97 5.75 -11.38 -7.76
CA GLN A 97 6.35 -12.70 -7.43
C GLN A 97 6.97 -12.68 -6.03
N GLU A 98 7.67 -11.63 -5.70
CA GLU A 98 8.32 -11.55 -4.36
C GLU A 98 7.25 -11.37 -3.28
N MET A 99 6.25 -10.59 -3.57
CA MET A 99 5.17 -10.35 -2.58
C MET A 99 4.51 -11.67 -2.19
N ALA A 100 4.22 -12.51 -3.15
CA ALA A 100 3.57 -13.81 -2.83
C ALA A 100 4.53 -14.69 -2.04
N LYS A 101 5.75 -14.80 -2.48
CA LYS A 101 6.74 -15.65 -1.76
C LYS A 101 7.00 -15.08 -0.37
N PHE A 102 6.97 -13.78 -0.23
CA PHE A 102 7.24 -13.17 1.11
C PHE A 102 6.27 -13.73 2.16
N ILE A 103 5.00 -13.70 1.88
CA ILE A 103 4.02 -14.23 2.87
C ILE A 103 4.31 -15.69 3.15
N SER A 104 4.67 -16.44 2.15
CA SER A 104 4.97 -17.88 2.38
C SER A 104 6.07 -18.00 3.43
N LYS A 105 7.01 -17.10 3.41
CA LYS A 105 8.12 -17.14 4.40
C LYS A 105 7.64 -16.61 5.75
N ASN A 106 6.63 -15.78 5.75
CA ASN A 106 6.12 -15.22 7.04
C ASN A 106 4.59 -15.10 6.98
N LYS A 107 3.90 -16.16 7.28
CA LYS A 107 2.41 -16.12 7.24
C LYS A 107 1.88 -15.60 8.58
N HIS A 108 2.75 -15.36 9.53
CA HIS A 108 2.30 -14.87 10.86
C HIS A 108 2.11 -13.35 10.82
N VAL A 109 2.49 -12.71 9.74
CA VAL A 109 2.33 -11.24 9.65
C VAL A 109 1.09 -10.90 8.84
N SER A 110 0.30 -9.95 9.29
CA SER A 110 -0.91 -9.56 8.52
C SER A 110 -0.53 -8.41 7.58
N LEU A 111 -0.46 -8.68 6.31
CA LEU A 111 -0.10 -7.62 5.33
C LEU A 111 -1.32 -7.18 4.53
N CYS A 112 -1.63 -5.91 4.56
CA CYS A 112 -2.79 -5.41 3.77
C CYS A 112 -2.35 -4.21 2.94
N ILE A 113 -2.55 -4.26 1.65
CA ILE A 113 -2.12 -3.11 0.79
C ILE A 113 -3.36 -2.49 0.12
N PHE A 114 -3.52 -1.21 0.24
CA PHE A 114 -4.70 -0.55 -0.39
C PHE A 114 -4.24 0.24 -1.62
N THR A 115 -4.86 0.00 -2.74
CA THR A 115 -4.47 0.74 -3.97
C THR A 115 -5.65 1.60 -4.44
N ALA A 116 -5.46 2.89 -4.52
CA ALA A 116 -6.58 3.77 -4.97
C ALA A 116 -6.92 3.43 -6.41
N ARG A 117 -5.93 3.14 -7.21
CA ARG A 117 -6.20 2.81 -8.64
C ARG A 117 -5.34 1.61 -9.06
N ILE A 118 -5.87 0.77 -9.91
CA ILE A 118 -5.11 -0.41 -10.39
C ILE A 118 -4.85 -0.26 -11.89
N TYR A 119 -3.61 -0.29 -12.30
CA TYR A 119 -3.31 -0.13 -13.75
C TYR A 119 -3.32 -1.50 -14.43
N ASP A 120 -4.00 -1.62 -15.54
CA ASP A 120 -4.01 -2.91 -16.27
C ASP A 120 -3.76 -2.65 -17.76
N ASP A 121 -2.68 -3.16 -18.31
CA ASP A 121 -2.40 -2.93 -19.74
C ASP A 121 -3.51 -3.54 -20.59
N GLN A 122 -3.92 -4.74 -20.26
CA GLN A 122 -5.00 -5.41 -21.05
C GLN A 122 -5.46 -6.65 -20.30
N GLY A 123 -6.65 -7.12 -20.56
CA GLY A 123 -7.12 -8.34 -19.84
C GLY A 123 -6.28 -9.53 -20.28
N ARG A 124 -5.41 -10.01 -19.44
CA ARG A 124 -4.54 -11.17 -19.79
C ARG A 124 -3.69 -11.56 -18.59
N CYS A 125 -3.04 -10.61 -17.99
CA CYS A 125 -2.19 -10.91 -16.80
C CYS A 125 -3.08 -11.24 -15.60
N GLN A 126 -4.25 -11.75 -15.85
CA GLN A 126 -5.18 -12.09 -14.73
C GLN A 126 -4.48 -13.07 -13.78
N GLU A 127 -3.65 -13.93 -14.31
CA GLU A 127 -2.95 -14.91 -13.42
C GLU A 127 -2.14 -14.16 -12.37
N GLY A 128 -1.51 -13.07 -12.75
CA GLY A 128 -0.71 -12.30 -11.76
C GLY A 128 -1.64 -11.73 -10.70
N LEU A 129 -2.73 -11.13 -11.12
CA LEU A 129 -3.69 -10.57 -10.13
C LEU A 129 -4.32 -11.70 -9.33
N ARG A 130 -4.63 -12.79 -9.97
CA ARG A 130 -5.24 -13.94 -9.24
C ARG A 130 -4.27 -14.44 -8.18
N THR A 131 -3.05 -14.63 -8.56
CA THR A 131 -2.03 -15.10 -7.60
C THR A 131 -1.76 -14.00 -6.57
N LEU A 132 -1.68 -12.77 -7.02
CA LEU A 132 -1.41 -11.66 -6.09
C LEU A 132 -2.54 -11.56 -5.05
N ALA A 133 -3.76 -11.72 -5.47
CA ALA A 133 -4.88 -11.65 -4.49
C ALA A 133 -4.76 -12.81 -3.51
N GLU A 134 -4.38 -13.96 -3.99
CA GLU A 134 -4.25 -15.14 -3.08
C GLU A 134 -2.98 -15.04 -2.23
N ALA A 135 -1.85 -14.83 -2.85
CA ALA A 135 -0.58 -14.75 -2.07
C ALA A 135 -0.06 -13.31 -2.00
N GLY A 136 -0.51 -12.45 -2.85
CA GLY A 136 -0.02 -11.05 -2.81
C GLY A 136 -0.70 -10.31 -1.66
N ALA A 137 -0.85 -10.96 -0.54
CA ALA A 137 -1.50 -10.31 0.62
C ALA A 137 -2.91 -9.84 0.26
N LYS A 138 -3.62 -9.32 1.23
CA LYS A 138 -5.01 -8.84 0.98
C LYS A 138 -4.96 -7.44 0.38
N ILE A 139 -5.64 -7.23 -0.72
CA ILE A 139 -5.64 -5.88 -1.35
C ILE A 139 -7.07 -5.39 -1.55
N SER A 140 -7.31 -4.13 -1.32
CA SER A 140 -8.67 -3.56 -1.50
C SER A 140 -8.55 -2.15 -2.08
N ILE A 141 -9.61 -1.62 -2.62
CA ILE A 141 -9.54 -0.25 -3.20
C ILE A 141 -9.62 0.76 -2.05
N MET A 142 -8.85 1.81 -2.12
CA MET A 142 -8.87 2.81 -1.02
C MET A 142 -10.27 3.40 -0.86
N THR A 143 -10.74 3.48 0.35
CA THR A 143 -12.10 4.04 0.61
C THR A 143 -11.96 5.30 1.45
N TYR A 144 -12.93 6.17 1.39
CA TYR A 144 -12.84 7.43 2.20
C TYR A 144 -12.64 7.08 3.67
N SER A 145 -13.28 6.05 4.15
CA SER A 145 -13.11 5.68 5.59
C SER A 145 -11.64 5.33 5.85
N GLU A 146 -11.03 4.58 4.97
CA GLU A 146 -9.60 4.24 5.18
C GLU A 146 -8.77 5.51 5.14
N PHE A 147 -9.13 6.43 4.29
CA PHE A 147 -8.37 7.71 4.19
C PHE A 147 -8.44 8.43 5.54
N LYS A 148 -9.58 8.38 6.19
CA LYS A 148 -9.71 9.08 7.51
C LYS A 148 -8.64 8.56 8.48
N HIS A 149 -8.39 7.28 8.49
CA HIS A 149 -7.38 6.73 9.44
C HIS A 149 -6.00 7.32 9.15
N CYS A 150 -5.56 7.27 7.92
CA CYS A 150 -4.22 7.83 7.60
C CYS A 150 -4.23 9.34 7.87
N TRP A 151 -5.35 9.97 7.64
CA TRP A 151 -5.46 11.43 7.87
C TRP A 151 -5.13 11.75 9.33
N ASP A 152 -5.69 11.03 10.26
CA ASP A 152 -5.40 11.32 11.70
C ASP A 152 -3.97 10.88 12.07
N THR A 153 -3.54 9.74 11.60
CA THR A 153 -2.19 9.24 11.98
C THR A 153 -1.07 9.85 11.12
N PHE A 154 -1.22 9.86 9.83
CA PHE A 154 -0.11 10.40 8.98
C PHE A 154 0.01 11.92 9.10
N VAL A 155 -1.08 12.63 9.15
CA VAL A 155 -1.00 14.11 9.26
C VAL A 155 -1.59 14.57 10.59
N ASP A 156 -0.98 15.54 11.22
CA ASP A 156 -1.52 16.04 12.50
C ASP A 156 -2.81 16.81 12.22
N HIS A 157 -3.90 16.12 12.15
CA HIS A 157 -5.20 16.79 11.86
C HIS A 157 -5.56 17.74 12.99
N GLN A 158 -4.91 17.64 14.11
CA GLN A 158 -5.24 18.56 15.24
C GLN A 158 -5.20 20.01 14.73
N GLY A 159 -6.33 20.65 14.66
CA GLY A 159 -6.36 22.06 14.18
C GLY A 159 -6.64 22.06 12.67
N CYS A 160 -6.44 20.95 12.03
CA CYS A 160 -6.70 20.87 10.55
C CYS A 160 -7.64 19.71 10.26
N PRO A 161 -8.93 19.95 10.27
CA PRO A 161 -9.94 18.88 10.01
C PRO A 161 -10.03 18.52 8.53
N PHE A 162 -10.23 17.26 8.23
CA PHE A 162 -10.32 16.83 6.80
C PHE A 162 -11.80 16.73 6.39
N GLN A 163 -12.14 17.25 5.24
CA GLN A 163 -13.56 17.18 4.78
C GLN A 163 -13.67 16.12 3.67
N PRO A 164 -14.18 14.95 3.98
CA PRO A 164 -14.33 13.86 2.98
C PRO A 164 -15.52 14.04 2.05
N TRP A 165 -15.42 13.59 0.83
CA TRP A 165 -16.55 13.71 -0.13
C TRP A 165 -16.80 12.36 -0.79
N ASP A 166 -17.95 12.16 -1.36
CA ASP A 166 -18.23 10.84 -2.01
C ASP A 166 -17.80 10.88 -3.48
N GLY A 167 -16.80 11.65 -3.78
CA GLY A 167 -16.32 11.71 -5.19
C GLY A 167 -15.34 10.57 -5.44
N LEU A 168 -14.31 10.49 -4.63
CA LEU A 168 -13.32 9.40 -4.79
C LEU A 168 -14.03 8.05 -4.59
N ASP A 169 -14.96 8.00 -3.67
CA ASP A 169 -15.69 6.73 -3.42
C ASP A 169 -16.42 6.29 -4.68
N GLU A 170 -17.04 7.20 -5.38
CA GLU A 170 -17.76 6.81 -6.62
C GLU A 170 -16.77 6.21 -7.63
N HIS A 171 -15.63 6.81 -7.76
CA HIS A 171 -14.60 6.27 -8.69
C HIS A 171 -14.21 4.86 -8.26
N SER A 172 -14.08 4.67 -6.98
CA SER A 172 -13.70 3.32 -6.46
C SER A 172 -14.74 2.29 -6.88
N GLN A 173 -15.99 2.67 -6.92
CA GLN A 173 -17.04 1.70 -7.33
C GLN A 173 -16.75 1.20 -8.74
N ASP A 174 -16.34 2.09 -9.61
CA ASP A 174 -16.04 1.65 -11.01
C ASP A 174 -14.86 0.69 -10.99
N LEU A 175 -13.84 1.00 -10.24
CA LEU A 175 -12.66 0.09 -10.16
C LEU A 175 -13.09 -1.23 -9.54
N SER A 176 -13.98 -1.19 -8.59
CA SER A 176 -14.46 -2.43 -7.95
C SER A 176 -15.10 -3.32 -9.01
N GLY A 177 -15.76 -2.73 -9.97
CA GLY A 177 -16.41 -3.56 -11.02
C GLY A 177 -15.34 -4.38 -11.75
N ARG A 178 -14.31 -3.76 -12.24
CA ARG A 178 -13.25 -4.53 -12.94
C ARG A 178 -12.59 -5.49 -11.95
N LEU A 179 -12.28 -5.01 -10.77
CA LEU A 179 -11.63 -5.90 -9.76
C LEU A 179 -12.60 -7.02 -9.39
N ARG A 180 -13.87 -6.73 -9.36
CA ARG A 180 -14.87 -7.78 -9.00
C ARG A 180 -14.72 -8.94 -9.98
N ALA A 181 -14.48 -8.66 -11.23
CA ALA A 181 -14.34 -9.75 -12.23
C ALA A 181 -13.15 -10.63 -11.86
N ILE A 182 -12.08 -10.04 -11.41
CA ILE A 182 -10.88 -10.85 -11.02
C ILE A 182 -11.26 -11.80 -9.89
N LEU A 183 -11.83 -11.29 -8.84
CA LEU A 183 -12.23 -12.16 -7.70
C LEU A 183 -13.41 -13.05 -8.12
N GLN A 184 -14.27 -12.55 -8.96
CA GLN A 184 -15.43 -13.36 -9.41
C GLN A 184 -14.94 -14.60 -10.16
N ASN A 185 -13.84 -14.49 -10.84
CA ASN A 185 -13.31 -15.67 -11.59
C ASN A 185 -12.58 -16.59 -10.64
N GLN A 186 -12.62 -16.31 -9.36
CA GLN A 186 -11.93 -17.19 -8.39
C GLN A 186 -12.47 -18.61 -8.57
N GLU A 187 -11.76 -19.42 -9.29
CA GLU A 187 -12.24 -20.81 -9.53
C GLU A 187 -12.18 -21.60 -8.22
N ASN A 188 -13.22 -22.33 -7.93
CA ASN A 188 -13.23 -23.13 -6.67
C ASN A 188 -12.06 -24.10 -6.67
P C38 B 6 9.49 2.61 -10.82
O1P C38 B 6 10.20 2.98 -9.57
O2P C38 B 6 9.47 3.56 -11.95
O5' C38 B 6 10.11 1.21 -11.35
C5' C38 B 6 10.10 0.05 -10.53
C4' C38 B 6 10.80 -1.13 -11.17
O4' C38 B 6 10.26 -1.40 -12.46
C3' C38 B 6 12.28 -0.92 -11.37
O3' C38 B 6 12.92 -1.32 -10.14
C2' C38 B 6 12.62 -1.85 -12.52
C1' C38 B 6 11.29 -1.99 -13.27
N1 C38 B 6 11.27 -1.34 -14.58
C2 C38 B 6 12.25 -1.68 -15.49
O2 C38 B 6 13.12 -2.50 -15.19
N3 C38 B 6 12.24 -1.08 -16.72
C4 C38 B 6 11.30 -0.19 -17.04
N4 C38 B 6 11.31 0.38 -18.23
C5 C38 B 6 10.27 0.17 -16.10
C6 C38 B 6 10.29 -0.43 -14.89
I C38 B 6 8.79 1.56 -16.60
H5'1 C38 B 6 9.07 -0.23 -10.32
H5'2 C38 B 6 10.59 0.29 -9.59
H4' C38 B 6 10.65 -2.01 -10.55
H3' C38 B 6 12.50 0.13 -11.61
H2'1 C38 B 6 13.37 -1.38 -13.16
H2'2 C38 B 6 12.96 -2.81 -12.15
H1' C38 B 6 11.07 -3.06 -13.39
H4N1 C38 B 6 12.04 0.13 -18.91
H4N2 C38 B 6 10.60 1.05 -18.49
H6 C38 B 6 9.52 -0.18 -14.16
ZN ZN C . 8.55 -3.59 -7.43
N MET A 1 5.43 15.65 10.14
CA MET A 1 4.20 15.39 9.34
C MET A 1 3.47 16.71 9.07
N ASP A 2 3.07 16.93 7.85
CA ASP A 2 2.35 18.19 7.54
C ASP A 2 0.84 17.90 7.50
N PRO A 3 0.02 18.84 7.87
CA PRO A 3 -1.45 18.63 7.89
C PRO A 3 -1.95 17.99 6.58
N PRO A 4 -1.52 18.48 5.44
CA PRO A 4 -1.95 17.94 4.13
C PRO A 4 -0.93 16.93 3.55
N THR A 5 -0.06 16.39 4.37
CA THR A 5 0.95 15.43 3.85
C THR A 5 0.25 14.27 3.15
N PHE A 6 -0.78 13.74 3.75
CA PHE A 6 -1.49 12.60 3.12
C PHE A 6 -2.29 13.08 1.91
N THR A 7 -3.08 14.10 2.08
CA THR A 7 -3.88 14.64 0.95
C THR A 7 -2.94 15.06 -0.20
N PHE A 8 -1.81 15.61 0.13
CA PHE A 8 -0.87 16.05 -0.95
C PHE A 8 -0.54 14.87 -1.85
N ASN A 9 -0.13 13.77 -1.28
CA ASN A 9 0.21 12.58 -2.11
C ASN A 9 -1.02 12.16 -2.92
N PHE A 10 -2.17 12.15 -2.31
CA PHE A 10 -3.42 11.76 -3.03
C PHE A 10 -3.80 12.85 -4.03
N ASN A 11 -3.36 14.06 -3.80
CA ASN A 11 -3.71 15.17 -4.75
C ASN A 11 -2.79 15.08 -5.97
N ASN A 12 -2.21 13.94 -6.21
CA ASN A 12 -1.31 13.79 -7.39
C ASN A 12 -2.15 13.58 -8.64
N GLU A 13 -3.43 13.82 -8.56
CA GLU A 13 -4.31 13.63 -9.75
C GLU A 13 -3.73 14.38 -10.97
N PRO A 14 -3.26 15.59 -10.76
CA PRO A 14 -2.67 16.42 -11.86
C PRO A 14 -1.25 15.98 -12.25
N TRP A 15 -0.65 15.11 -11.49
CA TRP A 15 0.74 14.66 -11.82
C TRP A 15 0.78 14.09 -13.25
N VAL A 16 -0.35 13.89 -13.87
CA VAL A 16 -0.35 13.36 -15.25
C VAL A 16 0.23 14.42 -16.19
N ARG A 17 1.48 14.78 -16.00
CA ARG A 17 2.12 15.80 -16.87
C ARG A 17 3.23 15.14 -17.69
N GLY A 18 3.30 13.83 -17.65
CA GLY A 18 4.37 13.12 -18.41
C GLY A 18 5.51 12.76 -17.47
N ARG A 19 5.28 12.89 -16.18
CA ARG A 19 6.35 12.55 -15.19
C ARG A 19 5.86 11.41 -14.30
N HIS A 20 6.76 10.60 -13.81
CA HIS A 20 6.33 9.46 -12.94
C HIS A 20 6.66 9.77 -11.47
N GLU A 21 5.65 9.96 -10.67
CA GLU A 21 5.88 10.27 -9.23
C GLU A 21 5.18 9.20 -8.38
N THR A 22 5.82 8.72 -7.34
CA THR A 22 5.18 7.68 -6.49
C THR A 22 5.21 8.10 -5.02
N TYR A 23 4.09 7.97 -4.34
CA TYR A 23 4.05 8.33 -2.89
C TYR A 23 3.57 7.11 -2.11
N LEU A 24 4.36 6.62 -1.19
CA LEU A 24 3.94 5.43 -0.40
C LEU A 24 4.01 5.72 1.10
N CYS A 25 2.99 5.36 1.82
CA CYS A 25 2.98 5.60 3.30
C CYS A 25 2.76 4.26 3.99
N TYR A 26 3.55 3.95 5.00
CA TYR A 26 3.37 2.64 5.69
C TYR A 26 3.52 2.80 7.20
N GLU A 27 3.11 1.80 7.93
CA GLU A 27 3.21 1.85 9.41
C GLU A 27 3.53 0.44 9.94
N VAL A 28 4.15 0.35 11.08
CA VAL A 28 4.49 -1.00 11.66
C VAL A 28 3.94 -1.09 13.08
N GLU A 29 3.41 -2.22 13.44
CA GLU A 29 2.84 -2.39 14.82
C GLU A 29 3.38 -3.67 15.44
N ARG A 30 3.52 -3.69 16.74
CA ARG A 30 4.02 -4.93 17.41
C ARG A 30 2.87 -5.55 18.20
N MET A 31 2.54 -6.78 17.90
CA MET A 31 1.43 -7.44 18.63
C MET A 31 1.91 -8.75 19.27
N HIS A 32 1.62 -8.94 20.53
CA HIS A 32 2.02 -10.20 21.22
C HIS A 32 0.76 -11.00 21.51
N ASN A 33 0.82 -12.30 21.40
CA ASN A 33 -0.41 -13.12 21.64
C ASN A 33 -0.96 -12.81 23.03
N ASP A 34 -0.12 -12.60 24.00
CA ASP A 34 -0.63 -12.31 25.37
C ASP A 34 -1.19 -10.88 25.40
N THR A 35 -0.51 -9.96 24.78
CA THR A 35 -0.99 -8.55 24.78
C THR A 35 -0.68 -7.88 23.44
N TRP A 36 -1.31 -6.78 23.15
CA TRP A 36 -1.04 -6.08 21.87
C TRP A 36 -0.29 -4.78 22.18
N VAL A 37 0.74 -4.47 21.44
CA VAL A 37 1.51 -3.23 21.71
C VAL A 37 1.49 -2.31 20.50
N LEU A 38 1.24 -1.04 20.72
CA LEU A 38 1.23 -0.07 19.59
C LEU A 38 2.59 0.63 19.53
N LEU A 39 3.31 0.44 18.48
CA LEU A 39 4.64 1.09 18.37
C LEU A 39 4.48 2.55 17.91
N ASN A 40 4.99 3.48 18.66
CA ASN A 40 4.87 4.91 18.27
C ASN A 40 5.58 5.13 16.93
N GLN A 41 6.66 4.43 16.71
CA GLN A 41 7.40 4.61 15.44
C GLN A 41 6.71 3.82 14.34
N ARG A 42 5.40 3.82 14.33
CA ARG A 42 4.66 3.06 13.28
C ARG A 42 4.34 3.98 12.11
N ARG A 43 5.19 4.93 11.83
CA ARG A 43 4.92 5.85 10.68
C ARG A 43 6.21 6.03 9.86
N GLY A 44 6.09 6.08 8.56
CA GLY A 44 7.30 6.27 7.71
C GLY A 44 6.86 6.49 6.26
N PHE A 45 7.78 6.71 5.36
CA PHE A 45 7.39 6.92 3.94
C PHE A 45 8.41 6.25 3.02
N LEU A 46 7.96 5.72 1.91
CA LEU A 46 8.89 5.08 0.93
C LEU A 46 8.64 5.66 -0.45
N CYS A 47 9.67 5.79 -1.25
CA CYS A 47 9.48 6.36 -2.62
C CYS A 47 10.02 5.38 -3.66
N ASN A 48 9.47 5.41 -4.85
CA ASN A 48 9.93 4.49 -5.91
C ASN A 48 11.06 5.15 -6.70
N GLN A 49 11.57 6.24 -6.21
CA GLN A 49 12.67 6.94 -6.93
C GLN A 49 14.01 6.55 -6.29
N ALA A 50 14.96 6.16 -7.09
CA ALA A 50 16.29 5.77 -6.53
C ALA A 50 16.91 6.97 -5.80
N PRO A 51 17.83 6.70 -4.91
CA PRO A 51 18.51 7.75 -4.11
C PRO A 51 19.28 8.76 -4.98
N HIS A 52 19.02 10.02 -4.81
CA HIS A 52 19.71 11.07 -5.60
C HIS A 52 21.17 11.21 -5.17
N LYS A 53 21.45 10.99 -3.92
CA LYS A 53 22.85 11.15 -3.40
C LYS A 53 23.84 10.25 -4.15
N HIS A 54 23.43 9.08 -4.56
CA HIS A 54 24.39 8.19 -5.28
C HIS A 54 24.59 8.69 -6.71
N GLY A 55 23.83 9.67 -7.13
CA GLY A 55 23.98 10.19 -8.53
C GLY A 55 22.63 10.15 -9.24
N PHE A 56 22.62 9.69 -10.46
CA PHE A 56 21.34 9.63 -11.22
C PHE A 56 20.50 8.47 -10.69
N LEU A 57 19.20 8.57 -10.81
CA LEU A 57 18.32 7.47 -10.29
C LEU A 57 18.79 6.16 -10.90
N GLU A 58 18.90 5.12 -10.11
CA GLU A 58 19.36 3.83 -10.68
C GLU A 58 18.17 2.88 -10.79
N GLY A 59 17.16 3.08 -10.00
CA GLY A 59 15.95 2.21 -10.10
C GLY A 59 15.59 1.60 -8.74
N ARG A 60 14.49 2.02 -8.18
CA ARG A 60 14.03 1.48 -6.87
C ARG A 60 12.50 1.52 -6.84
N HIS A 61 11.83 0.45 -6.51
CA HIS A 61 10.34 0.51 -6.50
C HIS A 61 9.85 0.84 -5.09
N ALA A 62 8.87 1.70 -4.99
CA ALA A 62 8.34 2.07 -3.65
C ALA A 62 7.73 0.84 -2.98
N GLU A 63 6.94 0.10 -3.71
CA GLU A 63 6.30 -1.12 -3.14
C GLU A 63 7.38 -2.15 -2.78
N LEU A 64 8.38 -2.29 -3.60
CA LEU A 64 9.47 -3.27 -3.33
C LEU A 64 10.21 -2.87 -2.05
N CYS A 65 10.42 -1.60 -1.85
CA CYS A 65 11.16 -1.14 -0.64
C CYS A 65 10.42 -1.58 0.62
N PHE A 66 9.12 -1.50 0.62
CA PHE A 66 8.35 -1.92 1.83
C PHE A 66 8.60 -3.40 2.12
N LEU A 67 8.58 -4.22 1.11
CA LEU A 67 8.81 -5.67 1.34
C LEU A 67 10.19 -5.86 1.98
N ASP A 68 11.16 -5.10 1.55
CA ASP A 68 12.53 -5.22 2.12
C ASP A 68 12.54 -4.66 3.54
N VAL A 69 11.65 -3.76 3.86
CA VAL A 69 11.62 -3.17 5.21
C VAL A 69 11.22 -4.22 6.26
N ILE A 70 10.33 -5.12 5.91
CA ILE A 70 9.91 -6.14 6.91
C ILE A 70 11.13 -6.90 7.47
N PRO A 71 11.93 -7.53 6.65
CA PRO A 71 13.14 -8.27 7.13
C PRO A 71 14.13 -7.34 7.84
N PHE A 72 14.07 -6.07 7.54
CA PHE A 72 15.01 -5.12 8.20
C PHE A 72 14.56 -4.88 9.64
N TRP A 73 13.29 -5.07 9.92
CA TRP A 73 12.80 -4.86 11.31
C TRP A 73 13.05 -6.11 12.15
N LYS A 74 13.72 -7.09 11.58
CA LYS A 74 13.99 -8.34 12.34
C LYS A 74 12.75 -8.74 13.15
N LEU A 75 11.65 -8.96 12.48
CA LEU A 75 10.41 -9.35 13.21
C LEU A 75 10.54 -10.78 13.72
N ASP A 76 10.04 -11.05 14.91
CA ASP A 76 10.13 -12.43 15.46
C ASP A 76 9.02 -13.30 14.88
N LEU A 77 9.35 -14.48 14.43
CA LEU A 77 8.33 -15.39 13.85
C LEU A 77 7.35 -15.84 14.95
N ASP A 78 7.81 -15.90 16.18
CA ASP A 78 6.92 -16.35 17.28
C ASP A 78 6.03 -15.21 17.75
N GLN A 79 6.33 -14.00 17.36
CA GLN A 79 5.49 -12.85 17.78
C GLN A 79 4.60 -12.40 16.62
N ASP A 80 3.41 -11.95 16.91
CA ASP A 80 2.50 -11.52 15.81
C ASP A 80 2.81 -10.06 15.42
N TYR A 81 2.77 -9.77 14.15
CA TYR A 81 3.06 -8.38 13.69
C TYR A 81 1.95 -7.90 12.77
N ARG A 82 1.53 -6.67 12.90
CA ARG A 82 0.47 -6.13 12.01
C ARG A 82 1.04 -4.93 11.26
N VAL A 83 1.18 -5.06 9.96
CA VAL A 83 1.75 -3.95 9.16
C VAL A 83 0.77 -3.55 8.05
N THR A 84 0.58 -2.28 7.86
CA THR A 84 -0.36 -1.83 6.79
C THR A 84 0.37 -0.85 5.86
N CYS A 85 0.06 -0.89 4.59
CA CYS A 85 0.73 0.03 3.62
C CYS A 85 -0.31 0.83 2.84
N PHE A 86 -0.20 2.13 2.82
CA PHE A 86 -1.17 2.96 2.06
C PHE A 86 -0.53 3.44 0.77
N THR A 87 -0.95 2.91 -0.34
CA THR A 87 -0.38 3.33 -1.65
C THR A 87 -1.51 3.43 -2.66
N SER A 88 -1.36 4.23 -3.69
CA SER A 88 -2.45 4.34 -4.70
C SER A 88 -1.91 4.03 -6.09
N TRP A 89 -1.54 2.80 -6.34
CA TRP A 89 -1.02 2.41 -7.70
C TRP A 89 -0.77 0.90 -7.73
N SER A 90 -0.47 0.38 -8.89
CA SER A 90 -0.22 -1.08 -9.00
C SER A 90 1.29 -1.36 -8.90
N PRO A 91 1.68 -2.42 -8.25
CA PRO A 91 3.12 -2.79 -8.10
C PRO A 91 3.72 -3.33 -9.40
N CYS A 92 5.01 -3.24 -9.56
CA CYS A 92 5.64 -3.76 -10.82
C CYS A 92 5.50 -5.29 -10.84
N PHE A 93 5.59 -5.88 -12.00
CA PHE A 93 5.45 -7.36 -12.10
C PHE A 93 6.43 -8.05 -11.16
N SER A 94 7.65 -7.59 -11.12
CA SER A 94 8.66 -8.23 -10.21
C SER A 94 8.15 -8.19 -8.77
N CYS A 95 7.48 -7.13 -8.39
CA CYS A 95 6.95 -7.03 -7.00
C CYS A 95 5.86 -8.07 -6.77
N ALA A 96 5.04 -8.30 -7.76
CA ALA A 96 3.92 -9.28 -7.61
C ALA A 96 4.46 -10.65 -7.22
N GLN A 97 5.51 -11.09 -7.85
CA GLN A 97 6.07 -12.43 -7.51
C GLN A 97 6.58 -12.44 -6.06
N GLU A 98 7.25 -11.40 -5.66
CA GLU A 98 7.80 -11.35 -4.27
C GLU A 98 6.66 -11.22 -3.24
N MET A 99 5.65 -10.45 -3.54
CA MET A 99 4.54 -10.28 -2.56
C MET A 99 3.91 -11.64 -2.23
N ALA A 100 3.71 -12.47 -3.21
CA ALA A 100 3.09 -13.80 -2.93
C ALA A 100 4.10 -14.68 -2.17
N LYS A 101 5.30 -14.81 -2.68
CA LYS A 101 6.31 -15.66 -2.00
C LYS A 101 6.68 -15.08 -0.62
N PHE A 102 6.72 -13.78 -0.51
CA PHE A 102 7.09 -13.16 0.80
C PHE A 102 6.16 -13.63 1.91
N ILE A 103 4.88 -13.55 1.71
CA ILE A 103 3.92 -13.99 2.76
C ILE A 103 4.15 -15.47 3.09
N SER A 104 4.39 -16.27 2.08
CA SER A 104 4.62 -17.71 2.34
C SER A 104 5.78 -17.86 3.34
N LYS A 105 6.75 -17.00 3.25
CA LYS A 105 7.91 -17.08 4.20
C LYS A 105 7.50 -16.52 5.56
N ASN A 106 6.53 -15.64 5.59
CA ASN A 106 6.10 -15.05 6.89
C ASN A 106 4.57 -14.86 6.89
N LYS A 107 3.84 -15.90 7.17
CA LYS A 107 2.36 -15.79 7.18
C LYS A 107 1.88 -15.32 8.56
N HIS A 108 2.79 -15.17 9.50
CA HIS A 108 2.39 -14.72 10.86
C HIS A 108 2.20 -13.20 10.88
N VAL A 109 2.57 -12.54 9.82
CA VAL A 109 2.41 -11.05 9.78
C VAL A 109 1.13 -10.69 9.03
N SER A 110 0.38 -9.74 9.53
CA SER A 110 -0.86 -9.34 8.82
C SER A 110 -0.51 -8.23 7.83
N LEU A 111 -0.49 -8.52 6.56
CA LEU A 111 -0.16 -7.49 5.55
C LEU A 111 -1.42 -7.04 4.81
N CYS A 112 -1.71 -5.76 4.84
CA CYS A 112 -2.91 -5.25 4.12
C CYS A 112 -2.50 -4.06 3.28
N ILE A 113 -2.69 -4.13 1.99
CA ILE A 113 -2.31 -3.00 1.10
C ILE A 113 -3.56 -2.42 0.45
N PHE A 114 -3.74 -1.13 0.55
CA PHE A 114 -4.95 -0.51 -0.07
C PHE A 114 -4.53 0.27 -1.33
N THR A 115 -5.13 -0.05 -2.44
CA THR A 115 -4.77 0.67 -3.70
C THR A 115 -5.97 1.50 -4.17
N ALA A 116 -5.81 2.80 -4.25
CA ALA A 116 -6.94 3.65 -4.70
C ALA A 116 -7.26 3.28 -6.15
N ARG A 117 -6.25 3.05 -6.94
CA ARG A 117 -6.47 2.66 -8.35
C ARG A 117 -5.51 1.53 -8.72
N ILE A 118 -5.96 0.59 -9.52
CA ILE A 118 -5.07 -0.55 -9.89
C ILE A 118 -4.85 -0.55 -11.40
N TYR A 119 -3.61 -0.48 -11.82
CA TYR A 119 -3.33 -0.50 -13.29
C TYR A 119 -2.93 -1.92 -13.69
N ASP A 120 -3.48 -2.44 -14.75
CA ASP A 120 -3.10 -3.81 -15.18
C ASP A 120 -1.81 -3.72 -15.99
N ASP A 121 -0.76 -4.33 -15.52
CA ASP A 121 0.54 -4.26 -16.27
C ASP A 121 0.38 -4.89 -17.65
N GLN A 122 -0.24 -6.03 -17.74
CA GLN A 122 -0.41 -6.69 -19.06
C GLN A 122 -1.75 -7.42 -19.10
N GLY A 123 -2.24 -7.73 -20.27
CA GLY A 123 -3.54 -8.46 -20.36
C GLY A 123 -3.29 -9.96 -20.22
N ARG A 124 -4.32 -10.74 -20.15
CA ARG A 124 -4.15 -12.21 -20.00
C ARG A 124 -3.37 -12.52 -18.72
N CYS A 125 -2.81 -11.53 -18.08
CA CYS A 125 -2.05 -11.78 -16.82
C CYS A 125 -3.03 -11.89 -15.65
N GLN A 126 -4.20 -12.43 -15.89
CA GLN A 126 -5.20 -12.55 -14.81
C GLN A 126 -4.59 -13.36 -13.65
N GLU A 127 -3.78 -14.33 -13.96
CA GLU A 127 -3.17 -15.15 -12.87
C GLU A 127 -2.37 -14.26 -11.92
N GLY A 128 -1.70 -13.26 -12.44
CA GLY A 128 -0.91 -12.36 -11.55
C GLY A 128 -1.86 -11.59 -10.62
N LEU A 129 -2.87 -10.97 -11.17
CA LEU A 129 -3.82 -10.21 -10.32
C LEU A 129 -4.58 -11.18 -9.42
N ARG A 130 -5.04 -12.27 -9.96
CA ARG A 130 -5.79 -13.26 -9.14
C ARG A 130 -4.86 -13.84 -8.07
N THR A 131 -3.68 -14.24 -8.47
CA THR A 131 -2.71 -14.80 -7.51
C THR A 131 -2.35 -13.72 -6.48
N LEU A 132 -2.19 -12.51 -6.93
CA LEU A 132 -1.85 -11.40 -6.00
C LEU A 132 -2.95 -11.27 -4.93
N ALA A 133 -4.18 -11.39 -5.32
CA ALA A 133 -5.27 -11.27 -4.32
C ALA A 133 -5.16 -12.44 -3.34
N GLU A 134 -4.84 -13.61 -3.82
CA GLU A 134 -4.73 -14.79 -2.92
C GLU A 134 -3.44 -14.74 -2.12
N ALA A 135 -2.31 -14.57 -2.76
CA ALA A 135 -1.02 -14.55 -2.03
C ALA A 135 -0.44 -13.13 -1.97
N GLY A 136 -0.88 -12.24 -2.81
CA GLY A 136 -0.33 -10.86 -2.77
C GLY A 136 -0.95 -10.11 -1.60
N ALA A 137 -1.07 -10.77 -0.48
CA ALA A 137 -1.66 -10.10 0.72
C ALA A 137 -3.06 -9.60 0.42
N LYS A 138 -3.72 -9.05 1.40
CA LYS A 138 -5.11 -8.55 1.19
C LYS A 138 -5.08 -7.20 0.49
N ILE A 139 -5.79 -7.07 -0.61
CA ILE A 139 -5.81 -5.77 -1.33
C ILE A 139 -7.25 -5.29 -1.49
N SER A 140 -7.51 -4.07 -1.10
CA SER A 140 -8.90 -3.53 -1.22
C SER A 140 -8.84 -2.07 -1.66
N ILE A 141 -9.93 -1.55 -2.17
CA ILE A 141 -9.93 -0.13 -2.61
C ILE A 141 -10.08 0.76 -1.37
N MET A 142 -9.34 1.83 -1.29
CA MET A 142 -9.43 2.72 -0.10
C MET A 142 -10.78 3.45 -0.10
N THR A 143 -11.43 3.49 1.04
CA THR A 143 -12.74 4.19 1.13
C THR A 143 -12.54 5.52 1.86
N TYR A 144 -13.43 6.44 1.68
CA TYR A 144 -13.29 7.76 2.36
C TYR A 144 -13.13 7.54 3.87
N SER A 145 -13.87 6.63 4.43
CA SER A 145 -13.76 6.38 5.90
C SER A 145 -12.33 5.92 6.23
N GLU A 146 -11.78 5.04 5.44
CA GLU A 146 -10.40 4.57 5.70
C GLU A 146 -9.44 5.74 5.60
N PHE A 147 -9.67 6.62 4.66
CA PHE A 147 -8.76 7.79 4.49
C PHE A 147 -8.75 8.61 5.78
N LYS A 148 -9.89 8.78 6.41
CA LYS A 148 -9.94 9.57 7.66
C LYS A 148 -8.99 8.97 8.70
N HIS A 149 -8.94 7.66 8.79
CA HIS A 149 -8.03 7.03 9.79
C HIS A 149 -6.59 7.41 9.47
N CYS A 150 -6.18 7.27 8.24
CA CYS A 150 -4.80 7.64 7.86
C CYS A 150 -4.62 9.14 8.05
N TRP A 151 -5.65 9.90 7.78
CA TRP A 151 -5.56 11.37 7.93
C TRP A 151 -5.17 11.72 9.38
N ASP A 152 -5.80 11.09 10.34
CA ASP A 152 -5.46 11.40 11.76
C ASP A 152 -4.04 10.93 12.10
N THR A 153 -3.66 9.76 11.67
CA THR A 153 -2.31 9.24 12.01
C THR A 153 -1.21 9.91 11.17
N PHE A 154 -1.38 9.95 9.88
CA PHE A 154 -0.32 10.57 9.01
C PHE A 154 -0.27 12.08 9.19
N VAL A 155 -1.38 12.72 9.45
CA VAL A 155 -1.37 14.20 9.61
C VAL A 155 -2.05 14.59 10.92
N ASP A 156 -1.57 15.61 11.56
CA ASP A 156 -2.20 16.06 12.82
C ASP A 156 -3.59 16.63 12.50
N HIS A 157 -4.60 15.81 12.55
CA HIS A 157 -5.98 16.29 12.25
C HIS A 157 -6.39 17.38 13.24
N GLN A 158 -5.89 17.31 14.44
CA GLN A 158 -6.27 18.35 15.44
C GLN A 158 -5.85 19.73 14.91
N GLY A 159 -6.81 20.58 14.63
CA GLY A 159 -6.48 21.93 14.12
C GLY A 159 -6.55 21.93 12.58
N CYS A 160 -6.50 20.77 11.98
CA CYS A 160 -6.57 20.70 10.49
C CYS A 160 -7.70 19.74 10.08
N PRO A 161 -8.90 20.24 9.96
CA PRO A 161 -10.08 19.41 9.56
C PRO A 161 -9.97 18.92 8.11
N PHE A 162 -10.50 17.76 7.84
CA PHE A 162 -10.45 17.21 6.45
C PHE A 162 -11.84 17.27 5.83
N GLN A 163 -11.92 17.70 4.60
CA GLN A 163 -13.25 17.78 3.92
C GLN A 163 -13.38 16.64 2.90
N PRO A 164 -14.10 15.60 3.22
CA PRO A 164 -14.27 14.43 2.31
C PRO A 164 -15.31 14.68 1.21
N TRP A 165 -15.11 14.10 0.06
CA TRP A 165 -16.08 14.29 -1.06
C TRP A 165 -16.45 12.90 -1.62
N ASP A 166 -17.57 12.79 -2.29
CA ASP A 166 -17.97 11.47 -2.84
C ASP A 166 -17.36 11.28 -4.23
N GLY A 167 -16.21 11.86 -4.45
CA GLY A 167 -15.55 11.71 -5.78
C GLY A 167 -14.76 10.39 -5.80
N LEU A 168 -13.96 10.18 -4.80
CA LEU A 168 -13.17 8.92 -4.74
C LEU A 168 -14.13 7.73 -4.66
N ASP A 169 -15.22 7.89 -3.97
CA ASP A 169 -16.20 6.78 -3.85
C ASP A 169 -16.72 6.39 -5.24
N GLU A 170 -17.06 7.36 -6.04
CA GLU A 170 -17.56 7.03 -7.40
C GLU A 170 -16.43 6.41 -8.22
N HIS A 171 -15.26 6.97 -8.13
CA HIS A 171 -14.10 6.43 -8.89
C HIS A 171 -13.83 5.00 -8.41
N SER A 172 -13.94 4.76 -7.14
CA SER A 172 -13.70 3.39 -6.61
C SER A 172 -14.65 2.40 -7.27
N GLN A 173 -15.86 2.81 -7.53
CA GLN A 173 -16.83 1.88 -8.18
C GLN A 173 -16.28 1.43 -9.53
N ASP A 174 -15.69 2.34 -10.28
CA ASP A 174 -15.13 1.97 -11.60
C ASP A 174 -13.98 0.98 -11.42
N LEU A 175 -13.06 1.28 -10.53
CA LEU A 175 -11.92 0.37 -10.29
C LEU A 175 -12.42 -0.93 -9.66
N SER A 176 -13.40 -0.83 -8.79
CA SER A 176 -13.92 -2.06 -8.15
C SER A 176 -14.53 -2.97 -9.21
N GLY A 177 -15.05 -2.41 -10.26
CA GLY A 177 -15.65 -3.24 -11.33
C GLY A 177 -14.57 -4.12 -11.97
N ARG A 178 -13.50 -3.53 -12.40
CA ARG A 178 -12.41 -4.36 -13.03
C ARG A 178 -11.87 -5.36 -12.01
N LEU A 179 -11.62 -4.93 -10.80
CA LEU A 179 -11.08 -5.88 -9.78
C LEU A 179 -12.15 -6.94 -9.48
N ARG A 180 -13.40 -6.56 -9.50
CA ARG A 180 -14.48 -7.54 -9.22
C ARG A 180 -14.37 -8.70 -10.21
N ALA A 181 -14.06 -8.41 -11.44
CA ALA A 181 -13.95 -9.49 -12.46
C ALA A 181 -12.83 -10.46 -12.06
N ILE A 182 -11.74 -9.96 -11.57
CA ILE A 182 -10.62 -10.85 -11.18
C ILE A 182 -11.09 -11.81 -10.09
N LEU A 183 -11.65 -11.28 -9.04
CA LEU A 183 -12.14 -12.15 -7.93
C LEU A 183 -13.37 -12.94 -8.39
N GLN A 184 -14.19 -12.34 -9.23
CA GLN A 184 -15.40 -13.06 -9.71
C GLN A 184 -14.99 -14.31 -10.49
N ASN A 185 -13.88 -14.25 -11.17
CA ASN A 185 -13.42 -15.43 -11.95
C ASN A 185 -12.71 -16.40 -11.02
N GLN A 186 -12.73 -16.15 -9.75
CA GLN A 186 -12.06 -17.09 -8.80
C GLN A 186 -12.59 -18.49 -9.05
N GLU A 187 -11.87 -19.28 -9.80
CA GLU A 187 -12.35 -20.66 -10.11
C GLU A 187 -12.28 -21.51 -8.84
N ASN A 188 -13.33 -22.24 -8.57
CA ASN A 188 -13.34 -23.10 -7.35
C ASN A 188 -12.28 -24.19 -7.49
P C38 B 6 9.20 2.56 -10.64
O1P C38 B 6 9.99 2.84 -9.41
O2P C38 B 6 9.13 3.59 -11.70
O5' C38 B 6 9.78 1.20 -11.30
C5' C38 B 6 9.83 -0.02 -10.56
C4' C38 B 6 10.41 -1.16 -11.39
O4' C38 B 6 9.69 -1.31 -12.62
C3' C38 B 6 11.85 -0.95 -11.77
O3' C38 B 6 12.64 -1.46 -10.70
C2' C38 B 6 12.02 -1.79 -13.03
C1' C38 B 6 10.60 -1.82 -13.61
N1 C38 B 6 10.44 -0.99 -14.83
C2 C38 B 6 10.88 0.32 -14.76
O2 C38 B 6 11.39 0.75 -13.73
N3 C38 B 6 10.74 1.11 -15.86
C4 C38 B 6 10.18 0.62 -16.98
N4 C38 B 6 10.05 1.42 -18.05
C5 C38 B 6 9.72 -0.72 -17.05
C6 C38 B 6 9.86 -1.49 -15.95
I C38 B 6 8.84 -1.49 -18.79
H5'1 C38 B 6 8.83 -0.29 -10.23
H5'2 C38 B 6 10.45 0.13 -9.67
H4' C38 B 6 10.32 -2.09 -10.83
H3' C38 B 6 12.07 0.10 -11.96
H2'1 C38 B 6 12.71 -1.32 -13.73
H2'2 C38 B 6 12.34 -2.81 -12.78
H1' C38 B 6 10.33 -2.85 -13.85
H4N1 C38 B 6 10.38 2.37 -18.00
H4N2 C38 B 6 9.63 1.06 -18.89
H6 C38 B 6 9.52 -2.53 -15.97
ZN ZN C . 8.60 -3.38 -7.86
N MET A 1 6.20 14.31 9.96
CA MET A 1 5.14 14.51 8.94
C MET A 1 5.42 15.81 8.17
N ASP A 2 5.31 15.76 6.88
CA ASP A 2 5.55 16.97 6.05
C ASP A 2 4.20 17.53 5.66
N PRO A 3 4.13 18.76 5.21
CA PRO A 3 2.86 19.39 4.80
C PRO A 3 1.94 18.34 4.18
N PRO A 4 0.65 18.55 4.24
CA PRO A 4 -0.37 17.60 3.71
C PRO A 4 0.17 16.66 2.61
N THR A 5 1.03 15.74 2.97
CA THR A 5 1.59 14.80 1.96
C THR A 5 0.50 13.83 1.50
N PHE A 6 -0.26 13.31 2.43
CA PHE A 6 -1.34 12.36 2.04
C PHE A 6 -2.31 13.06 1.09
N THR A 7 -2.75 14.23 1.47
CA THR A 7 -3.69 14.99 0.60
C THR A 7 -3.00 15.33 -0.71
N PHE A 8 -1.77 15.77 -0.65
CA PHE A 8 -1.05 16.12 -1.90
C PHE A 8 -0.88 14.86 -2.76
N ASN A 9 -0.39 13.82 -2.16
CA ASN A 9 -0.19 12.56 -2.92
C ASN A 9 -1.53 12.04 -3.45
N PHE A 10 -2.56 12.05 -2.64
CA PHE A 10 -3.89 11.57 -3.12
C PHE A 10 -4.47 12.58 -4.11
N ASN A 11 -4.27 13.85 -3.87
CA ASN A 11 -4.80 14.87 -4.80
C ASN A 11 -3.80 15.09 -5.93
N ASN A 12 -2.86 14.19 -6.05
CA ASN A 12 -1.83 14.30 -7.12
C ASN A 12 -2.48 14.13 -8.50
N GLU A 13 -3.73 14.50 -8.63
CA GLU A 13 -4.41 14.36 -9.95
C GLU A 13 -3.64 15.14 -11.02
N PRO A 14 -3.19 16.33 -10.69
CA PRO A 14 -2.42 17.21 -11.63
C PRO A 14 -1.04 16.62 -11.98
N TRP A 15 -0.57 15.67 -11.22
CA TRP A 15 0.77 15.09 -11.51
C TRP A 15 0.79 14.48 -12.91
N VAL A 16 -0.35 14.38 -13.55
CA VAL A 16 -0.37 13.81 -14.92
C VAL A 16 0.31 14.78 -15.89
N ARG A 17 1.57 15.04 -15.68
CA ARG A 17 2.30 15.98 -16.59
C ARG A 17 3.35 15.21 -17.40
N GLY A 18 3.31 13.90 -17.35
CA GLY A 18 4.31 13.10 -18.10
C GLY A 18 5.44 12.68 -17.16
N ARG A 19 5.26 12.86 -15.88
CA ARG A 19 6.31 12.48 -14.90
C ARG A 19 5.80 11.31 -14.05
N HIS A 20 6.68 10.47 -13.57
CA HIS A 20 6.23 9.32 -12.74
C HIS A 20 6.57 9.58 -11.26
N GLU A 21 5.57 9.75 -10.45
CA GLU A 21 5.80 10.01 -9.00
C GLU A 21 5.11 8.91 -8.18
N THR A 22 5.74 8.42 -7.14
CA THR A 22 5.10 7.36 -6.32
C THR A 22 5.11 7.77 -4.84
N TYR A 23 4.00 7.63 -4.17
CA TYR A 23 3.95 7.99 -2.72
C TYR A 23 3.48 6.76 -1.93
N LEU A 24 4.26 6.31 -0.98
CA LEU A 24 3.85 5.12 -0.19
C LEU A 24 4.06 5.39 1.30
N CYS A 25 3.05 5.18 2.10
CA CYS A 25 3.18 5.39 3.56
C CYS A 25 2.74 4.12 4.28
N TYR A 26 3.50 3.65 5.22
CA TYR A 26 3.12 2.39 5.93
C TYR A 26 3.37 2.51 7.43
N GLU A 27 2.75 1.65 8.19
CA GLU A 27 2.93 1.65 9.66
C GLU A 27 3.10 0.20 10.13
N VAL A 28 3.70 -0.01 11.27
CA VAL A 28 3.91 -1.40 11.77
C VAL A 28 3.33 -1.52 13.18
N GLU A 29 2.69 -2.62 13.47
CA GLU A 29 2.10 -2.81 14.83
C GLU A 29 2.67 -4.08 15.45
N ARG A 30 2.88 -4.09 16.75
CA ARG A 30 3.42 -5.31 17.41
C ARG A 30 2.35 -5.91 18.31
N MET A 31 2.02 -7.16 18.11
CA MET A 31 0.96 -7.81 18.94
C MET A 31 1.52 -9.04 19.64
N HIS A 32 1.33 -9.13 20.93
CA HIS A 32 1.82 -10.33 21.68
C HIS A 32 0.61 -10.98 22.36
N ASN A 33 0.54 -12.29 22.35
CA ASN A 33 -0.63 -12.97 22.98
C ASN A 33 -0.77 -12.54 24.45
N ASP A 34 0.33 -12.36 25.13
CA ASP A 34 0.24 -11.94 26.56
C ASP A 34 -0.21 -10.48 26.64
N THR A 35 0.30 -9.65 25.79
CA THR A 35 -0.09 -8.21 25.83
C THR A 35 -0.17 -7.65 24.42
N TRP A 36 -0.85 -6.54 24.24
CA TRP A 36 -0.95 -5.93 22.89
C TRP A 36 -0.11 -4.64 22.88
N VAL A 37 0.70 -4.46 21.87
CA VAL A 37 1.56 -3.24 21.82
C VAL A 37 1.30 -2.46 20.53
N LEU A 38 1.08 -1.18 20.63
CA LEU A 38 0.84 -0.37 19.41
C LEU A 38 2.12 0.38 19.02
N LEU A 39 2.80 -0.06 18.02
CA LEU A 39 4.05 0.62 17.59
C LEU A 39 3.69 1.74 16.61
N ASN A 40 2.45 2.14 16.60
CA ASN A 40 2.02 3.22 15.66
C ASN A 40 2.80 4.49 15.96
N GLN A 41 3.35 4.61 17.13
CA GLN A 41 4.12 5.84 17.48
C GLN A 41 5.21 6.06 16.43
N ARG A 42 5.73 5.00 15.85
CA ARG A 42 6.80 5.16 14.83
C ARG A 42 6.20 4.89 13.44
N ARG A 43 6.46 5.75 12.50
CA ARG A 43 5.91 5.56 11.12
C ARG A 43 7.02 5.82 10.10
N GLY A 44 6.91 5.27 8.92
CA GLY A 44 7.96 5.49 7.90
C GLY A 44 7.32 5.71 6.52
N PHE A 45 8.08 6.19 5.58
CA PHE A 45 7.53 6.41 4.21
C PHE A 45 8.46 5.79 3.17
N LEU A 46 7.93 5.25 2.11
CA LEU A 46 8.80 4.65 1.05
C LEU A 46 8.50 5.29 -0.30
N CYS A 47 9.49 5.41 -1.13
CA CYS A 47 9.26 6.03 -2.48
C CYS A 47 9.81 5.09 -3.56
N ASN A 48 9.24 5.14 -4.74
CA ASN A 48 9.71 4.25 -5.82
C ASN A 48 10.84 4.95 -6.59
N GLN A 49 11.36 6.02 -6.05
CA GLN A 49 12.46 6.74 -6.74
C GLN A 49 13.80 6.36 -6.11
N ALA A 50 14.82 6.20 -6.90
CA ALA A 50 16.15 5.82 -6.34
C ALA A 50 16.79 7.04 -5.64
N PRO A 51 17.74 6.81 -4.77
CA PRO A 51 18.42 7.91 -4.03
C PRO A 51 18.91 9.03 -4.96
N HIS A 52 18.49 10.24 -4.70
CA HIS A 52 18.91 11.40 -5.53
C HIS A 52 20.38 11.74 -5.29
N LYS A 53 20.85 11.52 -4.11
CA LYS A 53 22.26 11.85 -3.77
C LYS A 53 23.25 11.17 -4.72
N HIS A 54 22.98 9.98 -5.15
CA HIS A 54 23.94 9.30 -6.06
C HIS A 54 23.86 9.87 -7.47
N GLY A 55 22.89 10.71 -7.75
CA GLY A 55 22.78 11.26 -9.14
C GLY A 55 21.41 10.91 -9.70
N PHE A 56 21.38 10.41 -10.91
CA PHE A 56 20.08 10.04 -11.53
C PHE A 56 19.54 8.79 -10.86
N LEU A 57 18.25 8.58 -10.92
CA LEU A 57 17.65 7.38 -10.27
C LEU A 57 18.33 6.13 -10.81
N GLU A 58 18.56 5.15 -9.98
CA GLU A 58 19.20 3.90 -10.44
C GLU A 58 18.12 2.83 -10.56
N GLY A 59 17.05 3.00 -9.83
CA GLY A 59 15.92 2.03 -9.90
C GLY A 59 15.55 1.54 -8.49
N ARG A 60 14.40 1.94 -8.01
CA ARG A 60 13.91 1.48 -6.68
C ARG A 60 12.38 1.44 -6.70
N HIS A 61 11.76 0.36 -6.29
CA HIS A 61 10.26 0.34 -6.32
C HIS A 61 9.72 0.69 -4.94
N ALA A 62 8.71 1.50 -4.88
CA ALA A 62 8.12 1.87 -3.56
C ALA A 62 7.54 0.62 -2.90
N GLU A 63 6.82 -0.16 -3.64
CA GLU A 63 6.21 -1.40 -3.07
C GLU A 63 7.31 -2.38 -2.66
N LEU A 64 8.35 -2.48 -3.45
CA LEU A 64 9.46 -3.43 -3.12
C LEU A 64 10.15 -3.01 -1.83
N CYS A 65 10.30 -1.72 -1.62
CA CYS A 65 10.98 -1.25 -0.37
C CYS A 65 10.20 -1.71 0.85
N PHE A 66 8.90 -1.67 0.78
CA PHE A 66 8.08 -2.11 1.95
C PHE A 66 8.34 -3.58 2.26
N LEU A 67 8.43 -4.40 1.25
CA LEU A 67 8.66 -5.85 1.50
C LEU A 67 9.98 -6.03 2.28
N ASP A 68 10.97 -5.22 1.98
CA ASP A 68 12.27 -5.34 2.70
C ASP A 68 12.13 -4.77 4.11
N VAL A 69 11.18 -3.91 4.33
CA VAL A 69 11.02 -3.31 5.68
C VAL A 69 10.57 -4.37 6.69
N ILE A 70 9.70 -5.27 6.31
CA ILE A 70 9.24 -6.31 7.27
C ILE A 70 10.43 -7.05 7.90
N PRO A 71 11.30 -7.66 7.11
CA PRO A 71 12.48 -8.39 7.65
C PRO A 71 13.42 -7.45 8.42
N PHE A 72 13.36 -6.18 8.15
CA PHE A 72 14.25 -5.22 8.85
C PHE A 72 13.76 -5.01 10.29
N TRP A 73 12.49 -5.21 10.53
CA TRP A 73 11.96 -5.01 11.91
C TRP A 73 12.20 -6.27 12.75
N LYS A 74 12.78 -7.29 12.16
CA LYS A 74 13.05 -8.54 12.91
C LYS A 74 11.87 -8.86 13.83
N LEU A 75 10.69 -8.96 13.28
CA LEU A 75 9.49 -9.26 14.12
C LEU A 75 9.56 -10.72 14.59
N ASP A 76 9.16 -10.97 15.81
CA ASP A 76 9.21 -12.37 16.33
C ASP A 76 8.16 -13.23 15.62
N LEU A 77 8.56 -14.36 15.11
CA LEU A 77 7.61 -15.25 14.40
C LEU A 77 6.58 -15.82 15.39
N ASP A 78 6.95 -15.94 16.63
CA ASP A 78 6.00 -16.50 17.64
C ASP A 78 5.03 -15.42 18.10
N GLN A 79 5.30 -14.19 17.79
CA GLN A 79 4.38 -13.09 18.21
C GLN A 79 3.56 -12.63 17.00
N ASP A 80 2.33 -12.25 17.21
CA ASP A 80 1.50 -11.80 16.07
C ASP A 80 1.93 -10.41 15.62
N TYR A 81 1.94 -10.15 14.34
CA TYR A 81 2.35 -8.81 13.84
C TYR A 81 1.32 -8.30 12.82
N ARG A 82 0.88 -7.08 12.95
CA ARG A 82 -0.10 -6.52 11.98
C ARG A 82 0.51 -5.31 11.29
N VAL A 83 0.76 -5.41 10.02
CA VAL A 83 1.37 -4.28 9.28
C VAL A 83 0.47 -3.88 8.11
N THR A 84 0.28 -2.61 7.89
CA THR A 84 -0.58 -2.16 6.77
C THR A 84 0.19 -1.17 5.89
N CYS A 85 -0.06 -1.18 4.60
CA CYS A 85 0.65 -0.25 3.68
C CYS A 85 -0.37 0.52 2.85
N PHE A 86 -0.24 1.83 2.77
CA PHE A 86 -1.21 2.62 1.96
C PHE A 86 -0.53 3.06 0.66
N THR A 87 -0.97 2.53 -0.44
CA THR A 87 -0.37 2.90 -1.75
C THR A 87 -1.49 3.03 -2.78
N SER A 88 -1.30 3.80 -3.83
CA SER A 88 -2.38 3.94 -4.84
C SER A 88 -1.82 3.68 -6.24
N TRP A 89 -1.44 2.46 -6.53
CA TRP A 89 -0.92 2.12 -7.88
C TRP A 89 -0.68 0.61 -7.99
N SER A 90 -0.36 0.13 -9.16
CA SER A 90 -0.11 -1.32 -9.34
C SER A 90 1.37 -1.63 -9.10
N PRO A 91 1.69 -2.73 -8.46
CA PRO A 91 3.10 -3.12 -8.18
C PRO A 91 3.80 -3.66 -9.44
N CYS A 92 5.10 -3.57 -9.50
CA CYS A 92 5.82 -4.09 -10.70
C CYS A 92 5.76 -5.62 -10.71
N PHE A 93 5.91 -6.23 -11.85
CA PHE A 93 5.85 -7.72 -11.92
C PHE A 93 6.84 -8.34 -10.93
N SER A 94 8.02 -7.81 -10.83
CA SER A 94 9.02 -8.38 -9.88
C SER A 94 8.46 -8.33 -8.46
N CYS A 95 7.73 -7.29 -8.13
CA CYS A 95 7.16 -7.18 -6.76
C CYS A 95 6.10 -8.26 -6.53
N ALA A 96 5.25 -8.47 -7.50
CA ALA A 96 4.16 -9.48 -7.34
C ALA A 96 4.75 -10.87 -7.10
N GLN A 97 5.74 -11.26 -7.86
CA GLN A 97 6.32 -12.62 -7.66
C GLN A 97 6.99 -12.72 -6.29
N GLU A 98 7.76 -11.75 -5.91
CA GLU A 98 8.44 -11.80 -4.58
C GLU A 98 7.43 -11.61 -3.46
N MET A 99 6.48 -10.73 -3.66
CA MET A 99 5.47 -10.46 -2.59
C MET A 99 4.71 -11.74 -2.25
N ALA A 100 4.34 -12.53 -3.22
CA ALA A 100 3.59 -13.78 -2.92
C ALA A 100 4.49 -14.72 -2.11
N LYS A 101 5.71 -14.90 -2.54
CA LYS A 101 6.63 -15.80 -1.79
C LYS A 101 6.92 -15.22 -0.40
N PHE A 102 6.94 -13.93 -0.27
CA PHE A 102 7.23 -13.31 1.05
C PHE A 102 6.26 -13.84 2.11
N ILE A 103 4.98 -13.78 1.85
CA ILE A 103 4.00 -14.28 2.86
C ILE A 103 4.26 -15.77 3.12
N SER A 104 4.61 -16.51 2.10
CA SER A 104 4.88 -17.95 2.32
C SER A 104 5.97 -18.10 3.38
N LYS A 105 6.91 -17.21 3.38
CA LYS A 105 8.00 -17.28 4.39
C LYS A 105 7.51 -16.76 5.74
N ASN A 106 6.50 -15.93 5.74
CA ASN A 106 5.99 -15.38 7.04
C ASN A 106 4.47 -15.24 6.97
N LYS A 107 3.76 -16.29 7.25
CA LYS A 107 2.27 -16.22 7.21
C LYS A 107 1.74 -15.75 8.56
N HIS A 108 2.61 -15.55 9.52
CA HIS A 108 2.16 -15.10 10.87
C HIS A 108 1.94 -13.59 10.87
N VAL A 109 2.31 -12.90 9.83
CA VAL A 109 2.12 -11.43 9.78
C VAL A 109 0.88 -11.08 8.98
N SER A 110 0.08 -10.17 9.46
CA SER A 110 -1.14 -9.78 8.70
C SER A 110 -0.77 -8.61 7.78
N LEU A 111 -0.68 -8.88 6.50
CA LEU A 111 -0.32 -7.79 5.54
C LEU A 111 -1.54 -7.37 4.73
N CYS A 112 -1.87 -6.10 4.76
CA CYS A 112 -3.03 -5.62 3.98
C CYS A 112 -2.61 -4.40 3.16
N ILE A 113 -2.75 -4.45 1.86
CA ILE A 113 -2.35 -3.29 1.01
C ILE A 113 -3.59 -2.71 0.34
N PHE A 114 -3.80 -1.43 0.46
CA PHE A 114 -5.00 -0.82 -0.18
C PHE A 114 -4.57 -0.05 -1.43
N THR A 115 -5.17 -0.32 -2.55
CA THR A 115 -4.81 0.40 -3.80
C THR A 115 -6.01 1.23 -4.25
N ALA A 116 -5.83 2.52 -4.37
CA ALA A 116 -6.96 3.38 -4.83
C ALA A 116 -7.31 2.97 -6.26
N ARG A 117 -6.31 2.62 -7.02
CA ARG A 117 -6.56 2.19 -8.43
C ARG A 117 -5.50 1.15 -8.81
N ILE A 118 -5.86 0.16 -9.57
CA ILE A 118 -4.86 -0.89 -9.94
C ILE A 118 -4.63 -0.87 -11.46
N TYR A 119 -3.41 -0.69 -11.87
CA TYR A 119 -3.11 -0.69 -13.33
C TYR A 119 -2.53 -2.05 -13.73
N ASP A 120 -3.03 -2.64 -14.77
CA ASP A 120 -2.48 -3.97 -15.20
C ASP A 120 -1.23 -3.76 -16.04
N ASP A 121 -0.10 -4.21 -15.58
CA ASP A 121 1.16 -4.03 -16.37
C ASP A 121 1.03 -4.72 -17.73
N GLN A 122 0.49 -5.90 -17.76
CA GLN A 122 0.36 -6.63 -19.06
C GLN A 122 -1.02 -7.30 -19.13
N GLY A 123 -1.47 -7.63 -20.31
CA GLY A 123 -2.80 -8.29 -20.45
C GLY A 123 -2.63 -9.80 -20.23
N ARG A 124 -3.70 -10.54 -20.32
CA ARG A 124 -3.60 -12.01 -20.11
C ARG A 124 -2.77 -12.31 -18.86
N CYS A 125 -2.47 -11.30 -18.08
CA CYS A 125 -1.67 -11.53 -16.85
C CYS A 125 -2.61 -11.64 -15.65
N GLN A 126 -3.80 -12.14 -15.87
CA GLN A 126 -4.77 -12.28 -14.75
C GLN A 126 -4.15 -13.14 -13.65
N GLU A 127 -3.33 -14.09 -14.01
CA GLU A 127 -2.71 -14.96 -12.97
C GLU A 127 -1.90 -14.10 -12.00
N GLY A 128 -1.21 -13.11 -12.50
CA GLY A 128 -0.41 -12.23 -11.60
C GLY A 128 -1.34 -11.49 -10.64
N LEU A 129 -2.37 -10.87 -11.15
CA LEU A 129 -3.32 -10.13 -10.27
C LEU A 129 -4.06 -11.12 -9.38
N ARG A 130 -4.54 -12.19 -9.94
CA ARG A 130 -5.27 -13.21 -9.14
C ARG A 130 -4.31 -13.85 -8.14
N THR A 131 -3.13 -14.19 -8.58
CA THR A 131 -2.14 -14.79 -7.65
C THR A 131 -1.83 -13.77 -6.57
N LEU A 132 -1.72 -12.53 -6.95
CA LEU A 132 -1.42 -11.46 -5.96
C LEU A 132 -2.53 -11.43 -4.90
N ALA A 133 -3.75 -11.58 -5.31
CA ALA A 133 -4.85 -11.57 -4.31
C ALA A 133 -4.71 -12.76 -3.38
N GLU A 134 -4.33 -13.90 -3.91
CA GLU A 134 -4.18 -15.11 -3.08
C GLU A 134 -2.90 -15.04 -2.23
N ALA A 135 -1.78 -14.79 -2.85
CA ALA A 135 -0.50 -14.73 -2.07
C ALA A 135 0.02 -13.30 -1.95
N GLY A 136 -0.46 -12.40 -2.77
CA GLY A 136 0.02 -11.01 -2.67
C GLY A 136 -0.70 -10.30 -1.53
N ALA A 137 -0.89 -10.99 -0.44
CA ALA A 137 -1.58 -10.38 0.72
C ALA A 137 -2.99 -9.93 0.34
N LYS A 138 -3.73 -9.44 1.29
CA LYS A 138 -5.12 -8.99 1.02
C LYS A 138 -5.08 -7.59 0.38
N ILE A 139 -5.77 -7.42 -0.73
CA ILE A 139 -5.78 -6.09 -1.41
C ILE A 139 -7.22 -5.62 -1.62
N SER A 140 -7.49 -4.40 -1.26
CA SER A 140 -8.86 -3.84 -1.43
C SER A 140 -8.77 -2.38 -1.87
N ILE A 141 -9.82 -1.83 -2.40
CA ILE A 141 -9.76 -0.40 -2.83
C ILE A 141 -9.91 0.48 -1.60
N MET A 142 -9.15 1.53 -1.51
CA MET A 142 -9.23 2.41 -0.31
C MET A 142 -10.54 3.19 -0.31
N THR A 143 -11.15 3.35 0.84
CA THR A 143 -12.43 4.09 0.92
C THR A 143 -12.18 5.45 1.59
N TYR A 144 -13.06 6.39 1.41
CA TYR A 144 -12.86 7.72 2.03
C TYR A 144 -12.69 7.57 3.55
N SER A 145 -13.44 6.68 4.15
CA SER A 145 -13.32 6.50 5.62
C SER A 145 -11.88 6.09 5.98
N GLU A 146 -11.28 5.23 5.19
CA GLU A 146 -9.89 4.80 5.48
C GLU A 146 -8.95 6.01 5.34
N PHE A 147 -9.22 6.87 4.41
CA PHE A 147 -8.35 8.07 4.21
C PHE A 147 -8.33 8.91 5.49
N LYS A 148 -9.47 9.10 6.11
CA LYS A 148 -9.50 9.92 7.35
C LYS A 148 -8.58 9.30 8.41
N HIS A 149 -8.60 8.01 8.55
CA HIS A 149 -7.73 7.36 9.57
C HIS A 149 -6.26 7.61 9.21
N CYS A 150 -5.88 7.36 7.98
CA CYS A 150 -4.48 7.60 7.58
C CYS A 150 -4.18 9.09 7.67
N TRP A 151 -5.15 9.91 7.33
CA TRP A 151 -4.95 11.38 7.39
C TRP A 151 -4.55 11.79 8.80
N ASP A 152 -5.19 11.25 9.81
CA ASP A 152 -4.84 11.66 11.20
C ASP A 152 -3.57 10.95 11.68
N THR A 153 -3.39 9.71 11.31
CA THR A 153 -2.18 8.96 11.77
C THR A 153 -0.89 9.45 11.10
N PHE A 154 -0.85 9.47 9.79
CA PHE A 154 0.39 9.90 9.09
C PHE A 154 0.61 11.41 9.24
N VAL A 155 -0.43 12.19 9.16
CA VAL A 155 -0.27 13.67 9.30
C VAL A 155 -1.24 14.21 10.35
N ASP A 156 -0.82 15.16 11.11
CA ASP A 156 -1.71 15.73 12.16
C ASP A 156 -2.68 16.73 11.53
N HIS A 157 -3.96 16.46 11.60
CA HIS A 157 -4.96 17.39 11.01
C HIS A 157 -5.15 18.59 11.94
N GLN A 158 -4.52 18.59 13.08
CA GLN A 158 -4.67 19.73 14.02
C GLN A 158 -4.42 21.04 13.27
N GLY A 159 -5.44 21.83 13.10
CA GLY A 159 -5.28 23.12 12.38
C GLY A 159 -5.52 22.88 10.89
N CYS A 160 -5.46 21.65 10.45
CA CYS A 160 -5.69 21.35 9.01
C CYS A 160 -6.79 20.28 8.90
N PRO A 161 -8.03 20.69 8.83
CA PRO A 161 -9.17 19.73 8.72
C PRO A 161 -9.33 19.18 7.29
N PHE A 162 -9.77 17.96 7.17
CA PHE A 162 -9.93 17.36 5.81
C PHE A 162 -11.42 17.33 5.46
N GLN A 163 -11.76 17.72 4.26
CA GLN A 163 -13.19 17.71 3.83
C GLN A 163 -13.40 16.59 2.80
N PRO A 164 -13.87 15.44 3.21
CA PRO A 164 -14.11 14.29 2.30
C PRO A 164 -15.38 14.45 1.47
N TRP A 165 -15.40 13.89 0.29
CA TRP A 165 -16.61 13.97 -0.58
C TRP A 165 -16.97 12.58 -1.08
N ASP A 166 -18.17 12.39 -1.54
CA ASP A 166 -18.55 11.03 -2.03
C ASP A 166 -18.29 10.92 -3.53
N GLY A 167 -17.31 11.63 -4.02
CA GLY A 167 -16.99 11.55 -5.46
C GLY A 167 -16.09 10.34 -5.70
N LEU A 168 -14.99 10.27 -5.00
CA LEU A 168 -14.07 9.11 -5.16
C LEU A 168 -14.81 7.83 -4.76
N ASP A 169 -15.67 7.91 -3.78
CA ASP A 169 -16.41 6.70 -3.33
C ASP A 169 -17.25 6.15 -4.48
N GLU A 170 -17.92 6.99 -5.22
CA GLU A 170 -18.73 6.49 -6.35
C GLU A 170 -17.80 5.89 -7.41
N HIS A 171 -16.71 6.56 -7.68
CA HIS A 171 -15.75 6.02 -8.68
C HIS A 171 -15.17 4.71 -8.17
N SER A 172 -14.92 4.62 -6.89
CA SER A 172 -14.36 3.37 -6.32
C SER A 172 -15.31 2.21 -6.59
N GLN A 173 -16.60 2.45 -6.52
CA GLN A 173 -17.56 1.35 -6.78
C GLN A 173 -17.35 0.81 -8.20
N ASP A 174 -17.14 1.69 -9.14
CA ASP A 174 -16.90 1.25 -10.53
C ASP A 174 -15.59 0.45 -10.59
N LEU A 175 -14.59 0.91 -9.90
CA LEU A 175 -13.29 0.19 -9.91
C LEU A 175 -13.49 -1.21 -9.36
N SER A 176 -14.31 -1.33 -8.35
CA SER A 176 -14.57 -2.68 -7.77
C SER A 176 -15.12 -3.59 -8.85
N GLY A 177 -15.88 -3.04 -9.77
CA GLY A 177 -16.45 -3.88 -10.85
C GLY A 177 -15.31 -4.52 -11.65
N ARG A 178 -14.36 -3.74 -12.09
CA ARG A 178 -13.24 -4.34 -12.86
C ARG A 178 -12.49 -5.36 -12.00
N LEU A 179 -12.16 -4.99 -10.79
CA LEU A 179 -11.43 -5.94 -9.90
C LEU A 179 -12.33 -7.13 -9.60
N ARG A 180 -13.61 -6.90 -9.44
CA ARG A 180 -14.56 -8.02 -9.15
C ARG A 180 -14.46 -9.07 -10.26
N ALA A 181 -14.31 -8.63 -11.48
CA ALA A 181 -14.24 -9.60 -12.61
C ALA A 181 -13.01 -10.51 -12.46
N ILE A 182 -11.89 -9.95 -12.10
CA ILE A 182 -10.67 -10.78 -11.96
C ILE A 182 -10.90 -11.82 -10.86
N LEU A 183 -11.32 -11.39 -9.71
CA LEU A 183 -11.57 -12.36 -8.60
C LEU A 183 -12.70 -13.31 -8.99
N GLN A 184 -13.67 -12.82 -9.71
CA GLN A 184 -14.81 -13.69 -10.13
C GLN A 184 -14.32 -14.79 -11.06
N ASN A 185 -13.29 -14.54 -11.83
CA ASN A 185 -12.78 -15.57 -12.77
C ASN A 185 -11.87 -16.56 -12.06
N GLN A 186 -11.75 -16.47 -10.77
CA GLN A 186 -10.88 -17.45 -10.06
C GLN A 186 -11.37 -18.85 -10.38
N GLU A 187 -10.74 -19.49 -11.33
CA GLU A 187 -11.17 -20.86 -11.70
C GLU A 187 -10.85 -21.83 -10.56
N ASN A 188 -11.78 -22.68 -10.24
CA ASN A 188 -11.55 -23.65 -9.13
C ASN A 188 -10.13 -24.23 -9.25
P C38 B 6 9.22 2.25 -10.41
O1P C38 B 6 9.96 2.48 -9.14
O2P C38 B 6 9.19 3.32 -11.43
O5' C38 B 6 9.83 0.92 -11.09
C5' C38 B 6 9.87 -0.32 -10.37
C4' C38 B 6 10.51 -1.43 -11.20
O4' C38 B 6 9.85 -1.59 -12.46
C3' C38 B 6 11.97 -1.16 -11.53
O3' C38 B 6 12.75 -1.63 -10.45
C2' C38 B 6 12.20 -1.98 -12.80
C1' C38 B 6 10.81 -2.05 -13.42
N1 C38 B 6 10.65 -1.23 -14.64
C2 C38 B 6 11.40 -1.58 -15.75
O2 C38 B 6 12.16 -2.55 -15.70
N3 C38 B 6 11.28 -0.84 -16.88
C4 C38 B 6 10.45 0.22 -16.91
N4 C38 B 6 10.35 0.93 -18.03
C5 C38 B 6 9.68 0.59 -15.77
C6 C38 B 6 9.81 -0.16 -14.66
I C38 B 6 8.39 2.23 -15.82
H5'1 C38 B 6 8.87 -0.62 -10.11
H5'2 C38 B 6 10.45 -0.19 -9.47
H4' C38 B 6 10.44 -2.37 -10.67
H3' C38 B 6 12.13 -0.10 -11.71
H2'1 C38 B 6 12.90 -1.47 -13.46
H2'2 C38 B 6 12.56 -2.97 -12.54
H1' C38 B 6 10.59 -3.09 -13.67
H4N1 C38 B 6 10.90 0.67 -18.85
H4N2 C38 B 6 9.74 1.73 -18.08
H6 C38 B 6 9.24 0.10 -13.77
ZN ZN C . 8.72 -3.55 -7.69
N MET A 1 4.69 15.43 10.32
CA MET A 1 4.03 15.58 9.00
C MET A 1 3.15 16.83 9.01
N ASP A 2 2.91 17.42 7.87
CA ASP A 2 2.06 18.63 7.82
C ASP A 2 0.61 18.20 7.61
N PRO A 3 -0.34 18.93 8.14
CA PRO A 3 -1.76 18.57 8.02
C PRO A 3 -2.17 18.22 6.58
N PRO A 4 -1.75 18.98 5.60
CA PRO A 4 -2.09 18.74 4.19
C PRO A 4 -1.04 17.93 3.40
N THR A 5 0.10 17.66 3.98
CA THR A 5 1.14 16.90 3.22
C THR A 5 0.58 15.55 2.78
N PHE A 6 -0.11 14.86 3.65
CA PHE A 6 -0.66 13.54 3.26
C PHE A 6 -1.68 13.73 2.14
N THR A 7 -2.58 14.67 2.30
CA THR A 7 -3.59 14.91 1.23
C THR A 7 -2.87 15.37 -0.04
N PHE A 8 -1.85 16.15 0.10
CA PHE A 8 -1.10 16.63 -1.09
C PHE A 8 -0.61 15.43 -1.90
N ASN A 9 -0.02 14.49 -1.24
CA ASN A 9 0.50 13.28 -1.95
C ASN A 9 -0.67 12.59 -2.68
N PHE A 10 -1.79 12.45 -2.01
CA PHE A 10 -2.96 11.80 -2.67
C PHE A 10 -3.53 12.74 -3.73
N ASN A 11 -3.31 14.02 -3.59
CA ASN A 11 -3.84 14.99 -4.59
C ASN A 11 -2.93 14.98 -5.81
N ASN A 12 -2.15 13.95 -5.98
CA ASN A 12 -1.23 13.87 -7.14
C ASN A 12 -2.03 13.61 -8.42
N GLU A 13 -3.31 13.88 -8.39
CA GLU A 13 -4.14 13.64 -9.61
C GLU A 13 -3.52 14.35 -10.82
N PRO A 14 -3.06 15.56 -10.64
CA PRO A 14 -2.44 16.36 -11.74
C PRO A 14 -1.05 15.86 -12.13
N TRP A 15 -0.45 15.01 -11.35
CA TRP A 15 0.92 14.50 -11.68
C TRP A 15 0.92 13.87 -13.07
N VAL A 16 -0.23 13.68 -13.66
CA VAL A 16 -0.28 13.07 -15.01
C VAL A 16 0.35 14.03 -16.03
N ARG A 17 1.62 14.31 -15.88
CA ARG A 17 2.30 15.23 -16.83
C ARG A 17 3.37 14.46 -17.61
N GLY A 18 3.39 13.16 -17.47
CA GLY A 18 4.41 12.35 -18.19
C GLY A 18 5.57 12.04 -17.24
N ARG A 19 5.46 12.44 -16.00
CA ARG A 19 6.55 12.17 -15.02
C ARG A 19 6.12 11.02 -14.11
N HIS A 20 7.05 10.23 -13.65
CA HIS A 20 6.68 9.09 -12.76
C HIS A 20 6.96 9.46 -11.30
N GLU A 21 5.92 9.75 -10.55
CA GLU A 21 6.10 10.11 -9.12
C GLU A 21 5.30 9.13 -8.27
N THR A 22 5.92 8.53 -7.28
CA THR A 22 5.17 7.56 -6.42
C THR A 22 5.34 7.92 -4.94
N TYR A 23 4.29 7.87 -4.19
CA TYR A 23 4.38 8.18 -2.73
C TYR A 23 3.76 7.02 -1.95
N LEU A 24 4.53 6.38 -1.10
CA LEU A 24 3.98 5.24 -0.31
C LEU A 24 4.07 5.52 1.18
N CYS A 25 3.01 5.26 1.90
CA CYS A 25 3.02 5.49 3.38
C CYS A 25 2.68 4.17 4.06
N TYR A 26 3.44 3.80 5.06
CA TYR A 26 3.17 2.49 5.74
C TYR A 26 3.25 2.65 7.26
N GLU A 27 2.67 1.73 7.98
CA GLU A 27 2.70 1.78 9.46
C GLU A 27 3.09 0.39 10.00
N VAL A 28 3.61 0.33 11.19
CA VAL A 28 4.00 -1.00 11.75
C VAL A 28 3.41 -1.14 13.16
N GLU A 29 2.93 -2.31 13.49
CA GLU A 29 2.34 -2.52 14.85
C GLU A 29 2.96 -3.78 15.46
N ARG A 30 3.09 -3.83 16.76
CA ARG A 30 3.69 -5.04 17.40
C ARG A 30 2.63 -5.70 18.28
N MET A 31 2.37 -6.95 18.07
CA MET A 31 1.34 -7.66 18.89
C MET A 31 1.95 -8.88 19.58
N HIS A 32 1.75 -8.99 20.86
CA HIS A 32 2.30 -10.17 21.61
C HIS A 32 1.13 -10.88 22.30
N ASN A 33 1.14 -12.18 22.30
CA ASN A 33 0.01 -12.93 22.93
C ASN A 33 -0.15 -12.51 24.39
N ASP A 34 0.93 -12.29 25.09
CA ASP A 34 0.82 -11.89 26.51
C ASP A 34 0.31 -10.45 26.60
N THR A 35 0.77 -9.58 25.74
CA THR A 35 0.32 -8.16 25.79
C THR A 35 0.19 -7.61 24.37
N TRP A 36 -0.55 -6.56 24.21
CA TRP A 36 -0.71 -5.93 22.85
C TRP A 36 0.02 -4.59 22.86
N VAL A 37 0.81 -4.32 21.85
CA VAL A 37 1.56 -3.03 21.82
C VAL A 37 1.21 -2.26 20.55
N LEU A 38 0.86 -1.01 20.69
CA LEU A 38 0.52 -0.19 19.49
C LEU A 38 1.72 0.66 19.08
N LEU A 39 2.40 0.28 18.04
CA LEU A 39 3.57 1.07 17.58
C LEU A 39 3.11 2.06 16.51
N ASN A 40 1.82 2.28 16.43
CA ASN A 40 1.29 3.23 15.41
C ASN A 40 1.87 4.62 15.62
N GLN A 41 2.31 4.92 16.82
CA GLN A 41 2.87 6.27 17.07
C GLN A 41 4.01 6.54 16.08
N ARG A 42 4.72 5.53 15.69
CA ARG A 42 5.84 5.75 14.72
C ARG A 42 5.33 5.52 13.29
N ARG A 43 5.63 6.43 12.40
CA ARG A 43 5.16 6.27 10.99
C ARG A 43 6.35 6.44 10.04
N GLY A 44 6.28 5.89 8.86
CA GLY A 44 7.41 6.02 7.90
C GLY A 44 6.87 6.18 6.48
N PHE A 45 7.71 6.58 5.55
CA PHE A 45 7.24 6.74 4.15
C PHE A 45 8.27 6.13 3.19
N LEU A 46 7.82 5.55 2.12
CA LEU A 46 8.77 4.94 1.13
C LEU A 46 8.47 5.51 -0.27
N CYS A 47 9.49 5.72 -1.06
CA CYS A 47 9.26 6.27 -2.43
C CYS A 47 9.84 5.30 -3.46
N ASN A 48 9.29 5.29 -4.64
CA ASN A 48 9.79 4.36 -5.68
C ASN A 48 10.90 5.06 -6.49
N GLN A 49 11.36 6.18 -6.02
CA GLN A 49 12.43 6.91 -6.75
C GLN A 49 13.80 6.45 -6.22
N ALA A 50 14.76 6.32 -7.10
CA ALA A 50 16.11 5.87 -6.66
C ALA A 50 16.73 6.94 -5.75
N PRO A 51 17.63 6.54 -4.87
CA PRO A 51 18.31 7.48 -3.93
C PRO A 51 19.26 8.44 -4.65
N HIS A 52 19.22 9.70 -4.33
CA HIS A 52 20.11 10.69 -5.01
C HIS A 52 21.56 10.49 -4.57
N LYS A 53 21.77 10.14 -3.33
CA LYS A 53 23.16 9.95 -2.82
C LYS A 53 23.89 8.87 -3.64
N HIS A 54 23.16 7.93 -4.19
CA HIS A 54 23.84 6.85 -4.97
C HIS A 54 24.34 7.40 -6.30
N GLY A 55 23.98 8.59 -6.66
CA GLY A 55 24.45 9.16 -7.96
C GLY A 55 23.23 9.52 -8.81
N PHE A 56 23.22 9.14 -10.06
CA PHE A 56 22.06 9.48 -10.93
C PHE A 56 20.86 8.62 -10.52
N LEU A 57 19.67 9.10 -10.76
CA LEU A 57 18.47 8.29 -10.39
C LEU A 57 18.39 7.10 -11.34
N GLU A 58 18.05 5.94 -10.83
CA GLU A 58 17.96 4.76 -11.70
C GLU A 58 16.56 4.16 -11.62
N GLY A 59 15.87 4.42 -10.54
CA GLY A 59 14.49 3.89 -10.39
C GLY A 59 14.47 2.85 -9.27
N ARG A 60 13.44 2.85 -8.45
CA ARG A 60 13.35 1.87 -7.34
C ARG A 60 11.87 1.54 -7.08
N HIS A 61 11.51 0.29 -6.95
CA HIS A 61 10.07 -0.03 -6.71
C HIS A 61 9.72 0.26 -5.25
N ALA A 62 8.83 1.19 -5.03
CA ALA A 62 8.43 1.53 -3.64
C ALA A 62 7.80 0.31 -2.99
N GLU A 63 7.03 -0.43 -3.75
CA GLU A 63 6.38 -1.64 -3.20
C GLU A 63 7.45 -2.66 -2.79
N LEU A 64 8.49 -2.78 -3.56
CA LEU A 64 9.58 -3.74 -3.22
C LEU A 64 10.29 -3.28 -1.94
N CYS A 65 10.47 -2.00 -1.79
CA CYS A 65 11.17 -1.48 -0.58
C CYS A 65 10.41 -1.87 0.68
N PHE A 66 9.11 -1.77 0.67
CA PHE A 66 8.33 -2.14 1.87
C PHE A 66 8.55 -3.62 2.18
N LEU A 67 8.55 -4.44 1.17
CA LEU A 67 8.76 -5.89 1.40
C LEU A 67 10.12 -6.12 2.06
N ASP A 68 11.11 -5.36 1.66
CA ASP A 68 12.46 -5.51 2.26
C ASP A 68 12.50 -4.89 3.66
N VAL A 69 11.60 -3.99 3.94
CA VAL A 69 11.58 -3.35 5.27
C VAL A 69 11.20 -4.36 6.35
N ILE A 70 10.27 -5.25 6.08
CA ILE A 70 9.87 -6.23 7.11
C ILE A 70 11.08 -7.03 7.63
N PRO A 71 11.83 -7.69 6.76
CA PRO A 71 13.02 -8.46 7.21
C PRO A 71 14.06 -7.57 7.89
N PHE A 72 14.04 -6.30 7.60
CA PHE A 72 15.04 -5.38 8.23
C PHE A 72 14.63 -5.13 9.69
N TRP A 73 13.37 -5.27 10.01
CA TRP A 73 12.93 -5.04 11.40
C TRP A 73 13.15 -6.31 12.23
N LYS A 74 13.72 -7.32 11.63
CA LYS A 74 13.96 -8.59 12.38
C LYS A 74 12.74 -8.92 13.24
N LEU A 75 11.59 -9.07 12.63
CA LEU A 75 10.36 -9.38 13.41
C LEU A 75 10.41 -10.83 13.90
N ASP A 76 9.91 -11.10 15.07
CA ASP A 76 9.93 -12.48 15.59
C ASP A 76 8.82 -13.31 14.95
N LEU A 77 9.15 -14.45 14.40
CA LEU A 77 8.12 -15.30 13.75
C LEU A 77 7.15 -15.83 14.81
N ASP A 78 7.59 -15.97 16.03
CA ASP A 78 6.69 -16.50 17.09
C ASP A 78 5.78 -15.40 17.63
N GLN A 79 6.06 -14.17 17.32
CA GLN A 79 5.21 -13.06 17.81
C GLN A 79 4.31 -12.58 16.68
N ASP A 80 3.13 -12.10 17.00
CA ASP A 80 2.20 -11.63 15.92
C ASP A 80 2.56 -10.20 15.51
N TYR A 81 2.47 -9.93 14.24
CA TYR A 81 2.78 -8.55 13.75
C TYR A 81 1.69 -8.08 12.80
N ARG A 82 1.24 -6.87 12.95
CA ARG A 82 0.18 -6.34 12.03
C ARG A 82 0.76 -5.13 11.30
N VAL A 83 1.01 -5.26 10.02
CA VAL A 83 1.60 -4.14 9.24
C VAL A 83 0.69 -3.77 8.08
N THR A 84 0.48 -2.51 7.86
CA THR A 84 -0.40 -2.08 6.72
C THR A 84 0.37 -1.12 5.83
N CYS A 85 0.17 -1.20 4.54
CA CYS A 85 0.89 -0.29 3.60
C CYS A 85 -0.12 0.53 2.81
N PHE A 86 0.04 1.82 2.79
CA PHE A 86 -0.92 2.67 2.03
C PHE A 86 -0.25 3.13 0.74
N THR A 87 -0.69 2.62 -0.36
CA THR A 87 -0.09 3.01 -1.67
C THR A 87 -1.22 3.12 -2.69
N SER A 88 -1.05 3.91 -3.73
CA SER A 88 -2.14 4.05 -4.73
C SER A 88 -1.60 3.74 -6.13
N TRP A 89 -1.25 2.51 -6.39
CA TRP A 89 -0.75 2.14 -7.75
C TRP A 89 -0.54 0.62 -7.83
N SER A 90 -0.26 0.12 -9.00
CA SER A 90 -0.05 -1.35 -9.16
C SER A 90 1.46 -1.67 -9.10
N PRO A 91 1.84 -2.74 -8.44
CA PRO A 91 3.28 -3.15 -8.33
C PRO A 91 3.80 -3.77 -9.63
N CYS A 92 5.10 -3.80 -9.82
CA CYS A 92 5.66 -4.41 -11.06
C CYS A 92 5.44 -5.92 -11.05
N PHE A 93 5.46 -6.55 -12.19
CA PHE A 93 5.23 -8.02 -12.24
C PHE A 93 6.25 -8.74 -11.33
N SER A 94 7.48 -8.34 -11.39
CA SER A 94 8.51 -9.01 -10.53
C SER A 94 8.10 -8.89 -9.06
N CYS A 95 7.57 -7.76 -8.68
CA CYS A 95 7.14 -7.57 -7.27
C CYS A 95 5.95 -8.49 -6.96
N ALA A 96 5.10 -8.70 -7.91
CA ALA A 96 3.91 -9.57 -7.66
C ALA A 96 4.37 -10.95 -7.17
N GLN A 97 5.38 -11.50 -7.78
CA GLN A 97 5.88 -12.83 -7.33
C GLN A 97 6.45 -12.73 -5.91
N GLU A 98 7.13 -11.67 -5.62
CA GLU A 98 7.74 -11.52 -4.26
C GLU A 98 6.63 -11.37 -3.21
N MET A 99 5.58 -10.67 -3.52
CA MET A 99 4.48 -10.48 -2.53
C MET A 99 3.91 -11.83 -2.10
N ALA A 100 3.70 -12.72 -3.04
CA ALA A 100 3.14 -14.05 -2.69
C ALA A 100 4.18 -14.88 -1.94
N LYS A 101 5.39 -14.96 -2.45
CA LYS A 101 6.45 -15.75 -1.78
C LYS A 101 6.76 -15.18 -0.39
N PHE A 102 6.73 -13.89 -0.25
CA PHE A 102 7.04 -13.27 1.07
C PHE A 102 6.09 -13.78 2.14
N ILE A 103 4.81 -13.66 1.93
CA ILE A 103 3.84 -14.12 2.96
C ILE A 103 4.04 -15.62 3.21
N SER A 104 4.31 -16.36 2.17
CA SER A 104 4.52 -17.82 2.36
C SER A 104 5.65 -18.04 3.36
N LYS A 105 6.64 -17.19 3.34
CA LYS A 105 7.78 -17.35 4.29
C LYS A 105 7.41 -16.75 5.64
N ASN A 106 6.39 -15.92 5.68
CA ASN A 106 5.99 -15.30 6.97
C ASN A 106 4.47 -15.13 7.01
N LYS A 107 3.75 -16.18 7.33
CA LYS A 107 2.27 -16.07 7.40
C LYS A 107 1.84 -15.56 8.77
N HIS A 108 2.77 -15.39 9.66
CA HIS A 108 2.42 -14.89 11.03
C HIS A 108 2.19 -13.38 11.02
N VAL A 109 2.54 -12.72 9.94
CA VAL A 109 2.36 -11.25 9.88
C VAL A 109 1.10 -10.92 9.07
N SER A 110 0.30 -10.00 9.56
CA SER A 110 -0.92 -9.63 8.80
C SER A 110 -0.58 -8.44 7.90
N LEU A 111 -0.47 -8.67 6.62
CA LEU A 111 -0.12 -7.56 5.68
C LEU A 111 -1.32 -7.20 4.81
N CYS A 112 -1.70 -5.95 4.80
CA CYS A 112 -2.85 -5.52 3.95
C CYS A 112 -2.43 -4.31 3.13
N ILE A 113 -2.67 -4.34 1.84
CA ILE A 113 -2.27 -3.19 0.98
C ILE A 113 -3.51 -2.54 0.35
N PHE A 114 -3.65 -1.26 0.46
CA PHE A 114 -4.83 -0.58 -0.15
C PHE A 114 -4.38 0.17 -1.40
N THR A 115 -5.01 -0.09 -2.52
CA THR A 115 -4.62 0.62 -3.76
C THR A 115 -5.77 1.51 -4.22
N ALA A 116 -5.56 2.80 -4.23
CA ALA A 116 -6.66 3.71 -4.68
C ALA A 116 -6.95 3.43 -6.16
N ARG A 117 -5.93 3.14 -6.92
CA ARG A 117 -6.16 2.84 -8.36
C ARG A 117 -5.28 1.64 -8.75
N ILE A 118 -5.78 0.77 -9.58
CA ILE A 118 -4.98 -0.41 -10.00
C ILE A 118 -4.76 -0.38 -11.51
N TYR A 119 -3.53 -0.39 -11.95
CA TYR A 119 -3.25 -0.38 -13.40
C TYR A 119 -2.96 -1.80 -13.88
N ASP A 120 -3.58 -2.22 -14.96
CA ASP A 120 -3.31 -3.60 -15.45
C ASP A 120 -2.03 -3.60 -16.29
N ASP A 121 -1.03 -4.32 -15.88
CA ASP A 121 0.24 -4.35 -16.65
C ASP A 121 -0.01 -4.87 -18.07
N GLN A 122 -0.82 -5.88 -18.20
CA GLN A 122 -1.10 -6.44 -19.55
C GLN A 122 -2.27 -7.42 -19.45
N GLY A 123 -2.79 -7.88 -20.56
CA GLY A 123 -3.93 -8.83 -20.52
C GLY A 123 -3.42 -10.20 -20.07
N ARG A 124 -4.30 -11.17 -19.97
CA ARG A 124 -3.86 -12.53 -19.53
C ARG A 124 -3.12 -12.42 -18.20
N CYS A 125 -3.03 -11.25 -17.64
CA CYS A 125 -2.33 -11.09 -16.34
C CYS A 125 -3.29 -11.40 -15.20
N GLN A 126 -4.47 -11.85 -15.52
CA GLN A 126 -5.46 -12.17 -14.47
C GLN A 126 -4.87 -13.20 -13.50
N GLU A 127 -4.06 -14.09 -14.01
CA GLU A 127 -3.46 -15.12 -13.12
C GLU A 127 -2.64 -14.44 -12.02
N GLY A 128 -1.88 -13.44 -12.37
CA GLY A 128 -1.07 -12.73 -11.35
C GLY A 128 -1.99 -12.01 -10.37
N LEU A 129 -3.03 -11.38 -10.87
CA LEU A 129 -3.97 -10.66 -9.97
C LEU A 129 -4.68 -11.65 -9.06
N ARG A 130 -5.13 -12.75 -9.59
CA ARG A 130 -5.83 -13.75 -8.74
C ARG A 130 -4.86 -14.32 -7.72
N THR A 131 -3.67 -14.67 -8.15
CA THR A 131 -2.67 -15.21 -7.20
C THR A 131 -2.29 -14.11 -6.21
N LEU A 132 -2.15 -12.91 -6.70
CA LEU A 132 -1.78 -11.78 -5.82
C LEU A 132 -2.86 -11.58 -4.75
N ALA A 133 -4.10 -11.70 -5.12
CA ALA A 133 -5.18 -11.52 -4.11
C ALA A 133 -5.09 -12.65 -3.08
N GLU A 134 -4.79 -13.84 -3.53
CA GLU A 134 -4.70 -14.99 -2.59
C GLU A 134 -3.40 -14.91 -1.78
N ALA A 135 -2.26 -14.80 -2.43
CA ALA A 135 -0.97 -14.77 -1.69
C ALA A 135 -0.38 -13.36 -1.70
N GLY A 136 -0.81 -12.50 -2.58
CA GLY A 136 -0.24 -11.12 -2.59
C GLY A 136 -0.88 -10.30 -1.48
N ALA A 137 -1.04 -10.88 -0.33
CA ALA A 137 -1.67 -10.15 0.80
C ALA A 137 -3.07 -9.68 0.41
N LYS A 138 -3.77 -9.08 1.33
CA LYS A 138 -5.15 -8.61 1.03
C LYS A 138 -5.09 -7.26 0.32
N ILE A 139 -5.77 -7.13 -0.79
CA ILE A 139 -5.75 -5.82 -1.52
C ILE A 139 -7.17 -5.33 -1.76
N SER A 140 -7.43 -4.09 -1.44
CA SER A 140 -8.79 -3.53 -1.63
C SER A 140 -8.67 -2.09 -2.10
N ILE A 141 -9.71 -1.53 -2.67
CA ILE A 141 -9.63 -0.12 -3.14
C ILE A 141 -9.80 0.79 -1.92
N MET A 142 -9.01 1.83 -1.82
CA MET A 142 -9.12 2.74 -0.65
C MET A 142 -10.43 3.51 -0.70
N THR A 143 -11.16 3.52 0.37
CA THR A 143 -12.46 4.24 0.40
C THR A 143 -12.30 5.51 1.26
N TYR A 144 -13.16 6.47 1.09
CA TYR A 144 -13.04 7.72 1.89
C TYR A 144 -12.99 7.39 3.38
N SER A 145 -13.76 6.43 3.82
CA SER A 145 -13.74 6.07 5.27
C SER A 145 -12.32 5.63 5.65
N GLU A 146 -11.73 4.78 4.86
CA GLU A 146 -10.34 4.33 5.18
C GLU A 146 -9.41 5.54 5.10
N PHE A 147 -9.68 6.43 4.18
CA PHE A 147 -8.82 7.64 4.04
C PHE A 147 -8.88 8.44 5.34
N LYS A 148 -10.03 8.52 5.95
CA LYS A 148 -10.15 9.29 7.21
C LYS A 148 -9.14 8.76 8.24
N HIS A 149 -9.05 7.47 8.36
CA HIS A 149 -8.08 6.90 9.34
C HIS A 149 -6.66 7.35 8.98
N CYS A 150 -6.30 7.27 7.73
CA CYS A 150 -4.94 7.70 7.32
C CYS A 150 -4.79 9.19 7.58
N TRP A 151 -5.85 9.93 7.39
CA TRP A 151 -5.78 11.41 7.61
C TRP A 151 -5.41 11.73 9.06
N ASP A 152 -6.05 11.10 10.01
CA ASP A 152 -5.73 11.42 11.43
C ASP A 152 -4.36 10.86 11.86
N THR A 153 -4.05 9.66 11.49
CA THR A 153 -2.75 9.05 11.93
C THR A 153 -1.53 9.66 11.22
N PHE A 154 -1.57 9.80 9.92
CA PHE A 154 -0.38 10.34 9.20
C PHE A 154 -0.17 11.83 9.47
N VAL A 155 -1.21 12.58 9.72
CA VAL A 155 -1.02 14.04 9.98
C VAL A 155 -1.70 14.44 11.29
N ASP A 156 -1.12 15.36 11.99
CA ASP A 156 -1.74 15.82 13.26
C ASP A 156 -2.95 16.68 12.89
N HIS A 157 -4.05 16.06 12.58
CA HIS A 157 -5.27 16.82 12.19
C HIS A 157 -5.75 17.69 13.35
N GLN A 158 -5.16 17.56 14.51
CA GLN A 158 -5.61 18.39 15.65
C GLN A 158 -5.63 19.86 15.22
N GLY A 159 -6.79 20.45 15.11
CA GLY A 159 -6.88 21.87 14.69
C GLY A 159 -7.05 21.94 13.17
N CYS A 160 -6.75 20.88 12.47
CA CYS A 160 -6.88 20.87 11.00
C CYS A 160 -7.77 19.69 10.57
N PRO A 161 -9.07 19.90 10.48
CA PRO A 161 -10.02 18.83 10.08
C PRO A 161 -10.01 18.56 8.58
N PHE A 162 -10.24 17.33 8.18
CA PHE A 162 -10.24 16.99 6.73
C PHE A 162 -11.68 16.97 6.21
N GLN A 163 -11.92 17.58 5.08
CA GLN A 163 -13.30 17.58 4.51
C GLN A 163 -13.36 16.58 3.35
N PRO A 164 -14.01 15.45 3.54
CA PRO A 164 -14.11 14.40 2.49
C PRO A 164 -15.19 14.71 1.44
N TRP A 165 -14.98 14.25 0.23
CA TRP A 165 -15.98 14.48 -0.85
C TRP A 165 -16.29 13.15 -1.54
N ASP A 166 -17.41 13.05 -2.21
CA ASP A 166 -17.75 11.76 -2.87
C ASP A 166 -17.14 11.71 -4.28
N GLY A 167 -16.03 12.36 -4.47
CA GLY A 167 -15.39 12.33 -5.82
C GLY A 167 -14.53 11.07 -5.93
N LEU A 168 -13.63 10.88 -5.00
CA LEU A 168 -12.77 9.67 -5.03
C LEU A 168 -13.65 8.43 -4.91
N ASP A 169 -14.70 8.52 -4.13
CA ASP A 169 -15.60 7.34 -3.97
C ASP A 169 -16.20 6.96 -5.31
N GLU A 170 -16.59 7.92 -6.11
CA GLU A 170 -17.19 7.59 -7.43
C GLU A 170 -16.15 6.80 -8.25
N HIS A 171 -14.94 7.24 -8.24
CA HIS A 171 -13.87 6.53 -9.01
C HIS A 171 -13.70 5.11 -8.44
N SER A 172 -13.81 4.97 -7.15
CA SER A 172 -13.64 3.63 -6.53
C SER A 172 -14.71 2.68 -7.08
N GLN A 173 -15.89 3.18 -7.34
CA GLN A 173 -16.96 2.31 -7.88
C GLN A 173 -16.50 1.75 -9.23
N ASP A 174 -15.88 2.57 -10.04
CA ASP A 174 -15.40 2.08 -11.35
C ASP A 174 -14.32 1.02 -11.15
N LEU A 175 -13.44 1.23 -10.21
CA LEU A 175 -12.37 0.23 -9.95
C LEU A 175 -12.99 -1.08 -9.49
N SER A 176 -14.04 -1.01 -8.71
CA SER A 176 -14.68 -2.26 -8.22
C SER A 176 -15.20 -3.07 -9.41
N GLY A 177 -15.63 -2.42 -10.45
CA GLY A 177 -16.15 -3.17 -11.62
C GLY A 177 -15.02 -4.01 -12.24
N ARG A 178 -13.91 -3.40 -12.55
CA ARG A 178 -12.79 -4.18 -13.14
C ARG A 178 -12.27 -5.21 -12.13
N LEU A 179 -12.07 -4.80 -10.91
CA LEU A 179 -11.56 -5.76 -9.89
C LEU A 179 -12.57 -6.88 -9.64
N ARG A 180 -13.84 -6.56 -9.70
CA ARG A 180 -14.87 -7.61 -9.46
C ARG A 180 -14.68 -8.75 -10.48
N ALA A 181 -14.39 -8.41 -11.71
CA ALA A 181 -14.20 -9.46 -12.73
C ALA A 181 -13.01 -10.35 -12.35
N ILE A 182 -11.96 -9.76 -11.85
CA ILE A 182 -10.77 -10.58 -11.46
C ILE A 182 -11.17 -11.53 -10.33
N LEU A 183 -11.74 -10.99 -9.29
CA LEU A 183 -12.14 -11.85 -8.15
C LEU A 183 -13.28 -12.78 -8.57
N GLN A 184 -14.16 -12.31 -9.40
CA GLN A 184 -15.30 -13.16 -9.87
C GLN A 184 -14.76 -14.34 -10.66
N ASN A 185 -13.67 -14.16 -11.36
CA ASN A 185 -13.10 -15.28 -12.16
C ASN A 185 -12.29 -16.19 -11.26
N GLN A 186 -12.33 -15.97 -9.98
CA GLN A 186 -11.56 -16.85 -9.06
C GLN A 186 -11.85 -18.30 -9.42
N GLU A 187 -10.99 -18.92 -10.18
CA GLU A 187 -11.23 -20.33 -10.57
C GLU A 187 -11.10 -21.23 -9.35
N ASN A 188 -12.01 -22.16 -9.20
CA ASN A 188 -11.96 -23.08 -8.03
C ASN A 188 -11.54 -24.47 -8.51
P C38 B 6 9.39 2.29 -10.37
O1P C38 B 6 10.10 2.65 -9.13
O2P C38 B 6 9.37 3.23 -11.50
O5' C38 B 6 9.97 0.88 -10.90
C5' C38 B 6 9.98 -0.28 -10.07
C4' C38 B 6 10.57 -1.49 -10.79
O4' C38 B 6 9.90 -1.72 -12.03
C3' C38 B 6 12.03 -1.33 -11.12
O3' C38 B 6 12.77 -1.75 -9.98
C2' C38 B 6 12.22 -2.29 -12.30
C1' C38 B 6 10.82 -2.36 -12.92
N1 C38 B 6 10.72 -1.69 -14.23
C2 C38 B 6 11.32 -2.32 -15.31
O2 C38 B 6 11.91 -3.38 -15.16
N3 C38 B 6 11.23 -1.72 -16.53
C4 C38 B 6 10.57 -0.56 -16.68
N4 C38 B 6 10.51 -0.01 -17.89
C5 C38 B 6 9.96 0.09 -15.57
C6 C38 B 6 10.05 -0.52 -14.37
I C38 B 6 8.93 1.90 -15.80
H5'1 C38 B 6 8.99 -0.51 -9.73
H5'2 C38 B 6 10.61 -0.07 -9.20
H4' C38 B 6 10.43 -2.38 -10.17
H3' C38 B 6 12.26 -0.30 -11.40
H2'1 C38 B 6 12.95 -1.87 -13.01
H2'2 C38 B 6 12.54 -3.27 -11.94
H1' C38 B 6 10.54 -3.41 -13.03
H4N1 C38 B 6 10.95 -0.45 -18.69
H4N2 C38 B 6 10.02 0.87 -18.02
H6 C38 B 6 9.59 -0.04 -13.50
ZN ZN C . 9.24 -4.38 -8.57
N MET A 1 4.06 15.32 10.55
CA MET A 1 3.48 15.55 9.20
C MET A 1 2.64 16.83 9.21
N ASP A 2 2.48 17.46 8.08
CA ASP A 2 1.66 18.69 8.05
C ASP A 2 0.21 18.30 7.76
N PRO A 3 -0.74 19.01 8.31
CA PRO A 3 -2.16 18.68 8.12
C PRO A 3 -2.53 18.29 6.67
N PRO A 4 -2.08 19.03 5.70
CA PRO A 4 -2.39 18.76 4.28
C PRO A 4 -1.29 17.99 3.51
N THR A 5 -0.21 17.63 4.16
CA THR A 5 0.86 16.90 3.42
C THR A 5 0.32 15.61 2.80
N PHE A 6 -0.45 14.88 3.54
CA PHE A 6 -0.99 13.60 3.00
C PHE A 6 -1.91 13.89 1.82
N THR A 7 -2.73 14.91 1.93
CA THR A 7 -3.65 15.24 0.80
C THR A 7 -2.83 15.50 -0.45
N PHE A 8 -1.69 16.13 -0.31
CA PHE A 8 -0.84 16.42 -1.50
C PHE A 8 -0.51 15.12 -2.21
N ASN A 9 -0.06 14.14 -1.49
CA ASN A 9 0.29 12.84 -2.12
C ASN A 9 -0.95 12.25 -2.80
N PHE A 10 -2.08 12.31 -2.16
CA PHE A 10 -3.34 11.79 -2.77
C PHE A 10 -3.77 12.73 -3.90
N ASN A 11 -3.40 13.97 -3.82
CA ASN A 11 -3.78 14.94 -4.88
C ASN A 11 -2.79 14.89 -6.04
N ASN A 12 -2.10 13.79 -6.19
CA ASN A 12 -1.10 13.67 -7.30
C ASN A 12 -1.84 13.56 -8.64
N GLU A 13 -3.10 13.90 -8.67
CA GLU A 13 -3.88 13.83 -9.94
C GLU A 13 -3.14 14.57 -11.06
N PRO A 14 -2.59 15.71 -10.79
CA PRO A 14 -1.86 16.54 -11.79
C PRO A 14 -0.46 15.99 -12.10
N TRP A 15 0.01 15.04 -11.34
CA TRP A 15 1.38 14.50 -11.59
C TRP A 15 1.49 13.96 -13.02
N VAL A 16 0.39 13.86 -13.72
CA VAL A 16 0.45 13.35 -15.12
C VAL A 16 1.23 14.34 -15.99
N ARG A 17 2.50 14.51 -15.72
CA ARG A 17 3.32 15.45 -16.54
C ARG A 17 4.35 14.67 -17.34
N GLY A 18 4.27 13.37 -17.33
CA GLY A 18 5.25 12.55 -18.10
C GLY A 18 6.40 12.13 -17.18
N ARG A 19 6.25 12.35 -15.89
CA ARG A 19 7.33 11.96 -14.93
C ARG A 19 6.78 10.88 -13.99
N HIS A 20 7.65 10.06 -13.45
CA HIS A 20 7.17 8.99 -12.52
C HIS A 20 7.38 9.43 -11.06
N GLU A 21 6.30 9.77 -10.39
CA GLU A 21 6.42 10.19 -8.97
C GLU A 21 5.57 9.25 -8.12
N THR A 22 6.15 8.64 -7.12
CA THR A 22 5.37 7.69 -6.27
C THR A 22 5.53 8.06 -4.79
N TYR A 23 4.45 8.04 -4.05
CA TYR A 23 4.52 8.35 -2.59
C TYR A 23 4.00 7.15 -1.80
N LEU A 24 4.81 6.58 -0.96
CA LEU A 24 4.37 5.39 -0.18
C LEU A 24 4.36 5.72 1.31
N CYS A 25 3.28 5.39 1.98
CA CYS A 25 3.21 5.64 3.45
C CYS A 25 2.99 4.29 4.14
N TYR A 26 3.77 3.98 5.14
CA TYR A 26 3.59 2.66 5.82
C TYR A 26 3.72 2.80 7.34
N GLU A 27 3.22 1.83 8.05
CA GLU A 27 3.30 1.85 9.53
C GLU A 27 3.64 0.44 10.02
N VAL A 28 4.20 0.32 11.19
CA VAL A 28 4.56 -1.04 11.70
C VAL A 28 3.94 -1.24 13.08
N GLU A 29 3.43 -2.41 13.35
CA GLU A 29 2.81 -2.69 14.67
C GLU A 29 3.33 -4.02 15.21
N ARG A 30 3.49 -4.14 16.50
CA ARG A 30 3.98 -5.42 17.08
C ARG A 30 2.88 -6.03 17.93
N MET A 31 2.54 -7.26 17.68
CA MET A 31 1.46 -7.91 18.48
C MET A 31 2.01 -9.18 19.16
N HIS A 32 1.78 -9.30 20.44
CA HIS A 32 2.26 -10.51 21.17
C HIS A 32 1.06 -11.13 21.89
N ASN A 33 0.95 -12.44 21.87
CA ASN A 33 -0.22 -13.09 22.54
C ASN A 33 -0.27 -12.70 24.02
N ASP A 34 0.86 -12.56 24.65
CA ASP A 34 0.84 -12.17 26.09
C ASP A 34 0.42 -10.71 26.23
N THR A 35 0.91 -9.86 25.38
CA THR A 35 0.55 -8.42 25.46
C THR A 35 0.44 -7.83 24.06
N TRP A 36 -0.25 -6.72 23.92
CA TRP A 36 -0.36 -6.08 22.58
C TRP A 36 0.43 -4.78 22.60
N VAL A 37 1.27 -4.57 21.62
CA VAL A 37 2.08 -3.32 21.59
C VAL A 37 1.74 -2.51 20.34
N LEU A 38 1.35 -1.27 20.52
CA LEU A 38 1.00 -0.43 19.34
C LEU A 38 2.13 0.52 18.99
N LEU A 39 2.81 0.26 17.91
CA LEU A 39 3.92 1.17 17.49
C LEU A 39 3.39 2.15 16.44
N ASN A 40 2.09 2.31 16.37
CA ASN A 40 1.51 3.24 15.37
C ASN A 40 2.04 4.66 15.60
N GLN A 41 2.44 4.96 16.80
CA GLN A 41 2.97 6.33 17.08
C GLN A 41 4.12 6.64 16.12
N ARG A 42 4.85 5.65 15.70
CA ARG A 42 5.98 5.90 14.77
C ARG A 42 5.51 5.70 13.33
N ARG A 43 5.82 6.62 12.45
CA ARG A 43 5.38 6.51 11.03
C ARG A 43 6.60 6.72 10.12
N GLY A 44 6.56 6.18 8.92
CA GLY A 44 7.71 6.35 7.99
C GLY A 44 7.20 6.43 6.55
N PHE A 45 8.07 6.73 5.61
CA PHE A 45 7.63 6.82 4.19
C PHE A 45 8.69 6.21 3.28
N LEU A 46 8.29 5.69 2.15
CA LEU A 46 9.27 5.11 1.19
C LEU A 46 9.01 5.70 -0.20
N CYS A 47 10.03 5.91 -0.98
CA CYS A 47 9.82 6.49 -2.35
C CYS A 47 10.39 5.54 -3.41
N ASN A 48 9.83 5.57 -4.59
CA ASN A 48 10.33 4.69 -5.68
C ASN A 48 11.46 5.39 -6.43
N GLN A 49 11.92 6.50 -5.92
CA GLN A 49 13.01 7.24 -6.61
C GLN A 49 14.36 6.83 -5.99
N ALA A 50 15.32 6.49 -6.81
CA ALA A 50 16.64 6.10 -6.26
C ALA A 50 17.25 7.27 -5.48
N PRO A 51 18.15 6.97 -4.58
CA PRO A 51 18.84 8.01 -3.75
C PRO A 51 19.64 8.99 -4.60
N HIS A 52 19.44 10.27 -4.40
CA HIS A 52 20.19 11.29 -5.21
C HIS A 52 21.67 11.33 -4.82
N LYS A 53 21.97 11.09 -3.58
CA LYS A 53 23.39 11.14 -3.11
C LYS A 53 24.28 10.16 -3.88
N HIS A 54 23.74 9.07 -4.35
CA HIS A 54 24.60 8.08 -5.07
C HIS A 54 24.93 8.58 -6.48
N GLY A 55 24.29 9.62 -6.93
CA GLY A 55 24.58 10.12 -8.31
C GLY A 55 23.31 10.04 -9.15
N PHE A 56 23.41 9.54 -10.34
CA PHE A 56 22.20 9.42 -11.21
C PHE A 56 21.34 8.26 -10.71
N LEU A 57 20.06 8.32 -10.93
CA LEU A 57 19.17 7.23 -10.45
C LEU A 57 19.65 5.88 -10.98
N GLU A 58 19.68 4.88 -10.14
CA GLU A 58 20.14 3.54 -10.61
C GLU A 58 18.91 2.63 -10.74
N GLY A 59 17.86 2.93 -10.04
CA GLY A 59 16.62 2.12 -10.13
C GLY A 59 16.20 1.61 -8.75
N ARG A 60 15.11 2.12 -8.23
CA ARG A 60 14.61 1.65 -6.91
C ARG A 60 13.08 1.72 -6.91
N HIS A 61 12.41 0.67 -6.52
CA HIS A 61 10.91 0.72 -6.51
C HIS A 61 10.41 0.92 -5.08
N ALA A 62 9.43 1.76 -4.90
CA ALA A 62 8.89 2.02 -3.54
C ALA A 62 8.27 0.74 -2.97
N GLU A 63 7.49 0.05 -3.76
CA GLU A 63 6.84 -1.20 -3.26
C GLU A 63 7.91 -2.27 -2.94
N LEU A 64 8.90 -2.38 -3.78
CA LEU A 64 9.97 -3.39 -3.55
C LEU A 64 10.75 -3.05 -2.27
N CYS A 65 11.00 -1.79 -2.04
CA CYS A 65 11.76 -1.38 -0.83
C CYS A 65 11.02 -1.81 0.43
N PHE A 66 9.73 -1.63 0.47
CA PHE A 66 8.97 -2.04 1.67
C PHE A 66 9.10 -3.56 1.86
N LEU A 67 9.00 -4.30 0.80
CA LEU A 67 9.11 -5.77 0.92
C LEU A 67 10.49 -6.13 1.49
N ASP A 68 11.49 -5.39 1.12
CA ASP A 68 12.87 -5.67 1.64
C ASP A 68 13.02 -5.11 3.06
N VAL A 69 12.21 -4.16 3.41
CA VAL A 69 12.32 -3.56 4.78
C VAL A 69 11.93 -4.59 5.84
N ILE A 70 10.92 -5.38 5.60
CA ILE A 70 10.51 -6.38 6.61
C ILE A 70 11.67 -7.33 6.96
N PRO A 71 12.26 -8.01 5.99
CA PRO A 71 13.39 -8.93 6.26
C PRO A 71 14.57 -8.21 6.92
N PHE A 72 14.66 -6.92 6.75
CA PHE A 72 15.78 -6.17 7.38
C PHE A 72 15.50 -6.03 8.87
N TRP A 73 14.26 -6.07 9.28
CA TRP A 73 13.94 -5.95 10.72
C TRP A 73 14.08 -7.31 11.40
N LYS A 74 14.41 -8.32 10.64
CA LYS A 74 14.56 -9.69 11.24
C LYS A 74 13.45 -9.93 12.26
N LEU A 75 12.22 -9.88 11.85
CA LEU A 75 11.10 -10.11 12.81
C LEU A 75 11.06 -11.59 13.19
N ASP A 76 10.73 -11.89 14.42
CA ASP A 76 10.68 -13.31 14.85
C ASP A 76 9.44 -13.98 14.27
N LEU A 77 9.60 -15.14 13.69
CA LEU A 77 8.44 -15.86 13.10
C LEU A 77 7.46 -16.27 14.19
N ASP A 78 7.93 -16.45 15.40
CA ASP A 78 7.02 -16.88 16.50
C ASP A 78 6.25 -15.68 17.05
N GLN A 79 6.65 -14.50 16.70
CA GLN A 79 5.92 -13.29 17.20
C GLN A 79 4.94 -12.81 16.11
N ASP A 80 3.82 -12.27 16.51
CA ASP A 80 2.84 -11.79 15.49
C ASP A 80 3.20 -10.36 15.08
N TYR A 81 3.07 -10.04 13.82
CA TYR A 81 3.39 -8.67 13.36
C TYR A 81 2.31 -8.18 12.39
N ARG A 82 1.84 -6.97 12.56
CA ARG A 82 0.81 -6.43 11.63
C ARG A 82 1.39 -5.18 10.95
N VAL A 83 1.56 -5.24 9.65
CA VAL A 83 2.13 -4.08 8.92
C VAL A 83 1.16 -3.63 7.83
N THR A 84 0.95 -2.35 7.69
CA THR A 84 0.00 -1.85 6.65
C THR A 84 0.71 -0.83 5.75
N CYS A 85 0.38 -0.82 4.48
CA CYS A 85 1.02 0.15 3.54
C CYS A 85 -0.06 0.93 2.80
N PHE A 86 0.00 2.23 2.83
CA PHE A 86 -1.03 3.03 2.11
C PHE A 86 -0.42 3.61 0.83
N THR A 87 -0.85 3.13 -0.29
CA THR A 87 -0.31 3.64 -1.58
C THR A 87 -1.45 3.77 -2.58
N SER A 88 -1.33 4.65 -3.55
CA SER A 88 -2.43 4.82 -4.54
C SER A 88 -1.93 4.48 -5.94
N TRP A 89 -1.64 3.24 -6.21
CA TRP A 89 -1.17 2.83 -7.56
C TRP A 89 -1.01 1.31 -7.63
N SER A 90 -0.94 0.76 -8.81
CA SER A 90 -0.78 -0.70 -8.95
C SER A 90 0.69 -1.08 -8.72
N PRO A 91 0.95 -2.21 -8.10
CA PRO A 91 2.34 -2.68 -7.83
C PRO A 91 3.07 -3.10 -9.11
N CYS A 92 4.37 -2.97 -9.14
CA CYS A 92 5.12 -3.38 -10.37
C CYS A 92 5.07 -4.90 -10.50
N PHE A 93 5.18 -5.39 -11.70
CA PHE A 93 5.13 -6.87 -11.92
C PHE A 93 6.18 -7.58 -11.06
N SER A 94 7.37 -7.04 -10.98
CA SER A 94 8.44 -7.70 -10.17
C SER A 94 7.98 -7.85 -8.72
N CYS A 95 7.31 -6.86 -8.19
CA CYS A 95 6.85 -6.95 -6.77
C CYS A 95 5.71 -7.96 -6.65
N ALA A 96 4.88 -8.06 -7.65
CA ALA A 96 3.73 -9.03 -7.58
C ALA A 96 4.23 -10.44 -7.33
N GLN A 97 5.20 -10.88 -8.07
CA GLN A 97 5.73 -12.27 -7.88
C GLN A 97 6.41 -12.39 -6.52
N GLU A 98 7.20 -11.42 -6.16
CA GLU A 98 7.91 -11.48 -4.84
C GLU A 98 6.92 -11.31 -3.69
N MET A 99 5.95 -10.46 -3.87
CA MET A 99 4.96 -10.23 -2.78
C MET A 99 4.26 -11.54 -2.42
N ALA A 100 3.94 -12.35 -3.39
CA ALA A 100 3.26 -13.64 -3.08
C ALA A 100 4.21 -14.54 -2.28
N LYS A 101 5.41 -14.70 -2.75
CA LYS A 101 6.40 -15.57 -2.04
C LYS A 101 6.72 -14.95 -0.66
N PHE A 102 6.71 -13.65 -0.57
CA PHE A 102 7.02 -12.99 0.73
C PHE A 102 6.12 -13.54 1.84
N ILE A 103 4.83 -13.54 1.64
CA ILE A 103 3.92 -14.06 2.68
C ILE A 103 4.21 -15.53 2.93
N SER A 104 4.53 -16.26 1.89
CA SER A 104 4.84 -17.70 2.08
C SER A 104 6.01 -17.84 3.05
N LYS A 105 6.95 -16.95 2.97
CA LYS A 105 8.13 -17.00 3.88
C LYS A 105 7.74 -16.46 5.25
N ASN A 106 6.72 -15.64 5.31
CA ASN A 106 6.30 -15.07 6.62
C ASN A 106 4.77 -15.02 6.68
N LYS A 107 4.15 -16.11 7.02
CA LYS A 107 2.66 -16.13 7.09
C LYS A 107 2.21 -15.63 8.47
N HIS A 108 3.14 -15.36 9.35
CA HIS A 108 2.78 -14.87 10.71
C HIS A 108 2.57 -13.36 10.68
N VAL A 109 2.90 -12.71 9.59
CA VAL A 109 2.73 -11.23 9.52
C VAL A 109 1.45 -10.91 8.75
N SER A 110 0.67 -9.98 9.25
CA SER A 110 -0.58 -9.61 8.52
C SER A 110 -0.29 -8.37 7.67
N LEU A 111 -0.22 -8.53 6.38
CA LEU A 111 0.08 -7.37 5.50
C LEU A 111 -1.18 -6.97 4.72
N CYS A 112 -1.53 -5.71 4.75
CA CYS A 112 -2.75 -5.25 4.02
C CYS A 112 -2.37 -4.03 3.17
N ILE A 113 -2.67 -4.07 1.89
CA ILE A 113 -2.30 -2.90 1.02
C ILE A 113 -3.57 -2.26 0.46
N PHE A 114 -3.69 -0.96 0.60
CA PHE A 114 -4.89 -0.27 0.06
C PHE A 114 -4.50 0.53 -1.18
N THR A 115 -5.15 0.28 -2.28
CA THR A 115 -4.81 1.02 -3.53
C THR A 115 -5.99 1.89 -3.95
N ALA A 116 -5.78 3.18 -4.04
CA ALA A 116 -6.90 4.07 -4.46
C ALA A 116 -7.30 3.70 -5.88
N ARG A 117 -6.32 3.43 -6.72
CA ARG A 117 -6.62 3.04 -8.12
C ARG A 117 -5.71 1.88 -8.52
N ILE A 118 -6.22 0.94 -9.26
CA ILE A 118 -5.37 -0.22 -9.69
C ILE A 118 -5.35 -0.28 -11.21
N TYR A 119 -4.19 -0.11 -11.81
CA TYR A 119 -4.11 -0.17 -13.31
C TYR A 119 -3.31 -1.41 -13.71
N ASP A 120 -3.88 -2.26 -14.51
CA ASP A 120 -3.14 -3.49 -14.94
C ASP A 120 -2.14 -3.12 -16.04
N ASP A 121 -0.92 -3.58 -15.93
CA ASP A 121 0.10 -3.26 -16.96
C ASP A 121 -0.35 -3.81 -18.31
N GLN A 122 -0.84 -5.01 -18.34
CA GLN A 122 -1.29 -5.62 -19.63
C GLN A 122 -2.54 -6.47 -19.39
N GLY A 123 -3.21 -6.86 -20.43
CA GLY A 123 -4.43 -7.69 -20.26
C GLY A 123 -4.01 -9.14 -19.95
N ARG A 124 -4.95 -10.03 -19.84
CA ARG A 124 -4.60 -11.44 -19.53
C ARG A 124 -3.74 -11.48 -18.26
N CYS A 125 -3.54 -10.37 -17.62
CA CYS A 125 -2.73 -10.33 -16.38
C CYS A 125 -3.60 -10.77 -15.19
N GLN A 126 -4.77 -11.26 -15.47
CA GLN A 126 -5.67 -11.71 -14.37
C GLN A 126 -4.97 -12.76 -13.51
N GLU A 127 -4.14 -13.57 -14.11
CA GLU A 127 -3.43 -14.62 -13.32
C GLU A 127 -2.61 -13.95 -12.22
N GLY A 128 -1.95 -12.87 -12.53
CA GLY A 128 -1.14 -12.17 -11.49
C GLY A 128 -2.09 -11.59 -10.44
N LEU A 129 -3.16 -11.00 -10.87
CA LEU A 129 -4.13 -10.41 -9.90
C LEU A 129 -4.75 -11.52 -9.06
N ARG A 130 -5.09 -12.62 -9.67
CA ARG A 130 -5.70 -13.74 -8.91
C ARG A 130 -4.71 -14.23 -7.85
N THR A 131 -3.50 -14.44 -8.26
CA THR A 131 -2.46 -14.92 -7.32
C THR A 131 -2.14 -13.79 -6.33
N LEU A 132 -2.06 -12.58 -6.81
CA LEU A 132 -1.74 -11.44 -5.92
C LEU A 132 -2.83 -11.30 -4.85
N ALA A 133 -4.07 -11.46 -5.20
CA ALA A 133 -5.13 -11.33 -4.17
C ALA A 133 -4.98 -12.47 -3.15
N GLU A 134 -4.65 -13.65 -3.62
CA GLU A 134 -4.49 -14.79 -2.68
C GLU A 134 -3.17 -14.70 -1.91
N ALA A 135 -2.07 -14.51 -2.60
CA ALA A 135 -0.75 -14.44 -1.91
C ALA A 135 -0.22 -13.01 -1.87
N GLY A 136 -0.72 -12.15 -2.71
CA GLY A 136 -0.21 -10.75 -2.71
C GLY A 136 -0.87 -9.97 -1.57
N ALA A 137 -0.98 -10.59 -0.42
CA ALA A 137 -1.60 -9.90 0.74
C ALA A 137 -3.02 -9.45 0.40
N LYS A 138 -3.71 -8.89 1.36
CA LYS A 138 -5.11 -8.44 1.10
C LYS A 138 -5.10 -7.06 0.44
N ILE A 139 -5.82 -6.89 -0.63
CA ILE A 139 -5.86 -5.57 -1.31
C ILE A 139 -7.32 -5.12 -1.47
N SER A 140 -7.60 -3.88 -1.19
CA SER A 140 -8.99 -3.38 -1.32
C SER A 140 -8.98 -1.95 -1.87
N ILE A 141 -10.08 -1.49 -2.39
CA ILE A 141 -10.13 -0.10 -2.93
C ILE A 141 -10.26 0.87 -1.76
N MET A 142 -9.58 1.98 -1.83
CA MET A 142 -9.64 2.96 -0.70
C MET A 142 -11.07 3.46 -0.49
N THR A 143 -11.48 3.58 0.74
CA THR A 143 -12.86 4.07 1.04
C THR A 143 -12.75 5.31 1.92
N TYR A 144 -13.76 6.13 1.94
CA TYR A 144 -13.71 7.35 2.77
C TYR A 144 -13.46 6.97 4.24
N SER A 145 -14.07 5.91 4.69
CA SER A 145 -13.86 5.49 6.11
C SER A 145 -12.39 5.18 6.36
N GLU A 146 -11.77 4.47 5.44
CA GLU A 146 -10.33 4.12 5.63
C GLU A 146 -9.49 5.39 5.56
N PHE A 147 -9.85 6.31 4.71
CA PHE A 147 -9.06 7.57 4.59
C PHE A 147 -9.09 8.33 5.92
N LYS A 148 -10.23 8.41 6.55
CA LYS A 148 -10.32 9.15 7.83
C LYS A 148 -9.35 8.56 8.86
N HIS A 149 -9.24 7.26 8.93
CA HIS A 149 -8.30 6.66 9.91
C HIS A 149 -6.87 7.06 9.57
N CYS A 150 -6.46 6.88 8.34
CA CYS A 150 -5.08 7.27 7.96
C CYS A 150 -4.95 8.79 8.10
N TRP A 151 -6.00 9.49 7.78
CA TRP A 151 -5.97 10.98 7.88
C TRP A 151 -5.64 11.40 9.32
N ASP A 152 -6.25 10.79 10.29
CA ASP A 152 -5.98 11.19 11.71
C ASP A 152 -4.57 10.77 12.15
N THR A 153 -4.14 9.59 11.80
CA THR A 153 -2.79 9.13 12.26
C THR A 153 -1.65 9.78 11.45
N PHE A 154 -1.70 9.72 10.16
CA PHE A 154 -0.59 10.29 9.35
C PHE A 154 -0.58 11.82 9.41
N VAL A 155 -1.73 12.44 9.53
CA VAL A 155 -1.75 13.94 9.58
C VAL A 155 -2.51 14.41 10.81
N ASP A 156 -2.07 15.50 11.38
CA ASP A 156 -2.78 16.04 12.59
C ASP A 156 -4.16 16.54 12.16
N HIS A 157 -5.15 15.69 12.20
CA HIS A 157 -6.52 16.10 11.79
C HIS A 157 -7.06 17.19 12.73
N GLN A 158 -6.58 17.24 13.94
CA GLN A 158 -7.08 18.28 14.87
C GLN A 158 -6.77 19.67 14.32
N GLY A 159 -7.80 20.45 14.07
CA GLY A 159 -7.60 21.82 13.53
C GLY A 159 -7.67 21.79 12.00
N CYS A 160 -7.51 20.64 11.41
CA CYS A 160 -7.58 20.54 9.93
C CYS A 160 -8.60 19.47 9.53
N PRO A 161 -9.85 19.84 9.36
CA PRO A 161 -10.91 18.87 9.00
C PRO A 161 -10.82 18.41 7.54
N PHE A 162 -11.19 17.19 7.27
CA PHE A 162 -11.12 16.66 5.88
C PHE A 162 -12.53 16.64 5.28
N GLN A 163 -12.68 17.13 4.08
CA GLN A 163 -14.02 17.15 3.42
C GLN A 163 -14.03 16.18 2.24
N PRO A 164 -14.58 15.00 2.40
CA PRO A 164 -14.62 13.99 1.31
C PRO A 164 -15.70 14.29 0.26
N TRP A 165 -15.45 13.92 -0.97
CA TRP A 165 -16.45 14.18 -2.05
C TRP A 165 -16.67 12.88 -2.84
N ASP A 166 -17.73 12.80 -3.60
CA ASP A 166 -18.00 11.55 -4.37
C ASP A 166 -17.14 11.48 -5.63
N GLY A 167 -15.96 12.04 -5.60
CA GLY A 167 -15.09 11.97 -6.81
C GLY A 167 -14.41 10.60 -6.85
N LEU A 168 -13.75 10.23 -5.79
CA LEU A 168 -13.08 8.91 -5.75
C LEU A 168 -14.12 7.81 -5.89
N ASP A 169 -15.28 8.01 -5.32
CA ASP A 169 -16.34 6.96 -5.40
C ASP A 169 -16.69 6.68 -6.86
N GLU A 170 -16.80 7.70 -7.67
CA GLU A 170 -17.14 7.45 -9.10
C GLU A 170 -16.02 6.63 -9.75
N HIS A 171 -14.80 7.01 -9.50
CA HIS A 171 -13.65 6.25 -10.08
C HIS A 171 -13.59 4.86 -9.46
N SER A 172 -13.71 4.78 -8.17
CA SER A 172 -13.67 3.46 -7.48
C SER A 172 -14.79 2.56 -8.01
N GLN A 173 -15.93 3.13 -8.29
CA GLN A 173 -17.05 2.28 -8.80
C GLN A 173 -16.62 1.56 -10.07
N ASP A 174 -15.94 2.25 -10.95
CA ASP A 174 -15.48 1.60 -12.21
C ASP A 174 -14.44 0.53 -11.88
N LEU A 175 -13.50 0.85 -11.04
CA LEU A 175 -12.45 -0.15 -10.67
C LEU A 175 -13.09 -1.29 -9.89
N SER A 176 -14.05 -0.98 -9.06
CA SER A 176 -14.70 -2.05 -8.26
C SER A 176 -15.32 -3.08 -9.21
N GLY A 177 -15.79 -2.63 -10.35
CA GLY A 177 -16.41 -3.59 -11.31
C GLY A 177 -15.34 -4.57 -11.81
N ARG A 178 -14.25 -4.06 -12.31
CA ARG A 178 -13.17 -4.97 -12.81
C ARG A 178 -12.63 -5.84 -11.66
N LEU A 179 -12.36 -5.24 -10.53
CA LEU A 179 -11.82 -6.04 -9.40
C LEU A 179 -12.86 -7.07 -8.93
N ARG A 180 -14.11 -6.71 -8.95
CA ARG A 180 -15.17 -7.66 -8.53
C ARG A 180 -15.09 -8.92 -9.40
N ALA A 181 -14.82 -8.75 -10.66
CA ALA A 181 -14.74 -9.93 -11.56
C ALA A 181 -13.65 -10.87 -11.08
N ILE A 182 -12.54 -10.34 -10.65
CA ILE A 182 -11.44 -11.21 -10.17
C ILE A 182 -11.92 -12.00 -8.95
N LEU A 183 -12.45 -11.32 -7.98
CA LEU A 183 -12.95 -12.01 -6.76
C LEU A 183 -14.19 -12.84 -7.11
N GLN A 184 -15.00 -12.35 -8.01
CA GLN A 184 -16.22 -13.11 -8.40
C GLN A 184 -15.81 -14.43 -9.04
N ASN A 185 -14.73 -14.44 -9.76
CA ASN A 185 -14.27 -15.70 -10.42
C ASN A 185 -13.49 -16.52 -9.40
N GLN A 186 -13.43 -16.07 -8.18
CA GLN A 186 -12.67 -16.83 -7.16
C GLN A 186 -13.24 -18.25 -7.11
N GLU A 187 -12.60 -19.17 -7.77
CA GLU A 187 -13.11 -20.57 -7.78
C GLU A 187 -12.96 -21.17 -6.38
N ASN A 188 -13.99 -21.83 -5.90
CA ASN A 188 -13.91 -22.44 -4.55
C ASN A 188 -13.50 -23.91 -4.67
P C38 B 6 9.38 3.07 -10.61
O1P C38 B 6 10.17 3.44 -9.42
O2P C38 B 6 9.25 4.02 -11.73
O5' C38 B 6 9.95 1.69 -11.19
C5' C38 B 6 9.99 0.52 -10.38
C4' C38 B 6 10.58 -0.67 -11.10
O4' C38 B 6 9.90 -0.91 -12.32
C3' C38 B 6 12.03 -0.50 -11.44
O3' C38 B 6 12.78 -0.94 -10.31
C2' C38 B 6 12.23 -1.39 -12.66
C1' C38 B 6 10.80 -1.56 -13.23
N1 C38 B 6 10.59 -0.96 -14.55
C2 C38 B 6 11.50 -1.30 -15.55
O2 C38 B 6 12.41 -2.08 -15.32
N3 C38 B 6 11.32 -0.75 -16.79
C4 C38 B 6 10.30 0.09 -17.03
N4 C38 B 6 10.16 0.61 -18.25
C5 C38 B 6 9.38 0.44 -16.01
C6 C38 B 6 9.55 -0.10 -14.79
I C38 B 6 7.79 1.75 -16.39
H5'1 C38 B 6 8.99 0.26 -10.07
H5'2 C38 B 6 10.58 0.73 -9.49
H4' C38 B 6 10.48 -1.56 -10.47
H3' C38 B 6 12.26 0.55 -11.68
H2'1 C38 B 6 12.86 -0.89 -13.39
H2'2 C38 B 6 12.64 -2.35 -12.38
H1' C38 B 6 10.57 -2.62 -13.27
H4N1 C38 B 6 10.82 0.36 -18.99
H4N2 C38 B 6 9.40 1.25 -18.45
H6 C38 B 6 8.85 0.13 -13.99
ZN ZN C . 8.48 -3.26 -7.45
N MET A 1 5.44 14.64 9.51
CA MET A 1 4.31 14.76 8.53
C MET A 1 4.46 16.06 7.74
N ASP A 2 4.32 15.98 6.45
CA ASP A 2 4.43 17.18 5.60
C ASP A 2 3.02 17.63 5.23
N PRO A 3 2.86 18.85 4.77
CA PRO A 3 1.53 19.35 4.38
C PRO A 3 0.71 18.22 3.75
N PRO A 4 -0.60 18.32 3.76
CA PRO A 4 -1.50 17.28 3.23
C PRO A 4 -0.84 16.38 2.17
N THR A 5 0.08 15.53 2.58
CA THR A 5 0.75 14.63 1.60
C THR A 5 -0.23 13.56 1.11
N PHE A 6 -0.99 13.00 2.00
CA PHE A 6 -1.97 11.96 1.57
C PHE A 6 -2.97 12.60 0.60
N THR A 7 -3.47 13.74 0.97
CA THR A 7 -4.44 14.44 0.07
C THR A 7 -3.75 14.73 -1.26
N PHE A 8 -2.53 15.17 -1.22
CA PHE A 8 -1.80 15.46 -2.49
C PHE A 8 -1.64 14.18 -3.29
N ASN A 9 -1.17 13.14 -2.64
CA ASN A 9 -0.97 11.85 -3.35
C ASN A 9 -2.30 11.35 -3.90
N PHE A 10 -3.35 11.39 -3.12
CA PHE A 10 -4.67 10.92 -3.63
C PHE A 10 -5.22 11.92 -4.66
N ASN A 11 -5.05 13.19 -4.43
CA ASN A 11 -5.54 14.20 -5.39
C ASN A 11 -4.47 14.46 -6.44
N ASN A 12 -3.47 13.61 -6.50
CA ASN A 12 -2.38 13.80 -7.48
C ASN A 12 -2.91 13.65 -8.91
N GLU A 13 -4.13 14.02 -9.14
CA GLU A 13 -4.70 13.91 -10.52
C GLU A 13 -3.84 14.73 -11.50
N PRO A 14 -3.44 15.92 -11.09
CA PRO A 14 -2.62 16.82 -11.94
C PRO A 14 -1.20 16.28 -12.19
N TRP A 15 -0.77 15.32 -11.42
CA TRP A 15 0.61 14.76 -11.61
C TRP A 15 0.79 14.29 -13.06
N VAL A 16 -0.29 14.12 -13.78
CA VAL A 16 -0.16 13.66 -15.19
C VAL A 16 0.50 14.76 -16.03
N ARG A 17 1.72 15.10 -15.71
CA ARG A 17 2.43 16.17 -16.49
C ARG A 17 3.49 15.52 -17.38
N GLY A 18 3.50 14.23 -17.48
CA GLY A 18 4.51 13.54 -18.33
C GLY A 18 5.66 13.05 -17.44
N ARG A 19 5.48 13.12 -16.15
CA ARG A 19 6.55 12.65 -15.22
C ARG A 19 6.00 11.52 -14.36
N HIS A 20 6.84 10.63 -13.92
CA HIS A 20 6.34 9.49 -13.08
C HIS A 20 6.66 9.77 -11.59
N GLU A 21 5.63 9.97 -10.80
CA GLU A 21 5.85 10.25 -9.36
C GLU A 21 5.13 9.19 -8.52
N THR A 22 5.81 8.59 -7.57
CA THR A 22 5.16 7.55 -6.73
C THR A 22 5.34 7.89 -5.25
N TYR A 23 4.31 7.76 -4.47
CA TYR A 23 4.43 8.06 -3.02
C TYR A 23 3.88 6.87 -2.22
N LEU A 24 4.65 6.33 -1.32
CA LEU A 24 4.18 5.16 -0.52
C LEU A 24 4.19 5.49 0.97
N CYS A 25 3.12 5.19 1.66
CA CYS A 25 3.06 5.45 3.12
C CYS A 25 2.72 4.14 3.84
N TYR A 26 3.42 3.80 4.87
CA TYR A 26 3.12 2.52 5.57
C TYR A 26 3.21 2.69 7.09
N GLU A 27 2.60 1.79 7.81
CA GLU A 27 2.62 1.85 9.30
C GLU A 27 3.03 0.48 9.84
N VAL A 28 3.54 0.42 11.04
CA VAL A 28 3.96 -0.89 11.61
C VAL A 28 3.33 -1.07 12.99
N GLU A 29 2.88 -2.26 13.30
CA GLU A 29 2.24 -2.52 14.62
C GLU A 29 2.88 -3.76 15.25
N ARG A 30 2.96 -3.81 16.55
CA ARG A 30 3.56 -5.00 17.22
C ARG A 30 2.47 -5.71 18.04
N MET A 31 2.25 -6.97 17.78
CA MET A 31 1.21 -7.71 18.54
C MET A 31 1.82 -8.94 19.23
N HIS A 32 1.57 -9.10 20.51
CA HIS A 32 2.10 -10.27 21.24
C HIS A 32 0.92 -11.04 21.84
N ASN A 33 0.97 -12.34 21.79
CA ASN A 33 -0.18 -13.14 22.33
C ASN A 33 -0.42 -12.78 23.80
N ASP A 34 0.62 -12.54 24.55
CA ASP A 34 0.43 -12.19 25.98
C ASP A 34 -0.12 -10.77 26.10
N THR A 35 0.36 -9.86 25.29
CA THR A 35 -0.14 -8.46 25.36
C THR A 35 -0.21 -7.87 23.95
N TRP A 36 -0.96 -6.81 23.79
CA TRP A 36 -1.05 -6.17 22.44
C TRP A 36 -0.34 -4.83 22.50
N VAL A 37 0.51 -4.55 21.55
CA VAL A 37 1.26 -3.25 21.56
C VAL A 37 0.96 -2.46 20.28
N LEU A 38 0.62 -1.21 20.43
CA LEU A 38 0.32 -0.39 19.22
C LEU A 38 1.54 0.45 18.85
N LEU A 39 2.29 0.01 17.87
CA LEU A 39 3.49 0.78 17.44
C LEU A 39 3.07 1.82 16.41
N ASN A 40 1.79 2.01 16.22
CA ASN A 40 1.31 2.99 15.22
C ASN A 40 1.82 4.39 15.60
N GLN A 41 2.30 4.55 16.81
CA GLN A 41 2.82 5.87 17.23
C GLN A 41 3.91 6.32 16.26
N ARG A 42 4.62 5.37 15.69
CA ARG A 42 5.71 5.73 14.72
C ARG A 42 5.30 5.30 13.32
N ARG A 43 5.77 5.99 12.32
CA ARG A 43 5.41 5.63 10.91
C ARG A 43 6.56 6.02 9.99
N GLY A 44 6.50 5.63 8.74
CA GLY A 44 7.60 5.99 7.80
C GLY A 44 7.05 6.12 6.39
N PHE A 45 7.87 6.60 5.47
CA PHE A 45 7.40 6.76 4.07
C PHE A 45 8.45 6.13 3.13
N LEU A 46 8.01 5.47 2.09
CA LEU A 46 8.97 4.84 1.13
C LEU A 46 8.77 5.45 -0.26
N CYS A 47 9.82 5.53 -1.03
CA CYS A 47 9.69 6.12 -2.40
C CYS A 47 10.21 5.11 -3.43
N ASN A 48 9.70 5.16 -4.63
CA ASN A 48 10.17 4.22 -5.68
C ASN A 48 11.34 4.84 -6.44
N GLN A 49 11.90 5.91 -5.93
CA GLN A 49 13.05 6.55 -6.62
C GLN A 49 14.35 6.11 -5.94
N ALA A 50 15.39 5.88 -6.69
CA ALA A 50 16.68 5.44 -6.08
C ALA A 50 17.23 6.56 -5.20
N PRO A 51 18.09 6.22 -4.28
CA PRO A 51 18.71 7.20 -3.34
C PRO A 51 19.50 8.31 -4.06
N HIS A 52 19.24 9.54 -3.69
CA HIS A 52 19.95 10.69 -4.31
C HIS A 52 21.41 10.72 -3.87
N LYS A 53 21.68 10.28 -2.68
CA LYS A 53 23.06 10.32 -2.14
C LYS A 53 24.04 9.58 -3.07
N HIS A 54 23.63 8.49 -3.66
CA HIS A 54 24.57 7.75 -4.54
C HIS A 54 24.73 8.46 -5.88
N GLY A 55 23.95 9.48 -6.15
CA GLY A 55 24.07 10.19 -7.46
C GLY A 55 22.74 10.13 -8.19
N PHE A 56 22.77 9.79 -9.45
CA PHE A 56 21.51 9.72 -10.25
C PHE A 56 20.71 8.48 -9.81
N LEU A 57 19.42 8.51 -10.02
CA LEU A 57 18.60 7.35 -9.62
C LEU A 57 19.09 6.09 -10.34
N GLU A 58 19.22 5.00 -9.64
CA GLU A 58 19.70 3.75 -10.30
C GLU A 58 18.51 2.81 -10.49
N GLY A 59 17.48 2.96 -9.69
CA GLY A 59 16.28 2.11 -9.85
C GLY A 59 15.92 1.40 -8.54
N ARG A 60 14.83 1.80 -7.94
CA ARG A 60 14.37 1.15 -6.67
C ARG A 60 12.83 1.22 -6.64
N HIS A 61 12.14 0.13 -6.39
CA HIS A 61 10.66 0.21 -6.38
C HIS A 61 10.18 0.54 -4.97
N ALA A 62 9.20 1.39 -4.85
CA ALA A 62 8.67 1.74 -3.51
C ALA A 62 8.08 0.49 -2.86
N GLU A 63 7.30 -0.25 -3.61
CA GLU A 63 6.69 -1.49 -3.06
C GLU A 63 7.79 -2.50 -2.71
N LEU A 64 8.77 -2.62 -3.58
CA LEU A 64 9.88 -3.57 -3.33
C LEU A 64 10.63 -3.16 -2.06
N CYS A 65 10.80 -1.90 -1.84
CA CYS A 65 11.52 -1.43 -0.62
C CYS A 65 10.78 -1.89 0.63
N PHE A 66 9.48 -1.93 0.59
CA PHE A 66 8.72 -2.36 1.79
C PHE A 66 9.08 -3.81 2.15
N LEU A 67 9.17 -4.66 1.17
CA LEU A 67 9.52 -6.09 1.47
C LEU A 67 10.88 -6.13 2.17
N ASP A 68 11.78 -5.28 1.79
CA ASP A 68 13.14 -5.27 2.43
C ASP A 68 13.08 -4.54 3.78
N VAL A 69 12.10 -3.70 3.98
CA VAL A 69 12.01 -2.95 5.26
C VAL A 69 11.69 -3.90 6.42
N ILE A 70 10.82 -4.84 6.21
CA ILE A 70 10.46 -5.78 7.31
C ILE A 70 11.71 -6.50 7.83
N PRO A 71 12.46 -7.18 6.98
CA PRO A 71 13.69 -7.90 7.42
C PRO A 71 14.70 -6.95 8.08
N PHE A 72 14.62 -5.68 7.77
CA PHE A 72 15.58 -4.71 8.37
C PHE A 72 15.19 -4.44 9.82
N TRP A 73 13.94 -4.62 10.16
CA TRP A 73 13.51 -4.37 11.57
C TRP A 73 13.78 -5.63 12.40
N LYS A 74 14.27 -6.66 11.78
CA LYS A 74 14.57 -7.92 12.53
C LYS A 74 13.46 -8.21 13.53
N LEU A 75 12.23 -8.34 13.09
CA LEU A 75 11.12 -8.63 14.03
C LEU A 75 11.15 -10.12 14.39
N ASP A 76 10.65 -10.47 15.55
CA ASP A 76 10.67 -11.91 15.96
C ASP A 76 9.58 -12.68 15.19
N LEU A 77 9.95 -13.79 14.62
CA LEU A 77 8.97 -14.61 13.85
C LEU A 77 7.92 -15.20 14.80
N ASP A 78 8.27 -15.39 16.05
CA ASP A 78 7.29 -15.99 17.00
C ASP A 78 6.31 -14.93 17.50
N GLN A 79 6.60 -13.68 17.25
CA GLN A 79 5.67 -12.60 17.70
C GLN A 79 4.75 -12.21 16.55
N ASP A 80 3.51 -11.94 16.83
CA ASP A 80 2.57 -11.56 15.74
C ASP A 80 2.86 -10.12 15.30
N TYR A 81 2.77 -9.84 14.03
CA TYR A 81 3.03 -8.47 13.53
C TYR A 81 1.96 -8.06 12.52
N ARG A 82 1.43 -6.87 12.65
CA ARG A 82 0.41 -6.40 11.68
C ARG A 82 0.94 -5.15 10.99
N VAL A 83 1.15 -5.23 9.70
CA VAL A 83 1.69 -4.05 8.96
C VAL A 83 0.74 -3.69 7.82
N THR A 84 0.47 -2.42 7.64
CA THR A 84 -0.44 -1.99 6.55
C THR A 84 0.29 -1.03 5.62
N CYS A 85 0.02 -1.10 4.34
CA CYS A 85 0.70 -0.19 3.37
C CYS A 85 -0.35 0.57 2.56
N PHE A 86 -0.23 1.86 2.47
CA PHE A 86 -1.22 2.64 1.68
C PHE A 86 -0.58 3.07 0.36
N THR A 87 -1.09 2.60 -0.74
CA THR A 87 -0.51 2.96 -2.06
C THR A 87 -1.63 3.20 -3.06
N SER A 88 -1.37 4.00 -4.06
CA SER A 88 -2.44 4.27 -5.07
C SER A 88 -1.89 3.98 -6.48
N TRP A 89 -1.62 2.74 -6.77
CA TRP A 89 -1.10 2.38 -8.13
C TRP A 89 -0.99 0.87 -8.25
N SER A 90 -0.80 0.38 -9.44
CA SER A 90 -0.67 -1.09 -9.63
C SER A 90 0.75 -1.54 -9.27
N PRO A 91 0.92 -2.74 -8.76
CA PRO A 91 2.26 -3.27 -8.37
C PRO A 91 3.13 -3.61 -9.58
N CYS A 92 4.42 -3.57 -9.43
CA CYS A 92 5.32 -3.90 -10.57
C CYS A 92 5.52 -5.43 -10.63
N PHE A 93 5.75 -5.95 -11.80
CA PHE A 93 5.92 -7.44 -11.94
C PHE A 93 6.97 -7.95 -10.95
N SER A 94 8.09 -7.28 -10.85
CA SER A 94 9.15 -7.76 -9.92
C SER A 94 8.60 -7.79 -8.48
N CYS A 95 7.77 -6.84 -8.13
CA CYS A 95 7.21 -6.83 -6.75
C CYS A 95 6.15 -7.91 -6.59
N ALA A 96 5.31 -8.09 -7.57
CA ALA A 96 4.23 -9.11 -7.47
C ALA A 96 4.81 -10.50 -7.20
N GLN A 97 5.83 -10.88 -7.91
CA GLN A 97 6.41 -12.23 -7.68
C GLN A 97 7.06 -12.31 -6.30
N GLU A 98 7.83 -11.33 -5.92
CA GLU A 98 8.50 -11.36 -4.59
C GLU A 98 7.47 -11.13 -3.49
N MET A 99 6.53 -10.25 -3.72
CA MET A 99 5.51 -9.97 -2.67
C MET A 99 4.77 -11.25 -2.30
N ALA A 100 4.38 -12.04 -3.27
CA ALA A 100 3.66 -13.30 -2.94
C ALA A 100 4.57 -14.18 -2.08
N LYS A 101 5.84 -14.22 -2.41
CA LYS A 101 6.79 -15.04 -1.62
C LYS A 101 6.88 -14.51 -0.19
N PHE A 102 6.78 -13.21 -0.03
CA PHE A 102 6.87 -12.64 1.34
C PHE A 102 5.82 -13.27 2.26
N ILE A 103 4.59 -13.34 1.83
CA ILE A 103 3.55 -13.94 2.68
C ILE A 103 3.89 -15.42 2.94
N SER A 104 4.29 -16.13 1.92
CA SER A 104 4.64 -17.57 2.11
C SER A 104 5.80 -17.68 3.11
N LYS A 105 6.74 -16.78 3.05
CA LYS A 105 7.89 -16.85 3.98
C LYS A 105 7.52 -16.19 5.31
N ASN A 106 6.41 -15.50 5.35
CA ASN A 106 6.00 -14.84 6.62
C ASN A 106 4.48 -14.84 6.73
N LYS A 107 3.90 -15.95 7.11
CA LYS A 107 2.42 -16.00 7.25
C LYS A 107 2.03 -15.54 8.66
N HIS A 108 2.99 -15.27 9.50
CA HIS A 108 2.68 -14.82 10.88
C HIS A 108 2.41 -13.31 10.89
N VAL A 109 2.76 -12.64 9.82
CA VAL A 109 2.53 -11.18 9.77
C VAL A 109 1.28 -10.88 8.95
N SER A 110 0.42 -10.03 9.43
CA SER A 110 -0.80 -9.69 8.65
C SER A 110 -0.50 -8.47 7.78
N LEU A 111 -0.35 -8.66 6.50
CA LEU A 111 -0.02 -7.52 5.61
C LEU A 111 -1.21 -7.23 4.67
N CYS A 112 -1.65 -6.00 4.62
CA CYS A 112 -2.79 -5.65 3.74
C CYS A 112 -2.41 -4.42 2.91
N ILE A 113 -2.63 -4.47 1.61
CA ILE A 113 -2.27 -3.30 0.76
C ILE A 113 -3.53 -2.72 0.13
N PHE A 114 -3.72 -1.42 0.25
CA PHE A 114 -4.93 -0.80 -0.35
C PHE A 114 -4.53 -0.03 -1.61
N THR A 115 -5.11 -0.36 -2.73
CA THR A 115 -4.76 0.37 -3.98
C THR A 115 -5.90 1.33 -4.32
N ALA A 116 -5.64 2.61 -4.32
CA ALA A 116 -6.72 3.59 -4.65
C ALA A 116 -7.16 3.36 -6.09
N ARG A 117 -6.24 3.09 -6.96
CA ARG A 117 -6.61 2.87 -8.39
C ARG A 117 -5.79 1.70 -8.96
N ILE A 118 -6.38 0.90 -9.80
CA ILE A 118 -5.65 -0.25 -10.40
C ILE A 118 -5.59 -0.06 -11.92
N TYR A 119 -4.40 -0.03 -12.48
CA TYR A 119 -4.28 0.15 -13.96
C TYR A 119 -3.65 -1.10 -14.59
N ASP A 120 -4.39 -1.75 -15.45
CA ASP A 120 -3.84 -2.96 -16.14
C ASP A 120 -3.46 -2.60 -17.57
N ASP A 121 -2.23 -2.81 -17.96
CA ASP A 121 -1.82 -2.46 -19.35
C ASP A 121 -2.70 -3.23 -20.35
N GLN A 122 -2.97 -4.47 -20.09
CA GLN A 122 -3.81 -5.27 -21.03
C GLN A 122 -4.29 -6.54 -20.32
N GLY A 123 -5.37 -7.12 -20.79
CA GLY A 123 -5.88 -8.36 -20.14
C GLY A 123 -4.92 -9.51 -20.43
N ARG A 124 -4.17 -9.93 -19.45
CA ARG A 124 -3.20 -11.04 -19.66
C ARG A 124 -2.52 -11.38 -18.32
N CYS A 125 -1.96 -10.39 -17.68
CA CYS A 125 -1.29 -10.63 -16.38
C CYS A 125 -2.35 -10.83 -15.29
N GLN A 126 -3.56 -11.12 -15.68
CA GLN A 126 -4.64 -11.31 -14.68
C GLN A 126 -4.22 -12.40 -13.69
N GLU A 127 -3.48 -13.39 -14.14
CA GLU A 127 -3.05 -14.47 -13.22
C GLU A 127 -2.22 -13.86 -12.09
N GLY A 128 -1.42 -12.88 -12.38
CA GLY A 128 -0.60 -12.24 -11.31
C GLY A 128 -1.53 -11.54 -10.32
N LEU A 129 -2.52 -10.85 -10.80
CA LEU A 129 -3.46 -10.16 -9.88
C LEU A 129 -4.21 -11.19 -9.03
N ARG A 130 -4.63 -12.27 -9.63
CA ARG A 130 -5.35 -13.31 -8.85
C ARG A 130 -4.39 -13.93 -7.83
N THR A 131 -3.18 -14.20 -8.24
CA THR A 131 -2.19 -14.78 -7.29
C THR A 131 -1.90 -13.75 -6.20
N LEU A 132 -1.82 -12.51 -6.58
CA LEU A 132 -1.53 -11.45 -5.58
C LEU A 132 -2.64 -11.42 -4.53
N ALA A 133 -3.87 -11.57 -4.94
CA ALA A 133 -4.97 -11.55 -3.95
C ALA A 133 -4.84 -12.77 -3.02
N GLU A 134 -4.44 -13.88 -3.57
CA GLU A 134 -4.31 -15.11 -2.73
C GLU A 134 -3.05 -15.03 -1.85
N ALA A 135 -1.91 -14.79 -2.44
CA ALA A 135 -0.66 -14.73 -1.63
C ALA A 135 -0.15 -13.29 -1.50
N GLY A 136 -0.58 -12.41 -2.35
CA GLY A 136 -0.11 -11.00 -2.26
C GLY A 136 -0.85 -10.28 -1.15
N ALA A 137 -1.04 -10.92 -0.03
CA ALA A 137 -1.75 -10.27 1.09
C ALA A 137 -3.15 -9.83 0.65
N LYS A 138 -3.92 -9.28 1.54
CA LYS A 138 -5.29 -8.85 1.17
C LYS A 138 -5.24 -7.51 0.46
N ILE A 139 -5.88 -7.39 -0.68
CA ILE A 139 -5.86 -6.08 -1.41
C ILE A 139 -7.28 -5.58 -1.62
N SER A 140 -7.54 -4.36 -1.25
CA SER A 140 -8.91 -3.80 -1.43
C SER A 140 -8.79 -2.33 -1.84
N ILE A 141 -9.84 -1.77 -2.39
CA ILE A 141 -9.78 -0.33 -2.79
C ILE A 141 -9.99 0.52 -1.53
N MET A 142 -9.25 1.59 -1.39
CA MET A 142 -9.40 2.44 -0.17
C MET A 142 -10.73 3.20 -0.23
N THR A 143 -11.38 3.31 0.90
CA THR A 143 -12.67 4.05 0.94
C THR A 143 -12.46 5.38 1.68
N TYR A 144 -13.33 6.32 1.49
CA TYR A 144 -13.16 7.64 2.17
C TYR A 144 -13.01 7.44 3.68
N SER A 145 -13.75 6.53 4.26
CA SER A 145 -13.64 6.30 5.72
C SER A 145 -12.21 5.86 6.06
N GLU A 146 -11.64 5.00 5.28
CA GLU A 146 -10.24 4.55 5.55
C GLU A 146 -9.30 5.75 5.41
N PHE A 147 -9.59 6.63 4.50
CA PHE A 147 -8.72 7.83 4.32
C PHE A 147 -8.67 8.62 5.63
N LYS A 148 -9.78 8.73 6.30
CA LYS A 148 -9.81 9.48 7.59
C LYS A 148 -8.79 8.86 8.56
N HIS A 149 -8.75 7.56 8.62
CA HIS A 149 -7.79 6.90 9.56
C HIS A 149 -6.36 7.24 9.15
N CYS A 150 -6.03 7.07 7.89
CA CYS A 150 -4.64 7.40 7.44
C CYS A 150 -4.40 8.89 7.61
N TRP A 151 -5.41 9.69 7.40
CA TRP A 151 -5.26 11.16 7.54
C TRP A 151 -4.84 11.50 8.98
N ASP A 152 -5.46 10.90 9.95
CA ASP A 152 -5.08 11.21 11.37
C ASP A 152 -3.72 10.61 11.71
N THR A 153 -3.48 9.39 11.34
CA THR A 153 -2.17 8.75 11.67
C THR A 153 -1.01 9.36 10.88
N PHE A 154 -1.17 9.53 9.60
CA PHE A 154 -0.06 10.09 8.78
C PHE A 154 0.06 11.59 8.99
N VAL A 155 -1.03 12.29 9.07
CA VAL A 155 -0.96 13.76 9.28
C VAL A 155 -1.79 14.14 10.51
N ASP A 156 -1.34 15.11 11.26
CA ASP A 156 -2.11 15.52 12.46
C ASP A 156 -3.33 16.31 12.00
N HIS A 157 -4.49 15.72 12.08
CA HIS A 157 -5.73 16.44 11.65
C HIS A 157 -5.97 17.65 12.55
N GLN A 158 -5.30 17.73 13.67
CA GLN A 158 -5.51 18.88 14.58
C GLN A 158 -5.04 20.17 13.88
N GLY A 159 -5.94 21.08 13.64
CA GLY A 159 -5.56 22.35 12.97
C GLY A 159 -5.72 22.18 11.46
N CYS A 160 -5.74 20.96 10.99
CA CYS A 160 -5.90 20.70 9.53
C CYS A 160 -7.07 19.74 9.32
N PRO A 161 -8.27 20.26 9.19
CA PRO A 161 -9.48 19.41 8.99
C PRO A 161 -9.62 18.90 7.55
N PHE A 162 -10.10 17.70 7.38
CA PHE A 162 -10.26 17.14 6.02
C PHE A 162 -11.75 17.10 5.66
N GLN A 163 -12.09 17.51 4.46
CA GLN A 163 -13.53 17.51 4.06
C GLN A 163 -13.74 16.44 2.98
N PRO A 164 -14.19 15.26 3.37
CA PRO A 164 -14.43 14.15 2.40
C PRO A 164 -15.79 14.26 1.69
N TRP A 165 -15.83 13.89 0.45
CA TRP A 165 -17.12 13.95 -0.30
C TRP A 165 -17.34 12.61 -1.01
N ASP A 166 -18.54 12.33 -1.46
CA ASP A 166 -18.80 11.02 -2.12
C ASP A 166 -18.35 11.06 -3.58
N GLY A 167 -17.34 11.81 -3.89
CA GLY A 167 -16.85 11.85 -5.30
C GLY A 167 -15.84 10.74 -5.51
N LEU A 168 -14.81 10.71 -4.72
CA LEU A 168 -13.79 9.63 -4.85
C LEU A 168 -14.45 8.28 -4.54
N ASP A 169 -15.35 8.25 -3.60
CA ASP A 169 -16.02 6.97 -3.25
C ASP A 169 -16.80 6.46 -4.45
N GLU A 170 -17.47 7.31 -5.16
CA GLU A 170 -18.26 6.84 -6.34
C GLU A 170 -17.32 6.23 -7.39
N HIS A 171 -16.22 6.87 -7.66
CA HIS A 171 -15.27 6.31 -8.66
C HIS A 171 -14.66 5.03 -8.10
N SER A 172 -14.41 4.98 -6.82
CA SER A 172 -13.83 3.76 -6.21
C SER A 172 -14.76 2.57 -6.45
N GLN A 173 -16.05 2.79 -6.38
CA GLN A 173 -17.00 1.67 -6.61
C GLN A 173 -16.79 1.12 -8.02
N ASP A 174 -16.55 1.98 -8.97
CA ASP A 174 -16.33 1.50 -10.36
C ASP A 174 -15.10 0.59 -10.38
N LEU A 175 -14.07 0.95 -9.66
CA LEU A 175 -12.85 0.10 -9.64
C LEU A 175 -13.21 -1.28 -9.06
N SER A 176 -14.06 -1.31 -8.07
CA SER A 176 -14.44 -2.62 -7.47
C SER A 176 -15.07 -3.49 -8.55
N GLY A 177 -15.77 -2.89 -9.48
CA GLY A 177 -16.40 -3.68 -10.56
C GLY A 177 -15.32 -4.43 -11.35
N ARG A 178 -14.30 -3.76 -11.77
CA ARG A 178 -13.23 -4.45 -12.54
C ARG A 178 -12.58 -5.54 -11.67
N LEU A 179 -12.24 -5.21 -10.44
CA LEU A 179 -11.62 -6.23 -9.55
C LEU A 179 -12.63 -7.33 -9.25
N ARG A 180 -13.87 -6.98 -9.14
CA ARG A 180 -14.92 -8.00 -8.84
C ARG A 180 -14.89 -9.09 -9.91
N ALA A 181 -14.70 -8.70 -11.15
CA ALA A 181 -14.67 -9.72 -12.24
C ALA A 181 -13.47 -10.65 -12.06
N ILE A 182 -12.33 -10.12 -11.73
CA ILE A 182 -11.14 -10.99 -11.54
C ILE A 182 -11.38 -11.94 -10.39
N LEU A 183 -11.82 -11.43 -9.28
CA LEU A 183 -12.09 -12.29 -8.09
C LEU A 183 -13.19 -13.30 -8.44
N GLN A 184 -14.16 -12.89 -9.22
CA GLN A 184 -15.26 -13.82 -9.59
C GLN A 184 -14.69 -14.98 -10.41
N ASN A 185 -13.72 -14.70 -11.24
CA ASN A 185 -13.12 -15.78 -12.08
C ASN A 185 -12.07 -16.53 -11.27
N GLN A 186 -11.93 -16.22 -10.01
CA GLN A 186 -10.91 -16.93 -9.18
C GLN A 186 -11.11 -18.43 -9.37
N GLU A 187 -10.34 -19.03 -10.23
CA GLU A 187 -10.49 -20.49 -10.46
C GLU A 187 -10.01 -21.25 -9.22
N ASN A 188 -10.78 -22.22 -8.79
CA ASN A 188 -10.38 -23.00 -7.58
C ASN A 188 -9.34 -24.04 -7.98
P C38 B 6 9.52 2.44 -10.42
O1P C38 B 6 10.28 2.65 -9.16
O2P C38 B 6 9.46 3.53 -11.42
O5' C38 B 6 10.11 1.13 -11.15
C5' C38 B 6 10.15 -0.14 -10.48
C4' C38 B 6 10.76 -1.22 -11.36
O4' C38 B 6 10.06 -1.32 -12.60
C3' C38 B 6 12.21 -0.97 -11.72
O3' C38 B 6 12.98 -1.51 -10.66
C2' C38 B 6 12.39 -1.74 -13.02
C1' C38 B 6 10.97 -1.82 -13.60
N1 C38 B 6 10.77 -1.02 -14.82
C2 C38 B 6 11.64 -1.25 -15.88
O2 C38 B 6 12.52 -2.09 -15.78
N3 C38 B 6 11.48 -0.52 -17.01
C4 C38 B 6 10.51 0.40 -17.12
N4 C38 B 6 10.37 1.08 -18.25
C5 C38 B 6 9.60 0.63 -16.03
C6 C38 B 6 9.77 -0.10 -14.91
I C38 B 6 8.08 2.06 -16.19
H5'1 C38 B 6 9.15 -0.42 -10.19
H5'2 C38 B 6 10.75 -0.03 -9.58
H4' C38 B 6 10.67 -2.18 -10.85
H3' C38 B 6 12.40 0.10 -11.86
H2'1 C38 B 6 13.05 -1.19 -13.69
H2'2 C38 B 6 12.77 -2.75 -12.82
H1' C38 B 6 10.72 -2.86 -13.80
H4N1 C38 B 6 11.01 0.93 -19.01
H4N2 C38 B 6 9.64 1.78 -18.33
H6 C38 B 6 9.09 0.06 -14.07
ZN ZN C . 8.78 -3.40 -7.86
N MET A 1 5.22 16.07 9.74
CA MET A 1 4.35 15.98 8.53
C MET A 1 3.44 17.20 8.45
N ASP A 2 3.06 17.62 7.27
CA ASP A 2 2.17 18.80 7.15
C ASP A 2 0.72 18.32 7.13
N PRO A 3 -0.20 19.10 7.63
CA PRO A 3 -1.63 18.69 7.68
C PRO A 3 -2.13 18.16 6.33
N PRO A 4 -1.81 18.83 5.25
CA PRO A 4 -2.23 18.41 3.88
C PRO A 4 -1.18 17.53 3.20
N THR A 5 -0.20 17.05 3.91
CA THR A 5 0.85 16.21 3.28
C THR A 5 0.21 14.98 2.64
N PHE A 6 -0.70 14.35 3.33
CA PHE A 6 -1.37 13.14 2.75
C PHE A 6 -2.31 13.56 1.63
N THR A 7 -3.12 14.55 1.87
CA THR A 7 -4.08 15.02 0.82
C THR A 7 -3.30 15.44 -0.42
N PHE A 8 -2.17 16.06 -0.25
CA PHE A 8 -1.38 16.51 -1.44
C PHE A 8 -1.06 15.31 -2.33
N ASN A 9 -0.53 14.26 -1.76
CA ASN A 9 -0.19 13.07 -2.57
C ASN A 9 -1.45 12.50 -3.23
N PHE A 10 -2.52 12.37 -2.48
CA PHE A 10 -3.78 11.83 -3.08
C PHE A 10 -4.39 12.88 -4.01
N ASN A 11 -4.20 14.13 -3.71
CA ASN A 11 -4.77 15.20 -4.59
C ASN A 11 -3.84 15.37 -5.78
N ASN A 12 -2.87 14.50 -5.90
CA ASN A 12 -1.92 14.58 -7.04
C ASN A 12 -2.64 14.21 -8.34
N GLU A 13 -3.93 14.38 -8.39
CA GLU A 13 -4.67 14.04 -9.63
C GLU A 13 -4.06 14.78 -10.82
N PRO A 14 -3.70 16.03 -10.64
CA PRO A 14 -3.10 16.88 -11.71
C PRO A 14 -1.66 16.47 -12.05
N TRP A 15 -1.06 15.60 -11.29
CA TRP A 15 0.36 15.19 -11.59
C TRP A 15 0.47 14.69 -13.01
N VAL A 16 -0.64 14.52 -13.69
CA VAL A 16 -0.58 14.04 -15.11
C VAL A 16 0.14 15.09 -15.97
N ARG A 17 1.40 15.31 -15.72
CA ARG A 17 2.15 16.32 -16.52
C ARG A 17 3.16 15.60 -17.43
N GLY A 18 3.09 14.30 -17.50
CA GLY A 18 4.05 13.56 -18.37
C GLY A 18 5.23 13.09 -17.52
N ARG A 19 5.12 13.20 -16.22
CA ARG A 19 6.24 12.76 -15.33
C ARG A 19 5.76 11.61 -14.46
N HIS A 20 6.65 10.74 -14.05
CA HIS A 20 6.23 9.59 -13.21
C HIS A 20 6.61 9.85 -11.75
N GLU A 21 5.63 10.01 -10.90
CA GLU A 21 5.91 10.28 -9.46
C GLU A 21 5.27 9.19 -8.61
N THR A 22 5.97 8.68 -7.62
CA THR A 22 5.38 7.62 -6.76
C THR A 22 5.50 8.01 -5.28
N TYR A 23 4.46 7.84 -4.51
CA TYR A 23 4.53 8.18 -3.07
C TYR A 23 4.02 6.99 -2.25
N LEU A 24 4.80 6.51 -1.33
CA LEU A 24 4.37 5.35 -0.50
C LEU A 24 4.36 5.72 0.99
N CYS A 25 3.31 5.39 1.67
CA CYS A 25 3.22 5.69 3.13
C CYS A 25 2.90 4.39 3.86
N TYR A 26 3.69 4.03 4.84
CA TYR A 26 3.42 2.76 5.56
C TYR A 26 3.64 2.92 7.07
N GLU A 27 3.12 1.99 7.84
CA GLU A 27 3.29 2.04 9.31
C GLU A 27 3.54 0.61 9.81
N VAL A 28 4.16 0.47 10.96
CA VAL A 28 4.43 -0.90 11.49
C VAL A 28 3.90 -1.01 12.92
N GLU A 29 3.29 -2.11 13.27
CA GLU A 29 2.74 -2.26 14.64
C GLU A 29 3.14 -3.64 15.22
N ARG A 30 3.31 -3.72 16.51
CA ARG A 30 3.69 -5.01 17.15
C ARG A 30 2.52 -5.50 18.00
N MET A 31 2.03 -6.67 17.73
CA MET A 31 0.87 -7.20 18.51
C MET A 31 1.23 -8.55 19.13
N HIS A 32 1.00 -8.72 20.41
CA HIS A 32 1.28 -10.02 21.06
C HIS A 32 -0.05 -10.66 21.43
N ASN A 33 -0.17 -11.95 21.33
CA ASN A 33 -1.47 -12.60 21.65
C ASN A 33 -1.92 -12.22 23.05
N ASP A 34 -1.01 -12.15 23.99
CA ASP A 34 -1.40 -11.77 25.36
C ASP A 34 -1.75 -10.28 25.42
N THR A 35 -0.98 -9.46 24.76
CA THR A 35 -1.25 -7.99 24.78
C THR A 35 -0.91 -7.38 23.42
N TRP A 36 -1.35 -6.17 23.19
CA TRP A 36 -1.04 -5.50 21.90
C TRP A 36 -0.08 -4.34 22.18
N VAL A 37 0.94 -4.18 21.38
CA VAL A 37 1.93 -3.08 21.63
C VAL A 37 1.90 -2.06 20.49
N LEU A 38 1.67 -0.82 20.81
CA LEU A 38 1.65 0.25 19.77
C LEU A 38 2.96 1.03 19.81
N LEU A 39 3.97 0.48 20.43
CA LEU A 39 5.28 1.21 20.54
C LEU A 39 5.95 1.29 19.16
N ASN A 40 5.87 0.26 18.39
CA ASN A 40 6.50 0.28 17.04
C ASN A 40 5.68 1.16 16.10
N GLN A 41 4.50 1.55 16.51
CA GLN A 41 3.64 2.38 15.63
C GLN A 41 4.41 3.63 15.18
N ARG A 42 5.23 3.49 14.17
CA ARG A 42 6.02 4.64 13.66
C ARG A 42 5.53 4.99 12.25
N ARG A 43 5.83 6.17 11.78
CA ARG A 43 5.37 6.57 10.42
C ARG A 43 6.58 6.83 9.52
N GLY A 44 6.52 6.42 8.28
CA GLY A 44 7.66 6.64 7.35
C GLY A 44 7.16 6.62 5.91
N PHE A 45 8.02 6.86 4.96
CA PHE A 45 7.56 6.83 3.53
C PHE A 45 8.65 6.23 2.64
N LEU A 46 8.26 5.57 1.59
CA LEU A 46 9.26 4.98 0.65
C LEU A 46 9.01 5.56 -0.75
N CYS A 47 10.03 5.68 -1.55
CA CYS A 47 9.84 6.25 -2.91
C CYS A 47 10.32 5.24 -3.96
N ASN A 48 9.76 5.28 -5.13
CA ASN A 48 10.18 4.34 -6.20
C ASN A 48 11.32 4.96 -7.00
N GLN A 49 11.87 6.04 -6.51
CA GLN A 49 12.99 6.71 -7.23
C GLN A 49 14.30 6.38 -6.52
N ALA A 50 15.35 6.16 -7.26
CA ALA A 50 16.66 5.82 -6.63
C ALA A 50 17.25 7.07 -5.97
N PRO A 51 18.11 6.89 -5.00
CA PRO A 51 18.75 8.01 -4.27
C PRO A 51 19.61 8.89 -5.19
N HIS A 52 19.38 10.17 -5.19
CA HIS A 52 20.16 11.09 -6.06
C HIS A 52 21.59 11.26 -5.53
N LYS A 53 21.76 11.21 -4.24
CA LYS A 53 23.12 11.40 -3.64
C LYS A 53 24.13 10.37 -4.16
N HIS A 54 23.72 9.17 -4.43
CA HIS A 54 24.69 8.15 -4.91
C HIS A 54 25.08 8.40 -6.36
N GLY A 55 24.42 9.32 -7.03
CA GLY A 55 24.77 9.59 -8.45
C GLY A 55 23.53 9.44 -9.34
N PHE A 56 23.68 8.78 -10.45
CA PHE A 56 22.52 8.60 -11.38
C PHE A 56 21.55 7.57 -10.79
N LEU A 57 20.31 7.62 -11.21
CA LEU A 57 19.31 6.66 -10.67
C LEU A 57 19.74 5.25 -11.07
N GLU A 58 19.70 4.32 -10.17
CA GLU A 58 20.11 2.93 -10.53
C GLU A 58 18.86 2.05 -10.62
N GLY A 59 17.80 2.44 -9.96
CA GLY A 59 16.55 1.65 -10.02
C GLY A 59 16.10 1.23 -8.61
N ARG A 60 15.00 1.78 -8.16
CA ARG A 60 14.47 1.41 -6.82
C ARG A 60 12.94 1.47 -6.87
N HIS A 61 12.25 0.40 -6.57
CA HIS A 61 10.76 0.45 -6.62
C HIS A 61 10.21 0.77 -5.24
N ALA A 62 9.18 1.58 -5.19
CA ALA A 62 8.58 1.94 -3.88
C ALA A 62 7.99 0.70 -3.21
N GLU A 63 7.24 -0.08 -3.94
CA GLU A 63 6.63 -1.31 -3.37
C GLU A 63 7.71 -2.32 -2.95
N LEU A 64 8.73 -2.47 -3.75
CA LEU A 64 9.82 -3.44 -3.42
C LEU A 64 10.54 -2.99 -2.14
N CYS A 65 10.73 -1.72 -1.97
CA CYS A 65 11.44 -1.23 -0.76
C CYS A 65 10.67 -1.64 0.49
N PHE A 66 9.38 -1.57 0.46
CA PHE A 66 8.58 -1.96 1.65
C PHE A 66 8.83 -3.44 1.97
N LEU A 67 8.89 -4.27 0.97
CA LEU A 67 9.13 -5.71 1.23
C LEU A 67 10.45 -5.89 1.97
N ASP A 68 11.44 -5.11 1.63
CA ASP A 68 12.76 -5.22 2.33
C ASP A 68 12.67 -4.60 3.73
N VAL A 69 11.74 -3.71 3.94
CA VAL A 69 11.61 -3.07 5.27
C VAL A 69 11.16 -4.09 6.32
N ILE A 70 10.30 -5.00 5.97
CA ILE A 70 9.83 -6.01 6.97
C ILE A 70 11.03 -6.76 7.59
N PRO A 71 11.86 -7.40 6.79
CA PRO A 71 13.05 -8.14 7.33
C PRO A 71 14.02 -7.21 8.06
N PHE A 72 13.97 -5.95 7.75
CA PHE A 72 14.91 -4.99 8.43
C PHE A 72 14.44 -4.74 9.86
N TRP A 73 13.17 -4.92 10.13
CA TRP A 73 12.66 -4.69 11.52
C TRP A 73 12.91 -5.93 12.37
N LYS A 74 13.46 -6.97 11.79
CA LYS A 74 13.72 -8.22 12.56
C LYS A 74 12.55 -8.51 13.50
N LEU A 75 11.37 -8.63 12.96
CA LEU A 75 10.19 -8.92 13.83
C LEU A 75 10.28 -10.35 14.36
N ASP A 76 9.89 -10.56 15.60
CA ASP A 76 9.96 -11.93 16.17
C ASP A 76 8.92 -12.83 15.50
N LEU A 77 9.33 -14.00 15.08
CA LEU A 77 8.39 -14.94 14.42
C LEU A 77 7.35 -15.44 15.42
N ASP A 78 7.69 -15.48 16.68
CA ASP A 78 6.72 -15.98 17.70
C ASP A 78 5.75 -14.88 18.07
N GLN A 79 6.03 -13.66 17.69
CA GLN A 79 5.12 -12.54 18.03
C GLN A 79 4.34 -12.14 16.77
N ASP A 80 3.10 -11.75 16.92
CA ASP A 80 2.30 -11.35 15.72
C ASP A 80 2.69 -9.94 15.31
N TYR A 81 2.76 -9.68 14.02
CA TYR A 81 3.13 -8.32 13.53
C TYR A 81 2.06 -7.82 12.56
N ARG A 82 1.62 -6.60 12.71
CA ARG A 82 0.59 -6.05 11.79
C ARG A 82 1.19 -4.88 11.02
N VAL A 83 1.37 -5.05 9.74
CA VAL A 83 1.97 -3.95 8.91
C VAL A 83 1.01 -3.59 7.77
N THR A 84 0.83 -2.32 7.51
CA THR A 84 -0.10 -1.90 6.41
C THR A 84 0.63 -0.98 5.44
N CYS A 85 0.32 -1.06 4.18
CA CYS A 85 0.98 -0.17 3.18
C CYS A 85 -0.07 0.58 2.38
N PHE A 86 0.06 1.89 2.29
CA PHE A 86 -0.94 2.68 1.51
C PHE A 86 -0.30 3.10 0.19
N THR A 87 -0.76 2.56 -0.90
CA THR A 87 -0.19 2.93 -2.22
C THR A 87 -1.32 3.05 -3.24
N SER A 88 -1.14 3.81 -4.28
CA SER A 88 -2.24 3.95 -5.29
C SER A 88 -1.68 3.70 -6.69
N TRP A 89 -1.29 2.49 -6.99
CA TRP A 89 -0.77 2.18 -8.36
C TRP A 89 -0.50 0.68 -8.49
N SER A 90 -0.41 0.20 -9.69
CA SER A 90 -0.16 -1.26 -9.91
C SER A 90 1.33 -1.58 -9.63
N PRO A 91 1.62 -2.69 -8.97
CA PRO A 91 3.03 -3.10 -8.68
C PRO A 91 3.70 -3.75 -9.90
N CYS A 92 5.00 -3.86 -9.90
CA CYS A 92 5.70 -4.50 -11.05
C CYS A 92 5.42 -6.00 -11.03
N PHE A 93 5.38 -6.62 -12.18
CA PHE A 93 5.14 -8.09 -12.21
C PHE A 93 6.19 -8.78 -11.35
N SER A 94 7.43 -8.38 -11.47
CA SER A 94 8.51 -9.00 -10.66
C SER A 94 8.20 -8.76 -9.18
N CYS A 95 7.73 -7.60 -8.85
CA CYS A 95 7.41 -7.28 -7.43
C CYS A 95 6.16 -8.05 -7.00
N ALA A 96 5.22 -8.24 -7.89
CA ALA A 96 3.98 -8.99 -7.54
C ALA A 96 4.33 -10.40 -7.06
N GLN A 97 5.20 -11.07 -7.77
CA GLN A 97 5.57 -12.45 -7.36
C GLN A 97 6.30 -12.44 -6.01
N GLU A 98 7.12 -11.45 -5.76
CA GLU A 98 7.86 -11.41 -4.47
C GLU A 98 6.89 -11.21 -3.29
N MET A 99 5.88 -10.40 -3.45
CA MET A 99 4.93 -10.20 -2.31
C MET A 99 4.27 -11.52 -1.96
N ALA A 100 3.95 -12.34 -2.93
CA ALA A 100 3.31 -13.64 -2.64
C ALA A 100 4.30 -14.56 -1.92
N LYS A 101 5.51 -14.63 -2.39
CA LYS A 101 6.52 -15.52 -1.74
C LYS A 101 6.81 -15.04 -0.31
N PHE A 102 6.86 -13.76 -0.09
CA PHE A 102 7.15 -13.23 1.27
C PHE A 102 6.12 -13.73 2.28
N ILE A 103 4.86 -13.55 2.00
CA ILE A 103 3.82 -13.99 2.95
C ILE A 103 3.92 -15.50 3.16
N SER A 104 4.17 -16.24 2.13
CA SER A 104 4.30 -17.71 2.28
C SER A 104 5.38 -18.03 3.30
N LYS A 105 6.43 -17.24 3.33
CA LYS A 105 7.52 -17.50 4.30
C LYS A 105 7.18 -16.84 5.63
N ASN A 106 6.21 -15.98 5.65
CA ASN A 106 5.83 -15.30 6.92
C ASN A 106 4.32 -15.04 6.95
N LYS A 107 3.54 -16.04 7.26
CA LYS A 107 2.06 -15.86 7.30
C LYS A 107 1.65 -15.34 8.68
N HIS A 108 2.58 -15.21 9.58
CA HIS A 108 2.25 -14.73 10.96
C HIS A 108 2.09 -13.20 10.95
N VAL A 109 2.48 -12.56 9.88
CA VAL A 109 2.36 -11.07 9.83
C VAL A 109 1.11 -10.68 9.04
N SER A 110 0.34 -9.78 9.57
CA SER A 110 -0.88 -9.33 8.83
C SER A 110 -0.48 -8.20 7.88
N LEU A 111 -0.42 -8.47 6.60
CA LEU A 111 -0.02 -7.43 5.63
C LEU A 111 -1.21 -7.07 4.74
N CYS A 112 -1.54 -5.80 4.65
CA CYS A 112 -2.69 -5.39 3.80
C CYS A 112 -2.27 -4.23 2.89
N ILE A 113 -2.52 -4.34 1.61
CA ILE A 113 -2.12 -3.25 0.67
C ILE A 113 -3.38 -2.67 0.03
N PHE A 114 -3.55 -1.38 0.10
CA PHE A 114 -4.76 -0.76 -0.53
C PHE A 114 -4.36 -0.02 -1.80
N THR A 115 -4.95 -0.36 -2.91
CA THR A 115 -4.61 0.33 -4.18
C THR A 115 -5.81 1.20 -4.61
N ALA A 116 -5.62 2.49 -4.64
CA ALA A 116 -6.74 3.38 -5.06
C ALA A 116 -7.10 3.09 -6.51
N ARG A 117 -6.11 2.85 -7.33
CA ARG A 117 -6.39 2.55 -8.76
C ARG A 117 -5.49 1.39 -9.22
N ILE A 118 -6.01 0.53 -10.06
CA ILE A 118 -5.19 -0.63 -10.54
C ILE A 118 -4.93 -0.48 -12.04
N TYR A 119 -3.70 -0.46 -12.43
CA TYR A 119 -3.37 -0.31 -13.88
C TYR A 119 -3.12 -1.67 -14.52
N ASP A 120 -3.75 -1.94 -15.64
CA ASP A 120 -3.52 -3.24 -16.33
C ASP A 120 -3.29 -2.98 -17.82
N ASP A 121 -2.13 -3.34 -18.32
CA ASP A 121 -1.85 -3.08 -19.77
C ASP A 121 -2.80 -3.90 -20.64
N GLN A 122 -2.99 -5.15 -20.31
CA GLN A 122 -3.91 -6.01 -21.13
C GLN A 122 -4.58 -7.03 -20.21
N GLY A 123 -5.66 -7.61 -20.65
CA GLY A 123 -6.34 -8.63 -19.79
C GLY A 123 -5.77 -10.02 -20.13
N ARG A 124 -4.98 -10.56 -19.25
CA ARG A 124 -4.39 -11.91 -19.50
C ARG A 124 -3.58 -12.34 -18.28
N CYS A 125 -2.84 -11.44 -17.70
CA CYS A 125 -2.02 -11.78 -16.51
C CYS A 125 -2.96 -12.01 -15.31
N GLN A 126 -4.07 -12.65 -15.54
CA GLN A 126 -5.02 -12.90 -14.43
C GLN A 126 -4.31 -13.66 -13.30
N GLU A 127 -3.39 -14.51 -13.64
CA GLU A 127 -2.67 -15.28 -12.59
C GLU A 127 -1.99 -14.31 -11.62
N GLY A 128 -1.43 -13.25 -12.12
CA GLY A 128 -0.76 -12.26 -11.22
C GLY A 128 -1.81 -11.61 -10.33
N LEU A 129 -2.87 -11.10 -10.90
CA LEU A 129 -3.92 -10.45 -10.07
C LEU A 129 -4.59 -11.49 -9.17
N ARG A 130 -4.94 -12.62 -9.73
CA ARG A 130 -5.60 -13.68 -8.91
C ARG A 130 -4.61 -14.18 -7.86
N THR A 131 -3.40 -14.44 -8.26
CA THR A 131 -2.38 -14.93 -7.29
C THR A 131 -2.11 -13.83 -6.27
N LEU A 132 -2.05 -12.61 -6.71
CA LEU A 132 -1.79 -11.49 -5.78
C LEU A 132 -2.90 -11.42 -4.74
N ALA A 133 -4.12 -11.61 -5.14
CA ALA A 133 -5.23 -11.57 -4.15
C ALA A 133 -5.07 -12.74 -3.18
N GLU A 134 -4.68 -13.88 -3.66
CA GLU A 134 -4.52 -15.06 -2.78
C GLU A 134 -3.23 -14.94 -1.95
N ALA A 135 -2.11 -14.71 -2.59
CA ALA A 135 -0.83 -14.61 -1.83
C ALA A 135 -0.33 -13.18 -1.76
N GLY A 136 -0.81 -12.31 -2.60
CA GLY A 136 -0.32 -10.90 -2.55
C GLY A 136 -0.96 -10.20 -1.35
N ALA A 137 -1.09 -10.90 -0.26
CA ALA A 137 -1.70 -10.29 0.95
C ALA A 137 -3.10 -9.79 0.64
N LYS A 138 -3.77 -9.28 1.63
CA LYS A 138 -5.15 -8.77 1.43
C LYS A 138 -5.11 -7.44 0.67
N ILE A 139 -5.73 -7.37 -0.48
CA ILE A 139 -5.73 -6.10 -1.25
C ILE A 139 -7.16 -5.62 -1.48
N SER A 140 -7.40 -4.36 -1.22
CA SER A 140 -8.76 -3.80 -1.41
C SER A 140 -8.65 -2.38 -1.97
N ILE A 141 -9.71 -1.87 -2.53
CA ILE A 141 -9.65 -0.49 -3.08
C ILE A 141 -9.78 0.49 -1.92
N MET A 142 -8.98 1.52 -1.90
CA MET A 142 -9.04 2.49 -0.77
C MET A 142 -10.35 3.27 -0.83
N THR A 143 -11.03 3.37 0.28
CA THR A 143 -12.32 4.11 0.32
C THR A 143 -12.15 5.33 1.22
N TYR A 144 -13.02 6.29 1.11
CA TYR A 144 -12.89 7.51 1.96
C TYR A 144 -12.80 7.09 3.43
N SER A 145 -13.53 6.09 3.83
CA SER A 145 -13.47 5.64 5.25
C SER A 145 -12.04 5.23 5.59
N GLU A 146 -11.42 4.46 4.75
CA GLU A 146 -10.02 4.03 5.02
C GLU A 146 -9.12 5.26 4.97
N PHE A 147 -9.37 6.13 4.03
CA PHE A 147 -8.53 7.36 3.91
C PHE A 147 -8.72 8.19 5.18
N LYS A 148 -9.90 8.22 5.72
CA LYS A 148 -10.15 9.01 6.96
C LYS A 148 -9.16 8.60 8.05
N HIS A 149 -8.96 7.32 8.22
CA HIS A 149 -8.00 6.86 9.28
C HIS A 149 -6.59 7.32 8.91
N CYS A 150 -6.20 7.14 7.69
CA CYS A 150 -4.82 7.55 7.27
C CYS A 150 -4.67 9.06 7.47
N TRP A 151 -5.70 9.81 7.20
CA TRP A 151 -5.63 11.29 7.36
C TRP A 151 -5.26 11.65 8.80
N ASP A 152 -5.88 11.05 9.77
CA ASP A 152 -5.57 11.41 11.18
C ASP A 152 -4.16 10.94 11.58
N THR A 153 -3.78 9.75 11.23
CA THR A 153 -2.43 9.23 11.64
C THR A 153 -1.29 9.84 10.81
N PHE A 154 -1.44 9.93 9.52
CA PHE A 154 -0.32 10.46 8.69
C PHE A 154 -0.11 11.96 8.88
N VAL A 155 -1.15 12.70 9.19
CA VAL A 155 -0.97 14.18 9.38
C VAL A 155 -1.55 14.61 10.71
N ASP A 156 -0.94 15.58 11.34
CA ASP A 156 -1.48 16.08 12.64
C ASP A 156 -2.76 16.86 12.38
N HIS A 157 -3.88 16.19 12.35
CA HIS A 157 -5.17 16.88 12.09
C HIS A 157 -5.46 17.90 13.19
N GLN A 158 -4.79 17.81 14.30
CA GLN A 158 -5.05 18.77 15.40
C GLN A 158 -5.06 20.20 14.85
N GLY A 159 -6.21 20.81 14.81
CA GLY A 159 -6.29 22.21 14.29
C GLY A 159 -6.54 22.17 12.78
N CYS A 160 -6.28 21.05 12.15
CA CYS A 160 -6.50 20.95 10.68
C CYS A 160 -7.39 19.75 10.37
N PRO A 161 -8.69 19.93 10.36
CA PRO A 161 -9.65 18.82 10.08
C PRO A 161 -9.73 18.50 8.58
N PHE A 162 -9.92 17.25 8.24
CA PHE A 162 -10.01 16.88 6.80
C PHE A 162 -11.47 16.73 6.41
N GLN A 163 -11.85 17.27 5.28
CA GLN A 163 -13.28 17.16 4.83
C GLN A 163 -13.35 16.20 3.64
N PRO A 164 -13.70 14.96 3.86
CA PRO A 164 -13.78 13.95 2.77
C PRO A 164 -15.06 14.09 1.92
N TRP A 165 -14.98 13.70 0.68
CA TRP A 165 -16.17 13.79 -0.22
C TRP A 165 -16.45 12.41 -0.82
N ASP A 166 -17.64 12.15 -1.25
CA ASP A 166 -17.94 10.81 -1.83
C ASP A 166 -17.76 10.82 -3.34
N GLY A 167 -16.87 11.63 -3.84
CA GLY A 167 -16.64 11.65 -5.31
C GLY A 167 -15.71 10.49 -5.66
N LEU A 168 -14.64 10.35 -4.93
CA LEU A 168 -13.70 9.23 -5.18
C LEU A 168 -14.43 7.91 -4.94
N ASP A 169 -15.31 7.88 -3.98
CA ASP A 169 -16.05 6.63 -3.69
C ASP A 169 -16.83 6.19 -4.92
N GLU A 170 -17.43 7.11 -5.62
CA GLU A 170 -18.21 6.71 -6.83
C GLU A 170 -17.28 6.06 -7.86
N HIS A 171 -16.13 6.61 -8.08
CA HIS A 171 -15.18 6.01 -9.06
C HIS A 171 -14.70 4.66 -8.52
N SER A 172 -14.49 4.57 -7.24
CA SER A 172 -14.02 3.30 -6.65
C SER A 172 -15.03 2.19 -6.93
N GLN A 173 -16.30 2.50 -6.88
CA GLN A 173 -17.32 1.46 -7.15
C GLN A 173 -17.14 0.92 -8.57
N ASP A 174 -16.87 1.79 -9.52
CA ASP A 174 -16.67 1.32 -10.91
C ASP A 174 -15.42 0.44 -10.97
N LEU A 175 -14.36 0.86 -10.32
CA LEU A 175 -13.11 0.05 -10.33
C LEU A 175 -13.36 -1.26 -9.59
N SER A 176 -14.10 -1.21 -8.52
CA SER A 176 -14.39 -2.45 -7.75
C SER A 176 -15.06 -3.46 -8.67
N GLY A 177 -15.90 -3.01 -9.56
CA GLY A 177 -16.58 -3.94 -10.49
C GLY A 177 -15.53 -4.70 -11.31
N ARG A 178 -14.58 -4.00 -11.86
CA ARG A 178 -13.53 -4.69 -12.66
C ARG A 178 -12.75 -5.66 -11.77
N LEU A 179 -12.39 -5.23 -10.59
CA LEU A 179 -11.64 -6.13 -9.68
C LEU A 179 -12.52 -7.31 -9.28
N ARG A 180 -13.79 -7.08 -9.15
CA ARG A 180 -14.72 -8.18 -8.77
C ARG A 180 -14.62 -9.32 -9.80
N ALA A 181 -14.50 -8.96 -11.06
CA ALA A 181 -14.41 -10.01 -12.11
C ALA A 181 -13.12 -10.82 -11.92
N ILE A 182 -12.04 -10.17 -11.58
CA ILE A 182 -10.77 -10.91 -11.39
C ILE A 182 -10.95 -11.94 -10.27
N LEU A 183 -11.46 -11.51 -9.15
CA LEU A 183 -11.67 -12.45 -8.01
C LEU A 183 -12.73 -13.48 -8.40
N GLN A 184 -13.69 -13.10 -9.19
CA GLN A 184 -14.75 -14.07 -9.61
C GLN A 184 -14.12 -15.21 -10.40
N ASN A 185 -13.10 -14.92 -11.17
CA ASN A 185 -12.45 -16.00 -11.97
C ASN A 185 -11.45 -16.74 -11.09
N GLN A 186 -11.40 -16.43 -9.82
CA GLN A 186 -10.45 -17.14 -8.93
C GLN A 186 -10.66 -18.64 -9.08
N GLU A 187 -9.86 -19.29 -9.88
CA GLU A 187 -10.04 -20.75 -10.09
C GLU A 187 -9.67 -21.48 -8.81
N ASN A 188 -10.48 -22.42 -8.42
CA ASN A 188 -10.19 -23.20 -7.18
C ASN A 188 -8.74 -23.69 -7.21
P C38 B 6 9.42 2.51 -10.93
O1P C38 B 6 10.13 2.89 -9.70
O2P C38 B 6 9.40 3.44 -12.09
O5' C38 B 6 10.03 1.09 -11.44
C5' C38 B 6 10.02 -0.04 -10.58
C4' C38 B 6 10.70 -1.26 -11.19
O4' C38 B 6 10.14 -1.56 -12.47
C3' C38 B 6 12.18 -1.08 -11.40
O3' C38 B 6 12.83 -1.43 -10.19
C2' C38 B 6 12.49 -2.07 -12.51
C1' C38 B 6 11.17 -2.15 -13.28
N1 C38 B 6 11.19 -1.42 -14.57
C2 C38 B 6 12.13 -1.79 -15.51
O2 C38 B 6 12.91 -2.72 -15.26
N3 C38 B 6 12.17 -1.14 -16.69
C4 C38 B 6 11.31 -0.14 -16.95
N4 C38 B 6 11.37 0.49 -18.13
C5 C38 B 6 10.34 0.26 -15.98
C6 C38 B 6 10.31 -0.40 -14.81
I C38 B 6 9.00 1.82 -16.38
H5'1 C38 B 6 9.00 -0.30 -10.34
H5'2 C38 B 6 10.53 0.22 -9.66
H4' C38 B 6 10.54 -2.11 -10.54
H3' C38 B 6 12.41 -0.05 -11.70
H2'1 C38 B 6 13.29 -1.69 -13.15
H2'2 C38 B 6 12.75 -3.05 -12.09
H1' C38 B 6 10.93 -3.19 -13.48
H4N1 C38 B 6 12.06 0.21 -18.81
H4N2 C38 B 6 10.73 1.24 -18.33
H6 C38 B 6 9.58 -0.12 -14.05
ZN ZN C . 8.68 -2.79 -8.27
N MET A 1 4.83 14.82 10.39
CA MET A 1 4.20 15.16 9.09
C MET A 1 3.49 16.51 9.19
N ASP A 2 3.31 17.18 8.08
CA ASP A 2 2.61 18.49 8.13
C ASP A 2 1.11 18.25 7.97
N PRO A 3 0.29 19.06 8.57
CA PRO A 3 -1.19 18.89 8.51
C PRO A 3 -1.69 18.58 7.10
N PRO A 4 -1.22 19.29 6.10
CA PRO A 4 -1.66 19.11 4.69
C PRO A 4 -0.71 18.23 3.85
N THR A 5 0.42 17.84 4.38
CA THR A 5 1.37 17.02 3.57
C THR A 5 0.71 15.73 3.09
N PHE A 6 -0.02 15.06 3.94
CA PHE A 6 -0.68 13.80 3.51
C PHE A 6 -1.60 14.07 2.32
N THR A 7 -2.41 15.09 2.41
CA THR A 7 -3.33 15.41 1.28
C THR A 7 -2.51 15.80 0.05
N PHE A 8 -1.43 16.51 0.25
CA PHE A 8 -0.59 16.94 -0.90
C PHE A 8 -0.15 15.72 -1.71
N ASN A 9 0.36 14.73 -1.04
CA ASN A 9 0.81 13.50 -1.77
C ASN A 9 -0.36 12.89 -2.52
N PHE A 10 -1.52 12.83 -1.90
CA PHE A 10 -2.70 12.24 -2.60
C PHE A 10 -3.19 13.20 -3.70
N ASN A 11 -2.89 14.46 -3.56
CA ASN A 11 -3.33 15.45 -4.59
C ASN A 11 -2.42 15.37 -5.81
N ASN A 12 -1.75 14.25 -5.99
CA ASN A 12 -0.85 14.11 -7.16
C ASN A 12 -1.68 14.00 -8.44
N GLU A 13 -2.92 14.41 -8.38
CA GLU A 13 -3.78 14.33 -9.60
C GLU A 13 -3.09 15.00 -10.79
N PRO A 14 -2.48 16.13 -10.57
CA PRO A 14 -1.77 16.90 -11.65
C PRO A 14 -0.43 16.27 -12.05
N TRP A 15 0.05 15.30 -11.31
CA TRP A 15 1.36 14.68 -11.67
C TRP A 15 1.34 14.18 -13.11
N VAL A 16 0.20 14.13 -13.73
CA VAL A 16 0.13 13.65 -15.14
C VAL A 16 0.81 14.65 -16.07
N ARG A 17 2.09 14.88 -15.89
CA ARG A 17 2.81 15.85 -16.76
C ARG A 17 3.88 15.10 -17.56
N GLY A 18 3.85 13.80 -17.54
CA GLY A 18 4.86 13.01 -18.29
C GLY A 18 5.98 12.58 -17.34
N ARG A 19 5.84 12.89 -16.08
CA ARG A 19 6.88 12.51 -15.08
C ARG A 19 6.34 11.39 -14.20
N HIS A 20 7.18 10.51 -13.74
CA HIS A 20 6.70 9.38 -12.88
C HIS A 20 7.00 9.69 -11.42
N GLU A 21 5.98 9.93 -10.64
CA GLU A 21 6.18 10.24 -9.19
C GLU A 21 5.41 9.20 -8.35
N THR A 22 6.04 8.62 -7.38
CA THR A 22 5.34 7.61 -6.54
C THR A 22 5.50 7.96 -5.06
N TYR A 23 4.44 7.86 -4.30
CA TYR A 23 4.52 8.17 -2.85
C TYR A 23 3.96 6.98 -2.05
N LEU A 24 4.73 6.41 -1.18
CA LEU A 24 4.24 5.25 -0.39
C LEU A 24 4.19 5.60 1.10
N CYS A 25 3.09 5.30 1.73
CA CYS A 25 2.95 5.58 3.20
C CYS A 25 2.65 4.28 3.91
N TYR A 26 3.41 3.93 4.91
CA TYR A 26 3.17 2.64 5.62
C TYR A 26 3.31 2.82 7.13
N GLU A 27 2.75 1.90 7.88
CA GLU A 27 2.85 1.97 9.36
C GLU A 27 3.15 0.57 9.89
N VAL A 28 3.69 0.47 11.07
CA VAL A 28 4.01 -0.87 11.65
C VAL A 28 3.32 -1.02 13.01
N GLU A 29 2.79 -2.17 13.29
CA GLU A 29 2.09 -2.39 14.59
C GLU A 29 2.63 -3.66 15.25
N ARG A 30 2.64 -3.70 16.56
CA ARG A 30 3.15 -4.93 17.26
C ARG A 30 2.00 -5.52 18.08
N MET A 31 1.69 -6.77 17.87
CA MET A 31 0.56 -7.41 18.61
C MET A 31 1.04 -8.63 19.41
N HIS A 32 0.71 -8.69 20.66
CA HIS A 32 1.09 -9.87 21.50
C HIS A 32 -0.18 -10.54 21.99
N ASN A 33 -0.24 -11.84 21.99
CA ASN A 33 -1.47 -12.53 22.46
C ASN A 33 -1.81 -12.10 23.88
N ASP A 34 -0.82 -11.92 24.71
CA ASP A 34 -1.10 -11.50 26.12
C ASP A 34 -1.54 -10.03 26.15
N THR A 35 -0.94 -9.19 25.35
CA THR A 35 -1.32 -7.76 25.35
C THR A 35 -1.25 -7.20 23.93
N TRP A 36 -1.88 -6.07 23.70
CA TRP A 36 -1.84 -5.47 22.34
C TRP A 36 -0.99 -4.19 22.40
N VAL A 37 -0.07 -4.04 21.49
CA VAL A 37 0.80 -2.83 21.49
C VAL A 37 0.64 -2.07 20.18
N LEU A 38 0.45 -0.78 20.25
CA LEU A 38 0.29 0.02 19.00
C LEU A 38 1.61 0.70 18.63
N LEU A 39 2.34 0.12 17.72
CA LEU A 39 3.63 0.73 17.30
C LEU A 39 3.35 1.76 16.20
N ASN A 40 2.11 2.09 16.00
CA ASN A 40 1.74 3.08 14.94
C ASN A 40 2.42 4.42 15.23
N GLN A 41 2.86 4.64 16.44
CA GLN A 41 3.51 5.93 16.76
C GLN A 41 4.68 6.16 15.80
N ARG A 42 5.32 5.12 15.37
CA ARG A 42 6.46 5.28 14.42
C ARG A 42 5.96 5.04 13.00
N ARG A 43 6.19 5.97 12.11
CA ARG A 43 5.73 5.81 10.70
C ARG A 43 6.89 6.09 9.75
N GLY A 44 6.84 5.56 8.56
CA GLY A 44 7.95 5.81 7.60
C GLY A 44 7.39 5.94 6.18
N PHE A 45 8.19 6.41 5.25
CA PHE A 45 7.69 6.56 3.86
C PHE A 45 8.72 5.96 2.89
N LEU A 46 8.26 5.33 1.85
CA LEU A 46 9.21 4.73 0.85
C LEU A 46 8.95 5.36 -0.51
N CYS A 47 9.98 5.49 -1.32
CA CYS A 47 9.79 6.10 -2.67
C CYS A 47 10.29 5.11 -3.73
N ASN A 48 9.73 5.17 -4.91
CA ASN A 48 10.17 4.24 -5.99
C ASN A 48 11.24 4.94 -6.83
N GLN A 49 11.74 6.06 -6.36
CA GLN A 49 12.78 6.79 -7.12
C GLN A 49 14.17 6.53 -6.52
N ALA A 50 15.16 6.36 -7.34
CA ALA A 50 16.54 6.11 -6.82
C ALA A 50 17.09 7.37 -6.14
N PRO A 51 18.08 7.20 -5.30
CA PRO A 51 18.70 8.34 -4.56
C PRO A 51 19.34 9.36 -5.50
N HIS A 52 19.01 10.61 -5.35
CA HIS A 52 19.61 11.64 -6.25
C HIS A 52 21.09 11.85 -5.93
N LYS A 53 21.44 11.78 -4.67
CA LYS A 53 22.86 12.00 -4.25
C LYS A 53 23.82 10.98 -4.86
N HIS A 54 23.40 9.78 -5.12
CA HIS A 54 24.35 8.76 -5.66
C HIS A 54 24.64 9.02 -7.16
N GLY A 55 23.93 9.93 -7.78
CA GLY A 55 24.21 10.20 -9.24
C GLY A 55 22.95 9.96 -10.07
N PHE A 56 23.10 9.29 -11.18
CA PHE A 56 21.91 9.01 -12.04
C PHE A 56 21.04 7.94 -11.36
N LEU A 57 19.79 7.89 -11.70
CA LEU A 57 18.88 6.91 -11.03
C LEU A 57 19.48 5.50 -11.09
N GLU A 58 19.33 4.76 -10.03
CA GLU A 58 19.86 3.37 -9.98
C GLU A 58 18.69 2.39 -10.14
N GLY A 59 17.51 2.84 -9.80
CA GLY A 59 16.32 1.96 -9.93
C GLY A 59 15.92 1.42 -8.56
N ARG A 60 14.79 1.85 -8.07
CA ARG A 60 14.29 1.36 -6.76
C ARG A 60 12.76 1.36 -6.81
N HIS A 61 12.12 0.27 -6.46
CA HIS A 61 10.64 0.26 -6.50
C HIS A 61 10.08 0.51 -5.10
N ALA A 62 9.13 1.39 -4.99
CA ALA A 62 8.54 1.69 -3.65
C ALA A 62 7.88 0.45 -3.07
N GLU A 63 7.12 -0.26 -3.85
CA GLU A 63 6.42 -1.47 -3.34
C GLU A 63 7.46 -2.54 -2.93
N LEU A 64 8.49 -2.71 -3.70
CA LEU A 64 9.53 -3.72 -3.39
C LEU A 64 10.27 -3.33 -2.10
N CYS A 65 10.52 -2.06 -1.93
CA CYS A 65 11.26 -1.61 -0.72
C CYS A 65 10.47 -1.96 0.55
N PHE A 66 9.18 -1.81 0.53
CA PHE A 66 8.37 -2.14 1.73
C PHE A 66 8.52 -3.63 2.06
N LEU A 67 8.46 -4.46 1.05
CA LEU A 67 8.60 -5.92 1.30
C LEU A 67 9.94 -6.21 1.96
N ASP A 68 10.97 -5.52 1.56
CA ASP A 68 12.32 -5.74 2.16
C ASP A 68 12.38 -5.11 3.55
N VAL A 69 11.54 -4.16 3.81
CA VAL A 69 11.56 -3.48 5.14
C VAL A 69 11.11 -4.45 6.24
N ILE A 70 10.13 -5.27 5.98
CA ILE A 70 9.65 -6.22 7.03
C ILE A 70 10.83 -7.06 7.56
N PRO A 71 11.52 -7.79 6.72
CA PRO A 71 12.68 -8.62 7.17
C PRO A 71 13.78 -7.78 7.81
N PHE A 72 13.83 -6.52 7.48
CA PHE A 72 14.89 -5.64 8.07
C PHE A 72 14.54 -5.31 9.52
N TRP A 73 13.28 -5.37 9.87
CA TRP A 73 12.89 -5.06 11.28
C TRP A 73 13.07 -6.30 12.15
N LYS A 74 13.61 -7.36 11.58
CA LYS A 74 13.82 -8.60 12.38
C LYS A 74 12.59 -8.85 13.27
N LEU A 75 11.43 -8.97 12.67
CA LEU A 75 10.21 -9.21 13.48
C LEU A 75 10.22 -10.63 14.05
N ASP A 76 9.74 -10.81 15.25
CA ASP A 76 9.72 -12.17 15.85
C ASP A 76 8.62 -13.02 15.21
N LEU A 77 8.96 -14.20 14.76
CA LEU A 77 7.94 -15.08 14.15
C LEU A 77 6.93 -15.55 15.19
N ASP A 78 7.34 -15.62 16.43
CA ASP A 78 6.41 -16.10 17.50
C ASP A 78 5.49 -14.96 17.94
N GLN A 79 5.81 -13.75 17.55
CA GLN A 79 4.95 -12.60 17.96
C GLN A 79 4.09 -12.18 16.76
N ASP A 80 2.87 -11.77 17.01
CA ASP A 80 1.99 -11.35 15.86
C ASP A 80 2.37 -9.94 15.41
N TYR A 81 2.34 -9.71 14.12
CA TYR A 81 2.68 -8.35 13.61
C TYR A 81 1.66 -7.92 12.55
N ARG A 82 1.17 -6.72 12.65
CA ARG A 82 0.19 -6.22 11.64
C ARG A 82 0.79 -5.01 10.93
N VAL A 83 1.02 -5.11 9.65
CA VAL A 83 1.61 -3.97 8.90
C VAL A 83 0.68 -3.59 7.75
N THR A 84 0.48 -2.32 7.53
CA THR A 84 -0.43 -1.89 6.43
C THR A 84 0.32 -0.94 5.48
N CYS A 85 0.06 -1.03 4.21
CA CYS A 85 0.75 -0.14 3.23
C CYS A 85 -0.29 0.59 2.39
N PHE A 86 -0.21 1.90 2.32
CA PHE A 86 -1.20 2.66 1.51
C PHE A 86 -0.54 3.13 0.21
N THR A 87 -1.02 2.63 -0.89
CA THR A 87 -0.44 3.03 -2.21
C THR A 87 -1.57 3.20 -3.21
N SER A 88 -1.39 3.99 -4.23
CA SER A 88 -2.47 4.18 -5.24
C SER A 88 -1.96 3.91 -6.64
N TRP A 89 -1.64 2.67 -6.94
CA TRP A 89 -1.15 2.34 -8.32
C TRP A 89 -0.97 0.82 -8.44
N SER A 90 -0.95 0.32 -9.65
CA SER A 90 -0.79 -1.15 -9.83
C SER A 90 0.66 -1.55 -9.44
N PRO A 91 0.82 -2.65 -8.75
CA PRO A 91 2.16 -3.13 -8.33
C PRO A 91 2.98 -3.67 -9.52
N CYS A 92 4.28 -3.58 -9.44
CA CYS A 92 5.12 -4.10 -10.57
C CYS A 92 5.06 -5.63 -10.56
N PHE A 93 5.10 -6.23 -11.73
CA PHE A 93 5.03 -7.72 -11.80
C PHE A 93 6.11 -8.35 -10.93
N SER A 94 7.29 -7.82 -10.91
CA SER A 94 8.38 -8.41 -10.08
C SER A 94 7.93 -8.49 -8.62
N CYS A 95 7.25 -7.49 -8.13
CA CYS A 95 6.79 -7.51 -6.71
C CYS A 95 5.65 -8.52 -6.53
N ALA A 96 4.82 -8.67 -7.52
CA ALA A 96 3.67 -9.62 -7.39
C ALA A 96 4.17 -11.02 -7.05
N GLN A 97 5.12 -11.51 -7.79
CA GLN A 97 5.63 -12.89 -7.51
C GLN A 97 6.37 -12.92 -6.17
N GLU A 98 7.17 -11.93 -5.89
CA GLU A 98 7.92 -11.91 -4.60
C GLU A 98 6.95 -11.67 -3.44
N MET A 99 6.00 -10.82 -3.63
CA MET A 99 5.04 -10.52 -2.53
C MET A 99 4.32 -11.80 -2.10
N ALA A 100 3.93 -12.62 -3.04
CA ALA A 100 3.22 -13.88 -2.66
C ALA A 100 4.16 -14.77 -1.85
N LYS A 101 5.38 -14.91 -2.28
CA LYS A 101 6.35 -15.77 -1.53
C LYS A 101 6.63 -15.15 -0.15
N PHE A 102 6.60 -13.85 -0.04
CA PHE A 102 6.88 -13.21 1.27
C PHE A 102 5.94 -13.74 2.34
N ILE A 103 4.66 -13.71 2.11
CA ILE A 103 3.71 -14.22 3.12
C ILE A 103 3.98 -15.69 3.41
N SER A 104 4.28 -16.46 2.39
CA SER A 104 4.57 -17.89 2.61
C SER A 104 5.74 -18.02 3.58
N LYS A 105 6.69 -17.12 3.50
CA LYS A 105 7.86 -17.18 4.40
C LYS A 105 7.51 -16.50 5.73
N ASN A 106 6.46 -15.74 5.75
CA ASN A 106 6.06 -15.06 7.01
C ASN A 106 4.53 -14.96 7.09
N LYS A 107 3.89 -16.02 7.50
CA LYS A 107 2.40 -15.99 7.59
C LYS A 107 1.98 -15.42 8.95
N HIS A 108 2.92 -15.14 9.80
CA HIS A 108 2.57 -14.59 11.15
C HIS A 108 2.33 -13.08 11.04
N VAL A 109 2.67 -12.48 9.93
CA VAL A 109 2.45 -11.02 9.78
C VAL A 109 1.20 -10.77 8.92
N SER A 110 0.39 -9.83 9.31
CA SER A 110 -0.82 -9.52 8.51
C SER A 110 -0.50 -8.37 7.55
N LEU A 111 -0.37 -8.67 6.29
CA LEU A 111 -0.05 -7.60 5.30
C LEU A 111 -1.30 -7.19 4.52
N CYS A 112 -1.62 -5.92 4.51
CA CYS A 112 -2.81 -5.46 3.75
C CYS A 112 -2.41 -4.28 2.87
N ILE A 113 -2.66 -4.37 1.59
CA ILE A 113 -2.29 -3.26 0.67
C ILE A 113 -3.54 -2.66 0.03
N PHE A 114 -3.71 -1.38 0.11
CA PHE A 114 -4.92 -0.76 -0.51
C PHE A 114 -4.51 0.00 -1.78
N THR A 115 -5.20 -0.24 -2.86
CA THR A 115 -4.87 0.47 -4.13
C THR A 115 -6.07 1.30 -4.57
N ALA A 116 -5.87 2.57 -4.78
CA ALA A 116 -7.00 3.42 -5.23
C ALA A 116 -7.46 2.95 -6.61
N ARG A 117 -6.53 2.54 -7.43
CA ARG A 117 -6.88 2.05 -8.79
C ARG A 117 -5.84 1.02 -9.22
N ILE A 118 -6.24 0.05 -10.00
CA ILE A 118 -5.26 -0.99 -10.45
C ILE A 118 -5.16 -1.00 -11.98
N TYR A 119 -3.97 -0.79 -12.51
CA TYR A 119 -3.80 -0.80 -13.99
C TYR A 119 -2.92 -1.99 -14.39
N ASP A 120 -3.41 -2.85 -15.24
CA ASP A 120 -2.61 -4.03 -15.65
C ASP A 120 -1.62 -3.63 -16.75
N ASP A 121 -0.37 -3.96 -16.60
CA ASP A 121 0.64 -3.61 -17.65
C ASP A 121 0.26 -4.28 -18.96
N GLN A 122 -0.17 -5.52 -18.91
CA GLN A 122 -0.55 -6.23 -20.17
C GLN A 122 -1.76 -7.13 -19.89
N GLY A 123 -2.45 -7.55 -20.91
CA GLY A 123 -3.64 -8.43 -20.69
C GLY A 123 -3.17 -9.83 -20.31
N ARG A 124 -4.08 -10.75 -20.14
CA ARG A 124 -3.69 -12.14 -19.76
C ARG A 124 -2.95 -12.10 -18.41
N CYS A 125 -2.70 -10.94 -17.89
CA CYS A 125 -2.00 -10.84 -16.59
C CYS A 125 -3.00 -11.04 -15.45
N GLN A 126 -4.21 -11.36 -15.77
CA GLN A 126 -5.25 -11.56 -14.72
C GLN A 126 -4.78 -12.64 -13.75
N GLU A 127 -4.06 -13.62 -14.24
CA GLU A 127 -3.59 -14.71 -13.34
C GLU A 127 -2.74 -14.11 -12.21
N GLY A 128 -1.93 -13.13 -12.53
CA GLY A 128 -1.10 -12.50 -11.47
C GLY A 128 -2.00 -11.84 -10.43
N LEU A 129 -3.04 -11.19 -10.88
CA LEU A 129 -3.96 -10.52 -9.92
C LEU A 129 -4.65 -11.59 -9.05
N ARG A 130 -5.06 -12.68 -9.65
CA ARG A 130 -5.72 -13.74 -8.86
C ARG A 130 -4.75 -14.30 -7.83
N THR A 131 -3.54 -14.58 -8.24
CA THR A 131 -2.53 -15.11 -7.30
C THR A 131 -2.22 -14.05 -6.26
N LEU A 132 -2.13 -12.82 -6.68
CA LEU A 132 -1.83 -11.72 -5.73
C LEU A 132 -2.92 -11.64 -4.67
N ALA A 133 -4.15 -11.81 -5.05
CA ALA A 133 -5.25 -11.75 -4.05
C ALA A 133 -5.10 -12.92 -3.09
N GLU A 134 -4.71 -14.06 -3.59
CA GLU A 134 -4.55 -15.25 -2.71
C GLU A 134 -3.28 -15.14 -1.87
N ALA A 135 -2.15 -14.93 -2.50
CA ALA A 135 -0.88 -14.84 -1.73
C ALA A 135 -0.36 -13.40 -1.66
N GLY A 136 -0.84 -12.53 -2.51
CA GLY A 136 -0.35 -11.13 -2.47
C GLY A 136 -1.06 -10.39 -1.34
N ALA A 137 -1.22 -11.02 -0.21
CA ALA A 137 -1.89 -10.36 0.93
C ALA A 137 -3.29 -9.91 0.53
N LYS A 138 -4.04 -9.36 1.45
CA LYS A 138 -5.41 -8.90 1.13
C LYS A 138 -5.36 -7.52 0.49
N ILE A 139 -5.98 -7.34 -0.64
CA ILE A 139 -5.96 -6.01 -1.31
C ILE A 139 -7.38 -5.49 -1.51
N SER A 140 -7.60 -4.23 -1.22
CA SER A 140 -8.95 -3.64 -1.39
C SER A 140 -8.82 -2.22 -1.93
N ILE A 141 -9.88 -1.68 -2.49
CA ILE A 141 -9.80 -0.30 -3.03
C ILE A 141 -9.93 0.69 -1.86
N MET A 142 -9.18 1.76 -1.89
CA MET A 142 -9.25 2.75 -0.77
C MET A 142 -10.55 3.54 -0.86
N THR A 143 -11.15 3.84 0.27
CA THR A 143 -12.41 4.63 0.27
C THR A 143 -12.26 5.85 1.16
N TYR A 144 -13.21 6.72 1.12
CA TYR A 144 -13.14 7.96 1.96
C TYR A 144 -13.00 7.58 3.45
N SER A 145 -13.74 6.60 3.90
CA SER A 145 -13.64 6.21 5.33
C SER A 145 -12.21 5.75 5.65
N GLU A 146 -11.66 4.92 4.82
CA GLU A 146 -10.26 4.44 5.07
C GLU A 146 -9.31 5.64 4.98
N PHE A 147 -9.58 6.56 4.10
CA PHE A 147 -8.71 7.75 3.96
C PHE A 147 -8.64 8.48 5.29
N LYS A 148 -9.75 8.63 5.97
CA LYS A 148 -9.75 9.33 7.28
C LYS A 148 -8.81 8.62 8.25
N HIS A 149 -8.78 7.32 8.23
CA HIS A 149 -7.87 6.59 9.17
C HIS A 149 -6.42 7.01 8.90
N CYS A 150 -6.02 7.01 7.65
CA CYS A 150 -4.63 7.42 7.34
C CYS A 150 -4.43 8.89 7.69
N TRP A 151 -5.45 9.67 7.51
CA TRP A 151 -5.37 11.13 7.83
C TRP A 151 -4.98 11.31 9.30
N ASP A 152 -5.54 10.54 10.18
CA ASP A 152 -5.21 10.70 11.63
C ASP A 152 -3.86 10.03 11.95
N THR A 153 -3.53 8.95 11.31
CA THR A 153 -2.26 8.25 11.64
C THR A 153 -1.04 8.89 10.96
N PHE A 154 -1.06 9.05 9.67
CA PHE A 154 0.12 9.62 8.97
C PHE A 154 0.28 11.11 9.27
N VAL A 155 -0.79 11.84 9.41
CA VAL A 155 -0.67 13.29 9.70
C VAL A 155 -1.52 13.66 10.91
N ASP A 156 -1.02 14.53 11.75
CA ASP A 156 -1.79 14.95 12.95
C ASP A 156 -2.88 15.92 12.51
N HIS A 157 -4.08 15.44 12.34
CA HIS A 157 -5.19 16.32 11.91
C HIS A 157 -5.61 17.25 13.06
N GLN A 158 -5.07 17.04 14.23
CA GLN A 158 -5.45 17.91 15.38
C GLN A 158 -5.28 19.37 14.97
N GLY A 159 -6.36 20.09 14.88
CA GLY A 159 -6.27 21.54 14.50
C GLY A 159 -6.52 21.67 12.99
N CYS A 160 -6.38 20.60 12.26
CA CYS A 160 -6.61 20.66 10.79
C CYS A 160 -7.64 19.60 10.38
N PRO A 161 -8.90 19.94 10.44
CA PRO A 161 -10.00 19.00 10.06
C PRO A 161 -9.98 18.63 8.57
N PHE A 162 -10.37 17.43 8.25
CA PHE A 162 -10.39 17.00 6.82
C PHE A 162 -11.84 16.92 6.33
N GLN A 163 -12.10 17.43 5.15
CA GLN A 163 -13.48 17.40 4.61
C GLN A 163 -13.54 16.40 3.44
N PRO A 164 -13.97 15.19 3.69
CA PRO A 164 -14.06 14.14 2.63
C PRO A 164 -15.31 14.30 1.75
N TRP A 165 -15.26 13.81 0.55
CA TRP A 165 -16.42 13.92 -0.37
C TRP A 165 -16.73 12.53 -0.95
N ASP A 166 -17.90 12.34 -1.48
CA ASP A 166 -18.24 11.00 -2.05
C ASP A 166 -17.84 10.92 -3.52
N GLY A 167 -16.80 11.63 -3.88
CA GLY A 167 -16.34 11.57 -5.30
C GLY A 167 -15.38 10.41 -5.46
N LEU A 168 -14.33 10.38 -4.67
CA LEU A 168 -13.36 9.26 -4.77
C LEU A 168 -14.09 7.95 -4.45
N ASP A 169 -15.00 7.98 -3.52
CA ASP A 169 -15.75 6.74 -3.17
C ASP A 169 -16.52 6.25 -4.38
N GLU A 170 -17.15 7.13 -5.11
CA GLU A 170 -17.91 6.71 -6.31
C GLU A 170 -16.95 6.08 -7.32
N HIS A 171 -15.82 6.71 -7.53
CA HIS A 171 -14.83 6.13 -8.48
C HIS A 171 -14.36 4.78 -7.97
N SER A 172 -14.18 4.66 -6.68
CA SER A 172 -13.72 3.36 -6.10
C SER A 172 -14.72 2.27 -6.45
N GLN A 173 -15.99 2.58 -6.46
CA GLN A 173 -17.01 1.55 -6.80
C GLN A 173 -16.75 1.04 -8.21
N ASP A 174 -16.39 1.91 -9.11
CA ASP A 174 -16.11 1.47 -10.50
C ASP A 174 -14.93 0.49 -10.50
N LEU A 175 -13.91 0.77 -9.73
CA LEU A 175 -12.75 -0.15 -9.68
C LEU A 175 -13.18 -1.49 -9.08
N SER A 176 -14.06 -1.46 -8.11
CA SER A 176 -14.52 -2.73 -7.49
C SER A 176 -15.19 -3.60 -8.56
N GLY A 177 -15.82 -2.99 -9.52
CA GLY A 177 -16.49 -3.79 -10.59
C GLY A 177 -15.44 -4.56 -11.38
N ARG A 178 -14.43 -3.88 -11.87
CA ARG A 178 -13.37 -4.58 -12.64
C ARG A 178 -12.68 -5.62 -11.75
N LEU A 179 -12.38 -5.25 -10.53
CA LEU A 179 -11.72 -6.21 -9.61
C LEU A 179 -12.66 -7.39 -9.34
N ARG A 180 -13.94 -7.13 -9.29
CA ARG A 180 -14.91 -8.23 -9.03
C ARG A 180 -14.73 -9.32 -10.10
N ALA A 181 -14.52 -8.93 -11.32
CA ALA A 181 -14.34 -9.94 -12.40
C ALA A 181 -13.09 -10.76 -12.13
N ILE A 182 -12.04 -10.14 -11.69
CA ILE A 182 -10.79 -10.90 -11.41
C ILE A 182 -11.06 -11.93 -10.33
N LEU A 183 -11.64 -11.50 -9.25
CA LEU A 183 -11.95 -12.45 -8.14
C LEU A 183 -12.98 -13.48 -8.61
N GLN A 184 -13.86 -13.08 -9.48
CA GLN A 184 -14.89 -14.04 -9.99
C GLN A 184 -14.21 -15.18 -10.73
N ASN A 185 -13.14 -14.90 -11.42
CA ASN A 185 -12.42 -15.96 -12.16
C ASN A 185 -11.48 -16.70 -11.20
N GLN A 186 -11.54 -16.38 -9.94
CA GLN A 186 -10.66 -17.07 -8.97
C GLN A 186 -10.87 -18.58 -9.12
N GLU A 187 -10.00 -19.24 -9.83
CA GLU A 187 -10.16 -20.71 -10.01
C GLU A 187 -9.91 -21.42 -8.69
N ASN A 188 -10.76 -22.33 -8.33
CA ASN A 188 -10.58 -23.06 -7.04
C ASN A 188 -11.63 -24.16 -6.92
P C38 B 6 9.34 2.47 -10.71
O1P C38 B 6 10.07 2.83 -9.47
O2P C38 B 6 9.30 3.42 -11.84
O5' C38 B 6 9.94 1.08 -11.26
C5' C38 B 6 9.94 -0.08 -10.43
C4' C38 B 6 10.62 -1.27 -11.10
O4' C38 B 6 10.02 -1.55 -12.36
C3' C38 B 6 12.08 -1.03 -11.37
O3' C38 B 6 12.78 -1.40 -10.18
C2' C38 B 6 12.38 -1.96 -12.53
C1' C38 B 6 11.00 -2.17 -13.19
N1 C38 B 6 10.88 -1.59 -14.54
C2 C38 B 6 11.85 -1.93 -15.47
O2 C38 B 6 12.76 -2.70 -15.17
N3 C38 B 6 11.76 -1.40 -16.73
C4 C38 B 6 10.76 -0.57 -17.05
N4 C38 B 6 10.71 -0.06 -18.28
C5 C38 B 6 9.75 -0.22 -16.10
C6 C38 B 6 9.85 -0.75 -14.86
I C38 B 6 8.20 1.08 -16.60
H5'1 C38 B 6 8.93 -0.36 -10.20
H5'2 C38 B 6 10.47 0.14 -9.51
H4' C38 B 6 10.51 -2.14 -10.46
H3' C38 B 6 12.26 0.01 -11.64
H2'1 C38 B 6 13.06 -1.47 -13.23
H2'2 C38 B 6 12.79 -2.90 -12.18
H1' C38 B 6 10.80 -3.25 -13.25
H4N1 C38 B 6 11.41 -0.31 -18.96
H4N2 C38 B 6 9.95 0.56 -18.53
H6 C38 B 6 9.09 -0.51 -14.11
ZN ZN C . 8.39 -3.83 -7.52
N MET A 1 5.03 15.01 9.77
CA MET A 1 4.34 15.30 8.48
C MET A 1 3.71 16.69 8.54
N ASP A 2 3.51 17.32 7.41
CA ASP A 2 2.89 18.66 7.41
C ASP A 2 1.37 18.49 7.29
N PRO A 3 0.61 19.38 7.89
CA PRO A 3 -0.88 19.28 7.86
C PRO A 3 -1.43 18.96 6.46
N PRO A 4 -0.94 19.59 5.43
CA PRO A 4 -1.41 19.37 4.04
C PRO A 4 -0.57 18.36 3.24
N THR A 5 0.58 17.97 3.75
CA THR A 5 1.42 17.01 2.98
C THR A 5 0.66 15.71 2.71
N PHE A 6 -0.05 15.20 3.67
CA PHE A 6 -0.80 13.94 3.44
C PHE A 6 -1.79 14.14 2.29
N THR A 7 -2.58 15.18 2.35
CA THR A 7 -3.56 15.43 1.27
C THR A 7 -2.82 15.72 -0.04
N PHE A 8 -1.72 16.42 0.05
CA PHE A 8 -0.95 16.75 -1.19
C PHE A 8 -0.56 15.47 -1.92
N ASN A 9 0.00 14.53 -1.21
CA ASN A 9 0.42 13.25 -1.87
C ASN A 9 -0.81 12.58 -2.50
N PHE A 10 -1.89 12.50 -1.78
CA PHE A 10 -3.11 11.86 -2.35
C PHE A 10 -3.74 12.78 -3.40
N ASN A 11 -3.59 14.07 -3.23
CA ASN A 11 -4.17 15.03 -4.22
C ASN A 11 -3.27 15.10 -5.45
N ASN A 12 -2.48 14.09 -5.67
CA ASN A 12 -1.57 14.10 -6.85
C ASN A 12 -2.39 13.97 -8.14
N GLU A 13 -3.64 14.36 -8.11
CA GLU A 13 -4.48 14.26 -9.34
C GLU A 13 -3.81 14.99 -10.50
N PRO A 14 -3.26 16.15 -10.24
CA PRO A 14 -2.57 16.97 -11.28
C PRO A 14 -1.24 16.37 -11.75
N TRP A 15 -0.71 15.42 -11.03
CA TRP A 15 0.59 14.80 -11.44
C TRP A 15 0.50 14.27 -12.88
N VAL A 16 -0.68 14.20 -13.43
CA VAL A 16 -0.83 13.69 -14.82
C VAL A 16 -0.20 14.70 -15.79
N ARG A 17 1.09 14.92 -15.68
CA ARG A 17 1.77 15.89 -16.60
C ARG A 17 2.77 15.13 -17.48
N GLY A 18 2.74 13.83 -17.44
CA GLY A 18 3.72 13.05 -18.27
C GLY A 18 4.89 12.62 -17.40
N ARG A 19 4.78 12.77 -16.10
CA ARG A 19 5.89 12.39 -15.19
C ARG A 19 5.43 11.21 -14.33
N HIS A 20 6.36 10.42 -13.86
CA HIS A 20 5.97 9.24 -13.03
C HIS A 20 6.28 9.53 -11.55
N GLU A 21 5.26 9.69 -10.75
CA GLU A 21 5.47 9.98 -9.29
C GLU A 21 4.78 8.88 -8.47
N THR A 22 5.45 8.37 -7.47
CA THR A 22 4.83 7.31 -6.62
C THR A 22 4.94 7.71 -5.14
N TYR A 23 3.89 7.49 -4.38
CA TYR A 23 3.94 7.84 -2.92
C TYR A 23 3.50 6.62 -2.11
N LEU A 24 4.36 6.15 -1.24
CA LEU A 24 4.01 4.96 -0.40
C LEU A 24 4.03 5.35 1.08
N CYS A 25 3.08 4.86 1.83
CA CYS A 25 3.04 5.16 3.28
C CYS A 25 3.04 3.84 4.03
N TYR A 26 3.87 3.70 5.03
CA TYR A 26 3.92 2.40 5.75
C TYR A 26 3.87 2.57 7.27
N GLU A 27 3.24 1.63 7.93
CA GLU A 27 3.15 1.65 9.41
C GLU A 27 3.26 0.20 9.90
N VAL A 28 3.86 -0.03 11.04
CA VAL A 28 4.00 -1.44 11.53
C VAL A 28 3.49 -1.54 12.96
N GLU A 29 2.81 -2.61 13.27
CA GLU A 29 2.28 -2.80 14.66
C GLU A 29 2.89 -4.07 15.25
N ARG A 30 3.21 -4.06 16.52
CA ARG A 30 3.81 -5.27 17.14
C ARG A 30 2.81 -5.84 18.15
N MET A 31 2.43 -7.07 17.98
CA MET A 31 1.43 -7.68 18.91
C MET A 31 2.00 -8.93 19.57
N HIS A 32 1.91 -9.02 20.87
CA HIS A 32 2.41 -10.22 21.59
C HIS A 32 1.21 -10.94 22.21
N ASN A 33 1.21 -12.24 22.20
CA ASN A 33 0.04 -12.97 22.77
C ASN A 33 -0.19 -12.54 24.22
N ASP A 34 0.86 -12.33 24.97
CA ASP A 34 0.69 -11.91 26.38
C ASP A 34 0.21 -10.45 26.44
N THR A 35 0.75 -9.62 25.60
CA THR A 35 0.34 -8.17 25.62
C THR A 35 0.30 -7.62 24.21
N TRP A 36 -0.36 -6.50 24.01
CA TRP A 36 -0.43 -5.89 22.66
C TRP A 36 0.40 -4.61 22.66
N VAL A 37 1.22 -4.40 21.66
CA VAL A 37 2.06 -3.17 21.62
C VAL A 37 1.78 -2.40 20.33
N LEU A 38 1.60 -1.11 20.43
CA LEU A 38 1.33 -0.31 19.20
C LEU A 38 2.62 0.40 18.75
N LEU A 39 3.12 0.03 17.59
CA LEU A 39 4.36 0.69 17.08
C LEU A 39 3.96 1.86 16.18
N ASN A 40 2.69 2.18 16.17
CA ASN A 40 2.21 3.31 15.32
C ASN A 40 2.89 4.61 15.74
N GLN A 41 3.46 4.63 16.92
CA GLN A 41 4.15 5.86 17.38
C GLN A 41 5.20 6.29 16.36
N ARG A 42 5.79 5.36 15.67
CA ARG A 42 6.81 5.71 14.65
C ARG A 42 6.26 5.38 13.25
N ARG A 43 6.45 6.27 12.31
CA ARG A 43 5.95 6.01 10.93
C ARG A 43 7.06 6.31 9.92
N GLY A 44 7.01 5.71 8.76
CA GLY A 44 8.07 5.97 7.75
C GLY A 44 7.44 6.05 6.36
N PHE A 45 8.18 6.47 5.37
CA PHE A 45 7.62 6.56 3.99
C PHE A 45 8.61 5.96 3.00
N LEU A 46 8.12 5.35 1.96
CA LEU A 46 9.03 4.76 0.93
C LEU A 46 8.70 5.38 -0.44
N CYS A 47 9.68 5.54 -1.29
CA CYS A 47 9.41 6.14 -2.63
C CYS A 47 9.98 5.23 -3.72
N ASN A 48 9.40 5.27 -4.89
CA ASN A 48 9.88 4.42 -6.00
C ASN A 48 10.96 5.18 -6.78
N GLN A 49 11.43 6.27 -6.25
CA GLN A 49 12.48 7.05 -6.96
C GLN A 49 13.84 6.78 -6.31
N ALA A 50 14.87 6.66 -7.11
CA ALA A 50 16.22 6.39 -6.54
C ALA A 50 16.77 7.67 -5.89
N PRO A 51 17.72 7.53 -5.00
CA PRO A 51 18.34 8.68 -4.30
C PRO A 51 19.08 9.63 -5.24
N HIS A 52 18.74 10.89 -5.20
CA HIS A 52 19.39 11.89 -6.10
C HIS A 52 20.83 12.14 -5.67
N LYS A 53 21.13 12.01 -4.41
CA LYS A 53 22.51 12.31 -3.92
C LYS A 53 23.55 11.43 -4.63
N HIS A 54 23.22 10.21 -4.97
CA HIS A 54 24.24 9.35 -5.65
C HIS A 54 24.40 9.77 -7.11
N GLY A 55 23.56 10.65 -7.60
CA GLY A 55 23.68 11.07 -9.03
C GLY A 55 22.38 10.78 -9.76
N PHE A 56 22.46 10.19 -10.93
CA PHE A 56 21.23 9.89 -11.70
C PHE A 56 20.48 8.73 -11.04
N LEU A 57 19.20 8.63 -11.28
CA LEU A 57 18.42 7.53 -10.65
C LEU A 57 19.09 6.20 -10.97
N GLU A 58 19.13 5.30 -10.02
CA GLU A 58 19.77 3.98 -10.27
C GLU A 58 18.67 2.93 -10.42
N GLY A 59 17.52 3.21 -9.87
CA GLY A 59 16.37 2.27 -9.99
C GLY A 59 15.93 1.82 -8.59
N ARG A 60 14.78 2.26 -8.17
CA ARG A 60 14.25 1.84 -6.83
C ARG A 60 12.72 1.75 -6.91
N HIS A 61 12.14 0.62 -6.65
CA HIS A 61 10.65 0.54 -6.70
C HIS A 61 10.09 0.73 -5.29
N ALA A 62 9.09 1.55 -5.15
CA ALA A 62 8.50 1.80 -3.81
C ALA A 62 7.97 0.48 -3.23
N GLU A 63 7.25 -0.27 -4.02
CA GLU A 63 6.68 -1.56 -3.52
C GLU A 63 7.80 -2.55 -3.18
N LEU A 64 8.81 -2.64 -4.01
CA LEU A 64 9.92 -3.60 -3.74
C LEU A 64 10.69 -3.19 -2.49
N CYS A 65 10.90 -1.92 -2.30
CA CYS A 65 11.65 -1.46 -1.11
C CYS A 65 10.90 -1.85 0.16
N PHE A 66 9.60 -1.71 0.16
CA PHE A 66 8.81 -2.07 1.36
C PHE A 66 8.98 -3.56 1.69
N LEU A 67 8.98 -4.40 0.69
CA LEU A 67 9.14 -5.85 0.96
C LEU A 67 10.45 -6.08 1.71
N ASP A 68 11.48 -5.34 1.37
CA ASP A 68 12.78 -5.49 2.07
C ASP A 68 12.68 -4.96 3.51
N VAL A 69 11.76 -4.07 3.76
CA VAL A 69 11.62 -3.52 5.13
C VAL A 69 11.12 -4.60 6.10
N ILE A 70 10.27 -5.48 5.65
CA ILE A 70 9.76 -6.53 6.58
C ILE A 70 10.93 -7.28 7.25
N PRO A 71 11.82 -7.89 6.50
CA PRO A 71 12.98 -8.63 7.08
C PRO A 71 13.91 -7.70 7.86
N PHE A 72 13.86 -6.41 7.58
CA PHE A 72 14.75 -5.46 8.30
C PHE A 72 14.22 -5.23 9.73
N TRP A 73 12.95 -5.44 9.95
CA TRP A 73 12.40 -5.22 11.32
C TRP A 73 12.64 -6.47 12.16
N LYS A 74 13.22 -7.49 11.58
CA LYS A 74 13.49 -8.73 12.35
C LYS A 74 12.29 -9.06 13.25
N LEU A 75 11.11 -9.11 12.70
CA LEU A 75 9.91 -9.41 13.52
C LEU A 75 9.95 -10.89 13.94
N ASP A 76 9.60 -11.18 15.17
CA ASP A 76 9.63 -12.59 15.64
C ASP A 76 8.48 -13.37 14.99
N LEU A 77 8.79 -14.50 14.41
CA LEU A 77 7.74 -15.32 13.75
C LEU A 77 6.78 -15.89 14.80
N ASP A 78 7.25 -16.07 16.01
CA ASP A 78 6.37 -16.65 17.07
C ASP A 78 5.48 -15.56 17.65
N GLN A 79 5.77 -14.32 17.37
CA GLN A 79 4.94 -13.21 17.90
C GLN A 79 4.00 -12.71 16.80
N ASP A 80 2.83 -12.27 17.17
CA ASP A 80 1.87 -11.78 16.14
C ASP A 80 2.33 -10.42 15.59
N TYR A 81 2.17 -10.20 14.32
CA TYR A 81 2.59 -8.90 13.73
C TYR A 81 1.52 -8.40 12.76
N ARG A 82 1.09 -7.17 12.90
CA ARG A 82 0.06 -6.63 11.98
C ARG A 82 0.66 -5.42 11.26
N VAL A 83 0.88 -5.53 9.98
CA VAL A 83 1.48 -4.41 9.22
C VAL A 83 0.56 -4.00 8.07
N THR A 84 0.37 -2.73 7.86
CA THR A 84 -0.50 -2.26 6.76
C THR A 84 0.28 -1.30 5.87
N CYS A 85 0.06 -1.38 4.57
CA CYS A 85 0.79 -0.47 3.64
C CYS A 85 -0.23 0.37 2.86
N PHE A 86 -0.08 1.67 2.87
CA PHE A 86 -1.04 2.53 2.13
C PHE A 86 -0.38 3.04 0.85
N THR A 87 -0.84 2.57 -0.27
CA THR A 87 -0.26 3.01 -1.56
C THR A 87 -1.41 3.18 -2.56
N SER A 88 -1.24 4.02 -3.56
CA SER A 88 -2.35 4.22 -4.52
C SER A 88 -1.88 3.92 -5.95
N TRP A 89 -1.57 2.67 -6.24
CA TRP A 89 -1.14 2.30 -7.62
C TRP A 89 -0.97 0.78 -7.71
N SER A 90 -0.91 0.26 -8.91
CA SER A 90 -0.74 -1.20 -9.08
C SER A 90 0.73 -1.58 -8.87
N PRO A 91 1.01 -2.73 -8.28
CA PRO A 91 2.40 -3.19 -8.04
C PRO A 91 3.10 -3.62 -9.34
N CYS A 92 4.40 -3.57 -9.37
CA CYS A 92 5.14 -3.99 -10.60
C CYS A 92 5.13 -5.51 -10.70
N PHE A 93 5.23 -6.04 -11.89
CA PHE A 93 5.20 -7.52 -12.06
C PHE A 93 6.27 -8.17 -11.17
N SER A 94 7.45 -7.61 -11.11
CA SER A 94 8.51 -8.21 -10.27
C SER A 94 8.04 -8.31 -8.82
N CYS A 95 7.35 -7.32 -8.34
CA CYS A 95 6.87 -7.36 -6.93
C CYS A 95 5.72 -8.36 -6.78
N ALA A 96 4.90 -8.49 -7.79
CA ALA A 96 3.75 -9.43 -7.70
C ALA A 96 4.25 -10.83 -7.34
N GLN A 97 5.27 -11.30 -8.00
CA GLN A 97 5.79 -12.66 -7.69
C GLN A 97 6.39 -12.67 -6.28
N GLU A 98 7.11 -11.64 -5.92
CA GLU A 98 7.75 -11.59 -4.57
C GLU A 98 6.68 -11.42 -3.48
N MET A 99 5.66 -10.66 -3.72
CA MET A 99 4.62 -10.46 -2.67
C MET A 99 4.02 -11.82 -2.29
N ALA A 100 3.76 -12.67 -3.24
CA ALA A 100 3.18 -13.99 -2.91
C ALA A 100 4.23 -14.84 -2.19
N LYS A 101 5.44 -14.86 -2.68
CA LYS A 101 6.51 -15.67 -2.03
C LYS A 101 6.80 -15.13 -0.62
N PHE A 102 6.79 -13.84 -0.45
CA PHE A 102 7.09 -13.26 0.90
C PHE A 102 6.12 -13.81 1.94
N ILE A 103 4.84 -13.73 1.68
CA ILE A 103 3.86 -14.24 2.67
C ILE A 103 4.06 -15.74 2.88
N SER A 104 4.38 -16.45 1.83
CA SER A 104 4.60 -17.91 1.97
C SER A 104 5.71 -18.18 2.97
N LYS A 105 6.71 -17.33 2.99
CA LYS A 105 7.83 -17.54 3.96
C LYS A 105 7.46 -16.94 5.32
N ASN A 106 6.44 -16.13 5.37
CA ASN A 106 6.05 -15.53 6.67
C ASN A 106 4.53 -15.32 6.72
N LYS A 107 3.79 -16.37 7.00
CA LYS A 107 2.32 -16.25 7.05
C LYS A 107 1.88 -15.77 8.43
N HIS A 108 2.81 -15.61 9.35
CA HIS A 108 2.45 -15.17 10.72
C HIS A 108 2.21 -13.66 10.74
N VAL A 109 2.52 -12.98 9.67
CA VAL A 109 2.31 -11.50 9.63
C VAL A 109 1.03 -11.16 8.87
N SER A 110 0.25 -10.25 9.37
CA SER A 110 -0.99 -9.86 8.65
C SER A 110 -0.66 -8.70 7.72
N LEU A 111 -0.63 -8.94 6.44
CA LEU A 111 -0.30 -7.85 5.49
C LEU A 111 -1.56 -7.40 4.72
N CYS A 112 -1.85 -6.12 4.77
CA CYS A 112 -3.04 -5.62 4.02
C CYS A 112 -2.61 -4.41 3.19
N ILE A 113 -2.81 -4.46 1.90
CA ILE A 113 -2.40 -3.32 1.04
C ILE A 113 -3.63 -2.71 0.37
N PHE A 114 -3.83 -1.43 0.52
CA PHE A 114 -5.02 -0.78 -0.12
C PHE A 114 -4.57 0.05 -1.32
N THR A 115 -5.22 -0.13 -2.43
CA THR A 115 -4.83 0.66 -3.64
C THR A 115 -5.98 1.58 -4.03
N ALA A 116 -5.74 2.86 -4.09
CA ALA A 116 -6.83 3.79 -4.47
C ALA A 116 -7.23 3.49 -5.92
N ARG A 117 -6.25 3.23 -6.74
CA ARG A 117 -6.54 2.89 -8.16
C ARG A 117 -5.64 1.73 -8.59
N ILE A 118 -6.14 0.83 -9.37
CA ILE A 118 -5.31 -0.35 -9.80
C ILE A 118 -5.12 -0.33 -11.32
N TYR A 119 -3.90 -0.29 -11.78
CA TYR A 119 -3.64 -0.31 -13.24
C TYR A 119 -3.21 -1.72 -13.64
N ASP A 120 -3.84 -2.31 -14.63
CA ASP A 120 -3.42 -3.68 -15.04
C ASP A 120 -2.12 -3.58 -15.84
N ASP A 121 -1.06 -4.17 -15.35
CA ASP A 121 0.24 -4.09 -16.07
C ASP A 121 0.11 -4.74 -17.45
N GLN A 122 -0.55 -5.85 -17.54
CA GLN A 122 -0.70 -6.52 -18.87
C GLN A 122 -2.10 -7.13 -18.98
N GLY A 123 -2.55 -7.39 -20.17
CA GLY A 123 -3.90 -7.98 -20.34
C GLY A 123 -3.81 -9.49 -20.13
N ARG A 124 -4.93 -10.17 -20.16
CA ARG A 124 -4.89 -11.65 -19.95
C ARG A 124 -4.01 -11.98 -18.74
N CYS A 125 -3.63 -10.98 -17.98
CA CYS A 125 -2.77 -11.23 -16.79
C CYS A 125 -3.65 -11.45 -15.56
N GLN A 126 -4.84 -11.96 -15.75
CA GLN A 126 -5.74 -12.19 -14.60
C GLN A 126 -5.07 -13.12 -13.58
N GLU A 127 -4.27 -14.04 -14.05
CA GLU A 127 -3.58 -14.98 -13.10
C GLU A 127 -2.73 -14.18 -12.12
N GLY A 128 -2.10 -13.14 -12.57
CA GLY A 128 -1.26 -12.33 -11.64
C GLY A 128 -2.14 -11.67 -10.59
N LEU A 129 -3.22 -11.07 -11.01
CA LEU A 129 -4.14 -10.41 -10.03
C LEU A 129 -4.79 -11.46 -9.15
N ARG A 130 -5.23 -12.55 -9.72
CA ARG A 130 -5.88 -13.61 -8.90
C ARG A 130 -4.84 -14.21 -7.94
N THR A 131 -3.67 -14.50 -8.44
CA THR A 131 -2.61 -15.06 -7.56
C THR A 131 -2.25 -14.01 -6.51
N LEU A 132 -2.15 -12.78 -6.93
CA LEU A 132 -1.81 -11.70 -5.98
C LEU A 132 -2.88 -11.59 -4.91
N ALA A 133 -4.12 -11.71 -5.29
CA ALA A 133 -5.20 -11.62 -4.27
C ALA A 133 -5.09 -12.80 -3.31
N GLU A 134 -4.75 -13.95 -3.80
CA GLU A 134 -4.63 -15.14 -2.92
C GLU A 134 -3.34 -15.07 -2.09
N ALA A 135 -2.20 -14.89 -2.72
CA ALA A 135 -0.92 -14.85 -1.96
C ALA A 135 -0.37 -13.43 -1.91
N GLY A 136 -0.81 -12.56 -2.77
CA GLY A 136 -0.28 -11.16 -2.74
C GLY A 136 -0.94 -10.40 -1.60
N ALA A 137 -1.09 -11.04 -0.47
CA ALA A 137 -1.74 -10.37 0.69
C ALA A 137 -3.15 -9.92 0.34
N LYS A 138 -3.85 -9.39 1.30
CA LYS A 138 -5.24 -8.94 1.07
C LYS A 138 -5.23 -7.54 0.45
N ILE A 139 -5.91 -7.33 -0.64
CA ILE A 139 -5.94 -5.98 -1.28
C ILE A 139 -7.38 -5.52 -1.50
N SER A 140 -7.64 -4.27 -1.20
CA SER A 140 -9.01 -3.72 -1.37
C SER A 140 -8.91 -2.28 -1.89
N ILE A 141 -9.98 -1.75 -2.43
CA ILE A 141 -9.92 -0.35 -2.93
C ILE A 141 -10.03 0.60 -1.73
N MET A 142 -9.35 1.71 -1.77
CA MET A 142 -9.39 2.64 -0.60
C MET A 142 -10.81 3.16 -0.38
N THR A 143 -11.21 3.26 0.87
CA THR A 143 -12.57 3.77 1.20
C THR A 143 -12.42 4.98 2.11
N TYR A 144 -13.43 5.79 2.22
CA TYR A 144 -13.33 7.00 3.08
C TYR A 144 -12.98 6.58 4.52
N SER A 145 -13.56 5.51 5.00
CA SER A 145 -13.26 5.07 6.39
C SER A 145 -11.75 4.82 6.53
N GLU A 146 -11.17 4.11 5.60
CA GLU A 146 -9.71 3.82 5.69
C GLU A 146 -8.92 5.10 5.44
N PHE A 147 -9.38 5.94 4.54
CA PHE A 147 -8.66 7.20 4.23
C PHE A 147 -8.61 8.10 5.48
N LYS A 148 -9.72 8.28 6.14
CA LYS A 148 -9.73 9.16 7.34
C LYS A 148 -8.73 8.67 8.38
N HIS A 149 -8.63 7.38 8.58
CA HIS A 149 -7.67 6.86 9.59
C HIS A 149 -6.24 7.26 9.22
N CYS A 150 -5.85 7.08 7.99
CA CYS A 150 -4.47 7.46 7.58
C CYS A 150 -4.30 8.97 7.70
N TRP A 151 -5.34 9.71 7.41
CA TRP A 151 -5.27 11.19 7.50
C TRP A 151 -4.89 11.63 8.91
N ASP A 152 -5.45 11.02 9.92
CA ASP A 152 -5.13 11.43 11.32
C ASP A 152 -3.79 10.83 11.78
N THR A 153 -3.52 9.60 11.46
CA THR A 153 -2.26 8.96 11.95
C THR A 153 -1.00 9.48 11.25
N PHE A 154 -0.98 9.54 9.94
CA PHE A 154 0.25 9.99 9.23
C PHE A 154 0.50 11.48 9.43
N VAL A 155 -0.53 12.29 9.51
CA VAL A 155 -0.32 13.75 9.68
C VAL A 155 -1.15 14.27 10.86
N ASP A 156 -0.60 15.20 11.60
CA ASP A 156 -1.34 15.78 12.75
C ASP A 156 -2.45 16.68 12.22
N HIS A 157 -3.59 16.12 11.94
CA HIS A 157 -4.71 16.94 11.41
C HIS A 157 -5.16 17.97 12.44
N GLN A 158 -4.64 17.91 13.63
CA GLN A 158 -5.06 18.90 14.66
C GLN A 158 -4.95 20.31 14.08
N GLY A 159 -6.07 20.96 13.88
CA GLY A 159 -6.04 22.35 13.31
C GLY A 159 -6.19 22.28 11.79
N CYS A 160 -5.96 21.13 11.22
CA CYS A 160 -6.08 20.98 9.73
C CYS A 160 -7.03 19.82 9.42
N PRO A 161 -8.31 20.08 9.30
CA PRO A 161 -9.31 19.02 9.01
C PRO A 161 -9.28 18.58 7.53
N PHE A 162 -9.54 17.33 7.28
CA PHE A 162 -9.54 16.83 5.87
C PHE A 162 -10.96 16.91 5.30
N GLN A 163 -11.10 17.43 4.10
CA GLN A 163 -12.45 17.53 3.48
C GLN A 163 -12.60 16.43 2.42
N PRO A 164 -13.46 15.45 2.66
CA PRO A 164 -13.66 14.34 1.69
C PRO A 164 -14.55 14.73 0.51
N TRP A 165 -14.34 14.14 -0.63
CA TRP A 165 -15.17 14.48 -1.81
C TRP A 165 -15.68 13.18 -2.44
N ASP A 166 -16.70 13.25 -3.27
CA ASP A 166 -17.24 12.01 -3.89
C ASP A 166 -16.49 11.71 -5.19
N GLY A 167 -15.24 12.07 -5.25
CA GLY A 167 -14.45 11.80 -6.48
C GLY A 167 -13.94 10.36 -6.43
N LEU A 168 -13.35 9.98 -5.33
CA LEU A 168 -12.84 8.59 -5.19
C LEU A 168 -14.00 7.62 -5.30
N ASP A 169 -15.15 7.98 -4.79
CA ASP A 169 -16.32 7.06 -4.85
C ASP A 169 -16.67 6.80 -6.31
N GLU A 170 -16.68 7.80 -7.14
CA GLU A 170 -17.02 7.60 -8.57
C GLU A 170 -15.91 6.77 -9.23
N HIS A 171 -14.69 7.11 -8.97
CA HIS A 171 -13.56 6.35 -9.58
C HIS A 171 -13.53 4.92 -9.02
N SER A 172 -13.67 4.79 -7.74
CA SER A 172 -13.64 3.43 -7.11
C SER A 172 -14.80 2.59 -7.66
N GLN A 173 -15.93 3.19 -7.89
CA GLN A 173 -17.08 2.42 -8.42
C GLN A 173 -16.70 1.76 -9.74
N ASP A 174 -16.03 2.48 -10.60
CA ASP A 174 -15.62 1.90 -11.90
C ASP A 174 -14.60 0.79 -11.68
N LEU A 175 -13.64 1.02 -10.83
CA LEU A 175 -12.61 -0.03 -10.56
C LEU A 175 -13.24 -1.19 -9.83
N SER A 176 -14.19 -0.94 -8.97
CA SER A 176 -14.84 -2.05 -8.23
C SER A 176 -15.42 -3.05 -9.22
N GLY A 177 -15.92 -2.57 -10.33
CA GLY A 177 -16.50 -3.50 -11.34
C GLY A 177 -15.37 -4.33 -11.96
N ARG A 178 -14.34 -3.71 -12.45
CA ARG A 178 -13.23 -4.48 -13.07
C ARG A 178 -12.61 -5.43 -12.03
N LEU A 179 -12.38 -4.94 -10.84
CA LEU A 179 -11.79 -5.83 -9.80
C LEU A 179 -12.78 -6.95 -9.47
N ARG A 180 -14.05 -6.66 -9.50
CA ARG A 180 -15.07 -7.69 -9.19
C ARG A 180 -14.89 -8.87 -10.15
N ALA A 181 -14.63 -8.60 -11.40
CA ALA A 181 -14.46 -9.71 -12.38
C ALA A 181 -13.24 -10.55 -12.02
N ILE A 182 -12.18 -9.94 -11.59
CA ILE A 182 -10.97 -10.70 -11.22
C ILE A 182 -11.31 -11.70 -10.11
N LEU A 183 -11.90 -11.21 -9.06
CA LEU A 183 -12.26 -12.12 -7.93
C LEU A 183 -13.34 -13.10 -8.39
N GLN A 184 -14.20 -12.68 -9.26
CA GLN A 184 -15.27 -13.60 -9.76
C GLN A 184 -14.63 -14.78 -10.50
N ASN A 185 -13.55 -14.55 -11.19
CA ASN A 185 -12.88 -15.64 -11.92
C ASN A 185 -11.98 -16.42 -10.97
N GLN A 186 -12.02 -16.09 -9.71
CA GLN A 186 -11.15 -16.82 -8.74
C GLN A 186 -11.42 -18.32 -8.89
N GLU A 187 -10.59 -19.00 -9.62
CA GLU A 187 -10.79 -20.46 -9.82
C GLU A 187 -10.54 -21.20 -8.51
N ASN A 188 -11.42 -22.08 -8.14
CA ASN A 188 -11.24 -22.85 -6.87
C ASN A 188 -10.72 -21.91 -5.78
P C38 B 6 9.07 2.73 -10.84
O1P C38 B 6 9.80 3.12 -9.62
O2P C38 B 6 8.94 3.71 -11.95
O5' C38 B 6 9.75 1.39 -11.43
C5' C38 B 6 9.81 0.21 -10.62
C4' C38 B 6 10.59 -0.92 -11.29
O4' C38 B 6 10.08 -1.18 -12.59
C3' C38 B 6 12.05 -0.61 -11.46
O3' C38 B 6 12.70 -0.99 -10.23
C2' C38 B 6 12.47 -1.50 -12.62
C1' C38 B 6 11.16 -1.72 -13.38
N1 C38 B 6 11.10 -1.04 -14.69
C2 C38 B 6 12.12 -1.32 -15.60
O2 C38 B 6 13.02 -2.10 -15.29
N3 C38 B 6 12.10 -0.70 -16.81
C4 C38 B 6 11.11 0.15 -17.13
N4 C38 B 6 11.12 0.72 -18.33
C5 C38 B 6 10.06 0.43 -16.20
C6 C38 B 6 10.09 -0.18 -15.01
I C38 B 6 8.51 1.76 -16.70
H5'1 C38 B 6 8.81 -0.13 -10.44
H5'2 C38 B 6 10.27 0.45 -9.68
H4' C38 B 6 10.48 -1.81 -10.68
H3' C38 B 6 12.22 0.45 -11.69
H2'1 C38 B 6 13.19 -0.99 -13.24
H2'2 C38 B 6 12.86 -2.45 -12.25
H1' C38 B 6 10.99 -2.78 -13.53
H4N1 C38 B 6 11.86 0.53 -18.98
H4N2 C38 B 6 10.38 1.37 -18.59
H6 C38 B 6 9.31 0.01 -14.28
ZN ZN C . 8.50 -3.65 -7.71
N MET A 1 4.78 15.25 10.31
CA MET A 1 4.14 15.25 8.96
C MET A 1 3.35 16.54 8.77
N ASP A 2 3.23 17.00 7.55
CA ASP A 2 2.47 18.26 7.31
C ASP A 2 0.98 17.91 7.23
N PRO A 3 0.11 18.80 7.63
CA PRO A 3 -1.35 18.52 7.60
C PRO A 3 -1.80 17.97 6.25
N PRO A 4 -1.36 18.55 5.16
CA PRO A 4 -1.74 18.09 3.80
C PRO A 4 -0.70 17.12 3.19
N THR A 5 0.15 16.56 4.01
CA THR A 5 1.18 15.63 3.46
C THR A 5 0.50 14.47 2.72
N PHE A 6 -0.54 13.91 3.30
CA PHE A 6 -1.24 12.79 2.64
C PHE A 6 -2.03 13.30 1.43
N THR A 7 -2.82 14.32 1.63
CA THR A 7 -3.63 14.87 0.50
C THR A 7 -2.69 15.33 -0.62
N PHE A 8 -1.57 15.90 -0.28
CA PHE A 8 -0.63 16.38 -1.32
C PHE A 8 -0.26 15.21 -2.24
N ASN A 9 0.22 14.14 -1.66
CA ASN A 9 0.60 12.95 -2.50
C ASN A 9 -0.63 12.44 -3.25
N PHE A 10 -1.76 12.40 -2.61
CA PHE A 10 -2.99 11.92 -3.31
C PHE A 10 -3.42 12.96 -4.35
N ASN A 11 -3.05 14.19 -4.17
CA ASN A 11 -3.43 15.24 -5.16
C ASN A 11 -2.50 15.16 -6.36
N ASN A 12 -1.89 14.03 -6.58
CA ASN A 12 -0.95 13.90 -7.74
C ASN A 12 -1.75 13.79 -9.04
N GLU A 13 -3.02 14.14 -9.01
CA GLU A 13 -3.85 14.06 -10.24
C GLU A 13 -3.17 14.80 -11.40
N PRO A 14 -2.62 15.96 -11.14
CA PRO A 14 -1.94 16.78 -12.17
C PRO A 14 -0.53 16.27 -12.51
N TRP A 15 -0.02 15.33 -11.76
CA TRP A 15 1.35 14.80 -12.02
C TRP A 15 1.43 14.27 -13.46
N VAL A 16 0.32 14.19 -14.15
CA VAL A 16 0.37 13.70 -15.55
C VAL A 16 1.07 14.74 -16.43
N ARG A 17 2.32 15.01 -16.16
CA ARG A 17 3.07 16.01 -16.97
C ARG A 17 4.20 15.31 -17.71
N GLY A 18 4.22 14.01 -17.69
CA GLY A 18 5.31 13.26 -18.40
C GLY A 18 6.36 12.83 -17.38
N ARG A 19 6.04 12.95 -16.11
CA ARG A 19 7.01 12.56 -15.04
C ARG A 19 6.40 11.42 -14.22
N HIS A 20 7.22 10.57 -13.67
CA HIS A 20 6.67 9.43 -12.86
C HIS A 20 6.91 9.70 -11.38
N GLU A 21 5.86 9.90 -10.62
CA GLU A 21 6.00 10.16 -9.17
C GLU A 21 5.23 9.09 -8.38
N THR A 22 5.83 8.51 -7.38
CA THR A 22 5.13 7.47 -6.58
C THR A 22 5.19 7.81 -5.10
N TYR A 23 4.10 7.68 -4.40
CA TYR A 23 4.10 7.98 -2.93
C TYR A 23 3.63 6.73 -2.17
N LEU A 24 4.46 6.20 -1.31
CA LEU A 24 4.05 4.99 -0.53
C LEU A 24 4.15 5.29 0.97
N CYS A 25 3.10 5.05 1.70
CA CYS A 25 3.12 5.30 3.17
C CYS A 25 2.73 4.03 3.90
N TYR A 26 3.47 3.64 4.89
CA TYR A 26 3.12 2.38 5.62
C TYR A 26 3.31 2.56 7.13
N GLU A 27 2.71 1.69 7.90
CA GLU A 27 2.83 1.76 9.38
C GLU A 27 3.19 0.38 9.91
N VAL A 28 3.75 0.30 11.08
CA VAL A 28 4.13 -1.03 11.65
C VAL A 28 3.47 -1.22 13.01
N GLU A 29 2.97 -2.40 13.27
CA GLU A 29 2.30 -2.66 14.59
C GLU A 29 2.99 -3.85 15.27
N ARG A 30 3.13 -3.81 16.56
CA ARG A 30 3.77 -4.95 17.28
C ARG A 30 2.70 -5.67 18.10
N MET A 31 2.52 -6.95 17.86
CA MET A 31 1.49 -7.69 18.62
C MET A 31 2.14 -8.89 19.33
N HIS A 32 1.90 -9.03 20.60
CA HIS A 32 2.46 -10.18 21.36
C HIS A 32 1.30 -11.03 21.87
N ASN A 33 1.44 -12.33 21.85
CA ASN A 33 0.31 -13.19 22.30
C ASN A 33 -0.06 -12.83 23.74
N ASP A 34 0.90 -12.52 24.56
CA ASP A 34 0.59 -12.15 25.97
C ASP A 34 -0.06 -10.76 26.02
N THR A 35 0.43 -9.84 25.24
CA THR A 35 -0.15 -8.47 25.24
C THR A 35 -0.15 -7.89 23.84
N TRP A 36 -0.93 -6.87 23.61
CA TRP A 36 -0.97 -6.24 22.25
C TRP A 36 -0.33 -4.86 22.34
N VAL A 37 0.56 -4.53 21.43
CA VAL A 37 1.23 -3.20 21.48
C VAL A 37 1.00 -2.44 20.18
N LEU A 38 0.60 -1.20 20.26
CA LEU A 38 0.39 -0.40 19.03
C LEU A 38 1.58 0.52 18.79
N LEU A 39 2.34 0.27 17.77
CA LEU A 39 3.52 1.14 17.48
C LEU A 39 3.11 2.25 16.53
N ASN A 40 1.86 2.64 16.56
CA ASN A 40 1.37 3.72 15.66
C ASN A 40 2.14 5.01 15.94
N GLN A 41 2.70 5.13 17.11
CA GLN A 41 3.46 6.36 17.45
C GLN A 41 4.53 6.62 16.40
N ARG A 42 5.09 5.58 15.83
CA ARG A 42 6.14 5.78 14.79
C ARG A 42 5.55 5.53 13.39
N ARG A 43 5.94 6.33 12.44
CA ARG A 43 5.41 6.17 11.05
C ARG A 43 6.59 6.17 10.07
N GLY A 44 6.41 5.63 8.89
CA GLY A 44 7.54 5.60 7.92
C GLY A 44 7.02 5.84 6.51
N PHE A 45 7.89 6.17 5.59
CA PHE A 45 7.43 6.39 4.18
C PHE A 45 8.44 5.76 3.22
N LEU A 46 7.97 5.22 2.12
CA LEU A 46 8.90 4.60 1.13
C LEU A 46 8.69 5.27 -0.24
N CYS A 47 9.73 5.40 -1.01
CA CYS A 47 9.59 6.03 -2.35
C CYS A 47 10.13 5.08 -3.42
N ASN A 48 9.61 5.16 -4.61
CA ASN A 48 10.08 4.26 -5.70
C ASN A 48 11.20 4.95 -6.47
N GLN A 49 11.72 6.04 -5.96
CA GLN A 49 12.81 6.76 -6.66
C GLN A 49 14.15 6.39 -6.03
N ALA A 50 15.17 6.21 -6.83
CA ALA A 50 16.50 5.84 -6.26
C ALA A 50 17.11 7.06 -5.55
N PRO A 51 18.04 6.82 -4.66
CA PRO A 51 18.72 7.91 -3.90
C PRO A 51 19.48 8.89 -4.80
N HIS A 52 19.22 10.16 -4.65
CA HIS A 52 19.91 11.18 -5.49
C HIS A 52 21.38 11.33 -5.07
N LYS A 53 21.67 11.11 -3.82
CA LYS A 53 23.07 11.30 -3.33
C LYS A 53 24.06 10.39 -4.08
N HIS A 54 23.66 9.21 -4.46
CA HIS A 54 24.63 8.31 -5.17
C HIS A 54 24.80 8.77 -6.62
N GLY A 55 24.03 9.73 -7.05
CA GLY A 55 24.16 10.21 -8.46
C GLY A 55 22.81 10.11 -9.18
N PHE A 56 22.82 9.63 -10.38
CA PHE A 56 21.55 9.50 -11.16
C PHE A 56 20.74 8.33 -10.60
N LEU A 57 19.44 8.37 -10.77
CA LEU A 57 18.58 7.28 -10.26
C LEU A 57 19.12 5.96 -10.79
N GLU A 58 19.24 4.96 -9.96
CA GLU A 58 19.76 3.67 -10.46
C GLU A 58 18.62 2.66 -10.58
N GLY A 59 17.56 2.87 -9.83
CA GLY A 59 16.39 1.95 -9.92
C GLY A 59 16.01 1.44 -8.53
N ARG A 60 14.88 1.88 -8.05
CA ARG A 60 14.39 1.42 -6.72
C ARG A 60 12.85 1.40 -6.75
N HIS A 61 12.22 0.32 -6.37
CA HIS A 61 10.72 0.32 -6.40
C HIS A 61 10.19 0.53 -4.98
N ALA A 62 9.21 1.38 -4.85
CA ALA A 62 8.63 1.65 -3.50
C ALA A 62 8.02 0.37 -2.94
N GLU A 63 7.27 -0.36 -3.73
CA GLU A 63 6.64 -1.61 -3.24
C GLU A 63 7.71 -2.66 -2.89
N LEU A 64 8.69 -2.82 -3.73
CA LEU A 64 9.77 -3.83 -3.46
C LEU A 64 10.52 -3.42 -2.20
N CYS A 65 10.76 -2.15 -2.03
CA CYS A 65 11.51 -1.69 -0.82
C CYS A 65 10.73 -2.09 0.43
N PHE A 66 9.42 -2.10 0.35
CA PHE A 66 8.61 -2.47 1.54
C PHE A 66 8.95 -3.92 1.95
N LEU A 67 9.05 -4.81 1.01
CA LEU A 67 9.38 -6.22 1.36
C LEU A 67 10.72 -6.26 2.09
N ASP A 68 11.64 -5.42 1.71
CA ASP A 68 12.97 -5.40 2.39
C ASP A 68 12.89 -4.70 3.75
N VAL A 69 11.92 -3.84 3.92
CA VAL A 69 11.79 -3.12 5.21
C VAL A 69 11.41 -4.08 6.34
N ILE A 70 10.54 -5.02 6.08
CA ILE A 70 10.13 -5.97 7.15
C ILE A 70 11.36 -6.67 7.75
N PRO A 71 12.17 -7.35 6.95
CA PRO A 71 13.38 -8.05 7.48
C PRO A 71 14.35 -7.07 8.15
N PHE A 72 14.28 -5.82 7.82
CA PHE A 72 15.20 -4.83 8.44
C PHE A 72 14.76 -4.54 9.87
N TRP A 73 13.51 -4.72 10.18
CA TRP A 73 13.03 -4.46 11.58
C TRP A 73 13.31 -5.68 12.45
N LYS A 74 13.84 -6.73 11.88
CA LYS A 74 14.14 -7.95 12.67
C LYS A 74 13.01 -8.23 13.66
N LEU A 75 11.80 -8.31 13.20
CA LEU A 75 10.66 -8.58 14.13
C LEU A 75 10.68 -10.05 14.54
N ASP A 76 10.22 -10.36 15.72
CA ASP A 76 10.22 -11.78 16.18
C ASP A 76 9.21 -12.59 15.36
N LEU A 77 9.64 -13.68 14.80
CA LEU A 77 8.72 -14.54 13.99
C LEU A 77 7.68 -15.21 14.90
N ASP A 78 8.01 -15.42 16.15
CA ASP A 78 7.05 -16.08 17.07
C ASP A 78 6.03 -15.07 17.58
N GLN A 79 6.26 -13.81 17.37
CA GLN A 79 5.29 -12.78 17.85
C GLN A 79 4.44 -12.31 16.66
N ASP A 80 3.21 -11.98 16.90
CA ASP A 80 2.32 -11.53 15.79
C ASP A 80 2.69 -10.10 15.37
N TYR A 81 2.66 -9.82 14.10
CA TYR A 81 2.98 -8.45 13.62
C TYR A 81 2.01 -8.05 12.52
N ARG A 82 1.44 -6.87 12.59
CA ARG A 82 0.50 -6.43 11.52
C ARG A 82 1.09 -5.21 10.81
N VAL A 83 1.25 -5.30 9.51
CA VAL A 83 1.83 -4.17 8.74
C VAL A 83 0.86 -3.74 7.64
N THR A 84 0.68 -2.47 7.45
CA THR A 84 -0.26 -1.99 6.40
C THR A 84 0.45 -0.99 5.47
N CYS A 85 0.13 -1.01 4.20
CA CYS A 85 0.80 -0.06 3.25
C CYS A 85 -0.27 0.69 2.45
N PHE A 86 -0.16 2.00 2.36
CA PHE A 86 -1.16 2.77 1.58
C PHE A 86 -0.51 3.25 0.28
N THR A 87 -0.99 2.74 -0.83
CA THR A 87 -0.41 3.16 -2.14
C THR A 87 -1.55 3.34 -3.13
N SER A 88 -1.36 4.16 -4.14
CA SER A 88 -2.45 4.38 -5.13
C SER A 88 -1.93 4.09 -6.55
N TRP A 89 -1.67 2.85 -6.85
CA TRP A 89 -1.18 2.50 -8.22
C TRP A 89 -1.08 0.99 -8.37
N SER A 90 -0.92 0.52 -9.57
CA SER A 90 -0.80 -0.95 -9.80
C SER A 90 0.62 -1.41 -9.49
N PRO A 91 0.82 -2.25 -8.49
CA PRO A 91 2.18 -2.74 -8.12
C PRO A 91 2.94 -3.28 -9.33
N CYS A 92 4.24 -3.15 -9.33
CA CYS A 92 5.03 -3.66 -10.48
C CYS A 92 4.90 -5.19 -10.54
N PHE A 93 4.84 -5.74 -11.72
CA PHE A 93 4.68 -7.21 -11.86
C PHE A 93 5.79 -7.95 -11.10
N SER A 94 6.99 -7.44 -11.12
CA SER A 94 8.10 -8.14 -10.41
C SER A 94 7.77 -8.24 -8.91
N CYS A 95 7.07 -7.26 -8.38
CA CYS A 95 6.72 -7.30 -6.93
C CYS A 95 5.62 -8.34 -6.69
N ALA A 96 4.73 -8.50 -7.63
CA ALA A 96 3.62 -9.48 -7.43
C ALA A 96 4.19 -10.88 -7.17
N GLN A 97 5.10 -11.31 -7.98
CA GLN A 97 5.68 -12.67 -7.77
C GLN A 97 6.51 -12.71 -6.49
N GLU A 98 7.34 -11.73 -6.27
CA GLU A 98 8.18 -11.71 -5.04
C GLU A 98 7.30 -11.45 -3.82
N MET A 99 6.34 -10.59 -3.96
CA MET A 99 5.45 -10.27 -2.81
C MET A 99 4.75 -11.55 -2.34
N ALA A 100 4.35 -12.38 -3.24
CA ALA A 100 3.67 -13.65 -2.84
C ALA A 100 4.65 -14.49 -2.03
N LYS A 101 5.88 -14.54 -2.45
CA LYS A 101 6.90 -15.35 -1.71
C LYS A 101 7.12 -14.76 -0.31
N PHE A 102 7.03 -13.46 -0.18
CA PHE A 102 7.26 -12.83 1.16
C PHE A 102 6.28 -13.40 2.19
N ILE A 103 5.01 -13.40 1.90
CA ILE A 103 4.03 -13.94 2.87
C ILE A 103 4.31 -15.42 3.13
N SER A 104 4.68 -16.15 2.11
CA SER A 104 4.97 -17.59 2.29
C SER A 104 6.06 -17.74 3.36
N LYS A 105 7.01 -16.84 3.36
CA LYS A 105 8.10 -16.91 4.37
C LYS A 105 7.59 -16.39 5.71
N ASN A 106 6.55 -15.60 5.70
CA ASN A 106 6.01 -15.05 6.97
C ASN A 106 4.48 -14.98 6.90
N LYS A 107 3.82 -16.08 7.17
CA LYS A 107 2.34 -16.08 7.11
C LYS A 107 1.76 -15.60 8.45
N HIS A 108 2.60 -15.35 9.41
CA HIS A 108 2.10 -14.88 10.73
C HIS A 108 1.97 -13.35 10.74
N VAL A 109 2.30 -12.70 9.66
CA VAL A 109 2.21 -11.22 9.61
C VAL A 109 0.94 -10.81 8.87
N SER A 110 0.23 -9.83 9.37
CA SER A 110 -1.00 -9.38 8.66
C SER A 110 -0.61 -8.28 7.67
N LEU A 111 -0.61 -8.58 6.39
CA LEU A 111 -0.22 -7.56 5.38
C LEU A 111 -1.46 -7.14 4.58
N CYS A 112 -1.76 -5.86 4.55
CA CYS A 112 -2.94 -5.40 3.78
C CYS A 112 -2.52 -4.21 2.90
N ILE A 113 -2.73 -4.31 1.62
CA ILE A 113 -2.34 -3.18 0.71
C ILE A 113 -3.58 -2.58 0.08
N PHE A 114 -3.76 -1.29 0.18
CA PHE A 114 -4.96 -0.65 -0.43
C PHE A 114 -4.54 0.12 -1.67
N THR A 115 -5.16 -0.18 -2.79
CA THR A 115 -4.81 0.54 -4.05
C THR A 115 -5.96 1.46 -4.43
N ALA A 116 -5.71 2.74 -4.51
CA ALA A 116 -6.80 3.68 -4.88
C ALA A 116 -7.24 3.38 -6.32
N ARG A 117 -6.31 3.09 -7.19
CA ARG A 117 -6.68 2.77 -8.59
C ARG A 117 -5.82 1.62 -9.10
N ILE A 118 -6.38 0.74 -9.87
CA ILE A 118 -5.60 -0.41 -10.41
C ILE A 118 -5.52 -0.30 -11.94
N TYR A 119 -4.34 -0.24 -12.47
CA TYR A 119 -4.20 -0.11 -13.96
C TYR A 119 -3.48 -1.34 -14.52
N ASP A 120 -4.14 -2.08 -15.37
CA ASP A 120 -3.49 -3.27 -15.99
C ASP A 120 -2.96 -2.89 -17.37
N ASP A 121 -1.68 -2.99 -17.59
CA ASP A 121 -1.13 -2.61 -18.93
C ASP A 121 -1.76 -3.49 -20.01
N GLN A 122 -1.93 -4.75 -19.73
CA GLN A 122 -2.54 -5.66 -20.75
C GLN A 122 -3.40 -6.71 -20.03
N GLY A 123 -4.35 -7.29 -20.71
CA GLY A 123 -5.20 -8.32 -20.06
C GLY A 123 -4.70 -9.72 -20.45
N ARG A 124 -4.07 -10.40 -19.53
CA ARG A 124 -3.56 -11.77 -19.85
C ARG A 124 -2.94 -12.37 -18.59
N CYS A 125 -2.17 -11.60 -17.87
CA CYS A 125 -1.53 -12.13 -16.63
C CYS A 125 -2.60 -12.31 -15.55
N GLN A 126 -3.72 -12.87 -15.90
CA GLN A 126 -4.79 -13.08 -14.90
C GLN A 126 -4.25 -13.93 -13.74
N GLU A 127 -3.36 -14.83 -14.04
CA GLU A 127 -2.79 -15.69 -12.96
C GLU A 127 -2.09 -14.82 -11.92
N GLY A 128 -1.40 -13.80 -12.36
CA GLY A 128 -0.69 -12.91 -11.39
C GLY A 128 -1.71 -12.25 -10.46
N LEU A 129 -2.79 -11.75 -11.01
CA LEU A 129 -3.81 -11.09 -10.14
C LEU A 129 -4.42 -12.14 -9.20
N ARG A 130 -4.74 -13.30 -9.70
CA ARG A 130 -5.33 -14.35 -8.84
C ARG A 130 -4.31 -14.77 -7.79
N THR A 131 -3.09 -14.99 -8.21
CA THR A 131 -2.03 -15.38 -7.25
C THR A 131 -1.78 -14.23 -6.30
N LEU A 132 -1.78 -13.03 -6.80
CA LEU A 132 -1.54 -11.84 -5.94
C LEU A 132 -2.63 -11.74 -4.88
N ALA A 133 -3.86 -11.98 -5.25
CA ALA A 133 -4.94 -11.89 -4.24
C ALA A 133 -4.74 -12.98 -3.20
N GLU A 134 -4.36 -14.15 -3.62
CA GLU A 134 -4.15 -15.28 -2.66
C GLU A 134 -2.84 -15.10 -1.89
N ALA A 135 -1.75 -14.87 -2.58
CA ALA A 135 -0.44 -14.72 -1.87
C ALA A 135 0.02 -13.26 -1.87
N GLY A 136 -0.52 -12.45 -2.73
CA GLY A 136 -0.08 -11.01 -2.75
C GLY A 136 -0.78 -10.26 -1.62
N ALA A 137 -0.94 -10.91 -0.49
CA ALA A 137 -1.61 -10.26 0.65
C ALA A 137 -3.02 -9.80 0.27
N LYS A 138 -3.74 -9.28 1.22
CA LYS A 138 -5.13 -8.82 0.97
C LYS A 138 -5.11 -7.45 0.28
N ILE A 139 -5.85 -7.29 -0.79
CA ILE A 139 -5.88 -5.98 -1.48
C ILE A 139 -7.32 -5.49 -1.63
N SER A 140 -7.56 -4.25 -1.30
CA SER A 140 -8.93 -3.69 -1.40
C SER A 140 -8.85 -2.25 -1.90
N ILE A 141 -9.94 -1.72 -2.40
CA ILE A 141 -9.91 -0.31 -2.89
C ILE A 141 -10.03 0.63 -1.68
N MET A 142 -9.30 1.70 -1.69
CA MET A 142 -9.35 2.65 -0.53
C MET A 142 -10.65 3.45 -0.58
N THR A 143 -11.43 3.41 0.47
CA THR A 143 -12.70 4.18 0.49
C THR A 143 -12.47 5.48 1.28
N TYR A 144 -13.37 6.40 1.18
CA TYR A 144 -13.21 7.69 1.91
C TYR A 144 -13.03 7.42 3.40
N SER A 145 -13.71 6.46 3.94
CA SER A 145 -13.59 6.16 5.40
C SER A 145 -12.13 5.84 5.73
N GLU A 146 -11.47 5.06 4.92
CA GLU A 146 -10.05 4.71 5.20
C GLU A 146 -9.20 5.99 5.15
N PHE A 147 -9.55 6.90 4.29
CA PHE A 147 -8.75 8.15 4.19
C PHE A 147 -8.75 8.87 5.55
N LYS A 148 -9.87 8.92 6.21
CA LYS A 148 -9.92 9.59 7.54
C LYS A 148 -8.93 8.93 8.49
N HIS A 149 -8.88 7.62 8.49
CA HIS A 149 -7.93 6.92 9.42
C HIS A 149 -6.50 7.30 9.05
N CYS A 150 -6.16 7.18 7.79
CA CYS A 150 -4.78 7.54 7.36
C CYS A 150 -4.57 9.03 7.58
N TRP A 151 -5.60 9.81 7.37
CA TRP A 151 -5.48 11.28 7.56
C TRP A 151 -5.10 11.59 9.02
N ASP A 152 -5.75 10.98 9.96
CA ASP A 152 -5.43 11.26 11.40
C ASP A 152 -4.05 10.71 11.77
N THR A 153 -3.70 9.55 11.28
CA THR A 153 -2.38 8.95 11.65
C THR A 153 -1.22 9.60 10.88
N PHE A 154 -1.30 9.64 9.58
CA PHE A 154 -0.17 10.23 8.80
C PHE A 154 -0.08 11.74 8.99
N VAL A 155 -1.19 12.41 9.13
CA VAL A 155 -1.14 13.89 9.30
C VAL A 155 -1.83 14.28 10.60
N ASP A 156 -1.31 15.24 11.31
CA ASP A 156 -1.95 15.67 12.57
C ASP A 156 -3.24 16.44 12.24
N HIS A 157 -4.33 15.75 12.13
CA HIS A 157 -5.61 16.43 11.79
C HIS A 157 -5.99 17.41 12.91
N GLN A 158 -5.36 17.30 14.04
CA GLN A 158 -5.69 18.23 15.15
C GLN A 158 -5.44 19.67 14.69
N GLY A 159 -6.49 20.44 14.54
CA GLY A 159 -6.33 21.84 14.09
C GLY A 159 -6.52 21.92 12.58
N CYS A 160 -6.39 20.81 11.90
CA CYS A 160 -6.57 20.81 10.42
C CYS A 160 -7.60 19.77 10.03
N PRO A 161 -8.85 20.13 10.03
CA PRO A 161 -9.97 19.20 9.66
C PRO A 161 -9.95 18.83 8.18
N PHE A 162 -10.36 17.63 7.85
CA PHE A 162 -10.37 17.21 6.41
C PHE A 162 -11.81 17.21 5.91
N GLN A 163 -12.05 17.75 4.74
CA GLN A 163 -13.44 17.78 4.19
C GLN A 163 -13.66 16.54 3.31
N PRO A 164 -14.48 15.60 3.72
CA PRO A 164 -14.75 14.37 2.94
C PRO A 164 -15.73 14.60 1.78
N TRP A 165 -15.48 14.01 0.65
CA TRP A 165 -16.39 14.18 -0.51
C TRP A 165 -16.74 12.80 -1.09
N ASP A 166 -17.80 12.70 -1.83
CA ASP A 166 -18.18 11.38 -2.41
C ASP A 166 -17.59 11.25 -3.82
N GLY A 167 -16.46 11.85 -4.06
CA GLY A 167 -15.82 11.75 -5.40
C GLY A 167 -14.99 10.46 -5.45
N LEU A 168 -14.07 10.31 -4.54
CA LEU A 168 -13.24 9.08 -4.54
C LEU A 168 -14.13 7.86 -4.31
N ASP A 169 -15.13 8.00 -3.48
CA ASP A 169 -16.03 6.84 -3.22
C ASP A 169 -16.73 6.43 -4.53
N GLU A 170 -17.16 7.38 -5.30
CA GLU A 170 -17.84 7.03 -6.58
C GLU A 170 -16.84 6.33 -7.50
N HIS A 171 -15.64 6.85 -7.58
CA HIS A 171 -14.61 6.22 -8.45
C HIS A 171 -14.29 4.83 -7.91
N SER A 172 -14.24 4.68 -6.62
CA SER A 172 -13.92 3.34 -6.02
C SER A 172 -14.97 2.33 -6.47
N GLN A 173 -16.21 2.74 -6.55
CA GLN A 173 -17.27 1.79 -6.99
C GLN A 173 -16.94 1.26 -8.39
N ASP A 174 -16.47 2.13 -9.26
CA ASP A 174 -16.13 1.69 -10.63
C ASP A 174 -15.01 0.65 -10.57
N LEU A 175 -14.05 0.87 -9.71
CA LEU A 175 -12.92 -0.09 -9.60
C LEU A 175 -13.44 -1.44 -9.13
N SER A 176 -14.41 -1.45 -8.26
CA SER A 176 -14.96 -2.73 -7.76
C SER A 176 -15.52 -3.53 -8.93
N GLY A 177 -16.13 -2.88 -9.89
CA GLY A 177 -16.69 -3.61 -11.05
C GLY A 177 -15.56 -4.36 -11.76
N ARG A 178 -14.51 -3.67 -12.11
CA ARG A 178 -13.39 -4.36 -12.82
C ARG A 178 -12.73 -5.39 -11.90
N LEU A 179 -12.43 -5.03 -10.68
CA LEU A 179 -11.77 -5.99 -9.75
C LEU A 179 -12.72 -7.16 -9.45
N ARG A 180 -14.00 -6.89 -9.35
CA ARG A 180 -14.96 -7.99 -9.07
C ARG A 180 -14.85 -9.05 -10.16
N ALA A 181 -14.68 -8.65 -11.38
CA ALA A 181 -14.56 -9.63 -12.49
C ALA A 181 -13.36 -10.54 -12.23
N ILE A 182 -12.27 -9.97 -11.79
CA ILE A 182 -11.07 -10.78 -11.51
C ILE A 182 -11.38 -11.77 -10.38
N LEU A 183 -11.91 -11.26 -9.30
CA LEU A 183 -12.26 -12.16 -8.15
C LEU A 183 -13.38 -13.11 -8.56
N GLN A 184 -14.27 -12.67 -9.40
CA GLN A 184 -15.39 -13.55 -9.84
C GLN A 184 -14.83 -14.75 -10.59
N ASN A 185 -13.74 -14.58 -11.29
CA ASN A 185 -13.15 -15.71 -12.05
C ASN A 185 -12.32 -16.58 -11.10
N GLN A 186 -12.38 -16.30 -9.82
CA GLN A 186 -11.59 -17.12 -8.86
C GLN A 186 -11.80 -18.59 -9.19
N GLU A 187 -10.89 -19.18 -9.91
CA GLU A 187 -11.03 -20.61 -10.28
C GLU A 187 -10.88 -21.48 -9.04
N ASN A 188 -11.73 -22.44 -8.86
CA ASN A 188 -11.63 -23.32 -7.66
C ASN A 188 -10.45 -24.27 -7.83
P C38 B 6 9.35 2.58 -10.50
O1P C38 B 6 10.07 2.87 -9.25
O2P C38 B 6 9.31 3.60 -11.58
O5' C38 B 6 9.94 1.21 -11.11
C5' C38 B 6 9.92 0.00 -10.35
C4' C38 B 6 10.54 -1.16 -11.11
O4' C38 B 6 9.92 -1.33 -12.38
C3' C38 B 6 12.01 -0.97 -11.38
O3' C38 B 6 12.70 -1.48 -10.23
C2' C38 B 6 12.26 -1.81 -12.62
C1' C38 B 6 10.88 -1.86 -13.30
N1 C38 B 6 10.78 -1.08 -14.54
C2 C38 B 6 11.72 -1.32 -15.53
O2 C38 B 6 12.58 -2.17 -15.36
N3 C38 B 6 11.64 -0.60 -16.68
C4 C38 B 6 10.69 0.32 -16.86
N4 C38 B 6 10.65 1.01 -18.00
C5 C38 B 6 9.72 0.57 -15.84
C6 C38 B 6 9.79 -0.14 -14.70
I C38 B 6 8.22 2.01 -16.11
H5'1 C38 B 6 8.90 -0.25 -10.12
H5'2 C38 B 6 10.47 0.17 -9.44
H4' C38 B 6 10.40 -2.07 -10.53
H3' C38 B 6 12.25 0.08 -11.54
H2'1 C38 B 6 12.98 -1.31 -13.26
H2'2 C38 B 6 12.59 -2.81 -12.35
H1' C38 B 6 10.63 -2.90 -13.50
H4N1 C38 B 6 11.33 0.83 -18.73
H4N2 C38 B 6 9.93 1.71 -18.14
H6 C38 B 6 9.06 0.02 -13.91
ZN ZN C . 8.38 -3.68 -7.45
N MET A 1 5.17 15.90 10.19
CA MET A 1 4.00 15.56 9.33
C MET A 1 3.17 16.81 9.08
N ASP A 2 2.79 17.06 7.86
CA ASP A 2 1.96 18.26 7.55
C ASP A 2 0.50 17.80 7.43
N PRO A 3 -0.43 18.62 7.86
CA PRO A 3 -1.87 18.25 7.78
C PRO A 3 -2.27 17.73 6.40
N PRO A 4 -1.87 18.39 5.35
CA PRO A 4 -2.20 17.97 3.96
C PRO A 4 -1.15 17.07 3.34
N THR A 5 -0.21 16.57 4.12
CA THR A 5 0.84 15.70 3.55
C THR A 5 0.22 14.47 2.88
N PHE A 6 -0.76 13.87 3.49
CA PHE A 6 -1.40 12.67 2.87
C PHE A 6 -2.20 13.09 1.65
N THR A 7 -3.06 14.06 1.79
CA THR A 7 -3.87 14.52 0.63
C THR A 7 -2.95 14.98 -0.49
N PHE A 8 -1.86 15.62 -0.16
CA PHE A 8 -0.93 16.11 -1.21
C PHE A 8 -0.51 14.94 -2.10
N ASN A 9 -0.08 13.87 -1.49
CA ASN A 9 0.36 12.69 -2.29
C ASN A 9 -0.82 12.20 -3.14
N PHE A 10 -1.97 12.07 -2.55
CA PHE A 10 -3.16 11.60 -3.33
C PHE A 10 -3.62 12.70 -4.28
N ASN A 11 -3.35 13.94 -3.95
CA ASN A 11 -3.76 15.06 -4.85
C ASN A 11 -2.80 15.14 -6.03
N ASN A 12 -2.13 14.07 -6.33
CA ASN A 12 -1.16 14.06 -7.46
C ASN A 12 -1.91 13.96 -8.78
N GLU A 13 -3.20 14.21 -8.76
CA GLU A 13 -3.99 14.13 -10.03
C GLU A 13 -3.35 14.99 -11.11
N PRO A 14 -2.89 16.17 -10.77
CA PRO A 14 -2.24 17.11 -11.73
C PRO A 14 -0.81 16.68 -12.10
N TRP A 15 -0.27 15.72 -11.40
CA TRP A 15 1.13 15.28 -11.70
C TRP A 15 1.24 14.79 -13.15
N VAL A 16 0.13 14.65 -13.83
CA VAL A 16 0.19 14.20 -15.24
C VAL A 16 0.89 15.25 -16.09
N ARG A 17 2.14 15.52 -15.82
CA ARG A 17 2.88 16.55 -16.61
C ARG A 17 3.96 15.86 -17.45
N GLY A 18 3.94 14.56 -17.50
CA GLY A 18 4.98 13.83 -18.29
C GLY A 18 6.06 13.32 -17.35
N ARG A 19 5.84 13.42 -16.06
CA ARG A 19 6.85 12.93 -15.07
C ARG A 19 6.24 11.80 -14.25
N HIS A 20 7.04 10.88 -13.78
CA HIS A 20 6.50 9.75 -12.98
C HIS A 20 6.88 9.93 -11.50
N GLU A 21 5.90 10.17 -10.66
CA GLU A 21 6.18 10.36 -9.21
C GLU A 21 5.40 9.32 -8.41
N THR A 22 6.04 8.63 -7.49
CA THR A 22 5.32 7.61 -6.68
C THR A 22 5.57 7.88 -5.19
N TYR A 23 4.56 7.76 -4.37
CA TYR A 23 4.75 7.99 -2.91
C TYR A 23 4.15 6.81 -2.13
N LEU A 24 4.94 6.19 -1.30
CA LEU A 24 4.42 5.02 -0.51
C LEU A 24 4.42 5.38 0.98
N CYS A 25 3.32 5.11 1.65
CA CYS A 25 3.24 5.40 3.11
C CYS A 25 2.96 4.09 3.84
N TYR A 26 3.69 3.81 4.89
CA TYR A 26 3.47 2.53 5.62
C TYR A 26 3.53 2.75 7.14
N GLU A 27 2.95 1.84 7.88
CA GLU A 27 2.96 1.95 9.36
C GLU A 27 3.39 0.59 9.94
N VAL A 28 3.95 0.58 11.11
CA VAL A 28 4.39 -0.70 11.71
C VAL A 28 3.78 -0.85 13.10
N GLU A 29 3.33 -2.04 13.44
CA GLU A 29 2.72 -2.25 14.78
C GLU A 29 3.17 -3.59 15.34
N ARG A 30 3.25 -3.71 16.65
CA ARG A 30 3.68 -5.00 17.27
C ARG A 30 2.50 -5.58 18.04
N MET A 31 2.17 -6.82 17.81
CA MET A 31 1.03 -7.44 18.51
C MET A 31 1.48 -8.70 19.26
N HIS A 32 1.15 -8.81 20.53
CA HIS A 32 1.54 -10.01 21.30
C HIS A 32 0.28 -10.57 21.99
N ASN A 33 0.10 -11.85 21.98
CA ASN A 33 -1.12 -12.44 22.60
C ASN A 33 -1.21 -12.03 24.08
N ASP A 34 -0.10 -11.98 24.76
CA ASP A 34 -0.14 -11.59 26.20
C ASP A 34 -0.42 -10.09 26.33
N THR A 35 0.14 -9.29 25.47
CA THR A 35 -0.09 -7.82 25.55
C THR A 35 -0.18 -7.23 24.15
N TRP A 36 -0.73 -6.04 24.04
CA TRP A 36 -0.86 -5.40 22.71
C TRP A 36 -0.01 -4.13 22.71
N VAL A 37 0.90 -4.00 21.79
CA VAL A 37 1.76 -2.78 21.75
C VAL A 37 1.45 -1.98 20.48
N LEU A 38 1.12 -0.73 20.64
CA LEU A 38 0.80 0.10 19.45
C LEU A 38 1.97 1.00 19.09
N LEU A 39 2.63 0.72 18.00
CA LEU A 39 3.78 1.58 17.58
C LEU A 39 3.26 2.65 16.61
N ASN A 40 1.98 2.89 16.62
CA ASN A 40 1.40 3.91 15.69
C ASN A 40 2.04 5.27 15.98
N GLN A 41 2.53 5.46 17.16
CA GLN A 41 3.17 6.77 17.50
C GLN A 41 4.27 7.06 16.48
N ARG A 42 4.88 6.04 15.94
CA ARG A 42 5.97 6.27 14.94
C ARG A 42 5.46 5.89 13.54
N ARG A 43 5.85 6.66 12.55
CA ARG A 43 5.39 6.37 11.16
C ARG A 43 6.59 6.44 10.21
N GLY A 44 6.48 5.90 9.03
CA GLY A 44 7.63 5.95 8.09
C GLY A 44 7.15 6.12 6.65
N PHE A 45 8.04 6.43 5.75
CA PHE A 45 7.63 6.62 4.33
C PHE A 45 8.64 5.89 3.43
N LEU A 46 8.23 5.50 2.25
CA LEU A 46 9.16 4.81 1.32
C LEU A 46 8.94 5.36 -0.10
N CYS A 47 9.96 5.42 -0.90
CA CYS A 47 9.80 5.97 -2.28
C CYS A 47 10.36 5.00 -3.32
N ASN A 48 9.84 5.04 -4.51
CA ASN A 48 10.32 4.15 -5.59
C ASN A 48 11.47 4.82 -6.34
N GLN A 49 11.97 5.91 -5.82
CA GLN A 49 13.09 6.63 -6.50
C GLN A 49 14.43 6.26 -5.87
N ALA A 50 15.44 6.07 -6.67
CA ALA A 50 16.78 5.71 -6.13
C ALA A 50 17.38 6.90 -5.38
N PRO A 51 18.32 6.64 -4.51
CA PRO A 51 18.99 7.70 -3.68
C PRO A 51 19.75 8.72 -4.55
N HIS A 52 19.49 9.98 -4.34
CA HIS A 52 20.17 11.03 -5.15
C HIS A 52 21.64 11.17 -4.73
N LYS A 53 21.95 10.92 -3.49
CA LYS A 53 23.36 11.10 -3.00
C LYS A 53 24.36 10.24 -3.77
N HIS A 54 24.00 9.06 -4.18
CA HIS A 54 25.00 8.21 -4.90
C HIS A 54 25.18 8.69 -6.34
N GLY A 55 24.38 9.63 -6.78
CA GLY A 55 24.52 10.12 -8.19
C GLY A 55 23.20 9.96 -8.94
N PHE A 56 23.26 9.46 -10.15
CA PHE A 56 22.02 9.28 -10.94
C PHE A 56 21.22 8.11 -10.38
N LEU A 57 19.94 8.08 -10.62
CA LEU A 57 19.09 6.98 -10.08
C LEU A 57 19.68 5.63 -10.44
N GLU A 58 19.61 4.70 -9.53
CA GLU A 58 20.17 3.34 -9.81
C GLU A 58 19.01 2.38 -10.07
N GLY A 59 17.85 2.71 -9.55
CA GLY A 59 16.65 1.86 -9.77
C GLY A 59 16.21 1.22 -8.46
N ARG A 60 15.09 1.65 -7.95
CA ARG A 60 14.54 1.06 -6.70
C ARG A 60 13.01 1.15 -6.76
N HIS A 61 12.30 0.07 -6.51
CA HIS A 61 10.82 0.16 -6.56
C HIS A 61 10.27 0.34 -5.15
N ALA A 62 9.36 1.25 -4.98
CA ALA A 62 8.79 1.48 -3.62
C ALA A 62 8.14 0.18 -3.11
N GLU A 63 7.41 -0.49 -3.95
CA GLU A 63 6.76 -1.75 -3.51
C GLU A 63 7.84 -2.81 -3.19
N LEU A 64 8.82 -2.95 -4.04
CA LEU A 64 9.89 -3.96 -3.78
C LEU A 64 10.72 -3.52 -2.56
N CYS A 65 10.99 -2.24 -2.46
CA CYS A 65 11.81 -1.75 -1.31
C CYS A 65 11.08 -2.04 0.01
N PHE A 66 9.80 -1.80 0.05
CA PHE A 66 9.04 -2.07 1.30
C PHE A 66 9.12 -3.55 1.64
N LEU A 67 8.99 -4.40 0.65
CA LEU A 67 9.06 -5.86 0.92
C LEU A 67 10.42 -6.19 1.53
N ASP A 68 11.46 -5.55 1.07
CA ASP A 68 12.81 -5.81 1.62
C ASP A 68 12.98 -5.12 2.98
N VAL A 69 12.19 -4.11 3.23
CA VAL A 69 12.31 -3.38 4.52
C VAL A 69 11.87 -4.28 5.68
N ILE A 70 10.86 -5.08 5.50
CA ILE A 70 10.40 -5.97 6.61
C ILE A 70 11.54 -6.89 7.08
N PRO A 71 12.15 -7.67 6.21
CA PRO A 71 13.26 -8.57 6.62
C PRO A 71 14.43 -7.80 7.22
N PHE A 72 14.55 -6.54 6.91
CA PHE A 72 15.66 -5.73 7.47
C PHE A 72 15.38 -5.41 8.94
N TRP A 73 14.12 -5.40 9.31
CA TRP A 73 13.77 -5.11 10.74
C TRP A 73 13.90 -6.37 11.58
N LYS A 74 14.34 -7.45 10.98
CA LYS A 74 14.49 -8.72 11.76
C LYS A 74 13.30 -8.91 12.69
N LEU A 75 12.11 -8.97 12.15
CA LEU A 75 10.91 -9.15 13.03
C LEU A 75 10.93 -10.55 13.64
N ASP A 76 10.46 -10.69 14.85
CA ASP A 76 10.46 -12.03 15.50
C ASP A 76 9.35 -12.91 14.91
N LEU A 77 9.69 -14.11 14.51
CA LEU A 77 8.67 -15.03 13.93
C LEU A 77 7.69 -15.48 15.02
N ASP A 78 8.13 -15.50 16.25
CA ASP A 78 7.23 -15.96 17.35
C ASP A 78 6.31 -14.82 17.79
N GLN A 79 6.58 -13.62 17.37
CA GLN A 79 5.70 -12.48 17.76
C GLN A 79 4.86 -12.07 16.56
N ASP A 80 3.64 -11.67 16.79
CA ASP A 80 2.76 -11.26 15.65
C ASP A 80 3.10 -9.84 15.22
N TYR A 81 3.08 -9.58 13.93
CA TYR A 81 3.38 -8.21 13.44
C TYR A 81 2.27 -7.75 12.49
N ARG A 82 1.78 -6.55 12.67
CA ARG A 82 0.70 -6.04 11.76
C ARG A 82 1.26 -4.83 11.01
N VAL A 83 1.44 -4.95 9.73
CA VAL A 83 1.97 -3.81 8.92
C VAL A 83 0.99 -3.46 7.80
N THR A 84 0.75 -2.20 7.58
CA THR A 84 -0.20 -1.79 6.51
C THR A 84 0.53 -0.90 5.50
N CYS A 85 0.23 -1.06 4.24
CA CYS A 85 0.89 -0.22 3.19
C CYS A 85 -0.17 0.56 2.41
N PHE A 86 -0.05 1.86 2.36
CA PHE A 86 -1.06 2.66 1.61
C PHE A 86 -0.41 3.19 0.33
N THR A 87 -0.90 2.77 -0.80
CA THR A 87 -0.32 3.26 -2.09
C THR A 87 -1.45 3.53 -3.08
N SER A 88 -1.24 4.42 -4.02
CA SER A 88 -2.30 4.72 -5.01
C SER A 88 -1.78 4.42 -6.42
N TRP A 89 -1.53 3.17 -6.72
CA TRP A 89 -1.05 2.81 -8.08
C TRP A 89 -0.93 1.29 -8.20
N SER A 90 -0.88 0.79 -9.40
CA SER A 90 -0.78 -0.68 -9.60
C SER A 90 0.64 -1.16 -9.24
N PRO A 91 0.77 -2.30 -8.64
CA PRO A 91 2.10 -2.87 -8.26
C PRO A 91 2.86 -3.39 -9.47
N CYS A 92 4.16 -3.41 -9.41
CA CYS A 92 4.95 -3.92 -10.58
C CYS A 92 4.91 -5.45 -10.59
N PHE A 93 4.92 -6.04 -11.76
CA PHE A 93 4.86 -7.52 -11.85
C PHE A 93 5.97 -8.17 -11.02
N SER A 94 7.15 -7.62 -11.04
CA SER A 94 8.27 -8.22 -10.26
C SER A 94 7.88 -8.32 -8.77
N CYS A 95 7.20 -7.34 -8.27
CA CYS A 95 6.79 -7.38 -6.83
C CYS A 95 5.68 -8.41 -6.62
N ALA A 96 4.82 -8.59 -7.59
CA ALA A 96 3.70 -9.57 -7.43
C ALA A 96 4.26 -10.95 -7.10
N GLN A 97 5.22 -11.42 -7.84
CA GLN A 97 5.79 -12.77 -7.55
C GLN A 97 6.53 -12.77 -6.22
N GLU A 98 7.27 -11.74 -5.93
CA GLU A 98 8.02 -11.68 -4.65
C GLU A 98 7.04 -11.47 -3.49
N MET A 99 6.03 -10.68 -3.70
CA MET A 99 5.05 -10.42 -2.61
C MET A 99 4.39 -11.73 -2.16
N ALA A 100 4.04 -12.58 -3.09
CA ALA A 100 3.39 -13.86 -2.69
C ALA A 100 4.39 -14.71 -1.89
N LYS A 101 5.60 -14.81 -2.37
CA LYS A 101 6.63 -15.62 -1.64
C LYS A 101 6.90 -15.00 -0.26
N PHE A 102 6.84 -13.70 -0.17
CA PHE A 102 7.12 -13.03 1.14
C PHE A 102 6.19 -13.57 2.23
N ILE A 103 4.91 -13.59 1.99
CA ILE A 103 3.98 -14.10 3.02
C ILE A 103 4.28 -15.57 3.31
N SER A 104 4.64 -16.32 2.31
CA SER A 104 4.96 -17.75 2.56
C SER A 104 6.10 -17.85 3.57
N LYS A 105 7.04 -16.94 3.49
CA LYS A 105 8.18 -16.98 4.46
C LYS A 105 7.76 -16.28 5.76
N ASN A 106 6.72 -15.50 5.72
CA ASN A 106 6.27 -14.78 6.94
C ASN A 106 4.74 -14.77 7.00
N LYS A 107 4.14 -15.85 7.40
CA LYS A 107 2.66 -15.90 7.48
C LYS A 107 2.19 -15.34 8.82
N HIS A 108 3.11 -15.00 9.69
CA HIS A 108 2.71 -14.46 11.03
C HIS A 108 2.54 -12.95 10.94
N VAL A 109 2.81 -12.36 9.81
CA VAL A 109 2.65 -10.88 9.68
C VAL A 109 1.37 -10.56 8.91
N SER A 110 0.61 -9.62 9.39
CA SER A 110 -0.63 -9.24 8.67
C SER A 110 -0.30 -8.07 7.75
N LEU A 111 -0.26 -8.31 6.46
CA LEU A 111 0.09 -7.22 5.50
C LEU A 111 -1.13 -6.85 4.66
N CYS A 112 -1.45 -5.59 4.58
CA CYS A 112 -2.62 -5.16 3.76
C CYS A 112 -2.18 -4.02 2.83
N ILE A 113 -2.43 -4.15 1.55
CA ILE A 113 -2.01 -3.08 0.60
C ILE A 113 -3.25 -2.46 -0.04
N PHE A 114 -3.40 -1.16 0.04
CA PHE A 114 -4.59 -0.51 -0.59
C PHE A 114 -4.17 0.19 -1.87
N THR A 115 -4.77 -0.14 -2.98
CA THR A 115 -4.41 0.53 -4.25
C THR A 115 -5.61 1.33 -4.76
N ALA A 116 -5.46 2.61 -4.91
CA ALA A 116 -6.60 3.44 -5.40
C ALA A 116 -6.95 3.07 -6.85
N ARG A 117 -5.96 2.78 -7.66
CA ARG A 117 -6.25 2.43 -9.07
C ARG A 117 -5.38 1.26 -9.53
N ILE A 118 -5.86 0.53 -10.51
CA ILE A 118 -5.10 -0.65 -11.03
C ILE A 118 -4.72 -0.42 -12.50
N TYR A 119 -3.46 -0.51 -12.83
CA TYR A 119 -3.04 -0.28 -14.24
C TYR A 119 -3.08 -1.60 -15.02
N ASP A 120 -3.96 -1.69 -15.98
CA ASP A 120 -4.04 -2.93 -16.80
C ASP A 120 -4.15 -2.56 -18.28
N ASP A 121 -3.18 -2.92 -19.08
CA ASP A 121 -3.27 -2.57 -20.53
C ASP A 121 -4.32 -3.45 -21.20
N GLN A 122 -4.29 -4.72 -20.93
CA GLN A 122 -5.29 -5.65 -21.55
C GLN A 122 -5.53 -6.82 -20.59
N GLY A 123 -6.61 -7.53 -20.76
CA GLY A 123 -6.87 -8.68 -19.84
C GLY A 123 -5.74 -9.70 -20.01
N ARG A 124 -4.87 -9.80 -19.04
CA ARG A 124 -3.74 -10.78 -19.16
C ARG A 124 -3.16 -11.04 -17.76
N CYS A 125 -2.29 -12.01 -17.66
CA CYS A 125 -1.68 -12.31 -16.33
C CYS A 125 -2.79 -12.37 -15.27
N GLN A 126 -3.95 -12.84 -15.65
CA GLN A 126 -5.07 -12.92 -14.66
C GLN A 126 -4.64 -13.79 -13.48
N GLU A 127 -3.82 -14.79 -13.73
CA GLU A 127 -3.37 -15.67 -12.63
C GLU A 127 -2.62 -14.84 -11.59
N GLY A 128 -1.83 -13.91 -12.02
CA GLY A 128 -1.07 -13.06 -11.06
C GLY A 128 -2.06 -12.31 -10.17
N LEU A 129 -3.11 -11.78 -10.74
CA LEU A 129 -4.11 -11.04 -9.93
C LEU A 129 -4.75 -11.97 -8.92
N ARG A 130 -5.19 -13.13 -9.35
CA ARG A 130 -5.81 -14.09 -8.41
C ARG A 130 -4.77 -14.56 -7.41
N THR A 131 -3.60 -14.88 -7.88
CA THR A 131 -2.52 -15.33 -6.97
C THR A 131 -2.16 -14.19 -6.02
N LEU A 132 -2.10 -13.00 -6.55
CA LEU A 132 -1.76 -11.83 -5.70
C LEU A 132 -2.82 -11.66 -4.61
N ALA A 133 -4.06 -11.85 -4.94
CA ALA A 133 -5.12 -11.71 -3.90
C ALA A 133 -4.94 -12.81 -2.86
N GLU A 134 -4.59 -13.99 -3.29
CA GLU A 134 -4.41 -15.12 -2.33
C GLU A 134 -3.08 -14.98 -1.58
N ALA A 135 -1.99 -14.81 -2.29
CA ALA A 135 -0.67 -14.70 -1.60
C ALA A 135 -0.15 -13.27 -1.65
N GLY A 136 -0.65 -12.44 -2.51
CA GLY A 136 -0.16 -11.04 -2.57
C GLY A 136 -0.79 -10.24 -1.44
N ALA A 137 -0.93 -10.83 -0.29
CA ALA A 137 -1.53 -10.13 0.87
C ALA A 137 -2.94 -9.64 0.52
N LYS A 138 -3.60 -9.05 1.48
CA LYS A 138 -4.99 -8.56 1.25
C LYS A 138 -4.94 -7.24 0.49
N ILE A 139 -5.66 -7.13 -0.60
CA ILE A 139 -5.64 -5.86 -1.39
C ILE A 139 -7.08 -5.35 -1.58
N SER A 140 -7.28 -4.08 -1.36
CA SER A 140 -8.64 -3.50 -1.54
C SER A 140 -8.52 -2.10 -2.15
N ILE A 141 -9.57 -1.59 -2.71
CA ILE A 141 -9.49 -0.22 -3.32
C ILE A 141 -9.61 0.81 -2.19
N MET A 142 -8.90 1.89 -2.28
CA MET A 142 -8.96 2.92 -1.21
C MET A 142 -10.36 3.53 -1.15
N THR A 143 -10.91 3.64 0.03
CA THR A 143 -12.28 4.22 0.18
C THR A 143 -12.18 5.47 1.06
N TYR A 144 -13.12 6.36 0.96
CA TYR A 144 -13.08 7.60 1.78
C TYR A 144 -12.99 7.22 3.25
N SER A 145 -13.69 6.20 3.68
CA SER A 145 -13.64 5.80 5.11
C SER A 145 -12.20 5.41 5.47
N GLU A 146 -11.56 4.65 4.64
CA GLU A 146 -10.15 4.24 4.93
C GLU A 146 -9.25 5.47 4.91
N PHE A 147 -9.53 6.39 4.03
CA PHE A 147 -8.69 7.62 3.96
C PHE A 147 -8.77 8.38 5.29
N LYS A 148 -9.94 8.45 5.85
CA LYS A 148 -10.08 9.18 7.15
C LYS A 148 -9.15 8.58 8.18
N HIS A 149 -9.07 7.27 8.26
CA HIS A 149 -8.16 6.65 9.26
C HIS A 149 -6.72 7.02 8.91
N CYS A 150 -6.34 6.90 7.67
CA CYS A 150 -4.96 7.26 7.27
C CYS A 150 -4.76 8.75 7.51
N TRP A 151 -5.77 9.53 7.27
CA TRP A 151 -5.67 11.01 7.47
C TRP A 151 -5.32 11.31 8.92
N ASP A 152 -6.02 10.71 9.85
CA ASP A 152 -5.72 10.99 11.28
C ASP A 152 -4.34 10.47 11.67
N THR A 153 -3.95 9.33 11.17
CA THR A 153 -2.63 8.75 11.56
C THR A 153 -1.46 9.48 10.87
N PHE A 154 -1.47 9.59 9.57
CA PHE A 154 -0.33 10.26 8.87
C PHE A 154 -0.35 11.76 9.12
N VAL A 155 -1.50 12.37 9.24
CA VAL A 155 -1.53 13.85 9.48
C VAL A 155 -2.29 14.14 10.77
N ASP A 156 -1.83 15.09 11.52
CA ASP A 156 -2.53 15.44 12.78
C ASP A 156 -3.80 16.21 12.43
N HIS A 157 -4.90 15.52 12.27
CA HIS A 157 -6.17 16.21 11.91
C HIS A 157 -6.59 17.13 13.05
N GLN A 158 -5.98 17.00 14.20
CA GLN A 158 -6.36 17.87 15.35
C GLN A 158 -6.25 19.34 14.92
N GLY A 159 -7.36 20.01 14.81
CA GLY A 159 -7.32 21.44 14.39
C GLY A 159 -7.50 21.53 12.88
N CYS A 160 -7.25 20.45 12.17
CA CYS A 160 -7.41 20.48 10.69
C CYS A 160 -8.33 19.33 10.26
N PRO A 161 -9.62 19.56 10.25
CA PRO A 161 -10.62 18.53 9.85
C PRO A 161 -10.55 18.21 8.35
N PHE A 162 -10.85 16.99 7.98
CA PHE A 162 -10.82 16.62 6.54
C PHE A 162 -12.25 16.58 5.99
N GLN A 163 -12.48 17.13 4.84
CA GLN A 163 -13.85 17.13 4.25
C GLN A 163 -13.89 16.18 3.04
N PRO A 164 -14.32 14.95 3.22
CA PRO A 164 -14.40 13.97 2.11
C PRO A 164 -15.63 14.16 1.23
N TRP A 165 -15.57 13.72 0.01
CA TRP A 165 -16.73 13.86 -0.92
C TRP A 165 -17.03 12.50 -1.55
N ASP A 166 -18.20 12.34 -2.11
CA ASP A 166 -18.54 11.02 -2.72
C ASP A 166 -18.13 10.99 -4.19
N GLY A 167 -17.10 11.72 -4.54
CA GLY A 167 -16.63 11.71 -5.95
C GLY A 167 -15.67 10.55 -6.14
N LEU A 168 -14.64 10.48 -5.34
CA LEU A 168 -13.68 9.36 -5.45
C LEU A 168 -14.40 8.05 -5.17
N ASP A 169 -15.35 8.07 -4.26
CA ASP A 169 -16.09 6.83 -3.93
C ASP A 169 -16.84 6.34 -5.16
N GLU A 170 -17.44 7.23 -5.91
CA GLU A 170 -18.18 6.80 -7.12
C GLU A 170 -17.19 6.17 -8.10
N HIS A 171 -16.05 6.79 -8.27
CA HIS A 171 -15.02 6.23 -9.19
C HIS A 171 -14.52 4.90 -8.61
N SER A 172 -14.31 4.86 -7.33
CA SER A 172 -13.82 3.60 -6.70
C SER A 172 -14.82 2.48 -6.95
N GLN A 173 -16.09 2.80 -6.95
CA GLN A 173 -17.11 1.74 -7.19
C GLN A 173 -16.85 1.10 -8.55
N ASP A 174 -16.53 1.89 -9.54
CA ASP A 174 -16.24 1.33 -10.88
C ASP A 174 -15.03 0.41 -10.80
N LEU A 175 -14.04 0.79 -10.04
CA LEU A 175 -12.82 -0.08 -9.91
C LEU A 175 -13.22 -1.41 -9.30
N SER A 176 -14.13 -1.40 -8.37
CA SER A 176 -14.56 -2.67 -7.73
C SER A 176 -15.16 -3.58 -8.81
N GLY A 177 -15.77 -3.00 -9.80
CA GLY A 177 -16.38 -3.82 -10.88
C GLY A 177 -15.28 -4.62 -11.59
N ARG A 178 -14.23 -3.97 -12.01
CA ARG A 178 -13.14 -4.71 -12.70
C ARG A 178 -12.52 -5.73 -11.73
N LEU A 179 -12.26 -5.32 -10.53
CA LEU A 179 -11.66 -6.26 -9.54
C LEU A 179 -12.66 -7.38 -9.23
N ARG A 180 -13.92 -7.06 -9.22
CA ARG A 180 -14.95 -8.10 -8.92
C ARG A 180 -14.80 -9.26 -9.91
N ALA A 181 -14.54 -8.95 -11.16
CA ALA A 181 -14.38 -10.03 -12.17
C ALA A 181 -13.17 -10.88 -11.82
N ILE A 182 -12.10 -10.26 -11.40
CA ILE A 182 -10.89 -11.02 -11.04
C ILE A 182 -11.20 -11.97 -9.88
N LEU A 183 -11.75 -11.44 -8.83
CA LEU A 183 -12.09 -12.30 -7.65
C LEU A 183 -13.19 -13.29 -8.05
N GLN A 184 -14.08 -12.89 -8.92
CA GLN A 184 -15.18 -13.79 -9.34
C GLN A 184 -14.58 -15.01 -10.06
N ASN A 185 -13.49 -14.84 -10.74
CA ASN A 185 -12.87 -15.98 -11.47
C ASN A 185 -12.04 -16.81 -10.48
N GLN A 186 -12.11 -16.51 -9.22
CA GLN A 186 -11.33 -17.30 -8.23
C GLN A 186 -11.53 -18.78 -8.53
N GLU A 187 -10.62 -19.38 -9.23
CA GLU A 187 -10.77 -20.83 -9.56
C GLU A 187 -10.63 -21.66 -8.29
N ASN A 188 -11.49 -22.63 -8.13
CA ASN A 188 -11.42 -23.49 -6.91
C ASN A 188 -12.24 -24.75 -7.14
P C38 B 6 9.45 2.72 -10.52
O1P C38 B 6 10.19 2.97 -9.26
O2P C38 B 6 9.41 3.76 -11.57
O5' C38 B 6 10.05 1.37 -11.18
C5' C38 B 6 10.03 0.13 -10.46
C4' C38 B 6 10.68 -1.00 -11.24
O4' C38 B 6 10.09 -1.13 -12.52
C3' C38 B 6 12.15 -0.80 -11.46
O3' C38 B 6 12.82 -1.33 -10.32
C2' C38 B 6 12.44 -1.62 -12.71
C1' C38 B 6 11.08 -1.60 -13.44
N1 C38 B 6 11.03 -0.73 -14.63
C2 C38 B 6 11.61 0.54 -14.53
O2 C38 B 6 12.12 0.90 -13.47
N3 C38 B 6 11.57 1.35 -15.62
C4 C38 B 6 11.00 0.95 -16.76
N4 C38 B 6 10.98 1.77 -17.81
C5 C38 B 6 10.41 -0.35 -16.87
C6 C38 B 6 10.45 -1.15 -15.79
I C38 B 6 9.51 -0.98 -18.66
H5'1 C38 B 6 9.01 -0.14 -10.25
H5'2 C38 B 6 10.56 0.27 -9.53
H4' C38 B 6 10.53 -1.93 -10.69
H3' C38 B 6 12.41 0.26 -11.61
H2'1 C38 B 6 13.20 -1.14 -13.32
H2'2 C38 B 6 12.72 -2.64 -12.46
H1' C38 B 6 10.83 -2.62 -13.74
H4N1 C38 B 6 11.39 2.69 -17.73
H4N2 C38 B 6 10.55 1.48 -18.68
H6 C38 B 6 10.00 -2.14 -15.83
ZN ZN C . 8.35 -3.73 -7.68
N MET A 1 5.77 15.21 8.11
CA MET A 1 4.49 15.03 7.37
C MET A 1 3.76 16.36 7.30
N ASP A 2 3.26 16.73 6.13
CA ASP A 2 2.53 18.00 6.01
C ASP A 2 1.02 17.71 6.01
N PRO A 3 0.22 18.60 6.53
CA PRO A 3 -1.25 18.38 6.60
C PRO A 3 -1.86 17.94 5.26
N PRO A 4 -1.48 18.58 4.18
CA PRO A 4 -2.02 18.26 2.83
C PRO A 4 -1.16 17.27 2.03
N THR A 5 0.00 16.93 2.52
CA THR A 5 0.86 15.99 1.73
C THR A 5 0.13 14.67 1.49
N PHE A 6 -0.51 14.14 2.50
CA PHE A 6 -1.25 12.86 2.30
C PHE A 6 -2.39 13.11 1.31
N THR A 7 -3.14 14.16 1.50
CA THR A 7 -4.25 14.45 0.56
C THR A 7 -3.68 14.71 -0.83
N PHE A 8 -2.56 15.37 -0.91
CA PHE A 8 -1.95 15.66 -2.24
C PHE A 8 -1.69 14.35 -2.96
N ASN A 9 -1.07 13.41 -2.29
CA ASN A 9 -0.77 12.11 -2.93
C ASN A 9 -2.08 11.44 -3.38
N PHE A 10 -3.11 11.52 -2.58
CA PHE A 10 -4.41 10.91 -2.99
C PHE A 10 -5.04 11.72 -4.12
N ASN A 11 -4.94 13.02 -4.05
CA ASN A 11 -5.51 13.87 -5.13
C ASN A 11 -4.50 14.00 -6.27
N ASN A 12 -3.54 13.13 -6.30
CA ASN A 12 -2.51 13.19 -7.36
C ASN A 12 -3.13 12.82 -8.72
N GLU A 13 -4.42 12.95 -8.84
CA GLU A 13 -5.09 12.61 -10.13
C GLU A 13 -4.39 13.34 -11.28
N PRO A 14 -4.09 14.60 -11.11
CA PRO A 14 -3.40 15.42 -12.15
C PRO A 14 -1.98 14.92 -12.42
N TRP A 15 -1.52 14.03 -11.59
CA TRP A 15 -0.13 13.51 -11.76
C TRP A 15 0.07 12.93 -13.17
N VAL A 16 -0.98 12.69 -13.89
CA VAL A 16 -0.82 12.13 -15.26
C VAL A 16 -0.05 13.14 -16.13
N ARG A 17 1.22 13.33 -15.87
CA ARG A 17 2.02 14.28 -16.67
C ARG A 17 3.11 13.53 -17.44
N GLY A 18 3.15 12.22 -17.34
CA GLY A 18 4.19 11.45 -18.07
C GLY A 18 5.45 11.33 -17.20
N ARG A 19 5.31 11.45 -15.91
CA ARG A 19 6.49 11.33 -15.00
C ARG A 19 6.30 10.13 -14.07
N HIS A 20 7.37 9.56 -13.59
CA HIS A 20 7.24 8.37 -12.69
C HIS A 20 7.48 8.76 -11.22
N GLU A 21 6.45 9.15 -10.52
CA GLU A 21 6.61 9.51 -9.08
C GLU A 21 5.70 8.60 -8.25
N THR A 22 6.23 8.01 -7.21
CA THR A 22 5.37 7.11 -6.36
C THR A 22 5.47 7.53 -4.90
N TYR A 23 4.36 7.55 -4.20
CA TYR A 23 4.36 7.91 -2.76
C TYR A 23 3.89 6.71 -1.95
N LEU A 24 4.71 6.23 -1.03
CA LEU A 24 4.30 5.06 -0.22
C LEU A 24 4.21 5.43 1.26
N CYS A 25 3.12 5.08 1.90
CA CYS A 25 2.97 5.39 3.34
C CYS A 25 2.64 4.08 4.07
N TYR A 26 3.41 3.72 5.05
CA TYR A 26 3.13 2.43 5.76
C TYR A 26 3.33 2.56 7.27
N GLU A 27 2.76 1.65 8.01
CA GLU A 27 2.89 1.65 9.49
C GLU A 27 3.16 0.22 9.96
N VAL A 28 3.73 0.04 11.12
CA VAL A 28 4.02 -1.33 11.62
C VAL A 28 3.41 -1.52 13.01
N GLU A 29 2.82 -2.66 13.27
CA GLU A 29 2.20 -2.91 14.60
C GLU A 29 2.81 -4.18 15.21
N ARG A 30 2.95 -4.22 16.51
CA ARG A 30 3.52 -5.43 17.16
C ARG A 30 2.45 -6.06 18.05
N MET A 31 2.17 -7.32 17.84
CA MET A 31 1.12 -7.99 18.66
C MET A 31 1.71 -9.21 19.37
N HIS A 32 1.50 -9.30 20.66
CA HIS A 32 2.01 -10.48 21.43
C HIS A 32 0.82 -11.17 22.10
N ASN A 33 0.82 -12.47 22.12
CA ASN A 33 -0.34 -13.20 22.74
C ASN A 33 -0.51 -12.76 24.19
N ASP A 34 0.56 -12.55 24.90
CA ASP A 34 0.44 -12.12 26.32
C ASP A 34 -0.06 -10.67 26.40
N THR A 35 0.43 -9.83 25.53
CA THR A 35 -0.02 -8.40 25.55
C THR A 35 -0.10 -7.86 24.13
N TRP A 36 -0.85 -6.81 23.94
CA TRP A 36 -0.96 -6.20 22.58
C TRP A 36 -0.21 -4.88 22.56
N VAL A 37 0.62 -4.67 21.56
CA VAL A 37 1.41 -3.40 21.50
C VAL A 37 1.07 -2.64 20.21
N LEU A 38 0.75 -1.37 20.34
CA LEU A 38 0.42 -0.57 19.12
C LEU A 38 1.65 0.24 18.69
N LEU A 39 2.46 -0.31 17.84
CA LEU A 39 3.66 0.43 17.37
C LEU A 39 3.25 1.36 16.23
N ASN A 40 1.98 1.46 15.95
CA ASN A 40 1.51 2.35 14.84
C ASN A 40 1.91 3.79 15.16
N GLN A 41 2.30 4.06 16.37
CA GLN A 41 2.72 5.45 16.73
C GLN A 41 3.82 5.91 15.80
N ARG A 42 4.64 4.99 15.34
CA ARG A 42 5.76 5.38 14.43
C ARG A 42 5.35 5.06 12.99
N ARG A 43 5.79 5.86 12.05
CA ARG A 43 5.43 5.61 10.63
C ARG A 43 6.53 6.17 9.72
N GLY A 44 6.50 5.83 8.46
CA GLY A 44 7.56 6.34 7.54
C GLY A 44 7.05 6.29 6.09
N PHE A 45 7.85 6.71 5.15
CA PHE A 45 7.41 6.67 3.73
C PHE A 45 8.53 6.12 2.85
N LEU A 46 8.19 5.45 1.79
CA LEU A 46 9.22 4.89 0.88
C LEU A 46 9.01 5.46 -0.53
N CYS A 47 10.06 5.71 -1.26
CA CYS A 47 9.90 6.27 -2.64
C CYS A 47 10.42 5.26 -3.65
N ASN A 48 9.87 5.27 -4.84
CA ASN A 48 10.33 4.31 -5.88
C ASN A 48 11.43 4.95 -6.73
N GLN A 49 11.96 6.06 -6.30
CA GLN A 49 13.04 6.73 -7.08
C GLN A 49 14.38 6.51 -6.36
N ALA A 50 15.43 6.32 -7.11
CA ALA A 50 16.76 6.11 -6.47
C ALA A 50 17.25 7.42 -5.84
N PRO A 51 18.16 7.32 -4.92
CA PRO A 51 18.73 8.50 -4.20
C PRO A 51 19.41 9.50 -5.15
N HIS A 52 19.09 10.75 -5.01
CA HIS A 52 19.69 11.82 -5.87
C HIS A 52 21.17 12.02 -5.53
N LYS A 53 21.51 11.82 -4.29
CA LYS A 53 22.93 12.05 -3.85
C LYS A 53 23.92 11.23 -4.68
N HIS A 54 23.59 10.04 -5.05
CA HIS A 54 24.57 9.23 -5.84
C HIS A 54 24.64 9.71 -7.29
N GLY A 55 23.75 10.58 -7.71
CA GLY A 55 23.79 11.04 -9.12
C GLY A 55 22.47 10.71 -9.80
N PHE A 56 22.53 10.14 -10.97
CA PHE A 56 21.28 9.77 -11.69
C PHE A 56 20.63 8.57 -11.01
N LEU A 57 19.36 8.42 -11.17
CA LEU A 57 18.64 7.29 -10.51
C LEU A 57 19.33 5.97 -10.84
N GLU A 58 19.41 5.07 -9.89
CA GLU A 58 20.05 3.77 -10.15
C GLU A 58 18.95 2.72 -10.30
N GLY A 59 17.81 2.99 -9.73
CA GLY A 59 16.66 2.05 -9.83
C GLY A 59 16.29 1.52 -8.44
N ARG A 60 15.16 1.94 -7.95
CA ARG A 60 14.68 1.46 -6.62
C ARG A 60 13.15 1.43 -6.64
N HIS A 61 12.52 0.30 -6.44
CA HIS A 61 11.03 0.30 -6.46
C HIS A 61 10.52 0.56 -5.05
N ALA A 62 9.58 1.46 -4.92
CA ALA A 62 9.03 1.77 -3.57
C ALA A 62 8.48 0.49 -2.95
N GLU A 63 7.88 -0.34 -3.74
CA GLU A 63 7.32 -1.60 -3.21
C GLU A 63 8.46 -2.50 -2.68
N LEU A 64 9.60 -2.46 -3.32
CA LEU A 64 10.75 -3.29 -2.85
C LEU A 64 11.22 -2.80 -1.47
N CYS A 65 11.23 -1.51 -1.27
CA CYS A 65 11.70 -0.96 0.04
C CYS A 65 10.79 -1.46 1.17
N PHE A 66 9.52 -1.43 0.98
CA PHE A 66 8.61 -1.90 2.05
C PHE A 66 8.85 -3.37 2.34
N LEU A 67 8.99 -4.17 1.32
CA LEU A 67 9.24 -5.62 1.54
C LEU A 67 10.53 -5.80 2.35
N ASP A 68 11.52 -5.00 2.08
CA ASP A 68 12.80 -5.10 2.84
C ASP A 68 12.63 -4.52 4.24
N VAL A 69 11.67 -3.68 4.43
CA VAL A 69 11.46 -3.08 5.78
C VAL A 69 10.98 -4.15 6.78
N ILE A 70 10.17 -5.08 6.34
CA ILE A 70 9.68 -6.13 7.28
C ILE A 70 10.86 -6.85 7.95
N PRO A 71 11.76 -7.44 7.19
CA PRO A 71 12.94 -8.17 7.77
C PRO A 71 13.83 -7.22 8.59
N PHE A 72 13.75 -5.94 8.32
CA PHE A 72 14.58 -4.97 9.08
C PHE A 72 14.03 -4.79 10.49
N TRP A 73 12.76 -5.03 10.68
CA TRP A 73 12.17 -4.86 12.04
C TRP A 73 12.42 -6.13 12.86
N LYS A 74 13.05 -7.11 12.28
CA LYS A 74 13.34 -8.38 13.03
C LYS A 74 12.13 -8.76 13.88
N LEU A 75 10.98 -8.91 13.28
CA LEU A 75 9.77 -9.28 14.06
C LEU A 75 9.87 -10.74 14.50
N ASP A 76 9.48 -11.04 15.71
CA ASP A 76 9.56 -12.45 16.19
C ASP A 76 8.54 -13.31 15.46
N LEU A 77 8.96 -14.44 14.96
CA LEU A 77 8.04 -15.34 14.22
C LEU A 77 7.01 -15.92 15.19
N ASP A 78 7.35 -16.05 16.44
CA ASP A 78 6.39 -16.62 17.43
C ASP A 78 5.40 -15.56 17.88
N GLN A 79 5.67 -14.32 17.56
CA GLN A 79 4.73 -13.23 17.96
C GLN A 79 3.93 -12.78 16.75
N ASP A 80 2.69 -12.40 16.94
CA ASP A 80 1.87 -11.96 15.77
C ASP A 80 2.28 -10.55 15.35
N TYR A 81 2.31 -10.29 14.07
CA TYR A 81 2.69 -8.92 13.59
C TYR A 81 1.68 -8.45 12.55
N ARG A 82 1.20 -7.23 12.67
CA ARG A 82 0.24 -6.71 11.67
C ARG A 82 0.84 -5.48 11.00
N VAL A 83 1.09 -5.56 9.72
CA VAL A 83 1.69 -4.40 9.00
C VAL A 83 0.76 -4.01 7.84
N THR A 84 0.56 -2.74 7.64
CA THR A 84 -0.33 -2.28 6.53
C THR A 84 0.44 -1.34 5.60
N CYS A 85 0.19 -1.42 4.33
CA CYS A 85 0.90 -0.54 3.36
C CYS A 85 -0.13 0.28 2.57
N PHE A 86 0.00 1.58 2.56
CA PHE A 86 -0.98 2.41 1.79
C PHE A 86 -0.31 2.91 0.51
N THR A 87 -0.76 2.43 -0.61
CA THR A 87 -0.16 2.87 -1.91
C THR A 87 -1.28 3.07 -2.92
N SER A 88 -1.08 3.90 -3.91
CA SER A 88 -2.15 4.11 -4.92
C SER A 88 -1.61 3.87 -6.33
N TRP A 89 -1.26 2.65 -6.65
CA TRP A 89 -0.74 2.33 -8.02
C TRP A 89 -0.56 0.82 -8.17
N SER A 90 -0.50 0.36 -9.39
CA SER A 90 -0.32 -1.10 -9.62
C SER A 90 1.11 -1.51 -9.25
N PRO A 91 1.28 -2.68 -8.66
CA PRO A 91 2.64 -3.17 -8.28
C PRO A 91 3.44 -3.64 -9.50
N CYS A 92 4.74 -3.54 -9.44
CA CYS A 92 5.55 -3.97 -10.61
C CYS A 92 5.51 -5.50 -10.71
N PHE A 93 5.66 -6.04 -11.88
CA PHE A 93 5.60 -7.52 -12.04
C PHE A 93 6.62 -8.19 -11.11
N SER A 94 7.79 -7.63 -10.98
CA SER A 94 8.81 -8.26 -10.10
C SER A 94 8.27 -8.35 -8.67
N CYS A 95 7.51 -7.37 -8.25
CA CYS A 95 6.95 -7.40 -6.86
C CYS A 95 5.86 -8.47 -6.75
N ALA A 96 5.10 -8.69 -7.79
CA ALA A 96 4.02 -9.70 -7.71
C ALA A 96 4.62 -11.05 -7.30
N GLN A 97 5.66 -11.46 -7.96
CA GLN A 97 6.30 -12.76 -7.62
C GLN A 97 6.97 -12.69 -6.24
N GLU A 98 7.66 -11.61 -5.96
CA GLU A 98 8.36 -11.49 -4.65
C GLU A 98 7.35 -11.31 -3.52
N MET A 99 6.31 -10.56 -3.76
CA MET A 99 5.30 -10.33 -2.69
C MET A 99 4.70 -11.66 -2.24
N ALA A 100 4.35 -12.52 -3.16
CA ALA A 100 3.76 -13.82 -2.78
C ALA A 100 4.81 -14.64 -2.01
N LYS A 101 6.03 -14.60 -2.46
CA LYS A 101 7.11 -15.37 -1.78
C LYS A 101 7.31 -14.83 -0.35
N PHE A 102 7.19 -13.56 -0.15
CA PHE A 102 7.39 -12.98 1.21
C PHE A 102 6.44 -13.62 2.21
N ILE A 103 5.16 -13.64 1.92
CA ILE A 103 4.20 -14.25 2.88
C ILE A 103 4.56 -15.71 3.12
N SER A 104 5.02 -16.40 2.11
CA SER A 104 5.38 -17.82 2.29
C SER A 104 6.46 -17.93 3.37
N LYS A 105 7.37 -17.02 3.41
CA LYS A 105 8.45 -17.05 4.43
C LYS A 105 7.91 -16.57 5.77
N ASN A 106 6.88 -15.76 5.77
CA ASN A 106 6.32 -15.25 7.04
C ASN A 106 4.79 -15.22 6.96
N LYS A 107 4.16 -16.31 7.22
CA LYS A 107 2.67 -16.36 7.15
C LYS A 107 2.09 -15.89 8.49
N HIS A 108 2.93 -15.61 9.45
CA HIS A 108 2.43 -15.16 10.78
C HIS A 108 2.20 -13.64 10.76
N VAL A 109 2.59 -12.98 9.71
CA VAL A 109 2.40 -11.51 9.64
C VAL A 109 1.18 -11.18 8.78
N SER A 110 0.36 -10.26 9.22
CA SER A 110 -0.84 -9.90 8.42
C SER A 110 -0.49 -8.67 7.57
N LEU A 111 -0.33 -8.86 6.28
CA LEU A 111 0.02 -7.70 5.40
C LEU A 111 -1.18 -7.36 4.51
N CYS A 112 -1.55 -6.11 4.48
CA CYS A 112 -2.70 -5.69 3.62
C CYS A 112 -2.29 -4.48 2.77
N ILE A 113 -2.52 -4.54 1.48
CA ILE A 113 -2.14 -3.40 0.59
C ILE A 113 -3.40 -2.78 0.00
N PHE A 114 -3.57 -1.49 0.15
CA PHE A 114 -4.79 -0.84 -0.42
C PHE A 114 -4.39 -0.03 -1.66
N THR A 115 -5.05 -0.26 -2.77
CA THR A 115 -4.71 0.51 -4.00
C THR A 115 -5.91 1.38 -4.39
N ALA A 116 -5.75 2.67 -4.37
CA ALA A 116 -6.88 3.56 -4.75
C ALA A 116 -7.21 3.33 -6.22
N ARG A 117 -6.21 3.10 -7.03
CA ARG A 117 -6.45 2.85 -8.48
C ARG A 117 -5.58 1.69 -8.95
N ILE A 118 -6.08 0.87 -9.83
CA ILE A 118 -5.27 -0.28 -10.33
C ILE A 118 -4.95 -0.08 -11.81
N TYR A 119 -3.69 -0.08 -12.15
CA TYR A 119 -3.30 0.12 -13.57
C TYR A 119 -3.12 -1.25 -14.25
N ASP A 120 -3.69 -1.42 -15.41
CA ASP A 120 -3.54 -2.71 -16.14
C ASP A 120 -3.12 -2.42 -17.58
N ASP A 121 -1.96 -2.89 -17.98
CA ASP A 121 -1.51 -2.63 -19.37
C ASP A 121 -2.47 -3.28 -20.37
N GLN A 122 -2.89 -4.48 -20.10
CA GLN A 122 -3.83 -5.17 -21.02
C GLN A 122 -4.37 -6.44 -20.35
N GLY A 123 -5.49 -6.93 -20.78
CA GLY A 123 -6.04 -8.17 -20.15
C GLY A 123 -5.14 -9.35 -20.49
N ARG A 124 -4.38 -9.83 -19.53
CA ARG A 124 -3.47 -10.99 -19.79
C ARG A 124 -2.80 -11.39 -18.48
N CYS A 125 -2.27 -10.44 -17.77
CA CYS A 125 -1.58 -10.75 -16.48
C CYS A 125 -2.65 -10.96 -15.40
N GLN A 126 -3.88 -11.13 -15.79
CA GLN A 126 -4.96 -11.33 -14.80
C GLN A 126 -4.61 -12.53 -13.91
N GLU A 127 -3.96 -13.52 -14.47
CA GLU A 127 -3.58 -14.71 -13.66
C GLU A 127 -2.71 -14.26 -12.48
N GLY A 128 -1.85 -13.30 -12.70
CA GLY A 128 -0.98 -12.81 -11.61
C GLY A 128 -1.87 -12.24 -10.51
N LEU A 129 -2.93 -11.57 -10.89
CA LEU A 129 -3.85 -10.98 -9.86
C LEU A 129 -4.44 -12.11 -9.01
N ARG A 130 -4.77 -13.22 -9.61
CA ARG A 130 -5.35 -14.34 -8.84
C ARG A 130 -4.31 -14.82 -7.82
N THR A 131 -3.10 -15.01 -8.24
CA THR A 131 -2.05 -15.46 -7.30
C THR A 131 -1.77 -14.34 -6.29
N LEU A 132 -1.74 -13.12 -6.77
CA LEU A 132 -1.47 -11.98 -5.86
C LEU A 132 -2.56 -11.90 -4.78
N ALA A 133 -3.79 -12.13 -5.15
CA ALA A 133 -4.86 -12.07 -4.12
C ALA A 133 -4.67 -13.20 -3.12
N GLU A 134 -4.28 -14.36 -3.60
CA GLU A 134 -4.08 -15.51 -2.68
C GLU A 134 -2.77 -15.36 -1.90
N ALA A 135 -1.67 -15.12 -2.58
CA ALA A 135 -0.37 -15.00 -1.88
C ALA A 135 0.10 -13.55 -1.83
N GLY A 136 -0.43 -12.70 -2.66
CA GLY A 136 0.02 -11.28 -2.64
C GLY A 136 -0.70 -10.54 -1.52
N ALA A 137 -0.86 -11.17 -0.39
CA ALA A 137 -1.55 -10.50 0.74
C ALA A 137 -2.96 -10.07 0.33
N LYS A 138 -3.71 -9.52 1.25
CA LYS A 138 -5.10 -9.09 0.91
C LYS A 138 -5.05 -7.69 0.29
N ILE A 139 -5.75 -7.47 -0.80
CA ILE A 139 -5.75 -6.12 -1.43
C ILE A 139 -7.18 -5.61 -1.58
N SER A 140 -7.39 -4.36 -1.27
CA SER A 140 -8.76 -3.76 -1.39
C SER A 140 -8.63 -2.33 -1.91
N ILE A 141 -9.69 -1.77 -2.43
CA ILE A 141 -9.61 -0.37 -2.93
C ILE A 141 -9.68 0.60 -1.76
N MET A 142 -9.00 1.71 -1.85
CA MET A 142 -9.03 2.69 -0.73
C MET A 142 -10.46 3.15 -0.47
N THR A 143 -10.86 3.19 0.78
CA THR A 143 -12.25 3.63 1.11
C THR A 143 -12.18 4.85 2.02
N TYR A 144 -13.22 5.64 2.05
CA TYR A 144 -13.21 6.85 2.91
C TYR A 144 -12.89 6.44 4.35
N SER A 145 -13.43 5.34 4.82
CA SER A 145 -13.16 4.92 6.21
C SER A 145 -11.65 4.74 6.41
N GLU A 146 -11.00 4.10 5.47
CA GLU A 146 -9.53 3.89 5.60
C GLU A 146 -8.83 5.24 5.43
N PHE A 147 -9.30 6.07 4.54
CA PHE A 147 -8.66 7.39 4.33
C PHE A 147 -8.75 8.21 5.61
N LYS A 148 -9.88 8.16 6.28
CA LYS A 148 -10.05 8.95 7.53
C LYS A 148 -8.93 8.59 8.52
N HIS A 149 -8.70 7.33 8.74
CA HIS A 149 -7.63 6.94 9.70
C HIS A 149 -6.28 7.35 9.15
N CYS A 150 -6.00 7.02 7.91
CA CYS A 150 -4.69 7.40 7.33
C CYS A 150 -4.59 8.93 7.29
N TRP A 151 -5.71 9.60 7.18
CA TRP A 151 -5.71 11.08 7.12
C TRP A 151 -5.13 11.67 8.42
N ASP A 152 -5.65 11.28 9.56
CA ASP A 152 -5.13 11.88 10.84
C ASP A 152 -3.81 11.25 11.28
N THR A 153 -3.59 9.99 11.00
CA THR A 153 -2.32 9.34 11.45
C THR A 153 -1.11 9.81 10.64
N PHE A 154 -1.20 9.82 9.34
CA PHE A 154 -0.03 10.24 8.52
C PHE A 154 0.21 11.75 8.61
N VAL A 155 -0.81 12.54 8.82
CA VAL A 155 -0.60 14.02 8.89
C VAL A 155 -1.23 14.57 10.18
N ASP A 156 -0.59 15.54 10.77
CA ASP A 156 -1.15 16.15 11.99
C ASP A 156 -2.32 17.05 11.59
N HIS A 157 -3.49 16.49 11.46
CA HIS A 157 -4.67 17.30 11.06
C HIS A 157 -4.97 18.35 12.12
N GLN A 158 -4.30 18.32 13.23
CA GLN A 158 -4.58 19.35 14.29
C GLN A 158 -4.56 20.74 13.65
N GLY A 159 -5.69 21.37 13.56
CA GLY A 159 -5.74 22.73 12.94
C GLY A 159 -6.02 22.59 11.44
N CYS A 160 -5.79 21.43 10.89
CA CYS A 160 -6.05 21.21 9.44
C CYS A 160 -6.96 19.99 9.28
N PRO A 161 -8.26 20.19 9.28
CA PRO A 161 -9.24 19.08 9.13
C PRO A 161 -9.40 18.63 7.67
N PHE A 162 -9.73 17.38 7.48
CA PHE A 162 -9.91 16.86 6.10
C PHE A 162 -11.38 16.98 5.70
N GLN A 163 -11.66 17.56 4.57
CA GLN A 163 -13.08 17.71 4.13
C GLN A 163 -13.47 16.51 3.26
N PRO A 164 -14.52 15.80 3.61
CA PRO A 164 -14.97 14.60 2.83
C PRO A 164 -15.71 14.97 1.54
N TRP A 165 -15.41 14.31 0.46
CA TRP A 165 -16.12 14.59 -0.82
C TRP A 165 -16.59 13.27 -1.43
N ASP A 166 -17.54 13.31 -2.32
CA ASP A 166 -18.04 12.05 -2.92
C ASP A 166 -17.31 11.79 -4.26
N GLY A 167 -16.09 12.22 -4.36
CA GLY A 167 -15.33 11.99 -5.62
C GLY A 167 -14.65 10.63 -5.56
N LEU A 168 -13.86 10.40 -4.56
CA LEU A 168 -13.17 9.08 -4.43
C LEU A 168 -14.21 7.99 -4.22
N ASP A 169 -15.26 8.27 -3.49
CA ASP A 169 -16.30 7.24 -3.24
C ASP A 169 -16.94 6.83 -4.56
N GLU A 170 -17.27 7.76 -5.40
CA GLU A 170 -17.89 7.40 -6.70
C GLU A 170 -16.83 6.72 -7.58
N HIS A 171 -15.64 7.23 -7.59
CA HIS A 171 -14.56 6.62 -8.41
C HIS A 171 -14.26 5.21 -7.89
N SER A 172 -14.20 5.06 -6.59
CA SER A 172 -13.89 3.73 -6.01
C SER A 172 -14.98 2.72 -6.42
N GLN A 173 -16.20 3.17 -6.51
CA GLN A 173 -17.30 2.24 -6.90
C GLN A 173 -17.00 1.66 -8.29
N ASP A 174 -16.56 2.48 -9.20
CA ASP A 174 -16.24 1.98 -10.56
C ASP A 174 -15.10 0.97 -10.48
N LEU A 175 -14.12 1.23 -9.67
CA LEU A 175 -12.97 0.29 -9.55
C LEU A 175 -13.46 -1.05 -9.01
N SER A 176 -14.39 -1.02 -8.10
CA SER A 176 -14.92 -2.29 -7.53
C SER A 176 -15.51 -3.16 -8.65
N GLY A 177 -16.13 -2.54 -9.62
CA GLY A 177 -16.72 -3.33 -10.74
C GLY A 177 -15.61 -4.08 -11.47
N ARG A 178 -14.59 -3.38 -11.91
CA ARG A 178 -13.48 -4.07 -12.63
C ARG A 178 -12.81 -5.08 -11.70
N LEU A 179 -12.52 -4.67 -10.49
CA LEU A 179 -11.86 -5.61 -9.54
C LEU A 179 -12.79 -6.79 -9.27
N ARG A 180 -14.07 -6.56 -9.22
CA ARG A 180 -15.01 -7.68 -8.97
C ARG A 180 -14.81 -8.74 -10.05
N ALA A 181 -14.57 -8.32 -11.26
CA ALA A 181 -14.37 -9.31 -12.37
C ALA A 181 -13.19 -10.22 -12.01
N ILE A 182 -12.14 -9.65 -11.50
CA ILE A 182 -10.96 -10.47 -11.13
C ILE A 182 -11.40 -11.48 -10.06
N LEU A 183 -12.03 -10.99 -9.02
CA LEU A 183 -12.50 -11.90 -7.94
C LEU A 183 -13.62 -12.79 -8.47
N GLN A 184 -14.38 -12.30 -9.41
CA GLN A 184 -15.50 -13.10 -9.98
C GLN A 184 -14.93 -14.34 -10.65
N ASN A 185 -13.75 -14.24 -11.19
CA ASN A 185 -13.14 -15.41 -11.87
C ASN A 185 -12.62 -16.37 -10.80
N GLN A 186 -12.93 -16.10 -9.56
CA GLN A 186 -12.46 -17.01 -8.48
C GLN A 186 -12.72 -18.45 -8.90
N GLU A 187 -11.72 -19.11 -9.42
CA GLU A 187 -11.91 -20.51 -9.86
C GLU A 187 -12.11 -21.41 -8.64
N ASN A 188 -13.10 -22.27 -8.69
CA ASN A 188 -13.35 -23.18 -7.55
C ASN A 188 -12.12 -24.06 -7.29
P C38 B 6 9.61 2.56 -10.55
O1P C38 B 6 10.34 2.85 -9.31
O2P C38 B 6 9.57 3.56 -11.64
O5' C38 B 6 10.23 1.19 -11.18
C5' C38 B 6 10.22 -0.01 -10.41
C4' C38 B 6 10.93 -1.17 -11.09
O4' C38 B 6 10.41 -1.38 -12.40
C3' C38 B 6 12.42 -0.92 -11.27
O3' C38 B 6 13.06 -1.34 -10.06
C2' C38 B 6 12.77 -1.82 -12.43
C1' C38 B 6 11.47 -1.90 -13.23
N1 C38 B 6 11.48 -1.12 -14.47
C2 C38 B 6 12.46 -1.40 -15.40
O2 C38 B 6 13.29 -2.27 -15.16
N3 C38 B 6 12.49 -0.69 -16.56
C4 C38 B 6 11.57 0.27 -16.81
N4 C38 B 6 11.63 0.94 -17.95
C5 C38 B 6 10.55 0.56 -15.85
C6 C38 B 6 10.53 -0.16 -14.70
I C38 B 6 9.12 2.03 -16.22
H5'1 C38 B 6 9.19 -0.31 -10.23
H5'2 C38 B 6 10.69 0.17 -9.45
H4' C38 B 6 10.79 -2.07 -10.51
H3' C38 B 6 12.62 0.12 -11.49
H2'1 C38 B 6 13.56 -1.37 -13.03
H2'2 C38 B 6 13.07 -2.81 -12.08
H1' C38 B 6 11.25 -2.94 -13.46
H4N1 C38 B 6 12.35 0.74 -18.62
H4N2 C38 B 6 10.94 1.66 -18.14
H6 C38 B 6 9.76 0.03 -13.96
ZN ZN C . 8.64 -3.81 -7.46
N MET A 1 4.76 15.64 9.89
CA MET A 1 3.99 15.83 8.63
C MET A 1 3.14 17.09 8.72
N ASP A 2 2.85 17.71 7.61
CA ASP A 2 2.02 18.94 7.65
C ASP A 2 0.55 18.53 7.50
N PRO A 3 -0.35 19.26 8.09
CA PRO A 3 -1.80 18.93 8.03
C PRO A 3 -2.28 18.60 6.60
N PRO A 4 -1.88 19.37 5.62
CA PRO A 4 -2.30 19.16 4.21
C PRO A 4 -1.30 18.35 3.37
N THR A 5 -0.13 18.07 3.88
CA THR A 5 0.85 17.31 3.06
C THR A 5 0.25 15.97 2.63
N PHE A 6 -0.40 15.29 3.52
CA PHE A 6 -0.99 13.97 3.16
C PHE A 6 -2.02 14.18 2.05
N THR A 7 -2.88 15.16 2.21
CA THR A 7 -3.90 15.43 1.17
C THR A 7 -3.21 15.81 -0.14
N PHE A 8 -2.17 16.58 -0.06
CA PHE A 8 -1.45 16.99 -1.29
C PHE A 8 -0.92 15.76 -2.03
N ASN A 9 -0.36 14.83 -1.31
CA ASN A 9 0.17 13.60 -1.97
C ASN A 9 -0.97 12.87 -2.70
N PHE A 10 -2.10 12.74 -2.07
CA PHE A 10 -3.25 12.06 -2.74
C PHE A 10 -3.81 12.96 -3.83
N ASN A 11 -3.63 14.24 -3.71
CA ASN A 11 -4.16 15.18 -4.75
C ASN A 11 -3.20 15.22 -5.94
N ASN A 12 -2.38 14.22 -6.09
CA ASN A 12 -1.42 14.20 -7.23
C ASN A 12 -2.16 13.92 -8.53
N GLU A 13 -3.47 14.06 -8.53
CA GLU A 13 -4.26 13.79 -9.76
C GLU A 13 -3.68 14.58 -10.96
N PRO A 14 -3.32 15.81 -10.74
CA PRO A 14 -2.75 16.69 -11.82
C PRO A 14 -1.29 16.35 -12.15
N TRP A 15 -0.66 15.53 -11.36
CA TRP A 15 0.77 15.18 -11.61
C TRP A 15 0.92 14.55 -12.99
N VAL A 16 -0.17 14.24 -13.66
CA VAL A 16 -0.07 13.63 -15.00
C VAL A 16 0.62 14.61 -15.96
N ARG A 17 1.88 14.87 -15.76
CA ARG A 17 2.61 15.81 -16.65
C ARG A 17 3.60 15.01 -17.50
N GLY A 18 3.57 13.72 -17.41
CA GLY A 18 4.52 12.88 -18.20
C GLY A 18 5.68 12.45 -17.32
N ARG A 19 5.60 12.73 -16.03
CA ARG A 19 6.69 12.32 -15.11
C ARG A 19 6.22 11.16 -14.24
N HIS A 20 7.11 10.28 -13.86
CA HIS A 20 6.69 9.12 -13.02
C HIS A 20 7.05 9.39 -11.55
N GLU A 21 6.06 9.67 -10.74
CA GLU A 21 6.31 9.94 -9.30
C GLU A 21 5.51 8.94 -8.46
N THR A 22 6.09 8.42 -7.41
CA THR A 22 5.35 7.45 -6.56
C THR A 22 5.40 7.89 -5.09
N TYR A 23 4.29 7.82 -4.40
CA TYR A 23 4.27 8.21 -2.97
C TYR A 23 3.63 7.08 -2.15
N LEU A 24 4.34 6.55 -1.19
CA LEU A 24 3.78 5.43 -0.39
C LEU A 24 3.94 5.73 1.11
N CYS A 25 2.90 5.51 1.87
CA CYS A 25 2.98 5.77 3.34
C CYS A 25 2.65 4.46 4.07
N TYR A 26 3.44 4.08 5.05
CA TYR A 26 3.15 2.81 5.77
C TYR A 26 3.40 2.96 7.27
N GLU A 27 2.84 2.07 8.04
CA GLU A 27 3.01 2.11 9.51
C GLU A 27 3.22 0.68 10.02
N VAL A 28 3.80 0.52 11.18
CA VAL A 28 4.03 -0.86 11.71
C VAL A 28 3.43 -0.98 13.12
N GLU A 29 2.81 -2.10 13.41
CA GLU A 29 2.20 -2.30 14.75
C GLU A 29 2.76 -3.58 15.37
N ARG A 30 2.89 -3.61 16.67
CA ARG A 30 3.44 -4.83 17.34
C ARG A 30 2.35 -5.44 18.23
N MET A 31 2.01 -6.68 18.00
CA MET A 31 0.96 -7.33 18.84
C MET A 31 1.50 -8.59 19.51
N HIS A 32 1.32 -8.71 20.79
CA HIS A 32 1.79 -9.93 21.51
C HIS A 32 0.56 -10.63 22.10
N ASN A 33 0.52 -11.93 22.07
CA ASN A 33 -0.66 -12.65 22.63
C ASN A 33 -0.88 -12.25 24.08
N ASP A 34 0.17 -12.09 24.84
CA ASP A 34 0.00 -11.71 26.27
C ASP A 34 -0.42 -10.25 26.37
N THR A 35 0.11 -9.39 25.55
CA THR A 35 -0.27 -7.95 25.61
C THR A 35 -0.32 -7.36 24.21
N TRP A 36 -0.99 -6.24 24.05
CA TRP A 36 -1.07 -5.60 22.72
C TRP A 36 -0.24 -4.30 22.73
N VAL A 37 0.59 -4.10 21.75
CA VAL A 37 1.44 -2.87 21.72
C VAL A 37 1.16 -2.08 20.44
N LEU A 38 0.97 -0.80 20.55
CA LEU A 38 0.71 0.02 19.33
C LEU A 38 2.00 0.69 18.87
N LEU A 39 2.71 0.05 17.98
CA LEU A 39 3.97 0.65 17.46
C LEU A 39 3.62 1.66 16.37
N ASN A 40 2.37 2.01 16.27
CA ASN A 40 1.93 2.99 15.23
C ASN A 40 2.65 4.32 15.45
N GLN A 41 3.12 4.58 16.63
CA GLN A 41 3.83 5.86 16.90
C GLN A 41 4.96 6.02 15.90
N ARG A 42 5.55 4.94 15.47
CA ARG A 42 6.67 5.02 14.49
C ARG A 42 6.10 4.86 13.08
N ARG A 43 6.51 5.69 12.16
CA ARG A 43 5.99 5.57 10.76
C ARG A 43 7.05 6.12 9.80
N GLY A 44 6.88 5.88 8.52
CA GLY A 44 7.87 6.39 7.54
C GLY A 44 7.25 6.42 6.14
N PHE A 45 8.01 6.80 5.14
CA PHE A 45 7.47 6.85 3.76
C PHE A 45 8.44 6.15 2.81
N LEU A 46 7.93 5.60 1.74
CA LEU A 46 8.82 4.91 0.76
C LEU A 46 8.59 5.50 -0.64
N CYS A 47 9.61 5.60 -1.43
CA CYS A 47 9.46 6.17 -2.80
C CYS A 47 9.94 5.16 -3.84
N ASN A 48 9.40 5.21 -5.03
CA ASN A 48 9.83 4.25 -6.08
C ASN A 48 10.97 4.88 -6.89
N GLN A 49 11.51 5.97 -6.42
CA GLN A 49 12.63 6.61 -7.17
C GLN A 49 13.96 6.23 -6.52
N ALA A 50 14.98 6.00 -7.30
CA ALA A 50 16.29 5.63 -6.72
C ALA A 50 16.89 6.82 -5.98
N PRO A 51 17.80 6.56 -5.08
CA PRO A 51 18.46 7.63 -4.27
C PRO A 51 19.17 8.67 -5.15
N HIS A 52 18.96 9.93 -4.90
CA HIS A 52 19.61 11.00 -5.70
C HIS A 52 21.11 11.10 -5.39
N LYS A 53 21.48 10.83 -4.18
CA LYS A 53 22.92 10.97 -3.77
C LYS A 53 23.86 10.10 -4.63
N HIS A 54 23.46 8.94 -5.03
CA HIS A 54 24.39 8.08 -5.82
C HIS A 54 24.50 8.58 -7.26
N GLY A 55 23.70 9.54 -7.66
CA GLY A 55 23.78 10.03 -9.07
C GLY A 55 22.43 9.85 -9.77
N PHE A 56 22.46 9.34 -10.98
CA PHE A 56 21.19 9.16 -11.74
C PHE A 56 20.40 7.99 -11.13
N LEU A 57 19.12 7.97 -11.34
CA LEU A 57 18.28 6.88 -10.75
C LEU A 57 18.87 5.53 -11.14
N GLU A 58 18.88 4.60 -10.22
CA GLU A 58 19.44 3.26 -10.53
C GLU A 58 18.28 2.27 -10.68
N GLY A 59 17.16 2.57 -10.07
CA GLY A 59 15.97 1.69 -10.17
C GLY A 59 15.55 1.17 -8.80
N ARG A 60 14.43 1.63 -8.30
CA ARG A 60 13.94 1.17 -6.97
C ARG A 60 12.40 1.24 -6.98
N HIS A 61 11.71 0.19 -6.59
CA HIS A 61 10.22 0.26 -6.59
C HIS A 61 9.72 0.61 -5.20
N ALA A 62 8.79 1.52 -5.10
CA ALA A 62 8.27 1.90 -3.77
C ALA A 62 7.64 0.68 -3.11
N GLU A 63 6.86 -0.07 -3.84
CA GLU A 63 6.21 -1.27 -3.25
C GLU A 63 7.28 -2.30 -2.87
N LEU A 64 8.29 -2.45 -3.68
CA LEU A 64 9.37 -3.44 -3.38
C LEU A 64 10.13 -3.03 -2.11
N CYS A 65 10.36 -1.77 -1.93
CA CYS A 65 11.11 -1.32 -0.72
C CYS A 65 10.36 -1.70 0.54
N PHE A 66 9.06 -1.62 0.52
CA PHE A 66 8.27 -1.98 1.73
C PHE A 66 8.50 -3.45 2.06
N LEU A 67 8.50 -4.30 1.08
CA LEU A 67 8.70 -5.74 1.35
C LEU A 67 10.06 -5.96 2.01
N ASP A 68 11.05 -5.21 1.61
CA ASP A 68 12.41 -5.36 2.22
C ASP A 68 12.42 -4.78 3.64
N VAL A 69 11.53 -3.86 3.92
CA VAL A 69 11.50 -3.24 5.28
C VAL A 69 11.08 -4.27 6.33
N ILE A 70 10.14 -5.14 6.01
CA ILE A 70 9.69 -6.13 7.02
C ILE A 70 10.90 -6.94 7.58
N PRO A 71 11.66 -7.59 6.73
CA PRO A 71 12.84 -8.38 7.20
C PRO A 71 13.88 -7.50 7.88
N PHE A 72 13.87 -6.22 7.59
CA PHE A 72 14.87 -5.31 8.21
C PHE A 72 14.49 -5.06 9.68
N TRP A 73 13.25 -5.21 10.02
CA TRP A 73 12.82 -4.96 11.43
C TRP A 73 13.08 -6.22 12.26
N LYS A 74 13.63 -7.25 11.66
CA LYS A 74 13.91 -8.50 12.42
C LYS A 74 12.74 -8.80 13.36
N LEU A 75 11.56 -8.96 12.82
CA LEU A 75 10.38 -9.24 13.68
C LEU A 75 10.42 -10.71 14.13
N ASP A 76 10.04 -10.97 15.36
CA ASP A 76 10.06 -12.38 15.86
C ASP A 76 8.87 -13.15 15.26
N LEU A 77 9.13 -14.32 14.76
CA LEU A 77 8.05 -15.14 14.14
C LEU A 77 7.05 -15.60 15.22
N ASP A 78 7.48 -15.70 16.44
CA ASP A 78 6.54 -16.16 17.52
C ASP A 78 5.66 -15.00 17.99
N GLN A 79 5.99 -13.80 17.62
CA GLN A 79 5.16 -12.64 18.06
C GLN A 79 4.27 -12.21 16.88
N ASP A 80 3.06 -11.82 17.16
CA ASP A 80 2.15 -11.39 16.05
C ASP A 80 2.50 -9.97 15.62
N TYR A 81 2.44 -9.70 14.34
CA TYR A 81 2.75 -8.33 13.85
C TYR A 81 1.71 -7.90 12.82
N ARG A 82 1.23 -6.68 12.92
CA ARG A 82 0.24 -6.19 11.94
C ARG A 82 0.83 -4.97 11.23
N VAL A 83 1.05 -5.08 9.94
CA VAL A 83 1.65 -3.94 9.19
C VAL A 83 0.71 -3.56 8.04
N THR A 84 0.52 -2.28 7.83
CA THR A 84 -0.38 -1.84 6.73
C THR A 84 0.35 -0.84 5.83
N CYS A 85 0.11 -0.89 4.55
CA CYS A 85 0.78 0.05 3.62
C CYS A 85 -0.27 0.84 2.83
N PHE A 86 -0.15 2.14 2.81
CA PHE A 86 -1.15 2.95 2.05
C PHE A 86 -0.52 3.43 0.75
N THR A 87 -0.97 2.93 -0.37
CA THR A 87 -0.40 3.36 -1.67
C THR A 87 -1.54 3.51 -2.68
N SER A 88 -1.37 4.35 -3.68
CA SER A 88 -2.44 4.53 -4.69
C SER A 88 -1.91 4.26 -6.09
N TRP A 89 -1.59 3.02 -6.39
CA TRP A 89 -1.10 2.68 -7.76
C TRP A 89 -0.93 1.17 -7.88
N SER A 90 -0.66 0.69 -9.06
CA SER A 90 -0.48 -0.78 -9.26
C SER A 90 1.00 -1.15 -9.07
N PRO A 91 1.29 -2.21 -8.35
CA PRO A 91 2.69 -2.66 -8.11
C PRO A 91 3.33 -3.28 -9.36
N CYS A 92 4.63 -3.24 -9.46
CA CYS A 92 5.28 -3.85 -10.66
C CYS A 92 5.12 -5.37 -10.62
N PHE A 93 5.09 -6.01 -11.76
CA PHE A 93 4.92 -7.49 -11.79
C PHE A 93 6.01 -8.15 -10.93
N SER A 94 7.22 -7.66 -11.00
CA SER A 94 8.31 -8.28 -10.20
C SER A 94 7.90 -8.31 -8.72
N CYS A 95 7.23 -7.29 -8.26
CA CYS A 95 6.80 -7.27 -6.84
C CYS A 95 5.74 -8.35 -6.59
N ALA A 96 4.90 -8.59 -7.57
CA ALA A 96 3.84 -9.62 -7.38
C ALA A 96 4.45 -10.96 -6.98
N GLN A 97 5.47 -11.38 -7.67
CA GLN A 97 6.10 -12.68 -7.31
C GLN A 97 6.71 -12.60 -5.91
N GLU A 98 7.32 -11.49 -5.58
CA GLU A 98 7.94 -11.35 -4.23
C GLU A 98 6.85 -11.24 -3.15
N MET A 99 5.78 -10.55 -3.43
CA MET A 99 4.70 -10.41 -2.41
C MET A 99 4.13 -11.78 -2.04
N ALA A 100 3.94 -12.64 -2.99
CA ALA A 100 3.38 -13.99 -2.68
C ALA A 100 4.41 -14.81 -1.91
N LYS A 101 5.62 -14.88 -2.40
CA LYS A 101 6.67 -15.68 -1.71
C LYS A 101 6.96 -15.08 -0.32
N PHE A 102 6.91 -13.79 -0.19
CA PHE A 102 7.20 -13.16 1.14
C PHE A 102 6.24 -13.68 2.21
N ILE A 103 4.96 -13.58 1.99
CA ILE A 103 4.00 -14.06 3.01
C ILE A 103 4.23 -15.55 3.29
N SER A 104 4.52 -16.30 2.28
CA SER A 104 4.76 -17.75 2.51
C SER A 104 5.89 -17.91 3.52
N LYS A 105 6.87 -17.06 3.47
CA LYS A 105 8.00 -17.15 4.43
C LYS A 105 7.58 -16.57 5.79
N ASN A 106 6.60 -15.72 5.80
CA ASN A 106 6.16 -15.11 7.09
C ASN A 106 4.64 -14.97 7.10
N LYS A 107 3.95 -16.01 7.44
CA LYS A 107 2.46 -15.96 7.47
C LYS A 107 1.99 -15.43 8.83
N HIS A 108 2.91 -15.21 9.74
CA HIS A 108 2.53 -14.71 11.08
C HIS A 108 2.29 -13.18 11.03
N VAL A 109 2.66 -12.55 9.97
CA VAL A 109 2.46 -11.08 9.87
C VAL A 109 1.19 -10.77 9.08
N SER A 110 0.41 -9.84 9.54
CA SER A 110 -0.84 -9.50 8.79
C SER A 110 -0.52 -8.34 7.84
N LEU A 111 -0.47 -8.61 6.57
CA LEU A 111 -0.15 -7.54 5.59
C LEU A 111 -1.42 -7.09 4.85
N CYS A 112 -1.71 -5.82 4.88
CA CYS A 112 -2.92 -5.32 4.17
C CYS A 112 -2.50 -4.13 3.31
N ILE A 113 -2.64 -4.24 2.02
CA ILE A 113 -2.25 -3.10 1.13
C ILE A 113 -3.49 -2.54 0.44
N PHE A 114 -3.68 -1.26 0.51
CA PHE A 114 -4.88 -0.66 -0.13
C PHE A 114 -4.46 0.16 -1.35
N THR A 115 -5.03 -0.12 -2.49
CA THR A 115 -4.68 0.65 -3.71
C THR A 115 -5.84 1.59 -4.05
N ALA A 116 -5.62 2.87 -4.00
CA ALA A 116 -6.71 3.82 -4.32
C ALA A 116 -7.11 3.63 -5.77
N ARG A 117 -6.14 3.41 -6.64
CA ARG A 117 -6.46 3.20 -8.07
C ARG A 117 -5.58 2.07 -8.61
N ILE A 118 -6.13 1.25 -9.48
CA ILE A 118 -5.34 0.12 -10.04
C ILE A 118 -5.19 0.33 -11.54
N TYR A 119 -3.98 0.37 -12.04
CA TYR A 119 -3.80 0.57 -13.51
C TYR A 119 -3.77 -0.78 -14.22
N ASP A 120 -4.73 -1.02 -15.07
CA ASP A 120 -4.76 -2.30 -15.82
C ASP A 120 -5.05 -2.04 -17.30
N ASP A 121 -4.13 -2.37 -18.17
CA ASP A 121 -4.37 -2.14 -19.63
C ASP A 121 -4.59 -3.50 -20.31
N GLN A 122 -3.76 -4.46 -19.99
CA GLN A 122 -3.92 -5.81 -20.59
C GLN A 122 -3.56 -6.85 -19.52
N GLY A 123 -4.05 -8.05 -19.64
CA GLY A 123 -3.71 -9.07 -18.62
C GLY A 123 -2.55 -9.93 -19.11
N ARG A 124 -1.37 -9.72 -18.58
CA ARG A 124 -0.20 -10.53 -18.99
C ARG A 124 -0.31 -11.92 -18.36
N CYS A 125 -0.77 -11.99 -17.15
CA CYS A 125 -0.91 -13.30 -16.47
C CYS A 125 -2.08 -13.24 -15.48
N GLN A 126 -3.20 -13.81 -15.84
CA GLN A 126 -4.37 -13.77 -14.92
C GLN A 126 -3.99 -14.44 -13.60
N GLU A 127 -3.17 -15.46 -13.66
CA GLU A 127 -2.76 -16.16 -12.43
C GLU A 127 -2.02 -15.18 -11.50
N GLY A 128 -1.27 -14.27 -12.06
CA GLY A 128 -0.53 -13.30 -11.22
C GLY A 128 -1.52 -12.45 -10.41
N LEU A 129 -2.51 -11.89 -11.05
CA LEU A 129 -3.49 -11.06 -10.30
C LEU A 129 -4.28 -11.95 -9.34
N ARG A 130 -4.73 -13.09 -9.79
CA ARG A 130 -5.50 -14.00 -8.90
C ARG A 130 -4.60 -14.49 -7.77
N THR A 131 -3.40 -14.88 -8.10
CA THR A 131 -2.46 -15.37 -7.06
C THR A 131 -2.11 -14.20 -6.14
N LEU A 132 -1.95 -13.03 -6.70
CA LEU A 132 -1.60 -11.86 -5.86
C LEU A 132 -2.68 -11.65 -4.80
N ALA A 133 -3.92 -11.79 -5.15
CA ALA A 133 -4.99 -11.59 -4.14
C ALA A 133 -4.87 -12.68 -3.07
N GLU A 134 -4.56 -13.88 -3.49
CA GLU A 134 -4.44 -15.00 -2.51
C GLU A 134 -3.12 -14.89 -1.72
N ALA A 135 -2.01 -14.78 -2.40
CA ALA A 135 -0.70 -14.70 -1.68
C ALA A 135 -0.13 -13.28 -1.73
N GLY A 136 -0.59 -12.46 -2.63
CA GLY A 136 -0.04 -11.08 -2.71
C GLY A 136 -0.68 -10.23 -1.62
N ALA A 137 -0.82 -10.78 -0.45
CA ALA A 137 -1.43 -10.01 0.68
C ALA A 137 -2.84 -9.56 0.30
N LYS A 138 -3.51 -8.93 1.22
CA LYS A 138 -4.91 -8.47 0.95
C LYS A 138 -4.88 -7.15 0.18
N ILE A 139 -5.62 -7.05 -0.90
CA ILE A 139 -5.65 -5.78 -1.69
C ILE A 139 -7.08 -5.30 -1.82
N SER A 140 -7.34 -4.08 -1.45
CA SER A 140 -8.72 -3.54 -1.55
C SER A 140 -8.67 -2.07 -2.00
N ILE A 141 -9.74 -1.54 -2.49
CA ILE A 141 -9.73 -0.11 -2.92
C ILE A 141 -9.84 0.77 -1.67
N MET A 142 -9.15 1.87 -1.65
CA MET A 142 -9.20 2.75 -0.45
C MET A 142 -10.64 3.19 -0.16
N THR A 143 -11.01 3.23 1.09
CA THR A 143 -12.38 3.66 1.45
C THR A 143 -12.27 4.88 2.36
N TYR A 144 -13.28 5.70 2.42
CA TYR A 144 -13.21 6.91 3.28
C TYR A 144 -12.94 6.48 4.73
N SER A 145 -13.52 5.40 5.17
CA SER A 145 -13.28 4.95 6.57
C SER A 145 -11.79 4.72 6.77
N GLU A 146 -11.14 4.08 5.84
CA GLU A 146 -9.68 3.84 5.99
C GLU A 146 -8.93 5.17 5.87
N PHE A 147 -9.39 6.05 5.03
CA PHE A 147 -8.71 7.36 4.86
C PHE A 147 -8.77 8.14 6.17
N LYS A 148 -9.92 8.16 6.81
CA LYS A 148 -10.04 8.92 8.09
C LYS A 148 -8.98 8.45 9.09
N HIS A 149 -8.76 7.17 9.18
CA HIS A 149 -7.74 6.67 10.14
C HIS A 149 -6.36 7.18 9.75
N CYS A 150 -6.00 7.08 8.51
CA CYS A 150 -4.66 7.57 8.07
C CYS A 150 -4.59 9.09 8.26
N TRP A 151 -5.69 9.75 8.03
CA TRP A 151 -5.74 11.23 8.17
C TRP A 151 -5.36 11.65 9.60
N ASP A 152 -5.81 10.93 10.60
CA ASP A 152 -5.47 11.32 12.00
C ASP A 152 -4.06 10.84 12.39
N THR A 153 -3.63 9.71 11.92
CA THR A 153 -2.29 9.18 12.33
C THR A 153 -1.13 9.80 11.54
N PHE A 154 -1.17 9.75 10.25
CA PHE A 154 -0.02 10.30 9.44
C PHE A 154 0.03 11.82 9.52
N VAL A 155 -1.08 12.48 9.71
CA VAL A 155 -1.06 13.97 9.76
C VAL A 155 -1.68 14.46 11.06
N ASP A 156 -1.10 15.46 11.66
CA ASP A 156 -1.67 16.00 12.91
C ASP A 156 -2.93 16.79 12.56
N HIS A 157 -4.02 16.10 12.40
CA HIS A 157 -5.30 16.78 12.02
C HIS A 157 -5.73 17.73 13.14
N GLN A 158 -5.13 17.66 14.29
CA GLN A 158 -5.55 18.57 15.39
C GLN A 158 -5.57 20.01 14.86
N GLY A 159 -6.74 20.58 14.73
CA GLY A 159 -6.84 21.97 14.24
C GLY A 159 -7.09 21.98 12.72
N CYS A 160 -6.82 20.88 12.06
CA CYS A 160 -7.04 20.83 10.59
C CYS A 160 -7.94 19.63 10.24
N PRO A 161 -9.23 19.83 10.25
CA PRO A 161 -10.21 18.75 9.91
C PRO A 161 -10.13 18.32 8.44
N PHE A 162 -10.38 17.08 8.16
CA PHE A 162 -10.32 16.59 6.75
C PHE A 162 -11.74 16.60 6.15
N GLN A 163 -11.87 17.09 4.94
CA GLN A 163 -13.22 17.13 4.30
C GLN A 163 -13.28 16.12 3.13
N PRO A 164 -13.83 14.96 3.36
CA PRO A 164 -13.94 13.90 2.31
C PRO A 164 -15.08 14.17 1.33
N TRP A 165 -14.94 13.71 0.11
CA TRP A 165 -16.01 13.92 -0.90
C TRP A 165 -16.31 12.57 -1.58
N ASP A 166 -17.43 12.47 -2.25
CA ASP A 166 -17.78 11.17 -2.90
C ASP A 166 -17.07 11.02 -4.25
N GLY A 167 -15.91 11.58 -4.41
CA GLY A 167 -15.19 11.45 -5.71
C GLY A 167 -14.59 10.05 -5.78
N LEU A 168 -14.01 9.59 -4.70
CA LEU A 168 -13.42 8.23 -4.69
C LEU A 168 -14.51 7.18 -4.91
N ASP A 169 -15.69 7.42 -4.39
CA ASP A 169 -16.78 6.42 -4.56
C ASP A 169 -17.09 6.23 -6.04
N GLU A 170 -17.18 7.29 -6.79
CA GLU A 170 -17.47 7.14 -8.24
C GLU A 170 -16.29 6.47 -8.94
N HIS A 171 -15.10 6.92 -8.66
CA HIS A 171 -13.89 6.30 -9.29
C HIS A 171 -13.72 4.87 -8.80
N SER A 172 -13.80 4.66 -7.52
CA SER A 172 -13.63 3.30 -6.96
C SER A 172 -14.71 2.35 -7.49
N GLN A 173 -15.90 2.84 -7.69
CA GLN A 173 -16.98 1.96 -8.20
C GLN A 173 -16.55 1.37 -9.55
N ASP A 174 -16.03 2.19 -10.42
CA ASP A 174 -15.60 1.69 -11.75
C ASP A 174 -14.42 0.74 -11.59
N LEU A 175 -13.46 1.11 -10.78
CA LEU A 175 -12.27 0.23 -10.59
C LEU A 175 -12.71 -1.06 -9.89
N SER A 176 -13.62 -0.97 -8.97
CA SER A 176 -14.08 -2.19 -8.26
C SER A 176 -14.65 -3.18 -9.27
N GLY A 177 -15.31 -2.69 -10.29
CA GLY A 177 -15.89 -3.61 -11.30
C GLY A 177 -14.78 -4.40 -12.00
N ARG A 178 -13.79 -3.73 -12.52
CA ARG A 178 -12.69 -4.46 -13.21
C ARG A 178 -12.01 -5.44 -12.25
N LEU A 179 -11.71 -5.01 -11.05
CA LEU A 179 -11.04 -5.93 -10.10
C LEU A 179 -11.96 -7.10 -9.77
N ARG A 180 -13.24 -6.85 -9.71
CA ARG A 180 -14.20 -7.95 -9.40
C ARG A 180 -14.04 -9.06 -10.45
N ALA A 181 -13.85 -8.69 -11.68
CA ALA A 181 -13.68 -9.72 -12.74
C ALA A 181 -12.46 -10.59 -12.46
N ILE A 182 -11.39 -10.00 -12.00
CA ILE A 182 -10.17 -10.80 -11.71
C ILE A 182 -10.50 -11.85 -10.64
N LEU A 183 -11.05 -11.41 -9.54
CA LEU A 183 -11.41 -12.36 -8.45
C LEU A 183 -12.58 -13.24 -8.90
N GLN A 184 -13.45 -12.72 -9.71
CA GLN A 184 -14.61 -13.54 -10.19
C GLN A 184 -14.10 -14.72 -10.99
N ASN A 185 -13.00 -14.56 -11.67
CA ASN A 185 -12.44 -15.68 -12.48
C ASN A 185 -11.67 -16.63 -11.56
N GLN A 186 -11.73 -16.41 -10.28
CA GLN A 186 -11.02 -17.32 -9.35
C GLN A 186 -11.47 -18.76 -9.63
N GLU A 187 -10.71 -19.48 -10.39
CA GLU A 187 -11.09 -20.88 -10.72
C GLU A 187 -11.00 -21.74 -9.47
N ASN A 188 -12.01 -22.54 -9.22
CA ASN A 188 -11.98 -23.40 -8.01
C ASN A 188 -12.51 -24.80 -8.39
P C38 B 6 9.20 2.29 -10.65
O1P C38 B 6 9.96 2.50 -9.40
O2P C38 B 6 9.19 3.34 -11.68
O5' C38 B 6 9.72 0.93 -11.34
C5' C38 B 6 9.73 -0.31 -10.62
C4' C38 B 6 10.29 -1.45 -11.46
O4' C38 B 6 9.59 -1.57 -12.70
C3' C38 B 6 11.75 -1.25 -11.82
O3' C38 B 6 12.53 -1.77 -10.75
C2' C38 B 6 11.92 -2.08 -13.09
C1' C38 B 6 10.51 -2.06 -13.70
N1 C38 B 6 10.38 -1.19 -14.88
C2 C38 B 6 11.10 -1.55 -16.02
O2 C38 B 6 11.80 -2.56 -16.01
N3 C38 B 6 10.99 -0.76 -17.11
C4 C38 B 6 10.23 0.34 -17.10
N4 C38 B 6 10.15 1.10 -18.20
C5 C38 B 6 9.49 0.71 -15.94
C6 C38 B 6 9.60 -0.08 -14.85
I C38 B 6 8.29 2.43 -15.91
H5'1 C38 B 6 8.71 -0.56 -10.33
H5'2 C38 B 6 10.33 -0.20 -9.72
H4' C38 B 6 10.19 -2.38 -10.91
H3' C38 B 6 11.97 -0.19 -12.01
H2'1 C38 B 6 12.64 -1.62 -13.76
H2'2 C38 B 6 12.21 -3.10 -12.84
H1' C38 B 6 10.23 -3.07 -13.97
H4N1 C38 B 6 10.67 0.84 -19.03
H4N2 C38 B 6 9.58 1.93 -18.20
H6 C38 B 6 9.05 0.18 -13.94
ZN ZN C . 8.60 -4.08 -7.96
N MET A 1 4.29 15.40 10.34
CA MET A 1 3.71 15.60 8.98
C MET A 1 2.86 16.87 8.96
N ASP A 2 2.68 17.45 7.81
CA ASP A 2 1.86 18.69 7.71
C ASP A 2 0.40 18.29 7.45
N PRO A 3 -0.54 19.05 7.94
CA PRO A 3 -1.98 18.75 7.76
C PRO A 3 -2.33 18.25 6.35
N PRO A 4 -1.81 18.87 5.32
CA PRO A 4 -2.09 18.49 3.93
C PRO A 4 -1.02 17.57 3.31
N THR A 5 -0.02 17.19 4.06
CA THR A 5 1.05 16.31 3.48
C THR A 5 0.42 15.03 2.93
N PHE A 6 -0.47 14.43 3.67
CA PHE A 6 -1.09 13.17 3.20
C PHE A 6 -2.00 13.47 2.01
N THR A 7 -2.78 14.51 2.12
CA THR A 7 -3.69 14.88 1.01
C THR A 7 -2.89 15.23 -0.24
N PHE A 8 -1.78 15.89 -0.05
CA PHE A 8 -0.94 16.29 -1.21
C PHE A 8 -0.58 15.05 -2.03
N ASN A 9 -0.12 14.03 -1.39
CA ASN A 9 0.26 12.79 -2.13
C ASN A 9 -0.97 12.25 -2.90
N PHE A 10 -2.09 12.18 -2.24
CA PHE A 10 -3.32 11.68 -2.92
C PHE A 10 -3.82 12.73 -3.92
N ASN A 11 -3.49 13.97 -3.69
CA ASN A 11 -3.96 15.04 -4.62
C ASN A 11 -3.05 15.08 -5.85
N ASN A 12 -2.36 14.01 -6.11
CA ASN A 12 -1.45 13.96 -7.30
C ASN A 12 -2.27 13.79 -8.57
N GLU A 13 -3.56 13.99 -8.48
CA GLU A 13 -4.42 13.85 -9.69
C GLU A 13 -3.86 14.65 -10.87
N PRO A 14 -3.40 15.85 -10.63
CA PRO A 14 -2.83 16.73 -11.68
C PRO A 14 -1.41 16.32 -12.10
N TRP A 15 -0.80 15.41 -11.38
CA TRP A 15 0.58 14.99 -11.72
C TRP A 15 0.64 14.40 -13.14
N VAL A 16 -0.50 14.20 -13.75
CA VAL A 16 -0.51 13.64 -15.13
C VAL A 16 0.20 14.61 -16.08
N ARG A 17 1.48 14.80 -15.93
CA ARG A 17 2.23 15.73 -16.81
C ARG A 17 3.29 14.96 -17.59
N GLY A 18 3.28 13.66 -17.49
CA GLY A 18 4.29 12.85 -18.22
C GLY A 18 5.44 12.52 -17.27
N ARG A 19 5.31 12.87 -16.02
CA ARG A 19 6.39 12.57 -15.03
C ARG A 19 5.94 11.41 -14.14
N HIS A 20 6.87 10.61 -13.67
CA HIS A 20 6.48 9.46 -12.81
C HIS A 20 6.76 9.82 -11.33
N GLU A 21 5.72 9.99 -10.56
CA GLU A 21 5.89 10.32 -9.12
C GLU A 21 5.21 9.25 -8.26
N THR A 22 5.89 8.72 -7.28
CA THR A 22 5.26 7.67 -6.42
C THR A 22 5.39 8.05 -4.94
N TYR A 23 4.33 7.88 -4.19
CA TYR A 23 4.39 8.22 -2.73
C TYR A 23 3.82 7.03 -1.94
N LEU A 24 4.57 6.50 -1.01
CA LEU A 24 4.08 5.34 -0.23
C LEU A 24 4.15 5.64 1.28
N CYS A 25 3.10 5.36 2.00
CA CYS A 25 3.10 5.60 3.47
C CYS A 25 2.76 4.29 4.17
N TYR A 26 3.53 3.91 5.16
CA TYR A 26 3.24 2.62 5.86
C TYR A 26 3.44 2.77 7.38
N GLU A 27 2.86 1.86 8.13
CA GLU A 27 3.01 1.91 9.60
C GLU A 27 3.30 0.48 10.10
N VAL A 28 3.88 0.35 11.27
CA VAL A 28 4.19 -1.01 11.80
C VAL A 28 3.63 -1.16 13.20
N GLU A 29 3.06 -2.30 13.50
CA GLU A 29 2.48 -2.52 14.85
C GLU A 29 3.02 -3.83 15.43
N ARG A 30 3.23 -3.90 16.72
CA ARG A 30 3.76 -5.14 17.33
C ARG A 30 2.69 -5.74 18.25
N MET A 31 2.34 -6.98 18.04
CA MET A 31 1.30 -7.62 18.88
C MET A 31 1.87 -8.88 19.55
N HIS A 32 1.71 -9.00 20.84
CA HIS A 32 2.21 -10.21 21.56
C HIS A 32 1.03 -10.85 22.27
N ASN A 33 0.94 -12.16 22.26
CA ASN A 33 -0.20 -12.84 22.91
C ASN A 33 -0.29 -12.43 24.39
N ASP A 34 0.82 -12.28 25.05
CA ASP A 34 0.78 -11.89 26.49
C ASP A 34 0.38 -10.42 26.60
N THR A 35 0.86 -9.58 25.74
CA THR A 35 0.50 -8.13 25.81
C THR A 35 0.39 -7.55 24.40
N TRP A 36 -0.28 -6.44 24.27
CA TRP A 36 -0.41 -5.80 22.94
C TRP A 36 0.39 -4.51 22.92
N VAL A 37 1.20 -4.29 21.91
CA VAL A 37 2.02 -3.06 21.85
C VAL A 37 1.66 -2.25 20.59
N LEU A 38 1.28 -1.02 20.76
CA LEU A 38 0.93 -0.18 19.58
C LEU A 38 2.06 0.79 19.25
N LEU A 39 2.85 0.47 18.26
CA LEU A 39 3.96 1.40 17.88
C LEU A 39 3.51 2.26 16.70
N ASN A 40 2.23 2.30 16.44
CA ASN A 40 1.73 3.12 15.30
C ASN A 40 2.08 4.58 15.54
N GLN A 41 2.49 4.92 16.73
CA GLN A 41 2.85 6.33 17.02
C GLN A 41 3.93 6.79 16.04
N ARG A 42 4.78 5.88 15.62
CA ARG A 42 5.86 6.25 14.66
C ARG A 42 5.37 5.97 13.23
N ARG A 43 5.73 6.81 12.30
CA ARG A 43 5.28 6.60 10.89
C ARG A 43 6.48 6.73 9.95
N GLY A 44 6.40 6.16 8.77
CA GLY A 44 7.55 6.25 7.83
C GLY A 44 7.04 6.35 6.39
N PHE A 45 7.91 6.63 5.46
CA PHE A 45 7.47 6.74 4.04
C PHE A 45 8.50 6.08 3.13
N LEU A 46 8.07 5.47 2.05
CA LEU A 46 9.02 4.83 1.11
C LEU A 46 8.82 5.45 -0.28
N CYS A 47 9.87 5.58 -1.05
CA CYS A 47 9.73 6.18 -2.40
C CYS A 47 10.23 5.20 -3.46
N ASN A 48 9.70 5.29 -4.65
CA ASN A 48 10.14 4.36 -5.74
C ASN A 48 11.29 5.00 -6.52
N GLN A 49 11.84 6.06 -6.00
CA GLN A 49 12.97 6.74 -6.72
C GLN A 49 14.29 6.28 -6.09
N ALA A 50 15.24 5.89 -6.90
CA ALA A 50 16.55 5.43 -6.35
C ALA A 50 17.25 6.59 -5.63
N PRO A 51 18.19 6.30 -4.76
CA PRO A 51 18.93 7.35 -4.00
C PRO A 51 19.48 8.45 -4.92
N HIS A 52 19.12 9.67 -4.66
CA HIS A 52 19.59 10.80 -5.49
C HIS A 52 21.08 11.08 -5.22
N LYS A 53 21.53 10.83 -4.02
CA LYS A 53 22.96 11.12 -3.67
C LYS A 53 23.92 10.37 -4.60
N HIS A 54 23.58 9.20 -5.05
CA HIS A 54 24.52 8.46 -5.92
C HIS A 54 24.52 9.04 -7.34
N GLY A 55 23.63 9.94 -7.64
CA GLY A 55 23.61 10.51 -9.02
C GLY A 55 22.24 10.24 -9.64
N PHE A 56 22.22 9.76 -10.85
CA PHE A 56 20.93 9.47 -11.52
C PHE A 56 20.30 8.23 -10.88
N LEU A 57 19.00 8.15 -10.92
CA LEU A 57 18.29 6.98 -10.29
C LEU A 57 18.87 5.68 -10.82
N GLU A 58 18.99 4.68 -9.97
CA GLU A 58 19.53 3.38 -10.43
C GLU A 58 18.36 2.41 -10.58
N GLY A 59 17.28 2.69 -9.87
CA GLY A 59 16.08 1.82 -9.96
C GLY A 59 15.68 1.29 -8.58
N ARG A 60 14.58 1.76 -8.06
CA ARG A 60 14.09 1.28 -6.73
C ARG A 60 12.57 1.35 -6.72
N HIS A 61 11.88 0.30 -6.33
CA HIS A 61 10.38 0.39 -6.34
C HIS A 61 9.89 0.73 -4.93
N ALA A 62 8.96 1.64 -4.84
CA ALA A 62 8.44 2.01 -3.49
C ALA A 62 7.80 0.79 -2.85
N GLU A 63 7.02 0.07 -3.61
CA GLU A 63 6.35 -1.16 -3.05
C GLU A 63 7.41 -2.19 -2.67
N LEU A 64 8.43 -2.33 -3.48
CA LEU A 64 9.51 -3.32 -3.20
C LEU A 64 10.24 -2.93 -1.91
N CYS A 65 10.42 -1.66 -1.69
CA CYS A 65 11.16 -1.21 -0.47
C CYS A 65 10.41 -1.70 0.77
N PHE A 66 9.11 -1.63 0.77
CA PHE A 66 8.35 -2.09 1.95
C PHE A 66 8.59 -3.58 2.15
N LEU A 67 8.59 -4.34 1.09
CA LEU A 67 8.81 -5.80 1.22
C LEU A 67 10.18 -6.06 1.84
N ASP A 68 11.17 -5.28 1.49
CA ASP A 68 12.52 -5.48 2.07
C ASP A 68 12.57 -4.95 3.51
N VAL A 69 11.68 -4.05 3.84
CA VAL A 69 11.68 -3.48 5.21
C VAL A 69 11.29 -4.54 6.24
N ILE A 70 10.35 -5.39 5.94
CA ILE A 70 9.92 -6.42 6.92
C ILE A 70 11.13 -7.29 7.35
N PRO A 71 11.83 -7.91 6.44
CA PRO A 71 13.01 -8.77 6.79
C PRO A 71 14.11 -7.97 7.49
N PHE A 72 14.14 -6.68 7.28
CA PHE A 72 15.19 -5.85 7.94
C PHE A 72 14.87 -5.68 9.42
N TRP A 73 13.62 -5.78 9.79
CA TRP A 73 13.25 -5.61 11.22
C TRP A 73 13.45 -6.95 11.96
N LYS A 74 13.86 -7.97 11.25
CA LYS A 74 14.08 -9.29 11.91
C LYS A 74 12.95 -9.57 12.91
N LEU A 75 11.73 -9.59 12.46
CA LEU A 75 10.60 -9.85 13.40
C LEU A 75 10.54 -11.34 13.74
N ASP A 76 10.19 -11.67 14.95
CA ASP A 76 10.11 -13.11 15.35
C ASP A 76 8.86 -13.74 14.73
N LEU A 77 9.00 -14.91 14.16
CA LEU A 77 7.84 -15.59 13.54
C LEU A 77 6.83 -16.01 14.61
N ASP A 78 7.29 -16.22 15.82
CA ASP A 78 6.36 -16.65 16.91
C ASP A 78 5.62 -15.44 17.48
N GLN A 79 6.06 -14.26 17.15
CA GLN A 79 5.37 -13.05 17.68
C GLN A 79 4.38 -12.53 16.62
N ASP A 80 3.22 -12.08 17.04
CA ASP A 80 2.23 -11.58 16.04
C ASP A 80 2.64 -10.18 15.56
N TYR A 81 2.46 -9.91 14.30
CA TYR A 81 2.83 -8.57 13.77
C TYR A 81 1.76 -8.08 12.80
N ARG A 82 1.34 -6.85 12.95
CA ARG A 82 0.31 -6.30 12.01
C ARG A 82 0.91 -5.09 11.29
N VAL A 83 1.12 -5.21 10.01
CA VAL A 83 1.71 -4.07 9.24
C VAL A 83 0.78 -3.69 8.08
N THR A 84 0.59 -2.42 7.87
CA THR A 84 -0.30 -1.97 6.77
C THR A 84 0.46 -0.98 5.87
N CYS A 85 0.21 -1.03 4.59
CA CYS A 85 0.92 -0.09 3.66
C CYS A 85 -0.12 0.71 2.87
N PHE A 86 0.01 2.01 2.85
CA PHE A 86 -0.96 2.84 2.09
C PHE A 86 -0.30 3.32 0.80
N THR A 87 -0.77 2.84 -0.32
CA THR A 87 -0.19 3.26 -1.62
C THR A 87 -1.33 3.46 -2.62
N SER A 88 -1.14 4.29 -3.62
CA SER A 88 -2.23 4.50 -4.61
C SER A 88 -1.73 4.17 -6.02
N TRP A 89 -1.46 2.92 -6.29
CA TRP A 89 -0.99 2.54 -7.66
C TRP A 89 -0.85 1.03 -7.76
N SER A 90 -0.60 0.52 -8.94
CA SER A 90 -0.44 -0.94 -9.11
C SER A 90 1.03 -1.33 -8.91
N PRO A 91 1.30 -2.45 -8.27
CA PRO A 91 2.70 -2.92 -8.02
C PRO A 91 3.37 -3.44 -9.30
N CYS A 92 4.69 -3.40 -9.35
CA CYS A 92 5.39 -3.90 -10.56
C CYS A 92 5.34 -5.43 -10.59
N PHE A 93 5.42 -6.01 -11.75
CA PHE A 93 5.36 -7.51 -11.84
C PHE A 93 6.44 -8.13 -10.95
N SER A 94 7.62 -7.57 -10.93
CA SER A 94 8.69 -8.15 -10.08
C SER A 94 8.25 -8.19 -8.62
N CYS A 95 7.54 -7.18 -8.19
CA CYS A 95 7.08 -7.16 -6.76
C CYS A 95 6.03 -8.25 -6.53
N ALA A 96 5.18 -8.48 -7.49
CA ALA A 96 4.11 -9.51 -7.32
C ALA A 96 4.72 -10.89 -7.06
N GLN A 97 5.72 -11.26 -7.81
CA GLN A 97 6.33 -12.61 -7.59
C GLN A 97 7.02 -12.67 -6.22
N GLU A 98 7.77 -11.65 -5.87
CA GLU A 98 8.46 -11.66 -4.55
C GLU A 98 7.45 -11.45 -3.42
N MET A 99 6.48 -10.61 -3.65
CA MET A 99 5.47 -10.34 -2.59
C MET A 99 4.73 -11.63 -2.22
N ALA A 100 4.38 -12.42 -3.19
CA ALA A 100 3.65 -13.68 -2.88
C ALA A 100 4.55 -14.62 -2.07
N LYS A 101 5.77 -14.82 -2.52
CA LYS A 101 6.70 -15.72 -1.79
C LYS A 101 7.00 -15.15 -0.39
N PHE A 102 7.02 -13.85 -0.28
CA PHE A 102 7.33 -13.23 1.05
C PHE A 102 6.36 -13.74 2.12
N ILE A 103 5.09 -13.65 1.88
CA ILE A 103 4.11 -14.12 2.89
C ILE A 103 4.34 -15.59 3.18
N SER A 104 4.61 -16.38 2.18
CA SER A 104 4.84 -17.83 2.42
C SER A 104 5.99 -17.98 3.42
N LYS A 105 6.95 -17.11 3.37
CA LYS A 105 8.10 -17.20 4.31
C LYS A 105 7.67 -16.66 5.68
N ASN A 106 6.70 -15.79 5.72
CA ASN A 106 6.25 -15.24 7.03
C ASN A 106 4.74 -15.02 6.99
N LYS A 107 3.98 -16.03 7.29
CA LYS A 107 2.50 -15.88 7.26
C LYS A 107 2.00 -15.39 8.63
N HIS A 108 2.89 -15.26 9.57
CA HIS A 108 2.48 -14.79 10.93
C HIS A 108 2.27 -13.27 10.92
N VAL A 109 2.66 -12.62 9.86
CA VAL A 109 2.48 -11.14 9.80
C VAL A 109 1.22 -10.80 9.01
N SER A 110 0.44 -9.87 9.48
CA SER A 110 -0.79 -9.49 8.73
C SER A 110 -0.44 -8.36 7.77
N LEU A 111 -0.39 -8.64 6.50
CA LEU A 111 -0.04 -7.58 5.51
C LEU A 111 -1.29 -7.15 4.74
N CYS A 112 -1.60 -5.88 4.76
CA CYS A 112 -2.78 -5.39 4.00
C CYS A 112 -2.36 -4.18 3.16
N ILE A 113 -2.54 -4.25 1.87
CA ILE A 113 -2.15 -3.11 1.00
C ILE A 113 -3.38 -2.51 0.34
N PHE A 114 -3.58 -1.22 0.47
CA PHE A 114 -4.76 -0.59 -0.16
C PHE A 114 -4.32 0.21 -1.39
N THR A 115 -4.95 -0.02 -2.51
CA THR A 115 -4.57 0.73 -3.73
C THR A 115 -5.75 1.57 -4.19
N ALA A 116 -5.56 2.86 -4.31
CA ALA A 116 -6.70 3.73 -4.76
C ALA A 116 -7.06 3.34 -6.18
N ARG A 117 -6.09 3.12 -7.03
CA ARG A 117 -6.38 2.73 -8.43
C ARG A 117 -5.36 1.69 -8.88
N ILE A 118 -5.79 0.71 -9.63
CA ILE A 118 -4.85 -0.34 -10.12
C ILE A 118 -4.87 -0.34 -11.65
N TYR A 119 -3.75 -0.13 -12.28
CA TYR A 119 -3.72 -0.14 -13.78
C TYR A 119 -2.84 -1.28 -14.28
N ASP A 120 -3.37 -2.14 -15.11
CA ASP A 120 -2.55 -3.28 -15.63
C ASP A 120 -1.92 -2.88 -16.97
N ASP A 121 -0.69 -3.25 -17.19
CA ASP A 121 -0.02 -2.89 -18.48
C ASP A 121 -0.83 -3.46 -19.64
N GLN A 122 -1.29 -4.68 -19.53
CA GLN A 122 -2.08 -5.28 -20.63
C GLN A 122 -2.88 -6.47 -20.09
N GLY A 123 -3.94 -6.84 -20.75
CA GLY A 123 -4.75 -7.99 -20.25
C GLY A 123 -4.08 -9.30 -20.69
N ARG A 124 -3.47 -10.00 -19.77
CA ARG A 124 -2.80 -11.28 -20.12
C ARG A 124 -2.27 -11.94 -18.84
N CYS A 125 -1.47 -11.23 -18.09
CA CYS A 125 -0.92 -11.80 -16.83
C CYS A 125 -2.04 -11.91 -15.79
N GLN A 126 -3.17 -12.41 -16.18
CA GLN A 126 -4.30 -12.55 -15.21
C GLN A 126 -3.85 -13.36 -14.01
N GLU A 127 -3.01 -14.35 -14.23
CA GLU A 127 -2.53 -15.19 -13.10
C GLU A 127 -1.81 -14.32 -12.07
N GLY A 128 -1.04 -13.38 -12.53
CA GLY A 128 -0.30 -12.49 -11.58
C GLY A 128 -1.30 -11.74 -10.71
N LEU A 129 -2.35 -11.22 -11.29
CA LEU A 129 -3.36 -10.47 -10.49
C LEU A 129 -4.05 -11.44 -9.52
N ARG A 130 -4.48 -12.57 -10.00
CA ARG A 130 -5.16 -13.54 -9.11
C ARG A 130 -4.16 -14.07 -8.07
N THR A 131 -2.97 -14.38 -8.49
CA THR A 131 -1.96 -14.87 -7.54
C THR A 131 -1.68 -13.79 -6.50
N LEU A 132 -1.61 -12.56 -6.95
CA LEU A 132 -1.34 -11.44 -6.00
C LEU A 132 -2.47 -11.36 -4.98
N ALA A 133 -3.68 -11.54 -5.39
CA ALA A 133 -4.80 -11.47 -4.42
C ALA A 133 -4.67 -12.63 -3.43
N GLU A 134 -4.31 -13.78 -3.91
CA GLU A 134 -4.17 -14.97 -3.01
C GLU A 134 -2.89 -14.86 -2.18
N ALA A 135 -1.76 -14.65 -2.82
CA ALA A 135 -0.48 -14.58 -2.06
C ALA A 135 0.04 -13.13 -1.97
N GLY A 136 -0.44 -12.25 -2.80
CA GLY A 136 0.05 -10.85 -2.74
C GLY A 136 -0.64 -10.13 -1.58
N ALA A 137 -0.78 -10.81 -0.46
CA ALA A 137 -1.43 -10.18 0.71
C ALA A 137 -2.85 -9.73 0.36
N LYS A 138 -3.56 -9.22 1.33
CA LYS A 138 -4.96 -8.77 1.09
C LYS A 138 -4.95 -7.37 0.46
N ILE A 139 -5.65 -7.19 -0.63
CA ILE A 139 -5.67 -5.85 -1.28
C ILE A 139 -7.12 -5.37 -1.47
N SER A 140 -7.37 -4.13 -1.18
CA SER A 140 -8.75 -3.58 -1.33
C SER A 140 -8.68 -2.16 -1.87
N ILE A 141 -9.77 -1.66 -2.40
CA ILE A 141 -9.75 -0.27 -2.94
C ILE A 141 -9.92 0.71 -1.78
N MET A 142 -9.32 1.87 -1.88
CA MET A 142 -9.44 2.87 -0.77
C MET A 142 -10.83 3.50 -0.77
N THR A 143 -11.37 3.73 0.40
CA THR A 143 -12.71 4.37 0.50
C THR A 143 -12.61 5.60 1.39
N TYR A 144 -13.63 6.39 1.44
CA TYR A 144 -13.59 7.62 2.28
C TYR A 144 -13.37 7.23 3.75
N SER A 145 -14.03 6.20 4.22
CA SER A 145 -13.88 5.80 5.64
C SER A 145 -12.41 5.45 5.93
N GLU A 146 -11.81 4.64 5.09
CA GLU A 146 -10.39 4.26 5.33
C GLU A 146 -9.50 5.51 5.18
N PHE A 147 -9.86 6.37 4.27
CA PHE A 147 -9.05 7.61 4.07
C PHE A 147 -9.06 8.43 5.37
N LYS A 148 -10.18 8.51 6.03
CA LYS A 148 -10.24 9.30 7.29
C LYS A 148 -9.22 8.77 8.29
N HIS A 149 -9.09 7.48 8.41
CA HIS A 149 -8.11 6.92 9.39
C HIS A 149 -6.70 7.40 9.04
N CYS A 150 -6.31 7.28 7.81
CA CYS A 150 -4.94 7.74 7.42
C CYS A 150 -4.83 9.25 7.65
N TRP A 151 -5.89 9.96 7.42
CA TRP A 151 -5.87 11.44 7.61
C TRP A 151 -5.53 11.79 9.07
N ASP A 152 -6.16 11.16 10.02
CA ASP A 152 -5.86 11.50 11.45
C ASP A 152 -4.48 10.99 11.87
N THR A 153 -4.10 9.82 11.46
CA THR A 153 -2.79 9.25 11.90
C THR A 153 -1.59 9.90 11.19
N PHE A 154 -1.61 10.00 9.89
CA PHE A 154 -0.43 10.57 9.18
C PHE A 154 -0.30 12.08 9.41
N VAL A 155 -1.37 12.79 9.61
CA VAL A 155 -1.24 14.27 9.84
C VAL A 155 -1.98 14.69 11.10
N ASP A 156 -1.43 15.62 11.83
CA ASP A 156 -2.11 16.09 13.06
C ASP A 156 -3.28 16.98 12.63
N HIS A 157 -4.40 16.39 12.35
CA HIS A 157 -5.58 17.17 11.89
C HIS A 157 -6.04 18.13 12.99
N GLN A 158 -5.44 18.06 14.15
CA GLN A 158 -5.88 18.99 15.23
C GLN A 158 -5.88 20.42 14.70
N GLY A 159 -7.04 21.00 14.55
CA GLY A 159 -7.14 22.39 14.02
C GLY A 159 -7.31 22.35 12.50
N CYS A 160 -6.99 21.24 11.89
CA CYS A 160 -7.14 21.12 10.41
C CYS A 160 -7.99 19.89 10.08
N PRO A 161 -9.30 20.04 10.01
CA PRO A 161 -10.22 18.92 9.70
C PRO A 161 -10.24 18.55 8.21
N PHE A 162 -10.44 17.29 7.91
CA PHE A 162 -10.47 16.86 6.48
C PHE A 162 -11.92 16.83 5.98
N GLN A 163 -12.18 17.39 4.83
CA GLN A 163 -13.56 17.40 4.29
C GLN A 163 -13.69 16.25 3.26
N PRO A 164 -14.47 15.23 3.56
CA PRO A 164 -14.65 14.07 2.64
C PRO A 164 -15.62 14.37 1.50
N TRP A 165 -15.37 13.81 0.35
CA TRP A 165 -16.28 14.04 -0.81
C TRP A 165 -16.63 12.69 -1.44
N ASP A 166 -17.70 12.61 -2.18
CA ASP A 166 -18.09 11.31 -2.80
C ASP A 166 -17.41 11.18 -4.17
N GLY A 167 -16.26 11.76 -4.33
CA GLY A 167 -15.56 11.66 -5.65
C GLY A 167 -14.76 10.36 -5.66
N LEU A 168 -13.91 10.17 -4.70
CA LEU A 168 -13.10 8.93 -4.65
C LEU A 168 -14.04 7.71 -4.55
N ASP A 169 -15.13 7.86 -3.83
CA ASP A 169 -16.07 6.71 -3.69
C ASP A 169 -16.61 6.32 -5.06
N GLU A 170 -16.99 7.27 -5.87
CA GLU A 170 -17.52 6.92 -7.22
C GLU A 170 -16.39 6.33 -8.06
N HIS A 171 -15.23 6.92 -8.00
CA HIS A 171 -14.09 6.38 -8.78
C HIS A 171 -13.78 4.96 -8.33
N SER A 172 -13.87 4.71 -7.05
CA SER A 172 -13.59 3.34 -6.53
C SER A 172 -14.56 2.35 -7.18
N GLN A 173 -15.78 2.75 -7.39
CA GLN A 173 -16.76 1.82 -8.02
C GLN A 173 -16.25 1.39 -9.39
N ASP A 174 -15.67 2.29 -10.13
CA ASP A 174 -15.15 1.91 -11.47
C ASP A 174 -14.02 0.90 -11.32
N LEU A 175 -13.10 1.15 -10.43
CA LEU A 175 -11.99 0.19 -10.21
C LEU A 175 -12.53 -1.10 -9.62
N SER A 176 -13.48 -1.00 -8.74
CA SER A 176 -14.04 -2.23 -8.12
C SER A 176 -14.69 -3.09 -9.21
N GLY A 177 -15.24 -2.48 -10.23
CA GLY A 177 -15.89 -3.28 -11.30
C GLY A 177 -14.84 -4.17 -11.97
N ARG A 178 -13.76 -3.60 -12.44
CA ARG A 178 -12.72 -4.43 -13.10
C ARG A 178 -12.13 -5.43 -12.10
N LEU A 179 -11.80 -4.99 -10.92
CA LEU A 179 -11.21 -5.92 -9.91
C LEU A 179 -12.25 -6.99 -9.53
N ARG A 180 -13.49 -6.61 -9.42
CA ARG A 180 -14.53 -7.61 -9.06
C ARG A 180 -14.54 -8.72 -10.11
N ALA A 181 -14.36 -8.38 -11.35
CA ALA A 181 -14.38 -9.40 -12.42
C ALA A 181 -13.33 -10.47 -12.15
N ILE A 182 -12.14 -10.07 -11.79
CA ILE A 182 -11.09 -11.07 -11.49
C ILE A 182 -11.53 -11.92 -10.31
N LEU A 183 -11.92 -11.28 -9.24
CA LEU A 183 -12.39 -12.03 -8.05
C LEU A 183 -13.67 -12.79 -8.39
N GLN A 184 -14.47 -12.25 -9.26
CA GLN A 184 -15.74 -12.94 -9.64
C GLN A 184 -15.42 -14.27 -10.29
N ASN A 185 -14.34 -14.35 -11.02
CA ASN A 185 -13.97 -15.63 -11.68
C ASN A 185 -13.30 -16.53 -10.66
N GLN A 186 -13.29 -16.15 -9.41
CA GLN A 186 -12.66 -17.01 -8.38
C GLN A 186 -13.33 -18.38 -8.42
N GLU A 187 -12.72 -19.31 -9.09
CA GLU A 187 -13.34 -20.67 -9.18
C GLU A 187 -13.31 -21.34 -7.82
N ASN A 188 -14.40 -21.94 -7.43
CA ASN A 188 -14.44 -22.62 -6.10
C ASN A 188 -15.73 -23.44 -6.00
P C38 B 6 9.32 2.48 -10.48
O1P C38 B 6 10.12 2.74 -9.25
O2P C38 B 6 9.27 3.50 -11.54
O5' C38 B 6 9.86 1.10 -11.13
C5' C38 B 6 9.88 -0.12 -10.39
C4' C38 B 6 10.42 -1.27 -11.22
O4' C38 B 6 9.70 -1.41 -12.44
C3' C38 B 6 11.87 -1.09 -11.62
O3' C38 B 6 12.66 -1.60 -10.55
C2' C38 B 6 12.01 -1.92 -12.88
C1' C38 B 6 10.58 -2.00 -13.41
N1 C38 B 6 10.37 -1.28 -14.69
C2 C38 B 6 11.21 -1.59 -15.74
O2 C38 B 6 12.09 -2.44 -15.60
N3 C38 B 6 11.04 -0.93 -16.92
C4 C38 B 6 10.08 -0.01 -17.06
N4 C38 B 6 9.94 0.62 -18.24
C5 C38 B 6 9.20 0.31 -15.99
C6 C38 B 6 9.38 -0.34 -14.82
I C38 B 6 7.70 1.75 -16.20
H5'1 C38 B 6 8.87 -0.36 -10.06
H5'2 C38 B 6 10.51 0.01 -9.51
H4' C38 B 6 10.33 -2.20 -10.65
H3' C38 B 6 12.09 -0.03 -11.80
H2'1 C38 B 6 12.66 -1.42 -13.60
H2'2 C38 B 6 12.39 -2.92 -12.64
H1' C38 B 6 10.30 -3.04 -13.55
H4N1 C38 B 6 10.56 0.39 -19.00
H4N2 C38 B 6 9.22 1.31 -18.35
H6 C38 B 6 8.71 -0.13 -13.98
ZN ZN C . 8.53 -3.49 -7.66
N MET A 1 5.40 15.27 11.05
CA MET A 1 4.32 15.28 10.02
C MET A 1 3.54 16.59 10.12
N ASP A 2 3.29 17.22 9.01
CA ASP A 2 2.51 18.49 9.03
C ASP A 2 1.07 18.18 8.62
N PRO A 3 0.12 18.90 9.14
CA PRO A 3 -1.31 18.65 8.82
C PRO A 3 -1.58 18.49 7.32
N PRO A 4 -1.04 19.34 6.49
CA PRO A 4 -1.27 19.30 5.02
C PRO A 4 -0.21 18.50 4.23
N THR A 5 0.82 18.01 4.85
CA THR A 5 1.86 17.27 4.08
C THR A 5 1.25 16.07 3.35
N PHE A 6 0.42 15.33 4.02
CA PHE A 6 -0.21 14.14 3.38
C PHE A 6 -1.12 14.58 2.23
N THR A 7 -1.84 15.65 2.40
CA THR A 7 -2.74 16.12 1.30
C THR A 7 -1.94 16.36 0.02
N PHE A 8 -0.80 16.96 0.14
CA PHE A 8 0.02 17.22 -1.08
C PHE A 8 0.39 15.90 -1.76
N ASN A 9 0.72 14.91 -0.99
CA ASN A 9 1.10 13.60 -1.61
C ASN A 9 -0.09 13.02 -2.38
N PHE A 10 -1.26 13.02 -1.78
CA PHE A 10 -2.45 12.48 -2.49
C PHE A 10 -2.88 13.44 -3.59
N ASN A 11 -2.56 14.70 -3.45
CA ASN A 11 -2.95 15.70 -4.48
C ASN A 11 -1.99 15.60 -5.66
N ASN A 12 -1.25 14.51 -5.74
CA ASN A 12 -0.28 14.35 -6.87
C ASN A 12 -1.03 14.24 -8.19
N GLU A 13 -2.17 14.88 -8.32
CA GLU A 13 -2.92 14.81 -9.59
C GLU A 13 -2.05 15.33 -10.75
N PRO A 14 -1.35 16.41 -10.50
CA PRO A 14 -0.45 17.04 -11.52
C PRO A 14 0.75 16.17 -11.91
N TRP A 15 1.02 15.13 -11.17
CA TRP A 15 2.19 14.26 -11.49
C TRP A 15 2.08 13.73 -12.92
N VAL A 16 0.91 13.76 -13.49
CA VAL A 16 0.75 13.25 -14.88
C VAL A 16 1.56 14.11 -15.86
N ARG A 17 2.86 14.10 -15.74
CA ARG A 17 3.72 14.90 -16.67
C ARG A 17 4.59 13.96 -17.50
N GLY A 18 4.37 12.67 -17.39
CA GLY A 18 5.19 11.71 -18.17
C GLY A 18 6.34 11.20 -17.30
N ARG A 19 6.35 11.57 -16.04
CA ARG A 19 7.44 11.11 -15.13
C ARG A 19 6.88 10.05 -14.17
N HIS A 20 7.70 9.15 -13.73
CA HIS A 20 7.20 8.10 -12.78
C HIS A 20 7.39 8.57 -11.34
N GLU A 21 6.34 9.09 -10.74
CA GLU A 21 6.44 9.55 -9.32
C GLU A 21 5.44 8.78 -8.47
N THR A 22 5.90 8.13 -7.44
CA THR A 22 4.96 7.35 -6.57
C THR A 22 5.16 7.74 -5.11
N TYR A 23 4.08 7.88 -4.38
CA TYR A 23 4.20 8.23 -2.94
C TYR A 23 3.73 7.03 -2.11
N LEU A 24 4.56 6.51 -1.25
CA LEU A 24 4.15 5.32 -0.44
C LEU A 24 4.13 5.66 1.04
N CYS A 25 3.09 5.28 1.73
CA CYS A 25 3.00 5.54 3.19
C CYS A 25 2.68 4.23 3.90
N TYR A 26 3.42 3.89 4.92
CA TYR A 26 3.16 2.60 5.62
C TYR A 26 3.26 2.78 7.14
N GLU A 27 2.67 1.87 7.87
CA GLU A 27 2.72 1.94 9.36
C GLU A 27 3.07 0.56 9.91
N VAL A 28 3.59 0.50 11.11
CA VAL A 28 3.97 -0.83 11.69
C VAL A 28 3.29 -0.99 13.05
N GLU A 29 2.80 -2.16 13.35
CA GLU A 29 2.12 -2.39 14.66
C GLU A 29 2.65 -3.67 15.29
N ARG A 30 2.65 -3.74 16.60
CA ARG A 30 3.12 -4.97 17.28
C ARG A 30 1.93 -5.66 17.94
N MET A 31 1.70 -6.90 17.63
CA MET A 31 0.52 -7.63 18.22
C MET A 31 0.97 -8.88 18.96
N HIS A 32 0.51 -9.03 20.17
CA HIS A 32 0.86 -10.25 20.97
C HIS A 32 -0.43 -10.89 21.46
N ASN A 33 -0.54 -12.18 21.39
CA ASN A 33 -1.80 -12.84 21.84
C ASN A 33 -2.10 -12.48 23.30
N ASP A 34 -1.09 -12.41 24.12
CA ASP A 34 -1.31 -12.07 25.54
C ASP A 34 -1.66 -10.59 25.70
N THR A 35 -1.05 -9.74 24.92
CA THR A 35 -1.34 -8.28 25.04
C THR A 35 -1.33 -7.62 23.66
N TRP A 36 -1.90 -6.45 23.55
CA TRP A 36 -1.91 -5.74 22.24
C TRP A 36 -1.08 -4.46 22.38
N VAL A 37 -0.18 -4.24 21.46
CA VAL A 37 0.68 -3.02 21.54
C VAL A 37 0.54 -2.20 20.25
N LEU A 38 0.33 -0.92 20.39
CA LEU A 38 0.19 -0.06 19.18
C LEU A 38 1.51 0.65 18.88
N LEU A 39 2.16 0.26 17.82
CA LEU A 39 3.46 0.91 17.46
C LEU A 39 3.18 1.97 16.39
N ASN A 40 1.97 2.44 16.30
CA ASN A 40 1.61 3.47 15.28
C ASN A 40 2.45 4.73 15.51
N GLN A 41 3.00 4.88 16.69
CA GLN A 41 3.82 6.09 16.97
C GLN A 41 4.93 6.21 15.92
N ARG A 42 5.41 5.11 15.41
CA ARG A 42 6.48 5.17 14.39
C ARG A 42 5.87 5.13 13.00
N ARG A 43 6.26 6.04 12.13
CA ARG A 43 5.68 6.07 10.75
C ARG A 43 6.82 6.19 9.74
N GLY A 44 6.63 5.70 8.54
CA GLY A 44 7.72 5.81 7.52
C GLY A 44 7.12 5.97 6.13
N PHE A 45 7.92 6.33 5.16
CA PHE A 45 7.40 6.51 3.78
C PHE A 45 8.42 5.97 2.78
N LEU A 46 7.97 5.46 1.67
CA LEU A 46 8.92 4.92 0.64
C LEU A 46 8.56 5.52 -0.73
N CYS A 47 9.51 5.60 -1.62
CA CYS A 47 9.22 6.16 -2.97
C CYS A 47 9.75 5.20 -4.04
N ASN A 48 9.14 5.20 -5.20
CA ASN A 48 9.61 4.29 -6.28
C ASN A 48 10.69 5.00 -7.09
N GLN A 49 11.18 6.10 -6.60
CA GLN A 49 12.24 6.85 -7.34
C GLN A 49 13.59 6.59 -6.67
N ALA A 50 14.54 6.08 -7.41
CA ALA A 50 15.88 5.79 -6.82
C ALA A 50 16.41 7.06 -6.15
N PRO A 51 17.30 6.90 -5.21
CA PRO A 51 17.90 8.05 -4.46
C PRO A 51 18.64 9.02 -5.38
N HIS A 52 18.34 10.29 -5.28
CA HIS A 52 19.01 11.31 -6.14
C HIS A 52 20.46 11.51 -5.71
N LYS A 53 20.73 11.39 -4.44
CA LYS A 53 22.12 11.62 -3.92
C LYS A 53 23.12 10.67 -4.58
N HIS A 54 22.72 9.49 -4.96
CA HIS A 54 23.70 8.54 -5.57
C HIS A 54 23.99 8.96 -7.02
N GLY A 55 23.27 9.93 -7.53
CA GLY A 55 23.52 10.38 -8.94
C GLY A 55 22.23 10.29 -9.75
N PHE A 56 22.31 9.76 -10.94
CA PHE A 56 21.11 9.65 -11.81
C PHE A 56 20.21 8.52 -11.30
N LEU A 57 18.94 8.59 -11.62
CA LEU A 57 18.00 7.53 -11.17
C LEU A 57 18.53 6.16 -11.60
N GLU A 58 18.65 5.23 -10.70
CA GLU A 58 19.18 3.88 -11.08
C GLU A 58 18.04 2.87 -11.13
N GLY A 59 16.98 3.11 -10.40
CA GLY A 59 15.81 2.18 -10.44
C GLY A 59 15.46 1.64 -9.03
N ARG A 60 14.33 2.04 -8.53
CA ARG A 60 13.89 1.57 -7.19
C ARG A 60 12.34 1.51 -7.18
N HIS A 61 11.74 0.42 -6.75
CA HIS A 61 10.24 0.39 -6.76
C HIS A 61 9.72 0.71 -5.36
N ALA A 62 8.70 1.52 -5.28
CA ALA A 62 8.14 1.89 -3.95
C ALA A 62 7.57 0.64 -3.28
N GLU A 63 6.84 -0.16 -4.01
CA GLU A 63 6.25 -1.39 -3.42
C GLU A 63 7.36 -2.37 -3.01
N LEU A 64 8.39 -2.45 -3.80
CA LEU A 64 9.52 -3.38 -3.48
C LEU A 64 10.23 -2.92 -2.21
N CYS A 65 10.39 -1.63 -2.05
CA CYS A 65 11.10 -1.11 -0.84
C CYS A 65 10.37 -1.55 0.44
N PHE A 66 9.07 -1.46 0.44
CA PHE A 66 8.32 -1.86 1.66
C PHE A 66 8.55 -3.34 1.96
N LEU A 67 8.54 -4.16 0.97
CA LEU A 67 8.76 -5.62 1.20
C LEU A 67 10.12 -5.82 1.87
N ASP A 68 11.10 -5.06 1.46
CA ASP A 68 12.47 -5.21 2.07
C ASP A 68 12.48 -4.62 3.48
N VAL A 69 11.58 -3.72 3.77
CA VAL A 69 11.55 -3.09 5.11
C VAL A 69 11.16 -4.12 6.18
N ILE A 70 10.23 -5.00 5.89
CA ILE A 70 9.82 -5.99 6.91
C ILE A 70 11.03 -6.80 7.43
N PRO A 71 11.78 -7.45 6.57
CA PRO A 71 12.97 -8.24 7.00
C PRO A 71 14.02 -7.36 7.69
N PHE A 72 14.02 -6.09 7.41
CA PHE A 72 15.02 -5.19 8.04
C PHE A 72 14.62 -4.94 9.51
N TRP A 73 13.37 -5.06 9.82
CA TRP A 73 12.93 -4.84 11.23
C TRP A 73 13.14 -6.11 12.04
N LYS A 74 13.70 -7.12 11.45
CA LYS A 74 13.93 -8.40 12.21
C LYS A 74 12.70 -8.70 13.08
N LEU A 75 11.56 -8.84 12.47
CA LEU A 75 10.33 -9.14 13.26
C LEU A 75 10.42 -10.56 13.83
N ASP A 76 9.90 -10.76 15.02
CA ASP A 76 9.96 -12.12 15.63
C ASP A 76 8.90 -13.02 15.01
N LEU A 77 9.29 -14.19 14.56
CA LEU A 77 8.32 -15.12 13.95
C LEU A 77 7.33 -15.62 15.00
N ASP A 78 7.73 -15.66 16.24
CA ASP A 78 6.82 -16.15 17.31
C ASP A 78 5.86 -15.06 17.75
N GLN A 79 6.12 -13.84 17.36
CA GLN A 79 5.21 -12.72 17.75
C GLN A 79 4.37 -12.31 16.54
N ASP A 80 3.14 -11.92 16.76
CA ASP A 80 2.28 -11.53 15.61
C ASP A 80 2.59 -10.09 15.20
N TYR A 81 2.59 -9.81 13.92
CA TYR A 81 2.87 -8.42 13.45
C TYR A 81 1.80 -7.99 12.44
N ARG A 82 1.33 -6.78 12.56
CA ARG A 82 0.30 -6.27 11.61
C ARG A 82 0.87 -5.05 10.90
N VAL A 83 1.10 -5.16 9.62
CA VAL A 83 1.69 -4.01 8.86
C VAL A 83 0.74 -3.62 7.71
N THR A 84 0.53 -2.35 7.52
CA THR A 84 -0.38 -1.90 6.42
C THR A 84 0.36 -0.92 5.51
N CYS A 85 0.09 -0.98 4.23
CA CYS A 85 0.77 -0.05 3.28
C CYS A 85 -0.27 0.71 2.47
N PHE A 86 -0.16 2.01 2.38
CA PHE A 86 -1.15 2.78 1.58
C PHE A 86 -0.50 3.20 0.26
N THR A 87 -0.95 2.63 -0.82
CA THR A 87 -0.37 2.97 -2.15
C THR A 87 -1.50 3.09 -3.16
N SER A 88 -1.33 3.84 -4.22
CA SER A 88 -2.42 3.97 -5.22
C SER A 88 -1.88 3.69 -6.62
N TRP A 89 -1.49 2.47 -6.89
CA TRP A 89 -0.99 2.12 -8.24
C TRP A 89 -0.73 0.61 -8.31
N SER A 90 -0.54 0.09 -9.49
CA SER A 90 -0.27 -1.37 -9.62
C SER A 90 1.22 -1.64 -9.36
N PRO A 91 1.55 -2.68 -8.65
CA PRO A 91 2.97 -3.04 -8.35
C PRO A 91 3.67 -3.62 -9.57
N CYS A 92 4.95 -3.41 -9.71
CA CYS A 92 5.65 -3.97 -10.90
C CYS A 92 5.54 -5.50 -10.88
N PHE A 93 5.61 -6.13 -12.02
CA PHE A 93 5.49 -7.61 -12.07
C PHE A 93 6.51 -8.25 -11.12
N SER A 94 7.71 -7.75 -11.09
CA SER A 94 8.74 -8.33 -10.20
C SER A 94 8.26 -8.32 -8.76
N CYS A 95 7.56 -7.28 -8.36
CA CYS A 95 7.06 -7.22 -6.95
C CYS A 95 5.98 -8.28 -6.73
N ALA A 96 5.15 -8.50 -7.70
CA ALA A 96 4.06 -9.51 -7.54
C ALA A 96 4.64 -10.89 -7.24
N GLN A 97 5.64 -11.29 -7.98
CA GLN A 97 6.24 -12.64 -7.74
C GLN A 97 6.93 -12.67 -6.37
N GLU A 98 7.67 -11.65 -6.05
CA GLU A 98 8.37 -11.64 -4.73
C GLU A 98 7.36 -11.43 -3.61
N MET A 99 6.39 -10.60 -3.83
CA MET A 99 5.37 -10.33 -2.77
C MET A 99 4.67 -11.61 -2.37
N ALA A 100 4.30 -12.44 -3.31
CA ALA A 100 3.61 -13.71 -2.96
C ALA A 100 4.56 -14.60 -2.15
N LYS A 101 5.78 -14.74 -2.62
CA LYS A 101 6.77 -15.59 -1.89
C LYS A 101 7.04 -15.00 -0.50
N PHE A 102 7.01 -13.70 -0.40
CA PHE A 102 7.29 -13.05 0.92
C PHE A 102 6.35 -13.59 1.99
N ILE A 103 5.08 -13.60 1.74
CA ILE A 103 4.13 -14.11 2.77
C ILE A 103 4.43 -15.57 3.06
N SER A 104 4.81 -16.33 2.07
CA SER A 104 5.13 -17.76 2.32
C SER A 104 6.23 -17.83 3.38
N LYS A 105 7.16 -16.91 3.33
CA LYS A 105 8.26 -16.91 4.33
C LYS A 105 7.76 -16.35 5.66
N ASN A 106 6.73 -15.55 5.64
CA ASN A 106 6.21 -14.97 6.91
C ASN A 106 4.69 -14.94 6.88
N LYS A 107 4.06 -16.03 7.20
CA LYS A 107 2.57 -16.06 7.20
C LYS A 107 2.03 -15.56 8.53
N HIS A 108 2.90 -15.27 9.47
CA HIS A 108 2.44 -14.78 10.80
C HIS A 108 2.22 -13.26 10.77
N VAL A 109 2.55 -12.62 9.68
CA VAL A 109 2.37 -11.14 9.60
C VAL A 109 1.11 -10.82 8.81
N SER A 110 0.31 -9.91 9.28
CA SER A 110 -0.91 -9.53 8.54
C SER A 110 -0.56 -8.35 7.62
N LEU A 111 -0.48 -8.58 6.34
CA LEU A 111 -0.12 -7.49 5.40
C LEU A 111 -1.34 -7.10 4.56
N CYS A 112 -1.68 -5.83 4.53
CA CYS A 112 -2.85 -5.39 3.73
C CYS A 112 -2.45 -4.20 2.86
N ILE A 113 -2.67 -4.27 1.58
CA ILE A 113 -2.29 -3.14 0.68
C ILE A 113 -3.54 -2.56 0.03
N PHE A 114 -3.75 -1.28 0.14
CA PHE A 114 -4.96 -0.67 -0.48
C PHE A 114 -4.55 0.08 -1.75
N THR A 115 -5.19 -0.21 -2.85
CA THR A 115 -4.85 0.49 -4.12
C THR A 115 -6.02 1.36 -4.57
N ALA A 116 -5.84 2.65 -4.63
CA ALA A 116 -6.95 3.54 -5.08
C ALA A 116 -7.26 3.21 -6.53
N ARG A 117 -6.25 2.92 -7.31
CA ARG A 117 -6.47 2.57 -8.73
C ARG A 117 -5.56 1.38 -9.08
N ILE A 118 -6.03 0.48 -9.89
CA ILE A 118 -5.21 -0.71 -10.25
C ILE A 118 -4.93 -0.73 -11.75
N TYR A 119 -3.68 -0.74 -12.14
CA TYR A 119 -3.34 -0.78 -13.59
C TYR A 119 -2.81 -2.16 -13.94
N ASP A 120 -3.30 -2.76 -15.00
CA ASP A 120 -2.79 -4.11 -15.38
C ASP A 120 -1.52 -3.94 -16.21
N ASP A 121 -0.41 -4.45 -15.73
CA ASP A 121 0.86 -4.29 -16.49
C ASP A 121 0.73 -4.94 -17.87
N GLN A 122 0.12 -6.09 -17.94
CA GLN A 122 -0.04 -6.77 -19.25
C GLN A 122 -1.34 -7.60 -19.25
N GLY A 123 -1.85 -7.91 -20.41
CA GLY A 123 -3.10 -8.72 -20.47
C GLY A 123 -2.76 -10.20 -20.30
N ARG A 124 -3.75 -11.05 -20.34
CA ARG A 124 -3.48 -12.51 -20.18
C ARG A 124 -2.69 -12.76 -18.89
N CYS A 125 -2.43 -11.72 -18.13
CA CYS A 125 -1.67 -11.89 -16.87
C CYS A 125 -2.64 -12.04 -15.70
N GLN A 126 -3.81 -12.57 -15.97
CA GLN A 126 -4.81 -12.74 -14.88
C GLN A 126 -4.20 -13.59 -13.76
N GLU A 127 -3.35 -14.53 -14.10
CA GLU A 127 -2.73 -15.38 -13.05
C GLU A 127 -1.97 -14.50 -12.06
N GLY A 128 -1.32 -13.48 -12.53
CA GLY A 128 -0.57 -12.58 -11.61
C GLY A 128 -1.56 -11.92 -10.65
N LEU A 129 -2.61 -11.34 -11.16
CA LEU A 129 -3.61 -10.70 -10.27
C LEU A 129 -4.30 -11.77 -9.42
N ARG A 130 -4.63 -12.88 -10.02
CA ARG A 130 -5.30 -13.96 -9.25
C ARG A 130 -4.36 -14.45 -8.15
N THR A 131 -3.14 -14.70 -8.49
CA THR A 131 -2.15 -15.16 -7.48
C THR A 131 -1.90 -14.04 -6.48
N LEU A 132 -1.82 -12.83 -6.94
CA LEU A 132 -1.56 -11.68 -6.04
C LEU A 132 -2.66 -11.61 -4.97
N ALA A 133 -3.88 -11.82 -5.36
CA ALA A 133 -4.97 -11.75 -4.35
C ALA A 133 -4.79 -12.89 -3.35
N GLU A 134 -4.41 -14.05 -3.81
CA GLU A 134 -4.22 -15.21 -2.89
C GLU A 134 -2.92 -15.06 -2.09
N ALA A 135 -1.82 -14.83 -2.76
CA ALA A 135 -0.52 -14.72 -2.04
C ALA A 135 -0.04 -13.26 -2.00
N GLY A 136 -0.55 -12.41 -2.84
CA GLY A 136 -0.09 -10.99 -2.81
C GLY A 136 -0.76 -10.27 -1.64
N ALA A 137 -0.88 -10.94 -0.53
CA ALA A 137 -1.52 -10.30 0.66
C ALA A 137 -2.94 -9.85 0.32
N LYS A 138 -3.63 -9.34 1.30
CA LYS A 138 -5.03 -8.89 1.07
C LYS A 138 -5.01 -7.51 0.41
N ILE A 139 -5.74 -7.34 -0.68
CA ILE A 139 -5.76 -6.02 -1.36
C ILE A 139 -7.20 -5.54 -1.54
N SER A 140 -7.43 -4.30 -1.26
CA SER A 140 -8.80 -3.72 -1.40
C SER A 140 -8.69 -2.30 -1.94
N ILE A 141 -9.74 -1.75 -2.48
CA ILE A 141 -9.66 -0.37 -3.01
C ILE A 141 -9.76 0.60 -1.84
N MET A 142 -8.98 1.64 -1.85
CA MET A 142 -9.01 2.61 -0.73
C MET A 142 -10.35 3.34 -0.69
N THR A 143 -10.92 3.48 0.48
CA THR A 143 -12.24 4.18 0.60
C THR A 143 -12.03 5.50 1.34
N TYR A 144 -12.92 6.44 1.18
CA TYR A 144 -12.77 7.75 1.87
C TYR A 144 -12.60 7.52 3.37
N SER A 145 -13.32 6.59 3.92
CA SER A 145 -13.20 6.33 5.38
C SER A 145 -11.76 5.92 5.71
N GLU A 146 -11.16 5.12 4.89
CA GLU A 146 -9.76 4.69 5.15
C GLU A 146 -8.84 5.90 5.08
N PHE A 147 -9.13 6.83 4.20
CA PHE A 147 -8.27 8.04 4.09
C PHE A 147 -8.25 8.77 5.43
N LYS A 148 -9.37 8.88 6.08
CA LYS A 148 -9.42 9.59 7.39
C LYS A 148 -8.48 8.91 8.39
N HIS A 149 -8.46 7.61 8.40
CA HIS A 149 -7.56 6.90 9.36
C HIS A 149 -6.10 7.28 9.07
N CYS A 150 -5.70 7.20 7.83
CA CYS A 150 -4.29 7.56 7.50
C CYS A 150 -4.10 9.05 7.79
N TRP A 151 -5.12 9.82 7.58
CA TRP A 151 -5.03 11.29 7.84
C TRP A 151 -4.71 11.54 9.31
N ASP A 152 -5.46 10.95 10.20
CA ASP A 152 -5.22 11.19 11.65
C ASP A 152 -3.85 10.62 12.06
N THR A 153 -3.51 9.45 11.59
CA THR A 153 -2.20 8.84 11.98
C THR A 153 -1.03 9.56 11.32
N PHE A 154 -1.10 9.81 10.06
CA PHE A 154 0.05 10.48 9.37
C PHE A 154 0.09 11.97 9.67
N VAL A 155 -1.05 12.60 9.81
CA VAL A 155 -1.03 14.07 10.09
C VAL A 155 -1.89 14.37 11.31
N ASP A 156 -1.45 15.28 12.13
CA ASP A 156 -2.25 15.64 13.34
C ASP A 156 -3.41 16.52 12.90
N HIS A 157 -4.54 15.93 12.61
CA HIS A 157 -5.72 16.72 12.15
C HIS A 157 -6.16 17.67 13.27
N GLN A 158 -5.63 17.52 14.45
CA GLN A 158 -6.04 18.44 15.56
C GLN A 158 -5.92 19.89 15.08
N GLY A 159 -7.03 20.56 14.91
CA GLY A 159 -6.99 21.97 14.44
C GLY A 159 -7.07 21.99 12.91
N CYS A 160 -6.77 20.87 12.29
CA CYS A 160 -6.84 20.81 10.81
C CYS A 160 -7.73 19.63 10.40
N PRO A 161 -9.01 19.84 10.27
CA PRO A 161 -9.97 18.78 9.89
C PRO A 161 -9.95 18.47 8.39
N PHE A 162 -10.24 17.25 8.02
CA PHE A 162 -10.24 16.88 6.58
C PHE A 162 -11.69 16.80 6.08
N GLN A 163 -11.95 17.34 4.93
CA GLN A 163 -13.35 17.31 4.38
C GLN A 163 -13.41 16.33 3.20
N PRO A 164 -13.87 15.12 3.43
CA PRO A 164 -13.96 14.09 2.35
C PRO A 164 -15.20 14.29 1.46
N TRP A 165 -15.14 13.79 0.26
CA TRP A 165 -16.29 13.92 -0.68
C TRP A 165 -16.64 12.54 -1.24
N ASP A 166 -17.80 12.37 -1.81
CA ASP A 166 -18.18 11.04 -2.34
C ASP A 166 -17.83 10.96 -3.84
N GLY A 167 -16.79 11.65 -4.24
CA GLY A 167 -16.38 11.58 -5.67
C GLY A 167 -15.48 10.36 -5.86
N LEU A 168 -14.44 10.28 -5.08
CA LEU A 168 -13.52 9.12 -5.18
C LEU A 168 -14.30 7.85 -4.86
N ASP A 169 -15.22 7.92 -3.94
CA ASP A 169 -16.02 6.72 -3.57
C ASP A 169 -16.79 6.23 -4.79
N GLU A 170 -17.37 7.12 -5.55
CA GLU A 170 -18.13 6.67 -6.75
C GLU A 170 -17.17 5.97 -7.72
N HIS A 171 -16.01 6.54 -7.91
CA HIS A 171 -15.01 5.91 -8.81
C HIS A 171 -14.56 4.59 -8.21
N SER A 172 -14.43 4.54 -6.91
CA SER A 172 -14.00 3.29 -6.24
C SER A 172 -14.99 2.17 -6.56
N GLN A 173 -16.25 2.47 -6.63
CA GLN A 173 -17.25 1.42 -6.94
C GLN A 173 -16.95 0.85 -8.32
N ASP A 174 -16.59 1.69 -9.26
CA ASP A 174 -16.28 1.19 -10.62
C ASP A 174 -15.05 0.27 -10.56
N LEU A 175 -14.07 0.63 -9.78
CA LEU A 175 -12.85 -0.22 -9.66
C LEU A 175 -13.25 -1.60 -9.12
N SER A 176 -14.18 -1.63 -8.21
CA SER A 176 -14.61 -2.93 -7.64
C SER A 176 -15.20 -3.79 -8.76
N GLY A 177 -15.81 -3.18 -9.74
CA GLY A 177 -16.39 -3.97 -10.85
C GLY A 177 -15.28 -4.76 -11.56
N ARG A 178 -14.23 -4.09 -11.97
CA ARG A 178 -13.12 -4.81 -12.65
C ARG A 178 -12.52 -5.85 -11.70
N LEU A 179 -12.26 -5.46 -10.48
CA LEU A 179 -11.67 -6.42 -9.50
C LEU A 179 -12.68 -7.53 -9.22
N ARG A 180 -13.94 -7.22 -9.21
CA ARG A 180 -14.97 -8.27 -8.97
C ARG A 180 -14.81 -9.39 -9.98
N ALA A 181 -14.52 -9.04 -11.21
CA ALA A 181 -14.36 -10.09 -12.25
C ALA A 181 -13.19 -11.01 -11.88
N ILE A 182 -12.09 -10.44 -11.44
CA ILE A 182 -10.94 -11.28 -11.04
C ILE A 182 -11.33 -12.17 -9.86
N LEU A 183 -11.89 -11.57 -8.86
CA LEU A 183 -12.31 -12.35 -7.67
C LEU A 183 -13.44 -13.32 -8.05
N GLN A 184 -14.27 -12.93 -8.99
CA GLN A 184 -15.39 -13.83 -9.41
C GLN A 184 -14.81 -15.11 -10.01
N ASN A 185 -13.69 -15.02 -10.69
CA ASN A 185 -13.08 -16.23 -11.30
C ASN A 185 -12.29 -16.99 -10.23
N GLN A 186 -12.36 -16.54 -9.00
CA GLN A 186 -11.61 -17.26 -7.93
C GLN A 186 -11.88 -18.75 -8.07
N GLU A 187 -10.97 -19.47 -8.68
CA GLU A 187 -11.17 -20.93 -8.85
C GLU A 187 -11.06 -21.63 -7.50
N ASN A 188 -11.98 -22.51 -7.22
CA ASN A 188 -11.94 -23.23 -5.91
C ASN A 188 -12.60 -24.61 -6.07
P C38 B 6 9.15 2.24 -10.84
O1P C38 B 6 9.88 2.50 -9.59
O2P C38 B 6 9.09 3.28 -11.89
O5' C38 B 6 9.75 0.89 -11.50
C5' C38 B 6 9.81 -0.33 -10.75
C4' C38 B 6 10.44 -1.45 -11.57
O4' C38 B 6 9.74 -1.64 -12.80
C3' C38 B 6 11.89 -1.19 -11.94
O3' C38 B 6 12.68 -1.64 -10.85
C2' C38 B 6 12.08 -2.05 -13.19
C1' C38 B 6 10.67 -2.14 -13.78
N1 C38 B 6 10.49 -1.33 -15.01
C2 C38 B 6 10.97 -0.03 -15.00
O2 C38 B 6 11.52 0.42 -14.00
N3 C38 B 6 10.81 0.73 -16.13
C4 C38 B 6 10.20 0.23 -17.20
N4 C38 B 6 10.06 0.99 -18.28
C5 C38 B 6 9.70 -1.12 -17.22
C6 C38 B 6 9.87 -1.85 -16.10
I C38 B 6 8.75 -1.90 -18.90
H5'1 C38 B 6 8.81 -0.62 -10.45
H5'2 C38 B 6 10.41 -0.17 -9.86
H4' C38 B 6 10.38 -2.38 -11.00
H3' C38 B 6 12.04 -0.13 -12.15
H2'1 C38 B 6 12.77 -1.56 -13.88
H2'2 C38 B 6 12.45 -3.04 -12.91
H1' C38 B 6 10.44 -3.18 -14.01
H4N1 C38 B 6 10.42 1.93 -18.28
H4N2 C38 B 6 9.60 0.62 -19.11
H6 C38 B 6 9.49 -2.89 -16.07
ZN ZN C . 8.87 -4.03 -8.08
N MET A 1 5.34 14.99 9.64
CA MET A 1 4.42 15.10 8.48
C MET A 1 3.77 16.48 8.50
N ASP A 2 3.45 17.01 7.34
CA ASP A 2 2.80 18.34 7.31
C ASP A 2 1.29 18.15 7.13
N PRO A 3 0.49 19.03 7.67
CA PRO A 3 -0.99 18.91 7.58
C PRO A 3 -1.49 18.61 6.17
N PRO A 4 -0.98 19.29 5.17
CA PRO A 4 -1.40 19.10 3.76
C PRO A 4 -0.52 18.12 2.97
N THR A 5 0.59 17.69 3.52
CA THR A 5 1.47 16.75 2.76
C THR A 5 0.71 15.48 2.40
N PHE A 6 -0.04 14.93 3.32
CA PHE A 6 -0.79 13.68 3.00
C PHE A 6 -1.76 13.97 1.86
N THR A 7 -2.50 15.04 1.95
CA THR A 7 -3.47 15.38 0.87
C THR A 7 -2.69 15.67 -0.43
N PHE A 8 -1.56 16.31 -0.32
CA PHE A 8 -0.77 16.62 -1.53
C PHE A 8 -0.44 15.34 -2.29
N ASN A 9 0.09 14.36 -1.60
CA ASN A 9 0.43 13.08 -2.28
C ASN A 9 -0.84 12.49 -2.91
N PHE A 10 -1.93 12.50 -2.20
CA PHE A 10 -3.19 11.96 -2.76
C PHE A 10 -3.71 12.91 -3.86
N ASN A 11 -3.40 14.17 -3.72
CA ASN A 11 -3.86 15.17 -4.74
C ASN A 11 -2.93 15.15 -5.94
N ASN A 12 -2.23 14.06 -6.14
CA ASN A 12 -1.29 13.98 -7.30
C ASN A 12 -2.08 13.79 -8.60
N GLU A 13 -3.36 14.02 -8.56
CA GLU A 13 -4.20 13.84 -9.78
C GLU A 13 -3.58 14.62 -10.96
N PRO A 14 -3.11 15.82 -10.72
CA PRO A 14 -2.50 16.67 -11.77
C PRO A 14 -1.07 16.24 -12.14
N TRP A 15 -0.49 15.35 -11.39
CA TRP A 15 0.91 14.91 -11.69
C TRP A 15 0.99 14.37 -13.12
N VAL A 16 -0.12 14.20 -13.78
CA VAL A 16 -0.09 13.68 -15.18
C VAL A 16 0.58 14.73 -16.08
N ARG A 17 1.83 15.03 -15.85
CA ARG A 17 2.54 16.03 -16.69
C ARG A 17 3.66 15.34 -17.47
N GLY A 18 3.70 14.03 -17.44
CA GLY A 18 4.77 13.30 -18.16
C GLY A 18 5.88 12.92 -17.18
N ARG A 19 5.63 13.09 -15.90
CA ARG A 19 6.66 12.74 -14.87
C ARG A 19 6.12 11.61 -14.01
N HIS A 20 6.99 10.81 -13.45
CA HIS A 20 6.53 9.67 -12.61
C HIS A 20 6.82 9.96 -11.13
N GLU A 21 5.78 10.15 -10.36
CA GLU A 21 5.96 10.43 -8.91
C GLU A 21 5.21 9.37 -8.10
N THR A 22 5.84 8.78 -7.12
CA THR A 22 5.15 7.73 -6.31
C THR A 22 5.24 8.06 -4.81
N TYR A 23 4.16 7.95 -4.10
CA TYR A 23 4.19 8.24 -2.63
C TYR A 23 3.68 7.01 -1.89
N LEU A 24 4.49 6.43 -1.03
CA LEU A 24 4.05 5.23 -0.28
C LEU A 24 4.00 5.54 1.22
N CYS A 25 2.93 5.17 1.87
CA CYS A 25 2.80 5.41 3.34
C CYS A 25 2.60 4.07 4.03
N TYR A 26 3.36 3.79 5.06
CA TYR A 26 3.21 2.47 5.74
C TYR A 26 3.29 2.64 7.26
N GLU A 27 2.75 1.70 7.98
CA GLU A 27 2.78 1.74 9.47
C GLU A 27 3.24 0.38 9.99
N VAL A 28 3.75 0.33 11.19
CA VAL A 28 4.22 -0.96 11.75
C VAL A 28 3.57 -1.19 13.12
N GLU A 29 3.17 -2.41 13.40
CA GLU A 29 2.53 -2.70 14.71
C GLU A 29 3.22 -3.90 15.35
N ARG A 30 3.38 -3.89 16.65
CA ARG A 30 4.04 -5.04 17.32
C ARG A 30 3.00 -5.75 18.19
N MET A 31 2.78 -7.02 17.96
CA MET A 31 1.78 -7.77 18.76
C MET A 31 2.44 -8.97 19.44
N HIS A 32 2.24 -9.11 20.73
CA HIS A 32 2.83 -10.26 21.46
C HIS A 32 1.68 -11.11 22.03
N ASN A 33 1.82 -12.40 22.01
CA ASN A 33 0.72 -13.26 22.54
C ASN A 33 0.41 -12.89 23.98
N ASP A 34 1.41 -12.57 24.75
CA ASP A 34 1.15 -12.20 26.17
C ASP A 34 0.49 -10.82 26.24
N THR A 35 0.94 -9.90 25.42
CA THR A 35 0.35 -8.54 25.45
C THR A 35 0.31 -7.96 24.02
N TRP A 36 -0.51 -6.98 23.79
CA TRP A 36 -0.58 -6.37 22.44
C TRP A 36 0.04 -4.97 22.51
N VAL A 37 0.90 -4.65 21.58
CA VAL A 37 1.56 -3.30 21.60
C VAL A 37 1.26 -2.54 20.31
N LEU A 38 0.82 -1.32 20.43
CA LEU A 38 0.52 -0.52 19.21
C LEU A 38 1.68 0.44 18.92
N LEU A 39 2.40 0.21 17.87
CA LEU A 39 3.54 1.10 17.53
C LEU A 39 3.07 2.15 16.51
N ASN A 40 1.80 2.45 16.51
CA ASN A 40 1.27 3.45 15.54
C ASN A 40 1.97 4.79 15.74
N GLN A 41 2.45 5.06 16.92
CA GLN A 41 3.13 6.36 17.17
C GLN A 41 4.28 6.53 16.18
N ARG A 42 4.92 5.45 15.79
CA ARG A 42 6.04 5.57 14.81
C ARG A 42 5.52 5.30 13.40
N ARG A 43 5.76 6.20 12.49
CA ARG A 43 5.27 6.00 11.09
C ARG A 43 6.42 6.33 10.12
N GLY A 44 6.37 5.82 8.92
CA GLY A 44 7.47 6.13 7.95
C GLY A 44 6.91 6.21 6.53
N PHE A 45 7.70 6.69 5.61
CA PHE A 45 7.22 6.80 4.20
C PHE A 45 8.30 6.25 3.25
N LEU A 46 7.90 5.64 2.18
CA LEU A 46 8.89 5.09 1.20
C LEU A 46 8.62 5.68 -0.18
N CYS A 47 9.63 5.80 -1.01
CA CYS A 47 9.43 6.36 -2.37
C CYS A 47 9.96 5.38 -3.41
N ASN A 48 9.40 5.40 -4.59
CA ASN A 48 9.88 4.47 -5.65
C ASN A 48 11.00 5.13 -6.44
N GLN A 49 11.52 6.23 -5.95
CA GLN A 49 12.63 6.91 -6.68
C GLN A 49 13.96 6.57 -5.99
N ALA A 50 14.99 6.31 -6.75
CA ALA A 50 16.30 5.97 -6.13
C ALA A 50 16.84 7.20 -5.39
N PRO A 51 17.72 6.98 -4.45
CA PRO A 51 18.33 8.08 -3.64
C PRO A 51 19.08 9.08 -4.51
N HIS A 52 18.85 10.35 -4.31
CA HIS A 52 19.54 11.40 -5.11
C HIS A 52 21.02 11.48 -4.72
N LYS A 53 21.32 11.22 -3.49
CA LYS A 53 22.73 11.30 -3.01
C LYS A 53 23.66 10.39 -3.82
N HIS A 54 23.19 9.27 -4.28
CA HIS A 54 24.09 8.36 -5.04
C HIS A 54 24.33 8.90 -6.45
N GLY A 55 23.61 9.90 -6.87
CA GLY A 55 23.82 10.44 -8.24
C GLY A 55 22.51 10.30 -9.04
N PHE A 56 22.61 9.82 -10.25
CA PHE A 56 21.39 9.64 -11.09
C PHE A 56 20.61 8.43 -10.57
N LEU A 57 19.32 8.46 -10.69
CA LEU A 57 18.49 7.32 -10.20
C LEU A 57 19.01 6.02 -10.80
N GLU A 58 19.19 5.01 -10.01
CA GLU A 58 19.70 3.71 -10.56
C GLU A 58 18.54 2.71 -10.64
N GLY A 59 17.53 2.89 -9.83
CA GLY A 59 16.36 1.97 -9.89
C GLY A 59 15.94 1.54 -8.48
N ARG A 60 14.80 2.00 -8.04
CA ARG A 60 14.28 1.61 -6.70
C ARG A 60 12.75 1.58 -6.75
N HIS A 61 12.12 0.51 -6.31
CA HIS A 61 10.63 0.48 -6.36
C HIS A 61 10.08 0.71 -4.96
N ALA A 62 9.08 1.55 -4.83
CA ALA A 62 8.51 1.82 -3.49
C ALA A 62 7.89 0.54 -2.91
N GLU A 63 7.14 -0.17 -3.71
CA GLU A 63 6.49 -1.41 -3.20
C GLU A 63 7.55 -2.46 -2.83
N LEU A 64 8.58 -2.59 -3.63
CA LEU A 64 9.65 -3.59 -3.33
C LEU A 64 10.39 -3.20 -2.05
N CYS A 65 10.63 -1.93 -1.86
CA CYS A 65 11.37 -1.48 -0.65
C CYS A 65 10.58 -1.88 0.60
N PHE A 66 9.30 -1.70 0.59
CA PHE A 66 8.49 -2.06 1.77
C PHE A 66 8.59 -3.57 2.03
N LEU A 67 8.49 -4.36 0.99
CA LEU A 67 8.60 -5.84 1.18
C LEU A 67 9.96 -6.17 1.79
N ASP A 68 10.99 -5.49 1.36
CA ASP A 68 12.34 -5.76 1.91
C ASP A 68 12.45 -5.18 3.32
N VAL A 69 11.65 -4.20 3.63
CA VAL A 69 11.72 -3.57 4.98
C VAL A 69 11.24 -4.56 6.05
N ILE A 70 10.23 -5.35 5.77
CA ILE A 70 9.74 -6.30 6.79
C ILE A 70 10.90 -7.17 7.33
N PRO A 71 11.61 -7.89 6.47
CA PRO A 71 12.75 -8.73 6.93
C PRO A 71 13.87 -7.90 7.54
N PHE A 72 13.91 -6.62 7.22
CA PHE A 72 14.97 -5.74 7.78
C PHE A 72 14.66 -5.43 9.24
N TRP A 73 13.42 -5.51 9.63
CA TRP A 73 13.06 -5.22 11.05
C TRP A 73 13.30 -6.46 11.91
N LYS A 74 13.85 -7.50 11.32
CA LYS A 74 14.10 -8.75 12.11
C LYS A 74 12.91 -9.02 13.02
N LEU A 75 11.74 -9.18 12.46
CA LEU A 75 10.53 -9.45 13.29
C LEU A 75 10.59 -10.89 13.82
N ASP A 76 10.14 -11.09 15.03
CA ASP A 76 10.16 -12.47 15.61
C ASP A 76 9.04 -13.31 14.99
N LEU A 77 9.38 -14.47 14.51
CA LEU A 77 8.35 -15.35 13.89
C LEU A 77 7.37 -15.84 14.97
N ASP A 78 7.80 -15.91 16.19
CA ASP A 78 6.90 -16.39 17.29
C ASP A 78 5.99 -15.25 17.75
N GLN A 79 6.28 -14.04 17.36
CA GLN A 79 5.42 -12.90 17.77
C GLN A 79 4.60 -12.43 16.57
N ASP A 80 3.38 -12.03 16.78
CA ASP A 80 2.52 -11.58 15.65
C ASP A 80 2.84 -10.12 15.28
N TYR A 81 2.82 -9.81 14.02
CA TYR A 81 3.11 -8.41 13.59
C TYR A 81 2.09 -7.98 12.54
N ARG A 82 1.54 -6.80 12.67
CA ARG A 82 0.55 -6.34 11.65
C ARG A 82 1.12 -5.12 10.94
N VAL A 83 1.31 -5.21 9.65
CA VAL A 83 1.87 -4.05 8.88
C VAL A 83 0.91 -3.66 7.77
N THR A 84 0.68 -2.39 7.58
CA THR A 84 -0.25 -1.95 6.50
C THR A 84 0.48 -0.99 5.56
N CYS A 85 0.20 -1.08 4.29
CA CYS A 85 0.87 -0.18 3.30
C CYS A 85 -0.19 0.58 2.49
N PHE A 86 -0.08 1.88 2.42
CA PHE A 86 -1.08 2.66 1.65
C PHE A 86 -0.46 3.10 0.33
N THR A 87 -0.98 2.62 -0.77
CA THR A 87 -0.42 3.00 -2.10
C THR A 87 -1.58 3.21 -3.07
N SER A 88 -1.40 4.00 -4.09
CA SER A 88 -2.50 4.22 -5.07
C SER A 88 -1.99 3.99 -6.49
N TRP A 89 -1.68 2.75 -6.81
CA TRP A 89 -1.19 2.44 -8.19
C TRP A 89 -1.03 0.93 -8.35
N SER A 90 -0.97 0.45 -9.56
CA SER A 90 -0.81 -1.01 -9.78
C SER A 90 0.59 -1.44 -9.36
N PRO A 91 0.74 -2.60 -8.76
CA PRO A 91 2.07 -3.11 -8.32
C PRO A 91 2.94 -3.58 -9.49
N CYS A 92 4.23 -3.53 -9.35
CA CYS A 92 5.12 -3.97 -10.47
C CYS A 92 5.13 -5.50 -10.51
N PHE A 93 5.35 -6.08 -11.66
CA PHE A 93 5.36 -7.56 -11.78
C PHE A 93 6.43 -8.19 -10.89
N SER A 94 7.58 -7.56 -10.78
CA SER A 94 8.66 -8.15 -9.93
C SER A 94 8.22 -8.24 -8.47
N CYS A 95 7.43 -7.30 -8.02
CA CYS A 95 6.98 -7.36 -6.59
C CYS A 95 5.89 -8.41 -6.41
N ALA A 96 5.05 -8.59 -7.39
CA ALA A 96 3.96 -9.60 -7.27
C ALA A 96 4.55 -10.98 -6.98
N GLN A 97 5.56 -11.36 -7.69
CA GLN A 97 6.17 -12.70 -7.46
C GLN A 97 6.83 -12.76 -6.08
N GLU A 98 7.56 -11.73 -5.72
CA GLU A 98 8.23 -11.72 -4.39
C GLU A 98 7.19 -11.56 -3.28
N MET A 99 6.20 -10.76 -3.51
CA MET A 99 5.17 -10.53 -2.47
C MET A 99 4.49 -11.84 -2.07
N ALA A 100 4.16 -12.67 -3.04
CA ALA A 100 3.51 -13.96 -2.70
C ALA A 100 4.46 -14.84 -1.90
N LYS A 101 5.68 -14.95 -2.34
CA LYS A 101 6.67 -15.79 -1.60
C LYS A 101 6.93 -15.19 -0.21
N PHE A 102 6.86 -13.89 -0.08
CA PHE A 102 7.12 -13.26 1.24
C PHE A 102 6.19 -13.81 2.31
N ILE A 103 4.90 -13.79 2.07
CA ILE A 103 3.96 -14.31 3.08
C ILE A 103 4.25 -15.78 3.36
N SER A 104 4.59 -16.53 2.36
CA SER A 104 4.89 -17.97 2.57
C SER A 104 6.03 -18.10 3.58
N LYS A 105 6.97 -17.20 3.53
CA LYS A 105 8.12 -17.25 4.48
C LYS A 105 7.69 -16.76 5.85
N ASN A 106 6.69 -15.92 5.91
CA ASN A 106 6.23 -15.39 7.23
C ASN A 106 4.71 -15.18 7.19
N LYS A 107 3.97 -16.19 7.51
CA LYS A 107 2.48 -16.06 7.48
C LYS A 107 2.00 -15.49 8.82
N HIS A 108 2.89 -15.28 9.74
CA HIS A 108 2.48 -14.73 11.06
C HIS A 108 2.30 -13.21 10.98
N VAL A 109 2.66 -12.61 9.88
CA VAL A 109 2.51 -11.15 9.74
C VAL A 109 1.24 -10.81 8.97
N SER A 110 0.51 -9.83 9.41
CA SER A 110 -0.73 -9.45 8.66
C SER A 110 -0.40 -8.32 7.69
N LEU A 111 -0.35 -8.63 6.43
CA LEU A 111 -0.02 -7.58 5.42
C LEU A 111 -1.27 -7.16 4.64
N CYS A 112 -1.56 -5.89 4.61
CA CYS A 112 -2.76 -5.42 3.86
C CYS A 112 -2.35 -4.25 2.96
N ILE A 113 -2.61 -4.36 1.69
CA ILE A 113 -2.23 -3.25 0.75
C ILE A 113 -3.48 -2.66 0.12
N PHE A 114 -3.66 -1.38 0.21
CA PHE A 114 -4.88 -0.75 -0.39
C PHE A 114 -4.50 0.02 -1.66
N THR A 115 -5.19 -0.23 -2.74
CA THR A 115 -4.88 0.50 -4.01
C THR A 115 -6.08 1.37 -4.39
N ALA A 116 -5.87 2.66 -4.53
CA ALA A 116 -7.02 3.54 -4.90
C ALA A 116 -7.49 3.18 -6.31
N ARG A 117 -6.58 3.00 -7.23
CA ARG A 117 -6.96 2.63 -8.61
C ARG A 117 -5.99 1.58 -9.15
N ILE A 118 -6.48 0.64 -9.90
CA ILE A 118 -5.58 -0.42 -10.46
C ILE A 118 -5.53 -0.30 -11.98
N TYR A 119 -4.37 -0.12 -12.53
CA TYR A 119 -4.25 0.00 -14.02
C TYR A 119 -3.56 -1.25 -14.58
N ASP A 120 -4.24 -2.00 -15.40
CA ASP A 120 -3.62 -3.22 -15.98
C ASP A 120 -2.88 -2.84 -17.27
N ASP A 121 -1.60 -3.03 -17.31
CA ASP A 121 -0.84 -2.68 -18.54
C ASP A 121 -1.40 -3.46 -19.73
N GLN A 122 -1.73 -4.71 -19.54
CA GLN A 122 -2.28 -5.53 -20.65
C GLN A 122 -2.87 -6.82 -20.09
N GLY A 123 -3.81 -7.41 -20.79
CA GLY A 123 -4.41 -8.68 -20.29
C GLY A 123 -3.44 -9.83 -20.49
N ARG A 124 -2.87 -10.34 -19.44
CA ARG A 124 -1.89 -11.47 -19.58
C ARG A 124 -1.58 -12.04 -18.19
N CYS A 125 -1.04 -11.24 -17.32
CA CYS A 125 -0.71 -11.73 -15.96
C CYS A 125 -1.99 -11.83 -15.13
N GLN A 126 -3.08 -12.17 -15.74
CA GLN A 126 -4.36 -12.28 -14.99
C GLN A 126 -4.18 -13.27 -13.84
N GLU A 127 -3.40 -14.29 -14.05
CA GLU A 127 -3.17 -15.30 -12.98
C GLU A 127 -2.49 -14.62 -11.79
N GLY A 128 -1.59 -13.73 -12.06
CA GLY A 128 -0.87 -13.03 -10.95
C GLY A 128 -1.89 -12.32 -10.06
N LEU A 129 -2.91 -11.74 -10.64
CA LEU A 129 -3.93 -11.04 -9.82
C LEU A 129 -4.60 -12.05 -8.90
N ARG A 130 -4.97 -13.19 -9.41
CA ARG A 130 -5.63 -14.21 -8.55
C ARG A 130 -4.63 -14.70 -7.50
N THR A 131 -3.43 -14.97 -7.91
CA THR A 131 -2.40 -15.44 -6.95
C THR A 131 -2.08 -14.31 -5.97
N LEU A 132 -2.02 -13.11 -6.45
CA LEU A 132 -1.72 -11.95 -5.57
C LEU A 132 -2.78 -11.86 -4.47
N ALA A 133 -4.02 -12.08 -4.79
CA ALA A 133 -5.06 -12.00 -3.72
C ALA A 133 -4.83 -13.13 -2.71
N GLU A 134 -4.48 -14.29 -3.19
CA GLU A 134 -4.25 -15.43 -2.26
C GLU A 134 -2.91 -15.29 -1.53
N ALA A 135 -1.85 -15.06 -2.26
CA ALA A 135 -0.51 -14.94 -1.60
C ALA A 135 -0.04 -13.49 -1.58
N GLY A 136 -0.59 -12.64 -2.40
CA GLY A 136 -0.14 -11.22 -2.40
C GLY A 136 -0.85 -10.47 -1.28
N ALA A 137 -1.02 -11.11 -0.16
CA ALA A 137 -1.69 -10.45 0.99
C ALA A 137 -3.09 -9.98 0.60
N LYS A 138 -3.81 -9.43 1.53
CA LYS A 138 -5.19 -8.96 1.24
C LYS A 138 -5.15 -7.58 0.60
N ILE A 139 -5.86 -7.38 -0.49
CA ILE A 139 -5.87 -6.05 -1.15
C ILE A 139 -7.31 -5.55 -1.31
N SER A 140 -7.52 -4.29 -1.08
CA SER A 140 -8.89 -3.72 -1.20
C SER A 140 -8.81 -2.34 -1.83
N ILE A 141 -9.90 -1.84 -2.35
CA ILE A 141 -9.86 -0.49 -2.98
C ILE A 141 -9.91 0.57 -1.88
N MET A 142 -9.18 1.64 -2.04
CA MET A 142 -9.17 2.69 -1.00
C MET A 142 -10.53 3.39 -0.95
N THR A 143 -11.08 3.53 0.23
CA THR A 143 -12.42 4.19 0.37
C THR A 143 -12.26 5.48 1.18
N TYR A 144 -13.18 6.38 1.06
CA TYR A 144 -13.08 7.66 1.82
C TYR A 144 -12.91 7.36 3.31
N SER A 145 -13.60 6.37 3.82
CA SER A 145 -13.48 6.04 5.27
C SER A 145 -12.02 5.68 5.57
N GLU A 146 -11.41 4.89 4.74
CA GLU A 146 -10.00 4.50 4.97
C GLU A 146 -9.13 5.76 4.89
N PHE A 147 -9.49 6.67 4.04
CA PHE A 147 -8.72 7.92 3.91
C PHE A 147 -8.71 8.65 5.26
N LYS A 148 -9.82 8.64 5.95
CA LYS A 148 -9.89 9.33 7.26
C LYS A 148 -8.84 8.75 8.22
N HIS A 149 -8.66 7.46 8.20
CA HIS A 149 -7.66 6.84 9.11
C HIS A 149 -6.25 7.34 8.79
N CYS A 150 -5.84 7.26 7.55
CA CYS A 150 -4.47 7.74 7.20
C CYS A 150 -4.39 9.24 7.45
N TRP A 151 -5.46 9.93 7.16
CA TRP A 151 -5.49 11.41 7.37
C TRP A 151 -5.19 11.73 8.84
N ASP A 152 -5.82 11.06 9.75
CA ASP A 152 -5.55 11.35 11.20
C ASP A 152 -4.25 10.69 11.67
N THR A 153 -4.05 9.45 11.33
CA THR A 153 -2.83 8.72 11.80
C THR A 153 -1.56 9.16 11.06
N PHE A 154 -1.58 9.20 9.76
CA PHE A 154 -0.33 9.57 9.01
C PHE A 154 0.00 11.05 9.17
N VAL A 155 -0.98 11.90 9.19
CA VAL A 155 -0.67 13.37 9.33
C VAL A 155 -1.50 13.97 10.46
N ASP A 156 -0.90 14.87 11.21
CA ASP A 156 -1.64 15.50 12.32
C ASP A 156 -2.63 16.51 11.75
N HIS A 157 -3.85 16.09 11.58
CA HIS A 157 -4.88 17.00 11.00
C HIS A 157 -5.22 18.11 12.00
N GLN A 158 -4.67 18.04 13.19
CA GLN A 158 -4.98 19.09 14.20
C GLN A 158 -4.77 20.47 13.58
N GLY A 159 -5.84 21.20 13.40
CA GLY A 159 -5.73 22.56 12.80
C GLY A 159 -6.00 22.47 11.29
N CYS A 160 -5.88 21.31 10.72
CA CYS A 160 -6.14 21.15 9.27
C CYS A 160 -7.16 20.03 9.05
N PRO A 161 -8.43 20.35 9.10
CA PRO A 161 -9.51 19.35 8.89
C PRO A 161 -9.60 18.88 7.44
N PHE A 162 -9.87 17.61 7.23
CA PHE A 162 -10.00 17.10 5.84
C PHE A 162 -11.48 17.00 5.48
N GLN A 163 -11.85 17.47 4.31
CA GLN A 163 -13.28 17.42 3.90
C GLN A 163 -13.45 16.34 2.82
N PRO A 164 -13.95 15.17 3.18
CA PRO A 164 -14.16 14.06 2.20
C PRO A 164 -15.41 14.26 1.34
N TRP A 165 -15.38 13.78 0.13
CA TRP A 165 -16.56 13.92 -0.78
C TRP A 165 -16.89 12.56 -1.39
N ASP A 166 -18.08 12.41 -1.93
CA ASP A 166 -18.44 11.10 -2.53
C ASP A 166 -17.96 11.04 -3.98
N GLY A 167 -16.87 11.70 -4.27
CA GLY A 167 -16.33 11.66 -5.66
C GLY A 167 -15.47 10.41 -5.83
N LEU A 168 -14.49 10.24 -4.98
CA LEU A 168 -13.62 9.04 -5.07
C LEU A 168 -14.47 7.79 -4.86
N ASP A 169 -15.46 7.86 -4.00
CA ASP A 169 -16.32 6.68 -3.75
C ASP A 169 -17.04 6.29 -5.04
N GLU A 170 -17.53 7.25 -5.78
CA GLU A 170 -18.23 6.91 -7.04
C GLU A 170 -17.23 6.29 -8.02
N HIS A 171 -16.06 6.86 -8.12
CA HIS A 171 -15.03 6.30 -9.03
C HIS A 171 -14.60 4.94 -8.50
N SER A 172 -14.44 4.82 -7.21
CA SER A 172 -14.02 3.52 -6.62
C SER A 172 -15.05 2.45 -6.97
N GLN A 173 -16.30 2.80 -7.01
CA GLN A 173 -17.34 1.79 -7.35
C GLN A 173 -17.04 1.21 -8.73
N ASP A 174 -16.67 2.05 -9.66
CA ASP A 174 -16.37 1.55 -11.03
C ASP A 174 -15.18 0.58 -10.97
N LEU A 175 -14.17 0.92 -10.22
CA LEU A 175 -12.99 0.01 -10.11
C LEU A 175 -13.40 -1.29 -9.43
N SER A 176 -14.28 -1.21 -8.47
CA SER A 176 -14.73 -2.44 -7.77
C SER A 176 -15.32 -3.41 -8.78
N GLY A 177 -16.00 -2.91 -9.77
CA GLY A 177 -16.60 -3.80 -10.80
C GLY A 177 -15.50 -4.55 -11.53
N ARG A 178 -14.52 -3.85 -12.05
CA ARG A 178 -13.41 -4.53 -12.77
C ARG A 178 -12.66 -5.45 -11.80
N LEU A 179 -12.35 -4.98 -10.63
CA LEU A 179 -11.62 -5.84 -9.67
C LEU A 179 -12.49 -7.03 -9.29
N ARG A 180 -13.77 -6.83 -9.18
CA ARG A 180 -14.67 -7.96 -8.84
C ARG A 180 -14.50 -9.07 -9.88
N ALA A 181 -14.33 -8.68 -11.12
CA ALA A 181 -14.16 -9.69 -12.21
C ALA A 181 -12.96 -10.57 -11.90
N ILE A 182 -11.90 -9.99 -11.40
CA ILE A 182 -10.70 -10.80 -11.08
C ILE A 182 -11.07 -11.85 -10.04
N LEU A 183 -11.67 -11.44 -8.96
CA LEU A 183 -12.07 -12.39 -7.90
C LEU A 183 -13.23 -13.26 -8.40
N GLN A 184 -14.10 -12.71 -9.20
CA GLN A 184 -15.25 -13.51 -9.72
C GLN A 184 -14.74 -14.66 -10.57
N ASN A 185 -13.62 -14.48 -11.22
CA ASN A 185 -13.07 -15.57 -12.07
C ASN A 185 -12.41 -16.61 -11.19
N GLN A 186 -12.58 -16.50 -9.90
CA GLN A 186 -11.96 -17.50 -8.99
C GLN A 186 -12.36 -18.90 -9.48
N GLU A 187 -11.50 -19.54 -10.22
CA GLU A 187 -11.83 -20.88 -10.75
C GLU A 187 -11.88 -21.88 -9.59
N ASN A 188 -12.86 -22.73 -9.59
CA ASN A 188 -12.98 -23.74 -8.50
C ASN A 188 -11.83 -24.74 -8.60
P C38 B 6 9.23 2.72 -10.40
O1P C38 B 6 9.95 3.00 -9.13
O2P C38 B 6 9.20 3.75 -11.47
O5' C38 B 6 9.84 1.36 -11.03
C5' C38 B 6 9.83 0.16 -10.28
C4' C38 B 6 10.47 -0.99 -11.05
O4' C38 B 6 9.85 -1.16 -12.32
C3' C38 B 6 11.93 -0.78 -11.31
O3' C38 B 6 12.64 -1.27 -10.17
C2' C38 B 6 12.20 -1.59 -12.56
C1' C38 B 6 10.82 -1.67 -13.24
N1 C38 B 6 10.71 -0.89 -14.49
C2 C38 B 6 11.66 -1.11 -15.47
O2 C38 B 6 12.54 -1.94 -15.31
N3 C38 B 6 11.57 -0.38 -16.61
C4 C38 B 6 10.60 0.53 -16.79
N4 C38 B 6 10.54 1.23 -17.92
C5 C38 B 6 9.61 0.75 -15.78
C6 C38 B 6 9.70 0.03 -14.64
I C38 B 6 8.08 2.16 -16.04
H5'1 C38 B 6 8.82 -0.12 -10.05
H5'2 C38 B 6 10.38 0.30 -9.36
H4' C38 B 6 10.35 -1.91 -10.48
H3' C38 B 6 12.16 0.28 -11.48
H2'1 C38 B 6 12.91 -1.07 -13.20
H2'2 C38 B 6 12.56 -2.59 -12.30
H1' C38 B 6 10.60 -2.71 -13.46
H4N1 C38 B 6 11.24 1.07 -18.64
H4N2 C38 B 6 9.81 1.91 -18.07
H6 C38 B 6 8.96 0.17 -13.85
ZN ZN C . 8.42 -3.64 -7.41
N MET A 1 6.00 14.30 10.79
CA MET A 1 4.99 14.54 9.72
C MET A 1 5.34 15.81 8.95
N ASP A 2 5.30 15.76 7.65
CA ASP A 2 5.60 16.95 6.84
C ASP A 2 4.28 17.56 6.39
N PRO A 3 4.29 18.80 5.95
CA PRO A 3 3.05 19.47 5.50
C PRO A 3 2.10 18.45 4.86
N PRO A 4 0.82 18.71 4.87
CA PRO A 4 -0.21 17.79 4.33
C PRO A 4 0.32 16.83 3.26
N THR A 5 1.13 15.86 3.66
CA THR A 5 1.69 14.89 2.69
C THR A 5 0.59 13.96 2.19
N PHE A 6 -0.26 13.51 3.07
CA PHE A 6 -1.35 12.60 2.62
C PHE A 6 -2.24 13.34 1.63
N THR A 7 -2.60 14.54 1.96
CA THR A 7 -3.45 15.34 1.03
C THR A 7 -2.67 15.62 -0.24
N PHE A 8 -1.43 16.04 -0.11
CA PHE A 8 -0.62 16.33 -1.33
C PHE A 8 -0.44 15.04 -2.12
N ASN A 9 -0.07 13.99 -1.45
CA ASN A 9 0.13 12.69 -2.14
C ASN A 9 -1.17 12.25 -2.82
N PHE A 10 -2.27 12.33 -2.14
CA PHE A 10 -3.56 11.93 -2.77
C PHE A 10 -3.99 12.98 -3.79
N ASN A 11 -3.56 14.20 -3.61
CA ASN A 11 -3.93 15.27 -4.59
C ASN A 11 -2.97 15.22 -5.77
N ASN A 12 -2.37 14.08 -6.00
CA ASN A 12 -1.41 13.95 -7.14
C ASN A 12 -2.19 13.83 -8.45
N GLU A 13 -3.45 14.16 -8.44
CA GLU A 13 -4.28 14.07 -9.68
C GLU A 13 -3.58 14.80 -10.83
N PRO A 14 -3.03 15.97 -10.57
CA PRO A 14 -2.32 16.78 -11.59
C PRO A 14 -0.92 16.25 -11.95
N TRP A 15 -0.42 15.31 -11.19
CA TRP A 15 0.94 14.77 -11.48
C TRP A 15 1.01 14.22 -12.91
N VAL A 16 -0.10 14.12 -13.58
CA VAL A 16 -0.08 13.59 -14.97
C VAL A 16 0.74 14.54 -15.86
N ARG A 17 2.03 14.61 -15.64
CA ARG A 17 2.88 15.51 -16.46
C ARG A 17 3.89 14.68 -17.26
N GLY A 18 3.76 13.37 -17.21
CA GLY A 18 4.72 12.51 -17.96
C GLY A 18 5.85 12.07 -17.03
N ARG A 19 5.69 12.26 -15.75
CA ARG A 19 6.76 11.86 -14.78
C ARG A 19 6.22 10.77 -13.86
N HIS A 20 7.08 9.94 -13.33
CA HIS A 20 6.61 8.85 -12.42
C HIS A 20 6.83 9.27 -10.96
N GLU A 21 5.79 9.67 -10.29
CA GLU A 21 5.94 10.06 -8.85
C GLU A 21 5.03 9.17 -8.00
N THR A 22 5.59 8.49 -7.04
CA THR A 22 4.76 7.60 -6.16
C THR A 22 5.03 7.91 -4.69
N TYR A 23 4.00 7.92 -3.88
CA TYR A 23 4.19 8.18 -2.42
C TYR A 23 3.57 7.03 -1.64
N LEU A 24 4.34 6.37 -0.81
CA LEU A 24 3.78 5.23 -0.03
C LEU A 24 3.93 5.50 1.48
N CYS A 25 2.89 5.25 2.22
CA CYS A 25 2.95 5.46 3.70
C CYS A 25 2.68 4.12 4.39
N TYR A 26 3.49 3.75 5.35
CA TYR A 26 3.28 2.45 6.03
C TYR A 26 3.37 2.61 7.55
N GLU A 27 2.76 1.71 8.27
CA GLU A 27 2.79 1.76 9.75
C GLU A 27 3.15 0.36 10.27
N VAL A 28 3.64 0.27 11.48
CA VAL A 28 4.02 -1.07 12.03
C VAL A 28 3.33 -1.26 13.39
N GLU A 29 2.85 -2.45 13.64
CA GLU A 29 2.15 -2.71 14.94
C GLU A 29 2.70 -4.00 15.55
N ARG A 30 2.73 -4.09 16.86
CA ARG A 30 3.26 -5.33 17.51
C ARG A 30 2.08 -6.04 18.19
N MET A 31 1.90 -7.30 17.90
CA MET A 31 0.77 -8.05 18.49
C MET A 31 1.27 -9.29 19.25
N HIS A 32 0.84 -9.45 20.46
CA HIS A 32 1.24 -10.65 21.25
C HIS A 32 -0.02 -11.35 21.75
N ASN A 33 -0.08 -12.65 21.69
CA ASN A 33 -1.31 -13.37 22.13
C ASN A 33 -1.63 -13.01 23.59
N ASP A 34 -0.62 -12.90 24.41
CA ASP A 34 -0.87 -12.57 25.84
C ASP A 34 -1.28 -11.09 25.99
N THR A 35 -0.71 -10.22 25.21
CA THR A 35 -1.06 -8.79 25.32
C THR A 35 -1.06 -8.12 23.94
N TRP A 36 -1.67 -6.98 23.83
CA TRP A 36 -1.70 -6.27 22.52
C TRP A 36 -0.90 -4.97 22.64
N VAL A 37 0.00 -4.73 21.74
CA VAL A 37 0.83 -3.48 21.81
C VAL A 37 0.65 -2.65 20.54
N LEU A 38 0.41 -1.38 20.69
CA LEU A 38 0.24 -0.52 19.48
C LEU A 38 1.53 0.25 19.22
N LEU A 39 2.22 -0.08 18.16
CA LEU A 39 3.48 0.62 17.82
C LEU A 39 3.17 1.72 16.80
N ASN A 40 1.97 2.23 16.81
CA ASN A 40 1.58 3.29 15.85
C ASN A 40 2.48 4.51 16.03
N GLN A 41 3.01 4.69 17.21
CA GLN A 41 3.90 5.87 17.46
C GLN A 41 5.03 5.87 16.43
N ARG A 42 5.47 4.71 16.02
CA ARG A 42 6.57 4.65 15.01
C ARG A 42 5.98 4.49 13.60
N ARG A 43 6.39 5.32 12.68
CA ARG A 43 5.85 5.22 11.29
C ARG A 43 6.87 5.80 10.31
N GLY A 44 6.72 5.56 9.04
CA GLY A 44 7.69 6.11 8.06
C GLY A 44 7.02 6.26 6.69
N PHE A 45 7.77 6.70 5.71
CA PHE A 45 7.18 6.88 4.35
C PHE A 45 8.08 6.17 3.32
N LEU A 46 7.55 5.80 2.19
CA LEU A 46 8.37 5.11 1.16
C LEU A 46 8.13 5.76 -0.22
N CYS A 47 9.13 5.78 -1.05
CA CYS A 47 8.95 6.40 -2.40
C CYS A 47 9.54 5.47 -3.48
N ASN A 48 9.01 5.53 -4.67
CA ASN A 48 9.53 4.66 -5.77
C ASN A 48 10.66 5.39 -6.50
N GLN A 49 11.15 6.47 -5.95
CA GLN A 49 12.25 7.21 -6.61
C GLN A 49 13.59 6.74 -6.05
N ALA A 50 14.57 6.55 -6.89
CA ALA A 50 15.90 6.09 -6.41
C ALA A 50 16.63 7.24 -5.71
N PRO A 51 17.59 6.92 -4.88
CA PRO A 51 18.37 7.93 -4.11
C PRO A 51 19.15 8.89 -5.03
N HIS A 52 18.86 10.16 -4.91
CA HIS A 52 19.57 11.17 -5.76
C HIS A 52 21.03 11.33 -5.31
N LYS A 53 21.28 11.14 -4.04
CA LYS A 53 22.68 11.32 -3.52
C LYS A 53 23.66 10.41 -4.26
N HIS A 54 23.26 9.24 -4.65
CA HIS A 54 24.21 8.32 -5.33
C HIS A 54 24.43 8.79 -6.77
N GLY A 55 23.68 9.75 -7.23
CA GLY A 55 23.86 10.23 -8.64
C GLY A 55 22.52 10.19 -9.37
N PHE A 56 22.51 9.69 -10.58
CA PHE A 56 21.24 9.62 -11.36
C PHE A 56 20.38 8.50 -10.79
N LEU A 57 19.09 8.57 -11.00
CA LEU A 57 18.20 7.50 -10.45
C LEU A 57 18.58 6.18 -11.11
N GLU A 58 18.68 5.13 -10.34
CA GLU A 58 19.05 3.83 -10.96
C GLU A 58 17.82 2.93 -11.02
N GLY A 59 16.85 3.16 -10.18
CA GLY A 59 15.62 2.34 -10.21
C GLY A 59 15.26 1.80 -8.81
N ARG A 60 14.16 2.27 -8.27
CA ARG A 60 13.70 1.79 -6.94
C ARG A 60 12.17 1.79 -6.90
N HIS A 61 11.52 0.73 -6.49
CA HIS A 61 10.03 0.74 -6.47
C HIS A 61 9.53 1.05 -5.07
N ALA A 62 8.52 1.87 -4.95
CA ALA A 62 7.98 2.21 -3.61
C ALA A 62 7.41 0.94 -2.96
N GLU A 63 6.65 0.19 -3.70
CA GLU A 63 6.05 -1.06 -3.15
C GLU A 63 7.15 -2.06 -2.80
N LEU A 64 8.16 -2.15 -3.63
CA LEU A 64 9.28 -3.12 -3.37
C LEU A 64 10.03 -2.72 -2.11
N CYS A 65 10.23 -1.44 -1.91
CA CYS A 65 10.98 -0.98 -0.70
C CYS A 65 10.26 -1.42 0.57
N PHE A 66 8.97 -1.32 0.60
CA PHE A 66 8.22 -1.72 1.83
C PHE A 66 8.45 -3.20 2.12
N LEU A 67 8.43 -4.02 1.11
CA LEU A 67 8.64 -5.48 1.35
C LEU A 67 10.00 -5.69 2.03
N ASP A 68 10.99 -4.93 1.63
CA ASP A 68 12.35 -5.08 2.25
C ASP A 68 12.34 -4.48 3.67
N VAL A 69 11.44 -3.58 3.94
CA VAL A 69 11.39 -2.95 5.29
C VAL A 69 10.98 -3.99 6.34
N ILE A 70 10.07 -4.87 6.02
CA ILE A 70 9.63 -5.88 7.03
C ILE A 70 10.83 -6.66 7.58
N PRO A 71 11.62 -7.31 6.74
CA PRO A 71 12.81 -8.08 7.21
C PRO A 71 13.84 -7.17 7.91
N PHE A 72 13.79 -5.89 7.63
CA PHE A 72 14.77 -4.96 8.26
C PHE A 72 14.39 -4.74 9.73
N TRP A 73 13.15 -4.92 10.08
CA TRP A 73 12.74 -4.71 11.50
C TRP A 73 13.03 -5.99 12.29
N LYS A 74 13.52 -7.00 11.64
CA LYS A 74 13.83 -8.28 12.36
C LYS A 74 12.72 -8.59 13.36
N LEU A 75 11.50 -8.62 12.92
CA LEU A 75 10.38 -8.92 13.85
C LEU A 75 10.44 -10.39 14.28
N ASP A 76 10.03 -10.69 15.48
CA ASP A 76 10.07 -12.10 15.95
C ASP A 76 9.03 -12.94 15.20
N LEU A 77 9.46 -14.05 14.65
CA LEU A 77 8.52 -14.92 13.89
C LEU A 77 7.50 -15.56 14.84
N ASP A 78 7.86 -15.73 16.09
CA ASP A 78 6.92 -16.36 17.06
C ASP A 78 5.92 -15.32 17.57
N GLN A 79 6.17 -14.08 17.31
CA GLN A 79 5.23 -13.02 17.77
C GLN A 79 4.37 -12.56 16.60
N ASP A 80 3.13 -12.25 16.83
CA ASP A 80 2.24 -11.80 15.72
C ASP A 80 2.58 -10.36 15.33
N TYR A 81 2.55 -10.05 14.06
CA TYR A 81 2.86 -8.67 13.62
C TYR A 81 1.83 -8.21 12.58
N ARG A 82 1.35 -7.01 12.71
CA ARG A 82 0.36 -6.49 11.72
C ARG A 82 0.96 -5.25 11.05
N VAL A 83 1.18 -5.30 9.76
CA VAL A 83 1.76 -4.15 9.05
C VAL A 83 0.82 -3.71 7.92
N THR A 84 0.61 -2.43 7.78
CA THR A 84 -0.31 -1.95 6.70
C THR A 84 0.41 -0.93 5.82
N CYS A 85 0.13 -0.93 4.54
CA CYS A 85 0.79 0.04 3.62
C CYS A 85 -0.28 0.82 2.85
N PHE A 86 -0.17 2.12 2.81
CA PHE A 86 -1.17 2.93 2.07
C PHE A 86 -0.56 3.39 0.75
N THR A 87 -1.02 2.85 -0.34
CA THR A 87 -0.48 3.25 -1.66
C THR A 87 -1.65 3.34 -2.63
N SER A 88 -1.53 4.12 -3.68
CA SER A 88 -2.67 4.23 -4.64
C SER A 88 -2.17 3.96 -6.05
N TRP A 89 -1.78 2.74 -6.34
CA TRP A 89 -1.31 2.39 -7.72
C TRP A 89 -1.05 0.89 -7.80
N SER A 90 -0.79 0.40 -8.99
CA SER A 90 -0.52 -1.06 -9.15
C SER A 90 1.00 -1.32 -9.03
N PRO A 91 1.38 -2.38 -8.36
CA PRO A 91 2.83 -2.73 -8.20
C PRO A 91 3.45 -3.27 -9.50
N CYS A 92 4.75 -3.15 -9.64
CA CYS A 92 5.39 -3.65 -10.89
C CYS A 92 5.32 -5.19 -10.90
N PHE A 93 5.47 -5.79 -12.05
CA PHE A 93 5.40 -7.27 -12.13
C PHE A 93 6.40 -7.90 -11.15
N SER A 94 7.59 -7.38 -11.08
CA SER A 94 8.60 -7.96 -10.14
C SER A 94 8.05 -7.91 -8.71
N CYS A 95 7.34 -6.87 -8.38
CA CYS A 95 6.78 -6.75 -7.01
C CYS A 95 5.71 -7.83 -6.77
N ALA A 96 4.95 -8.16 -7.79
CA ALA A 96 3.88 -9.18 -7.62
C ALA A 96 4.48 -10.51 -7.16
N GLN A 97 5.51 -10.97 -7.80
CA GLN A 97 6.13 -12.27 -7.39
C GLN A 97 6.76 -12.14 -6.00
N GLU A 98 7.36 -11.03 -5.70
CA GLU A 98 8.02 -10.87 -4.37
C GLU A 98 6.97 -10.84 -3.24
N MET A 99 5.87 -10.17 -3.44
CA MET A 99 4.84 -10.11 -2.35
C MET A 99 4.29 -11.51 -2.06
N ALA A 100 4.09 -12.31 -3.06
CA ALA A 100 3.54 -13.67 -2.81
C ALA A 100 4.57 -14.53 -2.07
N LYS A 101 5.80 -14.54 -2.53
CA LYS A 101 6.84 -15.36 -1.85
C LYS A 101 7.11 -14.83 -0.43
N PHE A 102 7.03 -13.55 -0.23
CA PHE A 102 7.29 -12.98 1.12
C PHE A 102 6.34 -13.56 2.16
N ILE A 103 5.06 -13.48 1.94
CA ILE A 103 4.11 -14.02 2.94
C ILE A 103 4.36 -15.50 3.15
N SER A 104 4.70 -16.20 2.11
CA SER A 104 4.95 -17.66 2.26
C SER A 104 6.03 -17.88 3.32
N LYS A 105 7.02 -17.02 3.36
CA LYS A 105 8.09 -17.17 4.39
C LYS A 105 7.59 -16.66 5.75
N ASN A 106 6.62 -15.79 5.75
CA ASN A 106 6.10 -15.25 7.03
C ASN A 106 4.58 -15.11 6.95
N LYS A 107 3.87 -16.18 7.21
CA LYS A 107 2.40 -16.12 7.15
C LYS A 107 1.83 -15.65 8.50
N HIS A 108 2.68 -15.46 9.47
CA HIS A 108 2.19 -15.02 10.81
C HIS A 108 1.98 -13.50 10.82
N VAL A 109 2.41 -12.81 9.80
CA VAL A 109 2.23 -11.34 9.76
C VAL A 109 1.00 -10.99 8.94
N SER A 110 0.21 -10.06 9.41
CA SER A 110 -0.99 -9.65 8.64
C SER A 110 -0.63 -8.45 7.77
N LEU A 111 -0.53 -8.64 6.49
CA LEU A 111 -0.16 -7.51 5.58
C LEU A 111 -1.39 -7.10 4.76
N CYS A 112 -1.73 -5.83 4.77
CA CYS A 112 -2.90 -5.37 3.98
C CYS A 112 -2.50 -4.16 3.15
N ILE A 113 -2.71 -4.21 1.86
CA ILE A 113 -2.34 -3.04 1.00
C ILE A 113 -3.61 -2.45 0.38
N PHE A 114 -3.83 -1.18 0.54
CA PHE A 114 -5.05 -0.56 -0.04
C PHE A 114 -4.66 0.24 -1.28
N THR A 115 -5.29 -0.05 -2.40
CA THR A 115 -4.96 0.72 -3.64
C THR A 115 -6.16 1.56 -4.05
N ALA A 116 -6.02 2.85 -4.05
CA ALA A 116 -7.16 3.72 -4.46
C ALA A 116 -7.48 3.45 -5.93
N ARG A 117 -6.48 3.20 -6.72
CA ARG A 117 -6.72 2.91 -8.16
C ARG A 117 -5.81 1.76 -8.58
N ILE A 118 -6.30 0.88 -9.42
CA ILE A 118 -5.48 -0.28 -9.86
C ILE A 118 -5.28 -0.23 -11.38
N TYR A 119 -4.07 -0.20 -11.84
CA TYR A 119 -3.82 -0.17 -13.30
C TYR A 119 -3.47 -1.59 -13.78
N ASP A 120 -4.08 -2.05 -14.85
CA ASP A 120 -3.76 -3.40 -15.35
C ASP A 120 -2.50 -3.35 -16.21
N ASP A 121 -1.45 -4.02 -15.81
CA ASP A 121 -0.19 -3.98 -16.60
C ASP A 121 -0.44 -4.50 -18.02
N GLN A 122 -1.15 -5.59 -18.14
CA GLN A 122 -1.43 -6.14 -19.50
C GLN A 122 -2.47 -7.26 -19.39
N GLY A 123 -2.94 -7.76 -20.49
CA GLY A 123 -3.95 -8.86 -20.45
C GLY A 123 -3.24 -10.19 -20.20
N ARG A 124 -3.98 -11.27 -20.10
CA ARG A 124 -3.36 -12.61 -19.86
C ARG A 124 -2.65 -12.62 -18.50
N CYS A 125 -2.17 -11.49 -18.04
CA CYS A 125 -1.47 -11.45 -16.72
C CYS A 125 -2.50 -11.51 -15.60
N GLN A 126 -3.73 -11.81 -15.93
CA GLN A 126 -4.78 -11.89 -14.87
C GLN A 126 -4.36 -12.89 -13.81
N GLU A 127 -3.67 -13.93 -14.18
CA GLU A 127 -3.23 -14.94 -13.18
C GLU A 127 -2.37 -14.25 -12.12
N GLY A 128 -1.55 -13.33 -12.52
CA GLY A 128 -0.69 -12.63 -11.52
C GLY A 128 -1.57 -11.86 -10.54
N LEU A 129 -2.58 -11.19 -11.04
CA LEU A 129 -3.49 -10.43 -10.13
C LEU A 129 -4.24 -11.41 -9.22
N ARG A 130 -4.68 -12.50 -9.76
CA ARG A 130 -5.40 -13.50 -8.92
C ARG A 130 -4.44 -14.07 -7.87
N THR A 131 -3.26 -14.40 -8.30
CA THR A 131 -2.26 -14.94 -7.33
C THR A 131 -1.93 -13.85 -6.31
N LEU A 132 -1.83 -12.64 -6.77
CA LEU A 132 -1.51 -11.52 -5.85
C LEU A 132 -2.59 -11.42 -4.77
N ALA A 133 -3.82 -11.59 -5.14
CA ALA A 133 -4.90 -11.51 -4.12
C ALA A 133 -4.75 -12.68 -3.14
N GLU A 134 -4.38 -13.83 -3.64
CA GLU A 134 -4.21 -15.01 -2.74
C GLU A 134 -2.91 -14.90 -1.94
N ALA A 135 -1.80 -14.69 -2.61
CA ALA A 135 -0.51 -14.62 -1.87
C ALA A 135 0.01 -13.17 -1.82
N GLY A 136 -0.47 -12.30 -2.66
CA GLY A 136 0.02 -10.90 -2.63
C GLY A 136 -0.68 -10.16 -1.50
N ALA A 137 -0.83 -10.80 -0.38
CA ALA A 137 -1.50 -10.15 0.79
C ALA A 137 -2.91 -9.72 0.40
N LYS A 138 -3.64 -9.19 1.35
CA LYS A 138 -5.03 -8.76 1.09
C LYS A 138 -5.03 -7.37 0.45
N ILE A 139 -5.72 -7.21 -0.65
CA ILE A 139 -5.78 -5.88 -1.33
C ILE A 139 -7.23 -5.44 -1.50
N SER A 140 -7.52 -4.21 -1.18
CA SER A 140 -8.92 -3.70 -1.32
C SER A 140 -8.86 -2.26 -1.81
N ILE A 141 -9.95 -1.76 -2.33
CA ILE A 141 -9.95 -0.34 -2.81
C ILE A 141 -10.07 0.58 -1.60
N MET A 142 -9.30 1.63 -1.55
CA MET A 142 -9.36 2.55 -0.38
C MET A 142 -10.63 3.39 -0.43
N THR A 143 -11.23 3.63 0.71
CA THR A 143 -12.47 4.44 0.77
C THR A 143 -12.18 5.76 1.49
N TYR A 144 -12.99 6.76 1.30
CA TYR A 144 -12.75 8.06 1.97
C TYR A 144 -12.66 7.85 3.49
N SER A 145 -13.45 6.97 4.03
CA SER A 145 -13.40 6.75 5.51
C SER A 145 -11.99 6.29 5.90
N GLU A 146 -11.39 5.44 5.13
CA GLU A 146 -10.02 4.98 5.46
C GLU A 146 -9.05 6.15 5.42
N PHE A 147 -9.26 7.06 4.50
CA PHE A 147 -8.36 8.24 4.41
C PHE A 147 -8.37 9.01 5.74
N LYS A 148 -9.53 9.18 6.32
CA LYS A 148 -9.61 9.93 7.61
C LYS A 148 -8.71 9.25 8.65
N HIS A 149 -8.73 7.95 8.70
CA HIS A 149 -7.88 7.24 9.71
C HIS A 149 -6.41 7.52 9.42
N CYS A 150 -6.00 7.36 8.19
CA CYS A 150 -4.57 7.62 7.84
C CYS A 150 -4.29 9.11 8.02
N TRP A 151 -5.24 9.94 7.70
CA TRP A 151 -5.06 11.41 7.84
C TRP A 151 -4.70 11.73 9.30
N ASP A 152 -5.33 11.11 10.24
CA ASP A 152 -5.03 11.41 11.67
C ASP A 152 -3.74 10.70 12.13
N THR A 153 -3.54 9.48 11.70
CA THR A 153 -2.32 8.72 12.15
C THR A 153 -1.03 9.27 11.53
N PHE A 154 -0.97 9.43 10.25
CA PHE A 154 0.29 9.90 9.61
C PHE A 154 0.49 11.39 9.87
N VAL A 155 -0.55 12.17 9.79
CA VAL A 155 -0.40 13.64 10.02
C VAL A 155 -1.42 14.10 11.06
N ASP A 156 -1.01 14.99 11.93
CA ASP A 156 -1.94 15.48 12.97
C ASP A 156 -3.01 16.34 12.30
N HIS A 157 -4.20 15.84 12.17
CA HIS A 157 -5.28 16.63 11.52
C HIS A 157 -5.66 17.80 12.42
N GLN A 158 -5.16 17.83 13.63
CA GLN A 158 -5.49 18.94 14.55
C GLN A 158 -4.97 20.26 13.98
N GLY A 159 -5.86 21.17 13.68
CA GLY A 159 -5.44 22.47 13.12
C GLY A 159 -5.51 22.42 11.59
N CYS A 160 -5.52 21.24 11.03
CA CYS A 160 -5.60 21.11 9.55
C CYS A 160 -6.77 20.18 9.20
N PRO A 161 -7.96 20.72 9.07
CA PRO A 161 -9.17 19.92 8.73
C PRO A 161 -9.11 19.37 7.29
N PHE A 162 -9.59 18.17 7.10
CA PHE A 162 -9.58 17.58 5.73
C PHE A 162 -11.00 17.55 5.16
N GLN A 163 -11.18 17.94 3.94
CA GLN A 163 -12.54 17.95 3.33
C GLN A 163 -12.70 16.73 2.41
N PRO A 164 -13.44 15.73 2.83
CA PRO A 164 -13.65 14.49 2.02
C PRO A 164 -14.74 14.67 0.96
N TRP A 165 -14.61 13.98 -0.15
CA TRP A 165 -15.63 14.09 -1.23
C TRP A 165 -16.04 12.68 -1.66
N ASP A 166 -17.21 12.54 -2.22
CA ASP A 166 -17.66 11.17 -2.65
C ASP A 166 -17.23 10.93 -4.10
N GLY A 167 -16.13 11.50 -4.50
CA GLY A 167 -15.65 11.29 -5.89
C GLY A 167 -14.88 9.98 -5.96
N LEU A 168 -13.92 9.81 -5.09
CA LEU A 168 -13.13 8.55 -5.09
C LEU A 168 -14.06 7.37 -4.82
N ASP A 169 -15.04 7.54 -3.97
CA ASP A 169 -15.97 6.43 -3.67
C ASP A 169 -16.70 6.01 -4.94
N GLU A 170 -17.15 6.95 -5.73
CA GLU A 170 -17.85 6.59 -6.99
C GLU A 170 -16.85 5.94 -7.94
N HIS A 171 -15.68 6.51 -8.05
CA HIS A 171 -14.64 5.93 -8.95
C HIS A 171 -14.29 4.53 -8.47
N SER A 172 -14.23 4.34 -7.17
CA SER A 172 -13.89 3.00 -6.63
C SER A 172 -14.94 1.98 -7.08
N GLN A 173 -16.18 2.39 -7.19
CA GLN A 173 -17.23 1.44 -7.63
C GLN A 173 -16.88 0.92 -9.03
N ASP A 174 -16.45 1.80 -9.89
CA ASP A 174 -16.10 1.36 -11.27
C ASP A 174 -14.91 0.39 -11.20
N LEU A 175 -13.93 0.71 -10.40
CA LEU A 175 -12.74 -0.17 -10.28
C LEU A 175 -13.16 -1.49 -9.64
N SER A 176 -14.08 -1.44 -8.71
CA SER A 176 -14.55 -2.69 -8.06
C SER A 176 -15.09 -3.64 -9.12
N GLY A 177 -15.75 -3.11 -10.12
CA GLY A 177 -16.30 -3.99 -11.18
C GLY A 177 -15.17 -4.73 -11.89
N ARG A 178 -14.18 -4.01 -12.36
CA ARG A 178 -13.04 -4.69 -13.05
C ARG A 178 -12.34 -5.63 -12.09
N LEU A 179 -12.06 -5.19 -10.89
CA LEU A 179 -11.37 -6.07 -9.91
C LEU A 179 -12.27 -7.26 -9.58
N ARG A 180 -13.55 -7.04 -9.53
CA ARG A 180 -14.49 -8.15 -9.22
C ARG A 180 -14.31 -9.27 -10.25
N ALA A 181 -14.10 -8.92 -11.48
CA ALA A 181 -13.92 -9.94 -12.54
C ALA A 181 -12.67 -10.78 -12.25
N ILE A 182 -11.63 -10.16 -11.78
CA ILE A 182 -10.38 -10.91 -11.48
C ILE A 182 -10.68 -11.96 -10.40
N LEU A 183 -11.25 -11.54 -9.31
CA LEU A 183 -11.57 -12.49 -8.22
C LEU A 183 -12.71 -13.41 -8.66
N GLN A 184 -13.63 -12.91 -9.43
CA GLN A 184 -14.77 -13.75 -9.88
C GLN A 184 -14.23 -14.90 -10.74
N ASN A 185 -13.19 -14.66 -11.48
CA ASN A 185 -12.63 -15.73 -12.34
C ASN A 185 -11.70 -16.60 -11.51
N GLN A 186 -11.63 -16.35 -10.23
CA GLN A 186 -10.74 -17.17 -9.37
C GLN A 186 -11.19 -18.62 -9.47
N GLU A 187 -10.55 -19.39 -10.30
CA GLU A 187 -10.96 -20.81 -10.46
C GLU A 187 -10.64 -21.59 -9.19
N ASN A 188 -11.58 -22.35 -8.71
CA ASN A 188 -11.34 -23.14 -7.46
C ASN A 188 -12.28 -24.34 -7.43
P C38 B 6 8.81 2.79 -10.65
O1P C38 B 6 9.59 3.07 -9.43
O2P C38 B 6 8.70 3.84 -11.70
O5' C38 B 6 9.39 1.45 -11.32
C5' C38 B 6 9.46 0.22 -10.59
C4' C38 B 6 10.06 -0.91 -11.43
O4' C38 B 6 9.34 -1.06 -12.65
C3' C38 B 6 11.50 -0.64 -11.83
O3' C38 B 6 12.31 -1.14 -10.77
C2' C38 B 6 11.67 -1.47 -13.09
C1' C38 B 6 10.25 -1.49 -13.68
N1 C38 B 6 10.07 -0.61 -14.84
C2 C38 B 6 10.63 -1.02 -16.05
O2 C38 B 6 11.24 -2.07 -16.11
N3 C38 B 6 10.48 -0.21 -17.14
C4 C38 B 6 9.79 0.94 -17.05
N4 C38 B 6 9.66 1.71 -18.13
C5 C38 B 6 9.22 1.36 -15.81
C6 C38 B 6 9.38 0.56 -14.74
I C38 B 6 8.16 3.16 -15.66
H5'1 C38 B 6 8.47 -0.07 -10.26
H5'2 C38 B 6 10.10 0.37 -9.71
H4' C38 B 6 10.00 -1.83 -10.88
H3' C38 B 6 11.67 0.42 -12.01
H2'1 C38 B 6 12.36 -0.98 -13.79
H2'2 C38 B 6 12.01 -2.48 -12.86
H1' C38 B 6 10.00 -2.51 -13.96
H4N1 C38 B 6 10.06 1.41 -19.00
H4N2 C38 B 6 9.15 2.58 -18.07
H6 C38 B 6 8.95 0.85 -13.77
ZN ZN C . 8.36 -3.12 -7.95
N MET A 1 6.17 14.63 10.09
CA MET A 1 5.10 14.74 9.06
C MET A 1 5.42 15.91 8.13
N ASP A 2 5.30 15.69 6.84
CA ASP A 2 5.57 16.78 5.87
C ASP A 2 4.22 17.34 5.42
N PRO A 3 4.21 18.50 4.83
CA PRO A 3 2.94 19.12 4.36
C PRO A 3 1.97 18.04 3.89
N PRO A 4 0.70 18.29 3.97
CA PRO A 4 -0.36 17.32 3.58
C PRO A 4 0.12 16.28 2.55
N THR A 5 0.95 15.34 2.98
CA THR A 5 1.45 14.30 2.04
C THR A 5 0.32 13.35 1.65
N PHE A 6 -0.47 12.94 2.59
CA PHE A 6 -1.60 12.01 2.26
C PHE A 6 -2.54 12.72 1.30
N THR A 7 -2.90 13.93 1.61
CA THR A 7 -3.80 14.69 0.71
C THR A 7 -3.12 14.86 -0.64
N PHE A 8 -1.85 15.18 -0.64
CA PHE A 8 -1.13 15.35 -1.93
C PHE A 8 -1.13 14.02 -2.69
N ASN A 9 -0.79 12.97 -2.01
CA ASN A 9 -0.76 11.64 -2.68
C ASN A 9 -2.15 11.30 -3.24
N PHE A 10 -3.17 11.49 -2.46
CA PHE A 10 -4.55 11.20 -2.95
C PHE A 10 -4.97 12.27 -3.98
N ASN A 11 -4.62 13.50 -3.73
CA ASN A 11 -4.98 14.58 -4.69
C ASN A 11 -3.88 14.69 -5.74
N ASN A 12 -3.03 13.71 -5.82
CA ASN A 12 -1.92 13.75 -6.80
C ASN A 12 -2.48 13.70 -8.23
N GLU A 13 -3.64 14.26 -8.45
CA GLU A 13 -4.22 14.23 -9.82
C GLU A 13 -3.25 14.92 -10.80
N PRO A 14 -2.68 16.02 -10.39
CA PRO A 14 -1.72 16.80 -11.23
C PRO A 14 -0.39 16.05 -11.49
N TRP A 15 -0.14 15.00 -10.75
CA TRP A 15 1.15 14.25 -10.95
C TRP A 15 1.28 13.81 -12.40
N VAL A 16 0.19 13.71 -13.12
CA VAL A 16 0.27 13.28 -14.53
C VAL A 16 1.06 14.31 -15.34
N ARG A 17 2.34 14.43 -15.09
CA ARG A 17 3.16 15.43 -15.83
C ARG A 17 4.13 14.68 -16.78
N GLY A 18 3.98 13.39 -16.88
CA GLY A 18 4.90 12.62 -17.77
C GLY A 18 6.06 12.05 -16.94
N ARG A 19 6.00 12.18 -15.65
CA ARG A 19 7.08 11.66 -14.77
C ARG A 19 6.52 10.57 -13.86
N HIS A 20 7.34 9.66 -13.41
CA HIS A 20 6.83 8.57 -12.53
C HIS A 20 7.03 8.97 -11.06
N GLU A 21 5.99 9.40 -10.40
CA GLU A 21 6.11 9.78 -8.97
C GLU A 21 5.15 8.92 -8.14
N THR A 22 5.65 8.24 -7.15
CA THR A 22 4.76 7.38 -6.32
C THR A 22 4.96 7.70 -4.84
N TYR A 23 3.90 7.76 -4.08
CA TYR A 23 4.01 8.07 -2.63
C TYR A 23 3.52 6.85 -1.83
N LEU A 24 4.32 6.37 -0.92
CA LEU A 24 3.92 5.17 -0.12
C LEU A 24 3.97 5.47 1.38
N CYS A 25 2.94 5.10 2.09
CA CYS A 25 2.91 5.34 3.56
C CYS A 25 2.67 3.99 4.25
N TYR A 26 3.43 3.67 5.26
CA TYR A 26 3.23 2.35 5.94
C TYR A 26 3.33 2.49 7.46
N GLU A 27 2.76 1.56 8.16
CA GLU A 27 2.81 1.58 9.65
C GLU A 27 3.16 0.18 10.14
N VAL A 28 3.71 0.07 11.33
CA VAL A 28 4.08 -1.27 11.86
C VAL A 28 3.42 -1.49 13.24
N GLU A 29 2.94 -2.68 13.48
CA GLU A 29 2.28 -2.96 14.78
C GLU A 29 2.71 -4.35 15.27
N ARG A 30 2.75 -4.56 16.55
CA ARG A 30 3.15 -5.89 17.09
C ARG A 30 2.03 -6.45 17.94
N MET A 31 1.69 -7.70 17.74
CA MET A 31 0.59 -8.31 18.54
C MET A 31 1.11 -9.57 19.26
N HIS A 32 0.86 -9.66 20.54
CA HIS A 32 1.30 -10.87 21.30
C HIS A 32 0.07 -11.47 21.98
N ASN A 33 -0.05 -12.77 21.97
CA ASN A 33 -1.24 -13.41 22.59
C ASN A 33 -1.36 -12.99 24.06
N ASP A 34 -0.26 -12.86 24.75
CA ASP A 34 -0.33 -12.46 26.18
C ASP A 34 -0.72 -10.98 26.29
N THR A 35 -0.17 -10.16 25.44
CA THR A 35 -0.51 -8.71 25.50
C THR A 35 -0.56 -8.12 24.08
N TRP A 36 -1.16 -6.98 23.92
CA TRP A 36 -1.22 -6.33 22.58
C TRP A 36 -0.36 -5.07 22.60
N VAL A 37 0.51 -4.91 21.63
CA VAL A 37 1.37 -3.71 21.60
C VAL A 37 1.02 -2.84 20.39
N LEU A 38 0.71 -1.60 20.61
CA LEU A 38 0.36 -0.70 19.47
C LEU A 38 1.55 0.19 19.11
N LEU A 39 2.28 -0.16 18.10
CA LEU A 39 3.44 0.69 17.68
C LEU A 39 2.99 1.58 16.53
N ASN A 40 1.71 1.77 16.37
CA ASN A 40 1.22 2.64 15.27
C ASN A 40 1.79 4.05 15.44
N GLN A 41 2.10 4.44 16.65
CA GLN A 41 2.66 5.79 16.87
C GLN A 41 3.91 5.96 15.99
N ARG A 42 4.61 4.89 15.74
CA ARG A 42 5.83 4.99 14.89
C ARG A 42 5.45 4.69 13.44
N ARG A 43 5.92 5.46 12.51
CA ARG A 43 5.58 5.21 11.08
C ARG A 43 6.66 5.80 10.18
N GLY A 44 6.60 5.54 8.91
CA GLY A 44 7.64 6.09 7.98
C GLY A 44 7.06 6.21 6.58
N PHE A 45 7.84 6.70 5.64
CA PHE A 45 7.34 6.84 4.25
C PHE A 45 8.36 6.24 3.27
N LEU A 46 7.91 5.66 2.20
CA LEU A 46 8.84 5.07 1.20
C LEU A 46 8.53 5.66 -0.18
N CYS A 47 9.53 5.82 -1.01
CA CYS A 47 9.29 6.39 -2.37
C CYS A 47 9.86 5.47 -3.44
N ASN A 48 9.29 5.49 -4.61
CA ASN A 48 9.79 4.63 -5.71
C ASN A 48 10.90 5.35 -6.47
N GLN A 49 11.40 6.43 -5.92
CA GLN A 49 12.49 7.19 -6.60
C GLN A 49 13.84 6.82 -5.96
N ALA A 50 14.87 6.70 -6.74
CA ALA A 50 16.21 6.34 -6.17
C ALA A 50 16.84 7.57 -5.52
N PRO A 51 17.78 7.37 -4.62
CA PRO A 51 18.48 8.49 -3.92
C PRO A 51 19.00 9.55 -4.89
N HIS A 52 18.55 10.77 -4.73
CA HIS A 52 18.99 11.87 -5.61
C HIS A 52 20.45 12.26 -5.31
N LYS A 53 20.86 12.09 -4.08
CA LYS A 53 22.25 12.49 -3.68
C LYS A 53 23.31 11.77 -4.53
N HIS A 54 23.06 10.55 -4.91
CA HIS A 54 24.10 9.83 -5.72
C HIS A 54 24.11 10.34 -7.16
N GLY A 55 23.17 11.16 -7.54
CA GLY A 55 23.15 11.67 -8.94
C GLY A 55 21.82 11.28 -9.60
N PHE A 56 21.87 10.73 -10.78
CA PHE A 56 20.62 10.34 -11.47
C PHE A 56 20.02 9.12 -10.79
N LEU A 57 18.72 8.98 -10.85
CA LEU A 57 18.07 7.82 -10.18
C LEU A 57 18.73 6.52 -10.63
N GLU A 58 18.88 5.59 -9.73
CA GLU A 58 19.52 4.29 -10.11
C GLU A 58 18.42 3.23 -10.23
N GLY A 59 17.31 3.46 -9.59
CA GLY A 59 16.18 2.50 -9.68
C GLY A 59 15.78 2.01 -8.28
N ARG A 60 14.63 2.42 -7.82
CA ARG A 60 14.13 1.98 -6.49
C ARG A 60 12.60 1.91 -6.56
N HIS A 61 11.99 0.79 -6.27
CA HIS A 61 10.50 0.74 -6.34
C HIS A 61 9.93 0.95 -4.94
N ALA A 62 8.93 1.77 -4.84
CA ALA A 62 8.31 2.05 -3.51
C ALA A 62 7.74 0.75 -2.92
N GLU A 63 7.02 0.00 -3.71
CA GLU A 63 6.41 -1.27 -3.20
C GLU A 63 7.52 -2.27 -2.81
N LEU A 64 8.54 -2.37 -3.61
CA LEU A 64 9.65 -3.34 -3.30
C LEU A 64 10.37 -2.93 -2.02
N CYS A 65 10.55 -1.66 -1.80
CA CYS A 65 11.27 -1.22 -0.57
C CYS A 65 10.51 -1.68 0.68
N PHE A 66 9.22 -1.53 0.70
CA PHE A 66 8.45 -1.97 1.90
C PHE A 66 8.60 -3.48 2.08
N LEU A 67 8.52 -4.22 1.01
CA LEU A 67 8.65 -5.70 1.12
C LEU A 67 10.02 -6.05 1.69
N ASP A 68 11.04 -5.35 1.28
CA ASP A 68 12.40 -5.62 1.81
C ASP A 68 12.55 -5.07 3.23
N VAL A 69 11.73 -4.11 3.57
CA VAL A 69 11.81 -3.52 4.93
C VAL A 69 11.39 -4.55 6.00
N ILE A 70 10.40 -5.36 5.72
CA ILE A 70 9.97 -6.35 6.74
C ILE A 70 11.15 -7.23 7.18
N PRO A 71 11.82 -7.91 6.27
CA PRO A 71 12.97 -8.79 6.64
C PRO A 71 14.12 -7.99 7.27
N PHE A 72 14.19 -6.71 7.02
CA PHE A 72 15.28 -5.89 7.59
C PHE A 72 15.02 -5.63 9.08
N TRP A 73 13.81 -5.69 9.51
CA TRP A 73 13.51 -5.45 10.96
C TRP A 73 13.73 -6.74 11.76
N LYS A 74 14.19 -7.78 11.13
CA LYS A 74 14.43 -9.05 11.86
C LYS A 74 13.26 -9.31 12.82
N LEU A 75 12.06 -9.40 12.31
CA LEU A 75 10.88 -9.63 13.19
C LEU A 75 10.92 -11.05 13.76
N ASP A 76 10.42 -11.23 14.95
CA ASP A 76 10.43 -12.58 15.57
C ASP A 76 9.34 -13.47 14.94
N LEU A 77 9.71 -14.64 14.53
CA LEU A 77 8.72 -15.56 13.91
C LEU A 77 7.73 -16.07 14.97
N ASP A 78 8.14 -16.11 16.21
CA ASP A 78 7.24 -16.62 17.28
C ASP A 78 6.25 -15.54 17.72
N GLN A 79 6.49 -14.31 17.33
CA GLN A 79 5.56 -13.21 17.73
C GLN A 79 4.70 -12.83 16.52
N ASP A 80 3.48 -12.41 16.75
CA ASP A 80 2.61 -12.04 15.60
C ASP A 80 2.89 -10.58 15.19
N TYR A 81 2.89 -10.31 13.92
CA TYR A 81 3.15 -8.91 13.44
C TYR A 81 2.02 -8.45 12.54
N ARG A 82 1.52 -7.27 12.75
CA ARG A 82 0.44 -6.74 11.87
C ARG A 82 0.94 -5.46 11.19
N VAL A 83 1.12 -5.50 9.90
CA VAL A 83 1.63 -4.30 9.18
C VAL A 83 0.65 -3.89 8.09
N THR A 84 0.38 -2.62 7.95
CA THR A 84 -0.57 -2.15 6.92
C THR A 84 0.13 -1.13 6.01
N CYS A 85 -0.17 -1.15 4.74
CA CYS A 85 0.48 -0.19 3.80
C CYS A 85 -0.59 0.58 3.01
N PHE A 86 -0.49 1.88 2.95
CA PHE A 86 -1.49 2.66 2.18
C PHE A 86 -0.84 3.12 0.87
N THR A 87 -1.33 2.64 -0.24
CA THR A 87 -0.74 3.05 -1.55
C THR A 87 -1.86 3.26 -2.55
N SER A 88 -1.65 4.08 -3.55
CA SER A 88 -2.72 4.31 -4.56
C SER A 88 -2.20 3.98 -5.96
N TRP A 89 -1.90 2.74 -6.22
CA TRP A 89 -1.41 2.35 -7.58
C TRP A 89 -1.24 0.83 -7.65
N SER A 90 -1.00 0.30 -8.82
CA SER A 90 -0.82 -1.17 -8.94
C SER A 90 0.66 -1.52 -8.69
N PRO A 91 0.93 -2.67 -8.13
CA PRO A 91 2.33 -3.12 -7.85
C PRO A 91 3.08 -3.48 -9.14
N CYS A 92 4.38 -3.32 -9.15
CA CYS A 92 5.16 -3.67 -10.36
C CYS A 92 5.19 -5.19 -10.54
N PHE A 93 5.38 -5.67 -11.73
CA PHE A 93 5.41 -7.14 -11.96
C PHE A 93 6.43 -7.81 -11.04
N SER A 94 7.58 -7.23 -10.89
CA SER A 94 8.61 -7.85 -10.02
C SER A 94 8.06 -8.00 -8.59
N CYS A 95 7.32 -7.03 -8.12
CA CYS A 95 6.76 -7.10 -6.75
C CYS A 95 5.64 -8.15 -6.70
N ALA A 96 4.89 -8.28 -7.75
CA ALA A 96 3.75 -9.26 -7.74
C ALA A 96 4.27 -10.66 -7.38
N GLN A 97 5.32 -11.10 -8.00
CA GLN A 97 5.85 -12.45 -7.69
C GLN A 97 6.42 -12.47 -6.26
N GLU A 98 7.10 -11.42 -5.88
CA GLU A 98 7.70 -11.38 -4.50
C GLU A 98 6.61 -11.25 -3.44
N MET A 99 5.59 -10.48 -3.69
CA MET A 99 4.52 -10.32 -2.66
C MET A 99 3.91 -11.69 -2.33
N ALA A 100 3.72 -12.52 -3.31
CA ALA A 100 3.13 -13.86 -3.04
C ALA A 100 4.15 -14.70 -2.26
N LYS A 101 5.35 -14.79 -2.76
CA LYS A 101 6.41 -15.59 -2.06
C LYS A 101 6.72 -14.98 -0.70
N PHE A 102 6.69 -13.68 -0.59
CA PHE A 102 7.02 -13.02 0.72
C PHE A 102 6.13 -13.57 1.82
N ILE A 103 4.84 -13.56 1.63
CA ILE A 103 3.93 -14.08 2.67
C ILE A 103 4.21 -15.55 2.91
N SER A 104 4.50 -16.29 1.87
CA SER A 104 4.80 -17.74 2.05
C SER A 104 5.98 -17.88 3.00
N LYS A 105 6.94 -17.01 2.88
CA LYS A 105 8.13 -17.08 3.78
C LYS A 105 7.79 -16.53 5.16
N ASN A 106 6.76 -15.73 5.24
CA ASN A 106 6.37 -15.15 6.56
C ASN A 106 4.84 -15.09 6.65
N LYS A 107 4.23 -16.18 7.01
CA LYS A 107 2.75 -16.20 7.13
C LYS A 107 2.33 -15.69 8.51
N HIS A 108 3.29 -15.43 9.37
CA HIS A 108 2.95 -14.95 10.74
C HIS A 108 2.69 -13.44 10.70
N VAL A 109 2.98 -12.80 9.60
CA VAL A 109 2.75 -11.33 9.51
C VAL A 109 1.46 -11.06 8.75
N SER A 110 0.64 -10.18 9.26
CA SER A 110 -0.63 -9.87 8.53
C SER A 110 -0.37 -8.67 7.62
N LEU A 111 -0.31 -8.90 6.34
CA LEU A 111 -0.04 -7.78 5.39
C LEU A 111 -1.33 -7.38 4.68
N CYS A 112 -1.70 -6.13 4.78
CA CYS A 112 -2.93 -5.64 4.10
C CYS A 112 -2.58 -4.39 3.31
N ILE A 113 -2.80 -4.40 2.02
CA ILE A 113 -2.45 -3.21 1.19
C ILE A 113 -3.72 -2.61 0.60
N PHE A 114 -3.91 -1.33 0.74
CA PHE A 114 -5.13 -0.69 0.17
C PHE A 114 -4.73 0.06 -1.10
N THR A 115 -5.39 -0.21 -2.19
CA THR A 115 -5.05 0.48 -3.46
C THR A 115 -6.18 1.43 -3.85
N ALA A 116 -5.92 2.72 -3.80
CA ALA A 116 -6.98 3.69 -4.21
C ALA A 116 -7.28 3.49 -5.69
N ARG A 117 -6.26 3.20 -6.46
CA ARG A 117 -6.47 2.96 -7.91
C ARG A 117 -5.63 1.75 -8.34
N ILE A 118 -6.17 0.92 -9.20
CA ILE A 118 -5.39 -0.28 -9.64
C ILE A 118 -5.21 -0.26 -11.16
N TYR A 119 -3.99 -0.30 -11.62
CA TYR A 119 -3.74 -0.31 -13.08
C TYR A 119 -3.34 -1.74 -13.50
N ASP A 120 -3.93 -2.28 -14.53
CA ASP A 120 -3.54 -3.65 -14.95
C ASP A 120 -2.25 -3.58 -15.77
N ASP A 121 -1.20 -4.19 -15.29
CA ASP A 121 0.09 -4.14 -16.04
C ASP A 121 -0.08 -4.72 -17.43
N GLN A 122 -0.75 -5.83 -17.56
CA GLN A 122 -0.94 -6.43 -18.91
C GLN A 122 -2.34 -7.05 -19.00
N GLY A 123 -2.83 -7.26 -20.19
CA GLY A 123 -4.18 -7.87 -20.34
C GLY A 123 -4.06 -9.38 -20.18
N ARG A 124 -5.16 -10.07 -19.99
CA ARG A 124 -5.10 -11.55 -19.84
C ARG A 124 -4.23 -11.92 -18.63
N CYS A 125 -3.48 -10.99 -18.10
CA CYS A 125 -2.61 -11.30 -16.93
C CYS A 125 -3.50 -11.50 -15.69
N GLN A 126 -4.69 -12.00 -15.88
CA GLN A 126 -5.60 -12.23 -14.73
C GLN A 126 -4.94 -13.16 -13.71
N GLU A 127 -4.15 -14.09 -14.17
CA GLU A 127 -3.49 -15.03 -13.22
C GLU A 127 -2.64 -14.24 -12.22
N GLY A 128 -1.98 -13.21 -12.66
CA GLY A 128 -1.14 -12.41 -11.72
C GLY A 128 -2.05 -11.72 -10.70
N LEU A 129 -3.11 -11.11 -11.15
CA LEU A 129 -4.03 -10.41 -10.21
C LEU A 129 -4.72 -11.44 -9.29
N ARG A 130 -5.15 -12.55 -9.83
CA ARG A 130 -5.81 -13.58 -8.98
C ARG A 130 -4.79 -14.13 -7.98
N THR A 131 -3.61 -14.42 -8.43
CA THR A 131 -2.58 -14.95 -7.49
C THR A 131 -2.23 -13.87 -6.47
N LEU A 132 -2.13 -12.66 -6.92
CA LEU A 132 -1.79 -11.54 -5.98
C LEU A 132 -2.87 -11.43 -4.91
N ALA A 133 -4.11 -11.55 -5.28
CA ALA A 133 -5.18 -11.46 -4.25
C ALA A 133 -5.07 -12.65 -3.30
N GLU A 134 -4.72 -13.79 -3.82
CA GLU A 134 -4.59 -15.00 -2.95
C GLU A 134 -3.31 -14.93 -2.11
N ALA A 135 -2.17 -14.75 -2.75
CA ALA A 135 -0.89 -14.70 -1.98
C ALA A 135 -0.34 -13.28 -1.92
N GLY A 136 -0.79 -12.41 -2.76
CA GLY A 136 -0.26 -11.02 -2.71
C GLY A 136 -0.94 -10.26 -1.57
N ALA A 137 -1.10 -10.90 -0.44
CA ALA A 137 -1.75 -10.24 0.71
C ALA A 137 -3.15 -9.76 0.33
N LYS A 138 -3.88 -9.23 1.26
CA LYS A 138 -5.25 -8.76 0.96
C LYS A 138 -5.18 -7.39 0.30
N ILE A 139 -5.82 -7.22 -0.83
CA ILE A 139 -5.79 -5.89 -1.53
C ILE A 139 -7.21 -5.40 -1.78
N SER A 140 -7.52 -4.25 -1.28
CA SER A 140 -8.88 -3.68 -1.50
C SER A 140 -8.78 -2.18 -1.72
N ILE A 141 -9.80 -1.58 -2.26
CA ILE A 141 -9.75 -0.11 -2.51
C ILE A 141 -10.27 0.62 -1.27
N MET A 142 -9.60 1.66 -0.87
CA MET A 142 -10.03 2.41 0.35
C MET A 142 -11.08 3.46 0.00
N THR A 143 -11.68 4.05 1.01
CA THR A 143 -12.71 5.10 0.77
C THR A 143 -12.33 6.37 1.51
N TYR A 144 -13.04 7.44 1.27
CA TYR A 144 -12.71 8.73 1.94
C TYR A 144 -12.69 8.53 3.47
N SER A 145 -13.59 7.74 3.98
CA SER A 145 -13.62 7.52 5.47
C SER A 145 -12.28 6.96 5.92
N GLU A 146 -11.75 6.00 5.21
CA GLU A 146 -10.43 5.42 5.60
C GLU A 146 -9.36 6.50 5.49
N PHE A 147 -9.47 7.37 4.53
CA PHE A 147 -8.47 8.45 4.38
C PHE A 147 -8.44 9.29 5.65
N LYS A 148 -9.59 9.56 6.22
CA LYS A 148 -9.62 10.38 7.46
C LYS A 148 -8.76 9.71 8.53
N HIS A 149 -8.85 8.43 8.67
CA HIS A 149 -8.04 7.72 9.70
C HIS A 149 -6.54 7.85 9.35
N CYS A 150 -6.18 7.54 8.14
CA CYS A 150 -4.75 7.66 7.75
C CYS A 150 -4.34 9.13 7.80
N TRP A 151 -5.25 10.00 7.44
CA TRP A 151 -4.94 11.46 7.46
C TRP A 151 -4.52 11.89 8.86
N ASP A 152 -5.21 11.42 9.88
CA ASP A 152 -4.84 11.82 11.26
C ASP A 152 -3.58 11.06 11.73
N THR A 153 -3.47 9.80 11.39
CA THR A 153 -2.29 9.01 11.84
C THR A 153 -0.99 9.48 11.19
N PHE A 154 -0.97 9.64 9.90
CA PHE A 154 0.30 10.06 9.23
C PHE A 154 0.53 11.56 9.43
N VAL A 155 -0.49 12.35 9.33
CA VAL A 155 -0.33 13.82 9.50
C VAL A 155 -1.33 14.35 10.52
N ASP A 156 -0.92 15.27 11.34
CA ASP A 156 -1.85 15.83 12.37
C ASP A 156 -2.79 16.83 11.71
N HIS A 157 -4.06 16.57 11.73
CA HIS A 157 -5.04 17.50 11.11
C HIS A 157 -5.06 18.82 11.88
N GLN A 158 -4.39 18.87 13.00
CA GLN A 158 -4.38 20.13 13.80
C GLN A 158 -3.92 21.30 12.92
N GLY A 159 -4.81 22.21 12.63
CA GLY A 159 -4.42 23.37 11.78
C GLY A 159 -4.65 23.01 10.31
N CYS A 160 -4.75 21.75 10.00
CA CYS A 160 -4.97 21.33 8.59
C CYS A 160 -6.19 20.40 8.52
N PRO A 161 -7.37 20.96 8.37
CA PRO A 161 -8.62 20.14 8.29
C PRO A 161 -8.82 19.51 6.92
N PHE A 162 -9.35 18.32 6.87
CA PHE A 162 -9.56 17.64 5.58
C PHE A 162 -11.05 17.66 5.21
N GLN A 163 -11.37 18.02 4.00
CA GLN A 163 -12.80 18.06 3.57
C GLN A 163 -13.11 16.77 2.79
N PRO A 164 -13.97 15.91 3.30
CA PRO A 164 -14.32 14.64 2.60
C PRO A 164 -15.29 14.86 1.44
N TRP A 165 -15.06 14.19 0.33
CA TRP A 165 -15.96 14.34 -0.85
C TRP A 165 -16.34 12.95 -1.36
N ASP A 166 -17.41 12.84 -2.10
CA ASP A 166 -17.82 11.51 -2.61
C ASP A 166 -17.21 11.28 -4.00
N GLY A 167 -16.05 11.83 -4.23
CA GLY A 167 -15.40 11.65 -5.56
C GLY A 167 -14.64 10.31 -5.55
N LEU A 168 -13.84 10.08 -4.54
CA LEU A 168 -13.09 8.80 -4.48
C LEU A 168 -14.08 7.63 -4.42
N ASP A 169 -15.17 7.80 -3.72
CA ASP A 169 -16.17 6.70 -3.62
C ASP A 169 -16.70 6.37 -5.01
N GLU A 170 -16.99 7.37 -5.80
CA GLU A 170 -17.52 7.11 -7.16
C GLU A 170 -16.43 6.43 -8.00
N HIS A 171 -15.22 6.90 -7.91
CA HIS A 171 -14.11 6.29 -8.70
C HIS A 171 -13.85 4.87 -8.20
N SER A 172 -13.79 4.68 -6.92
CA SER A 172 -13.53 3.32 -6.37
C SER A 172 -14.64 2.36 -6.81
N GLN A 173 -15.86 2.83 -6.89
CA GLN A 173 -16.97 1.94 -7.31
C GLN A 173 -16.68 1.38 -8.71
N ASP A 174 -16.21 2.21 -9.60
CA ASP A 174 -15.90 1.73 -10.98
C ASP A 174 -14.76 0.72 -10.93
N LEU A 175 -13.75 1.00 -10.15
CA LEU A 175 -12.60 0.06 -10.06
C LEU A 175 -13.05 -1.24 -9.42
N SER A 176 -13.95 -1.16 -8.48
CA SER A 176 -14.43 -2.41 -7.81
C SER A 176 -15.09 -3.31 -8.85
N GLY A 177 -15.69 -2.74 -9.87
CA GLY A 177 -16.35 -3.58 -10.90
C GLY A 177 -15.29 -4.38 -11.65
N ARG A 178 -14.29 -3.73 -12.17
CA ARG A 178 -13.23 -4.48 -12.92
C ARG A 178 -12.54 -5.47 -11.98
N LEU A 179 -12.22 -5.05 -10.78
CA LEU A 179 -11.54 -5.97 -9.83
C LEU A 179 -12.48 -7.12 -9.47
N ARG A 180 -13.75 -6.84 -9.38
CA ARG A 180 -14.73 -7.92 -9.05
C ARG A 180 -14.63 -9.05 -10.08
N ALA A 181 -14.47 -8.70 -11.33
CA ALA A 181 -14.38 -9.75 -12.38
C ALA A 181 -13.13 -10.60 -12.18
N ILE A 182 -12.05 -10.02 -11.76
CA ILE A 182 -10.81 -10.81 -11.55
C ILE A 182 -11.07 -11.88 -10.51
N LEU A 183 -11.58 -11.50 -9.37
CA LEU A 183 -11.86 -12.50 -8.30
C LEU A 183 -12.99 -13.42 -8.75
N GLN A 184 -13.92 -12.89 -9.52
CA GLN A 184 -15.06 -13.73 -9.99
C GLN A 184 -14.54 -14.87 -10.86
N ASN A 185 -13.48 -14.64 -11.58
CA ASN A 185 -12.93 -15.71 -12.47
C ASN A 185 -12.06 -16.65 -11.63
N GLN A 186 -12.02 -16.46 -10.35
CA GLN A 186 -11.20 -17.36 -9.50
C GLN A 186 -11.66 -18.78 -9.75
N GLU A 187 -10.97 -19.50 -10.59
CA GLU A 187 -11.37 -20.90 -10.88
C GLU A 187 -11.15 -21.77 -9.65
N ASN A 188 -12.12 -22.59 -9.32
CA ASN A 188 -11.98 -23.46 -8.13
C ASN A 188 -10.88 -24.49 -8.37
P C38 B 6 8.99 2.85 -10.61
O1P C38 B 6 9.71 3.28 -9.40
O2P C38 B 6 8.87 3.78 -11.75
O5' C38 B 6 9.66 1.48 -11.14
C5' C38 B 6 9.72 0.33 -10.29
C4' C38 B 6 10.48 -0.83 -10.92
O4' C38 B 6 9.97 -1.13 -12.21
C3' C38 B 6 11.95 -0.53 -11.11
O3' C38 B 6 12.61 -0.88 -9.89
C2' C38 B 6 12.34 -1.45 -12.26
C1' C38 B 6 11.03 -1.67 -13.01
N1 C38 B 6 10.97 -1.00 -14.32
C2 C38 B 6 11.98 -1.32 -15.24
O2 C38 B 6 12.86 -2.11 -14.93
N3 C38 B 6 11.94 -0.72 -16.46
C4 C38 B 6 10.97 0.14 -16.77
N4 C38 B 6 10.98 0.72 -17.98
C5 C38 B 6 9.94 0.47 -15.84
C6 C38 B 6 9.98 -0.13 -14.64
I C38 B 6 8.42 1.82 -16.33
H5'1 C38 B 6 8.71 0.00 -10.08
H5'2 C38 B 6 10.20 0.60 -9.36
H4' C38 B 6 10.37 -1.70 -10.30
H3' C38 B 6 12.11 0.52 -11.37
H2'1 C38 B 6 13.08 -0.96 -12.90
H2'2 C38 B 6 12.73 -2.39 -11.88
H1' C38 B 6 10.87 -2.74 -13.15
H4N1 C38 B 6 11.70 0.49 -18.65
H4N2 C38 B 6 10.24 1.38 -18.23
H6 C38 B 6 9.21 0.09 -13.89
ZN ZN C . 8.35 -3.38 -7.32
#